data_8A5V
#
_entry.id   8A5V
#
_cell.length_a   65.870
_cell.length_b   206.268
_cell.length_c   135.539
_cell.angle_alpha   90.000
_cell.angle_beta   98.004
_cell.angle_gamma   90.000
#
_symmetry.space_group_name_H-M   'P 1 21 1'
#
loop_
_entity.id
_entity.type
_entity.pdbx_description
1 polymer 'Phosphoserine aminotransferase'
2 polymer 'Phosphoserine aminotransferase'
3 non-polymer 'SULFATE ION'
4 non-polymer "4'-DEOXY-4'-AMINOPYRIDOXAL-5'-PHOSPHATE"
5 water water
#
loop_
_entity_poly.entity_id
_entity_poly.type
_entity_poly.pdbx_seq_one_letter_code
_entity_poly.pdbx_strand_id
1 'polypeptide(L)'
;MGSSHHHHHHSSGLVPRGSHIGPMDAPRQVVNFGPGPAKLPHSVLLEIQKELLDYKGVGISVLEMSHRSSDFAKIINNTE
NLVRELLAVPDNYKVIFLQGGGCGQFSAVPLNLIGLKAGRCADYVVTGAWSAKAAEEAKKFGTINIVHPKLGSYTKIPDP
STWNLNPDASYVYYCANETVHGVEFDFIPDVKGAVLVCDMSSNFLSKPVDVSKFGVIFAGAQ(LLP)NVGSAGVTVVIVR
DDLLGFALRECPSVLEYKVQAGNSSLYNTPPCFSIYVMGLVLEWIKNNGGAAAMEKLSSIKSQTIYEIIDNSQGFYVCPV
EPQNRSKMNIPFRIGNAKGDDALEKRFLDKALELNMLSLKGHRSVGGIRASLYNAVTIEDVQKLAAFMKKFLEMHQL
;
D,E,C,F,A,H
2 'polypeptide(L)'
;MGSSHHHHHHSSGLVPRGSHIGPMDAPRQVVNFGPGPAKLPHSVLLEIQKELLDYKGVGISVLEMSHRSSDFAKIINNTE
NLVRELLAVPDNYKVIFLQGGGCGQFSAVPLNLIGLKAGRCADYVVTGAWSAKAAEEAKKFGTINIVHPKLGSYTKIPDP
STWNLNPDASYVYYCANETVHGVEFDFIPDVKGAVLVCDMSSNFLSKPVDVSKFGVIFAGAQKNVGSAGVTVVIVRDDLL
GFALRECPSVLEYKVQAGNSSLYNTPPCFSIYVMGLVLEWIKNNGGAAAMEKLSSIKSQTIYEIIDNSQGFYVCPVEPQN
RSKMNIPFRIGNAKGDDALEKRFLDKALELNMLSLKGHRSVGGIRASLYNAVTIEDVQKLAAFMKKFLEMHQL
;
B,G
#
# COMPACT_ATOMS: atom_id res chain seq x y z
N GLN A 29 -3.91 -22.66 16.56
CA GLN A 29 -4.24 -22.97 17.95
C GLN A 29 -4.69 -24.44 18.05
N VAL A 30 -4.56 -25.17 16.95
CA VAL A 30 -5.01 -26.55 16.91
C VAL A 30 -3.91 -27.46 17.45
N VAL A 31 -4.29 -28.35 18.36
CA VAL A 31 -3.40 -29.38 18.88
C VAL A 31 -3.85 -30.72 18.29
N ASN A 32 -2.99 -31.32 17.47
CA ASN A 32 -3.36 -32.44 16.61
C ASN A 32 -2.79 -33.73 17.20
N PHE A 33 -3.67 -34.55 17.79
CA PHE A 33 -3.30 -35.86 18.32
C PHE A 33 -3.69 -37.00 17.38
N GLY A 34 -3.59 -36.79 16.06
CA GLY A 34 -3.98 -37.77 15.09
C GLY A 34 -3.23 -39.08 15.21
N PRO A 35 -3.91 -40.21 14.95
CA PRO A 35 -3.25 -41.52 15.09
C PRO A 35 -2.47 -41.96 13.86
N GLY A 36 -2.66 -41.30 12.70
CA GLY A 36 -2.05 -41.72 11.47
C GLY A 36 -3.06 -41.72 10.34
N PRO A 37 -3.03 -40.71 9.46
CA PRO A 37 -2.10 -39.56 9.33
C PRO A 37 -2.02 -38.70 10.58
N ALA A 38 -0.82 -38.16 10.84
CA ALA A 38 -0.57 -37.47 12.09
C ALA A 38 -0.05 -36.05 11.88
N LYS A 39 0.45 -35.44 12.95
CA LYS A 39 0.91 -34.06 12.90
C LYS A 39 2.30 -33.97 12.29
N LEU A 40 2.49 -32.97 11.45
CA LEU A 40 3.82 -32.69 10.91
C LEU A 40 4.40 -31.44 11.56
N PRO A 41 5.72 -31.36 11.70
CA PRO A 41 6.32 -30.18 12.34
C PRO A 41 5.95 -28.91 11.59
N HIS A 42 5.62 -27.87 12.34
CA HIS A 42 5.27 -26.58 11.73
C HIS A 42 6.40 -26.07 10.84
N SER A 43 7.65 -26.36 11.21
CA SER A 43 8.78 -25.97 10.36
C SER A 43 8.70 -26.64 8.99
N VAL A 44 8.34 -27.92 8.96
CA VAL A 44 8.31 -28.66 7.69
C VAL A 44 7.19 -28.15 6.80
N LEU A 45 6.00 -27.97 7.36
CA LEU A 45 4.87 -27.46 6.58
C LEU A 45 5.15 -26.08 6.00
N LEU A 46 6.00 -25.28 6.67
CA LEU A 46 6.33 -23.96 6.14
C LEU A 46 7.21 -24.05 4.90
N GLU A 47 8.25 -24.89 4.95
CA GLU A 47 9.12 -25.03 3.81
C GLU A 47 8.39 -25.66 2.63
N ILE A 48 7.50 -26.63 2.89
CA ILE A 48 6.71 -27.20 1.80
C ILE A 48 5.84 -26.13 1.16
N GLN A 49 5.30 -25.22 1.97
CA GLN A 49 4.45 -24.16 1.43
C GLN A 49 5.26 -23.15 0.63
N LYS A 50 6.43 -22.76 1.13
CA LYS A 50 7.19 -21.70 0.48
C LYS A 50 7.69 -22.12 -0.90
N GLU A 51 8.12 -23.37 -1.04
CA GLU A 51 8.71 -23.87 -2.28
C GLU A 51 7.70 -24.59 -3.16
N LEU A 52 6.41 -24.52 -2.87
CA LEU A 52 5.46 -25.38 -3.57
C LEU A 52 5.41 -25.07 -5.05
N LEU A 53 5.67 -23.82 -5.45
CA LEU A 53 5.61 -23.46 -6.86
C LEU A 53 6.98 -23.48 -7.55
N ASP A 54 8.07 -23.32 -6.79
CA ASP A 54 9.41 -23.19 -7.37
C ASP A 54 10.39 -23.84 -6.40
N TYR A 55 10.46 -25.16 -6.47
CA TYR A 55 11.33 -25.92 -5.58
C TYR A 55 12.78 -25.50 -5.77
N LYS A 56 13.37 -24.89 -4.74
CA LYS A 56 14.80 -24.60 -4.70
C LYS A 56 15.30 -23.89 -5.95
N GLY A 57 14.41 -23.17 -6.64
CA GLY A 57 14.79 -22.37 -7.79
C GLY A 57 14.75 -23.07 -9.13
N VAL A 58 14.37 -24.36 -9.18
CA VAL A 58 14.36 -25.08 -10.46
C VAL A 58 13.18 -24.70 -11.34
N GLY A 59 12.19 -23.98 -10.81
CA GLY A 59 11.12 -23.42 -11.61
C GLY A 59 9.81 -24.17 -11.59
N ILE A 60 9.74 -25.33 -10.94
CA ILE A 60 8.54 -26.16 -10.95
C ILE A 60 8.26 -26.68 -9.55
N SER A 61 7.07 -27.23 -9.37
CA SER A 61 6.68 -27.91 -8.14
C SER A 61 7.25 -29.32 -8.12
N VAL A 62 7.46 -29.84 -6.90
CA VAL A 62 7.74 -31.26 -6.76
C VAL A 62 6.57 -32.08 -7.28
N LEU A 63 5.34 -31.57 -7.14
CA LEU A 63 4.18 -32.22 -7.70
C LEU A 63 4.29 -32.36 -9.22
N GLU A 64 5.03 -31.47 -9.87
CA GLU A 64 5.28 -31.53 -11.30
C GLU A 64 6.59 -32.21 -11.67
N MET A 65 7.42 -32.56 -10.69
CA MET A 65 8.77 -33.00 -10.96
C MET A 65 8.79 -34.43 -11.48
N SER A 66 9.64 -34.67 -12.46
CA SER A 66 9.81 -36.02 -13.00
C SER A 66 10.67 -36.85 -12.06
N HIS A 67 10.34 -38.14 -11.95
CA HIS A 67 11.13 -39.04 -11.14
C HIS A 67 12.45 -39.43 -11.80
N ARG A 68 12.64 -39.07 -13.07
CA ARG A 68 13.89 -39.33 -13.79
C ARG A 68 14.81 -38.12 -13.81
N SER A 69 14.38 -37.00 -13.22
CA SER A 69 15.19 -35.78 -13.25
C SER A 69 16.32 -35.87 -12.23
N SER A 70 17.38 -35.10 -12.50
CA SER A 70 18.48 -35.01 -11.53
C SER A 70 18.00 -34.44 -10.20
N ASP A 71 16.96 -33.60 -10.23
CA ASP A 71 16.49 -32.95 -9.02
C ASP A 71 15.84 -33.96 -8.07
N PHE A 72 14.98 -34.84 -8.60
CA PHE A 72 14.36 -35.85 -7.75
C PHE A 72 15.37 -36.88 -7.25
N ALA A 73 16.39 -37.17 -8.06
CA ALA A 73 17.42 -38.10 -7.61
C ALA A 73 18.09 -37.60 -6.33
N LYS A 74 18.34 -36.28 -6.24
CA LYS A 74 18.88 -35.71 -5.01
C LYS A 74 17.93 -35.91 -3.85
N ILE A 75 16.62 -35.74 -4.09
CA ILE A 75 15.64 -35.84 -3.03
C ILE A 75 15.59 -37.26 -2.46
N ILE A 76 15.37 -38.25 -3.34
CA ILE A 76 15.15 -39.62 -2.85
C ILE A 76 16.44 -40.20 -2.30
N ASN A 77 17.60 -39.83 -2.87
CA ASN A 77 18.86 -40.31 -2.32
C ASN A 77 19.13 -39.69 -0.95
N ASN A 78 18.84 -38.40 -0.79
CA ASN A 78 18.97 -37.78 0.53
C ASN A 78 17.99 -38.38 1.52
N THR A 79 16.77 -38.69 1.07
CA THR A 79 15.81 -39.36 1.94
C THR A 79 16.31 -40.74 2.35
N GLU A 80 16.89 -41.49 1.40
CA GLU A 80 17.44 -42.79 1.74
C GLU A 80 18.64 -42.66 2.67
N ASN A 81 19.51 -41.68 2.41
CA ASN A 81 20.66 -41.46 3.28
C ASN A 81 20.24 -41.16 4.70
N LEU A 82 19.17 -40.37 4.87
CA LEU A 82 18.74 -39.99 6.20
C LEU A 82 18.19 -41.17 6.99
N VAL A 83 17.47 -42.08 6.32
CA VAL A 83 17.04 -43.30 6.98
C VAL A 83 18.25 -44.12 7.41
N ARG A 84 19.23 -44.27 6.52
CA ARG A 84 20.44 -45.00 6.87
C ARG A 84 21.19 -44.31 8.00
N GLU A 85 21.23 -42.98 8.00
CA GLU A 85 21.97 -42.27 9.05
C GLU A 85 21.24 -42.36 10.38
N LEU A 86 19.95 -41.98 10.41
CA LEU A 86 19.24 -41.88 11.68
C LEU A 86 19.06 -43.25 12.34
N LEU A 87 18.93 -44.32 11.55
CA LEU A 87 18.78 -45.65 12.11
C LEU A 87 20.09 -46.43 12.20
N ALA A 88 21.15 -45.93 11.57
CA ALA A 88 22.43 -46.65 11.45
C ALA A 88 22.22 -48.00 10.75
N VAL A 89 21.66 -47.92 9.55
CA VAL A 89 21.36 -49.12 8.76
C VAL A 89 22.67 -49.65 8.16
N PRO A 90 22.98 -50.92 8.34
CA PRO A 90 24.21 -51.47 7.76
C PRO A 90 24.20 -51.44 6.24
N ASP A 91 25.39 -51.61 5.66
CA ASP A 91 25.52 -51.50 4.20
C ASP A 91 24.91 -52.70 3.48
N ASN A 92 24.82 -53.85 4.13
CA ASN A 92 24.22 -55.02 3.52
C ASN A 92 22.68 -55.01 3.60
N TYR A 93 22.10 -53.83 3.80
CA TYR A 93 20.64 -53.66 3.84
C TYR A 93 20.21 -52.70 2.76
N LYS A 94 19.16 -53.05 2.04
CA LYS A 94 18.56 -52.15 1.08
C LYS A 94 17.47 -51.32 1.74
N VAL A 95 17.32 -50.09 1.29
CA VAL A 95 16.29 -49.18 1.77
C VAL A 95 15.48 -48.75 0.56
N ILE A 96 14.21 -49.16 0.50
CA ILE A 96 13.36 -48.93 -0.65
C ILE A 96 12.07 -48.24 -0.20
N PHE A 97 11.46 -47.50 -1.12
CA PHE A 97 10.24 -46.74 -0.86
C PHE A 97 9.14 -47.26 -1.78
N LEU A 98 8.11 -47.86 -1.17
CA LEU A 98 7.02 -48.49 -1.91
C LEU A 98 5.73 -47.74 -1.69
N GLN A 99 4.72 -48.11 -2.48
CA GLN A 99 3.36 -47.66 -2.28
C GLN A 99 2.56 -48.77 -1.60
N GLY A 100 1.30 -48.48 -1.29
CA GLY A 100 0.41 -49.47 -0.72
C GLY A 100 0.26 -49.45 0.78
N GLY A 101 1.01 -48.60 1.48
CA GLY A 101 0.86 -48.49 2.91
C GLY A 101 1.35 -49.71 3.66
N GLY A 102 1.10 -49.69 4.97
CA GLY A 102 1.47 -50.82 5.80
C GLY A 102 0.70 -52.08 5.44
N CYS A 103 -0.62 -51.95 5.21
CA CYS A 103 -1.41 -53.10 4.76
C CYS A 103 -0.91 -53.64 3.44
N GLY A 104 -0.25 -52.80 2.63
CA GLY A 104 0.41 -53.31 1.44
C GLY A 104 1.51 -54.30 1.78
N GLN A 105 2.32 -53.99 2.80
CA GLN A 105 3.36 -54.91 3.22
C GLN A 105 2.80 -56.17 3.87
N PHE A 106 1.58 -56.12 4.39
CA PHE A 106 0.95 -57.34 4.90
C PHE A 106 0.85 -58.41 3.82
N SER A 107 0.84 -58.00 2.55
CA SER A 107 0.91 -58.91 1.41
C SER A 107 2.30 -59.00 0.80
N ALA A 108 3.06 -57.90 0.83
CA ALA A 108 4.39 -57.91 0.21
C ALA A 108 5.37 -58.76 0.99
N VAL A 109 5.24 -58.82 2.31
CA VAL A 109 6.14 -59.60 3.15
C VAL A 109 5.97 -61.10 2.86
N PRO A 110 4.74 -61.65 2.87
CA PRO A 110 4.60 -63.06 2.49
C PRO A 110 5.01 -63.31 1.04
N LEU A 111 4.59 -62.44 0.12
CA LEU A 111 4.93 -62.63 -1.29
C LEU A 111 6.44 -62.65 -1.50
N ASN A 112 7.17 -61.81 -0.77
CA ASN A 112 8.62 -61.72 -0.93
C ASN A 112 9.39 -62.74 -0.11
N LEU A 113 8.84 -63.24 1.00
CA LEU A 113 9.63 -63.98 1.97
C LEU A 113 9.06 -65.33 2.39
N ILE A 114 7.76 -65.60 2.22
CA ILE A 114 7.21 -66.85 2.73
C ILE A 114 7.82 -68.05 2.03
N GLY A 115 8.48 -67.84 0.90
CA GLY A 115 9.12 -68.92 0.18
C GLY A 115 10.61 -69.06 0.44
N LEU A 116 11.11 -68.44 1.51
CA LEU A 116 12.49 -68.67 1.92
C LEU A 116 12.76 -70.16 2.07
N LYS A 117 11.84 -70.88 2.71
CA LYS A 117 11.92 -72.32 2.84
C LYS A 117 10.71 -72.95 2.17
N ALA A 118 10.89 -74.18 1.69
CA ALA A 118 9.90 -74.81 0.80
C ALA A 118 8.56 -75.04 1.48
N GLY A 119 8.52 -75.02 2.82
CA GLY A 119 7.26 -75.28 3.51
C GLY A 119 6.22 -74.20 3.33
N ARG A 120 6.62 -72.99 2.97
CA ARG A 120 5.73 -71.84 2.88
C ARG A 120 4.97 -71.62 4.19
N CYS A 121 5.70 -71.72 5.30
CA CYS A 121 5.18 -71.44 6.63
C CYS A 121 5.74 -70.13 7.14
N ALA A 122 5.01 -69.52 8.06
CA ALA A 122 5.44 -68.27 8.68
C ALA A 122 4.88 -68.20 10.09
N ASP A 123 5.73 -67.80 11.03
CA ASP A 123 5.34 -67.64 12.42
C ASP A 123 4.95 -66.19 12.68
N TYR A 124 3.80 -65.99 13.29
CA TYR A 124 3.28 -64.66 13.55
C TYR A 124 3.01 -64.47 15.04
N VAL A 125 3.32 -63.28 15.54
CA VAL A 125 3.04 -62.87 16.91
C VAL A 125 1.93 -61.84 16.86
N VAL A 126 0.81 -62.15 17.50
CA VAL A 126 -0.39 -61.32 17.46
C VAL A 126 -0.53 -60.64 18.81
N THR A 127 -0.14 -59.37 18.89
CA THR A 127 -0.26 -58.59 20.13
C THR A 127 -1.30 -57.49 20.03
N GLY A 128 -1.99 -57.36 18.91
CA GLY A 128 -3.04 -56.38 18.79
C GLY A 128 -3.71 -56.47 17.44
N ALA A 129 -4.39 -55.38 17.07
CA ALA A 129 -5.23 -55.40 15.87
C ALA A 129 -4.40 -55.50 14.60
N TRP A 130 -3.24 -54.84 14.57
CA TRP A 130 -2.49 -54.75 13.32
C TRP A 130 -1.70 -56.01 13.03
N SER A 131 -1.12 -56.64 14.06
CA SER A 131 -0.51 -57.94 13.86
C SER A 131 -1.57 -59.00 13.58
N ALA A 132 -2.79 -58.80 14.09
CA ALA A 132 -3.88 -59.72 13.77
C ALA A 132 -4.26 -59.65 12.30
N LYS A 133 -4.39 -58.42 11.77
CA LYS A 133 -4.68 -58.26 10.35
C LYS A 133 -3.59 -58.85 9.48
N ALA A 134 -2.33 -58.57 9.83
CA ALA A 134 -1.21 -59.07 9.02
C ALA A 134 -1.16 -60.59 9.04
N ALA A 135 -1.50 -61.22 10.17
CA ALA A 135 -1.51 -62.67 10.24
C ALA A 135 -2.61 -63.26 9.37
N GLU A 136 -3.77 -62.60 9.32
CA GLU A 136 -4.87 -63.10 8.50
C GLU A 136 -4.57 -62.92 7.02
N GLU A 137 -3.98 -61.77 6.65
CA GLU A 137 -3.64 -61.53 5.25
C GLU A 137 -2.62 -62.54 4.76
N ALA A 138 -1.68 -62.94 5.62
CA ALA A 138 -0.63 -63.87 5.20
C ALA A 138 -1.19 -65.27 4.91
N LYS A 139 -2.36 -65.60 5.45
CA LYS A 139 -2.98 -66.89 5.17
C LYS A 139 -3.35 -67.04 3.70
N LYS A 140 -3.40 -65.94 2.95
CA LYS A 140 -3.65 -65.99 1.51
C LYS A 140 -2.46 -66.54 0.73
N PHE A 141 -1.27 -66.56 1.34
CA PHE A 141 -0.06 -66.94 0.63
C PHE A 141 0.66 -68.14 1.24
N GLY A 142 0.20 -68.65 2.37
CA GLY A 142 0.86 -69.79 2.97
C GLY A 142 0.15 -70.19 4.26
N THR A 143 0.73 -71.18 4.93
CA THR A 143 0.19 -71.66 6.20
C THR A 143 0.81 -70.84 7.32
N ILE A 144 -0.05 -70.14 8.08
CA ILE A 144 0.39 -69.20 9.11
C ILE A 144 0.07 -69.80 10.47
N ASN A 145 1.10 -69.94 11.30
CA ASN A 145 0.95 -70.44 12.67
C ASN A 145 1.19 -69.29 13.63
N ILE A 146 0.19 -68.99 14.45
CA ILE A 146 0.33 -67.97 15.49
C ILE A 146 1.05 -68.60 16.68
N VAL A 147 2.14 -67.96 17.11
CA VAL A 147 3.13 -68.58 17.97
C VAL A 147 2.66 -68.76 19.41
N HIS A 148 1.59 -68.10 19.83
CA HIS A 148 1.17 -68.10 21.21
C HIS A 148 -0.34 -68.27 21.29
N PRO A 149 -0.87 -68.67 22.45
CA PRO A 149 -2.33 -68.74 22.60
C PRO A 149 -2.97 -67.36 22.58
N LYS A 150 -4.26 -67.37 22.23
CA LYS A 150 -5.05 -66.14 22.19
C LYS A 150 -5.05 -65.46 23.55
N LEU A 151 -4.90 -64.13 23.55
CA LEU A 151 -4.67 -63.40 24.80
C LEU A 151 -5.96 -63.13 25.57
N GLY A 152 -7.10 -63.08 24.90
CA GLY A 152 -8.34 -62.70 25.56
C GLY A 152 -8.50 -61.19 25.67
N SER A 153 -7.40 -60.50 25.93
CA SER A 153 -7.36 -59.04 25.92
C SER A 153 -5.95 -58.60 25.53
N TYR A 154 -5.86 -57.65 24.61
CA TYR A 154 -4.58 -57.14 24.12
C TYR A 154 -3.98 -56.20 25.18
N THR A 155 -3.48 -56.81 26.25
CA THR A 155 -2.93 -56.05 27.36
C THR A 155 -1.49 -56.40 27.71
N LYS A 156 -0.86 -57.33 26.98
CA LYS A 156 0.50 -57.72 27.30
C LYS A 156 1.14 -58.38 26.09
N ILE A 157 2.46 -58.53 26.16
CA ILE A 157 3.24 -59.28 25.18
C ILE A 157 3.49 -60.67 25.75
N PRO A 158 3.05 -61.74 25.08
CA PRO A 158 3.42 -63.09 25.53
C PRO A 158 4.93 -63.24 25.61
N ASP A 159 5.39 -63.95 26.64
CA ASP A 159 6.81 -64.11 26.92
C ASP A 159 7.51 -64.78 25.74
N PRO A 160 8.55 -64.16 25.16
CA PRO A 160 9.23 -64.78 24.01
C PRO A 160 9.80 -66.15 24.30
N SER A 161 10.19 -66.44 25.54
CA SER A 161 10.71 -67.76 25.86
C SER A 161 9.62 -68.84 25.79
N THR A 162 8.35 -68.45 25.91
CA THR A 162 7.23 -69.37 25.78
C THR A 162 6.70 -69.44 24.35
N TRP A 163 7.39 -68.80 23.41
CA TRP A 163 6.92 -68.74 22.03
C TRP A 163 7.15 -70.08 21.33
N ASN A 164 6.09 -70.64 20.75
CA ASN A 164 6.17 -71.87 19.98
C ASN A 164 6.67 -71.52 18.58
N LEU A 165 7.97 -71.65 18.36
CA LEU A 165 8.59 -71.29 17.09
C LEU A 165 8.81 -72.52 16.23
N ASN A 166 8.52 -72.39 14.93
CA ASN A 166 8.75 -73.45 13.97
C ASN A 166 10.14 -73.30 13.38
N PRO A 167 11.05 -74.25 13.58
CA PRO A 167 12.40 -74.11 13.00
C PRO A 167 12.41 -74.14 11.48
N ASP A 168 11.36 -74.68 10.86
CA ASP A 168 11.24 -74.70 9.41
C ASP A 168 10.35 -73.58 8.88
N ALA A 169 9.94 -72.65 9.75
CA ALA A 169 9.21 -71.48 9.29
C ALA A 169 10.11 -70.58 8.47
N SER A 170 9.52 -69.91 7.47
CA SER A 170 10.29 -69.03 6.61
C SER A 170 10.71 -67.76 7.34
N TYR A 171 9.84 -67.23 8.20
CA TYR A 171 10.18 -66.04 8.96
C TYR A 171 9.26 -65.93 10.17
N VAL A 172 9.60 -65.02 11.08
CA VAL A 172 8.78 -64.70 12.24
C VAL A 172 8.39 -63.23 12.15
N TYR A 173 7.10 -62.97 12.27
CA TYR A 173 6.52 -61.64 12.10
C TYR A 173 5.95 -61.14 13.41
N TYR A 174 6.19 -59.88 13.73
CA TYR A 174 5.60 -59.25 14.90
C TYR A 174 5.50 -57.75 14.68
N CYS A 175 4.52 -57.13 15.33
CA CYS A 175 4.30 -55.69 15.26
C CYS A 175 4.92 -55.03 16.48
N ALA A 176 5.85 -54.10 16.25
CA ALA A 176 6.57 -53.48 17.36
C ALA A 176 5.66 -52.62 18.23
N ASN A 177 4.69 -51.94 17.62
CA ASN A 177 3.83 -51.02 18.36
C ASN A 177 2.41 -51.12 17.82
N GLU A 178 1.48 -51.55 18.66
CA GLU A 178 0.09 -51.72 18.27
C GLU A 178 -0.65 -50.40 18.50
N THR A 179 -1.07 -49.77 17.40
CA THR A 179 -1.59 -48.40 17.46
C THR A 179 -2.95 -48.33 18.14
N VAL A 180 -3.74 -49.39 18.05
CA VAL A 180 -5.09 -49.35 18.60
C VAL A 180 -5.12 -49.70 20.09
N HIS A 181 -4.26 -50.64 20.51
CA HIS A 181 -4.32 -51.16 21.87
C HIS A 181 -3.19 -50.68 22.76
N GLY A 182 -2.16 -50.04 22.21
CA GLY A 182 -1.12 -49.45 23.02
C GLY A 182 -0.15 -50.45 23.63
N VAL A 183 0.24 -51.47 22.87
CA VAL A 183 1.17 -52.50 23.33
C VAL A 183 2.42 -52.41 22.47
N GLU A 184 3.56 -52.11 23.08
CA GLU A 184 4.80 -51.86 22.36
C GLU A 184 5.93 -52.71 22.93
N PHE A 185 6.70 -53.33 22.04
CA PHE A 185 7.92 -54.02 22.45
C PHE A 185 8.99 -53.01 22.84
N ASP A 186 9.56 -53.18 24.04
CA ASP A 186 10.77 -52.47 24.42
C ASP A 186 12.00 -53.37 24.33
N PHE A 187 11.97 -54.33 23.41
CA PHE A 187 13.07 -55.26 23.20
C PHE A 187 12.91 -55.85 21.80
N ILE A 188 13.97 -56.52 21.35
CA ILE A 188 13.93 -57.30 20.11
C ILE A 188 13.81 -58.78 20.50
N PRO A 189 12.74 -59.46 20.14
CA PRO A 189 12.55 -60.84 20.60
C PRO A 189 13.53 -61.80 19.95
N ASP A 190 13.95 -62.79 20.73
CA ASP A 190 14.80 -63.88 20.23
C ASP A 190 13.92 -64.87 19.49
N VAL A 191 14.13 -65.00 18.19
CA VAL A 191 13.40 -65.96 17.36
C VAL A 191 14.28 -67.13 16.98
N LYS A 192 15.36 -67.35 17.74
CA LYS A 192 16.22 -68.53 17.59
C LYS A 192 16.81 -68.63 16.19
N GLY A 193 17.20 -67.48 15.63
CA GLY A 193 17.88 -67.44 14.35
C GLY A 193 16.99 -67.32 13.14
N ALA A 194 15.67 -67.26 13.31
CA ALA A 194 14.79 -67.11 12.17
C ALA A 194 14.89 -65.69 11.60
N VAL A 195 14.49 -65.55 10.34
CA VAL A 195 14.43 -64.25 9.70
C VAL A 195 13.32 -63.43 10.37
N LEU A 196 13.68 -62.31 10.96
CA LEU A 196 12.75 -61.51 11.74
C LEU A 196 12.18 -60.38 10.88
N VAL A 197 10.85 -60.29 10.83
CA VAL A 197 10.15 -59.24 10.12
C VAL A 197 9.33 -58.45 11.14
N CYS A 198 9.36 -57.12 11.01
CA CYS A 198 8.74 -56.26 12.02
C CYS A 198 7.97 -55.14 11.37
N ASP A 199 6.74 -54.93 11.86
CA ASP A 199 5.90 -53.79 11.47
C ASP A 199 6.17 -52.66 12.46
N MET A 200 6.93 -51.66 12.03
CA MET A 200 7.29 -50.53 12.88
C MET A 200 6.59 -49.24 12.44
N SER A 201 5.40 -49.37 11.86
CA SER A 201 4.72 -48.21 11.28
C SER A 201 4.53 -47.10 12.32
N SER A 202 4.06 -47.45 13.51
CA SER A 202 3.62 -46.45 14.48
C SER A 202 4.68 -46.09 15.52
N ASN A 203 5.90 -46.65 15.43
CA ASN A 203 6.99 -46.16 16.27
C ASN A 203 8.29 -46.03 15.49
N PHE A 204 8.22 -45.97 14.17
CA PHE A 204 9.41 -45.84 13.34
C PHE A 204 10.16 -44.56 13.67
N LEU A 205 11.44 -44.69 13.98
CA LEU A 205 12.32 -43.57 14.32
C LEU A 205 11.81 -42.77 15.52
N SER A 206 11.17 -43.47 16.47
CA SER A 206 10.95 -42.92 17.80
C SER A 206 12.02 -43.37 18.78
N LYS A 207 12.90 -44.27 18.36
CA LYS A 207 13.99 -44.77 19.19
C LYS A 207 15.01 -45.45 18.29
N PRO A 208 16.26 -45.59 18.74
CA PRO A 208 17.24 -46.33 17.94
C PRO A 208 16.84 -47.78 17.76
N VAL A 209 17.29 -48.38 16.66
CA VAL A 209 16.95 -49.76 16.32
C VAL A 209 18.22 -50.46 15.84
N ASP A 210 18.49 -51.65 16.40
CA ASP A 210 19.57 -52.50 15.94
C ASP A 210 19.07 -53.23 14.69
N VAL A 211 19.29 -52.62 13.53
CA VAL A 211 18.73 -53.14 12.29
C VAL A 211 19.29 -54.51 11.95
N SER A 212 20.54 -54.78 12.35
CA SER A 212 21.18 -56.05 12.02
C SER A 212 20.39 -57.27 12.51
N LYS A 213 19.56 -57.12 13.55
CA LYS A 213 18.79 -58.22 14.08
C LYS A 213 17.52 -58.49 13.29
N PHE A 214 17.25 -57.72 12.24
CA PHE A 214 16.02 -57.86 11.46
C PHE A 214 16.34 -58.29 10.03
N GLY A 215 15.38 -58.98 9.42
CA GLY A 215 15.46 -59.28 8.01
C GLY A 215 14.71 -58.25 7.20
N VAL A 216 13.56 -57.81 7.72
CA VAL A 216 12.73 -56.80 7.07
C VAL A 216 12.12 -55.90 8.14
N ILE A 217 12.28 -54.59 7.97
CA ILE A 217 11.55 -53.58 8.72
C ILE A 217 10.76 -52.75 7.72
N PHE A 218 9.49 -52.47 8.03
CA PHE A 218 8.70 -51.58 7.19
C PHE A 218 7.87 -50.67 8.07
N ALA A 219 7.47 -49.53 7.49
CA ALA A 219 6.71 -48.53 8.23
C ALA A 219 6.02 -47.60 7.24
N GLY A 220 4.72 -47.41 7.42
CA GLY A 220 4.05 -46.34 6.72
C GLY A 220 4.53 -44.98 7.23
N ALA A 221 4.76 -44.06 6.30
CA ALA A 221 5.32 -42.74 6.63
C ALA A 221 4.41 -41.87 7.50
N GLN A 222 3.11 -41.86 7.24
CA GLN A 222 2.07 -41.01 7.86
C GLN A 222 1.97 -41.08 9.39
N ASN A 224 4.76 -41.37 11.82
CA ASN A 224 5.86 -40.71 12.55
C ASN A 224 6.91 -40.06 11.66
N VAL A 225 6.95 -40.30 10.35
CA VAL A 225 8.06 -39.73 9.58
C VAL A 225 7.59 -39.08 8.27
N GLY A 226 6.33 -38.68 8.21
CA GLY A 226 5.90 -38.00 6.99
C GLY A 226 4.40 -38.10 6.78
N SER A 227 4.02 -38.15 5.50
CA SER A 227 2.63 -38.13 5.09
C SER A 227 2.30 -39.38 4.29
N ALA A 228 1.01 -39.69 4.22
CA ALA A 228 0.55 -40.94 3.63
C ALA A 228 0.85 -40.99 2.14
N GLY A 229 1.15 -42.19 1.65
CA GLY A 229 1.41 -42.40 0.25
C GLY A 229 2.67 -43.20 -0.03
N VAL A 230 3.58 -43.28 0.94
CA VAL A 230 4.84 -43.98 0.76
C VAL A 230 5.12 -44.84 2.00
N THR A 231 5.74 -46.00 1.76
CA THR A 231 6.12 -46.92 2.81
C THR A 231 7.59 -47.27 2.66
N VAL A 232 8.36 -47.08 3.73
CA VAL A 232 9.78 -47.41 3.72
C VAL A 232 9.94 -48.85 4.14
N VAL A 233 10.81 -49.59 3.43
CA VAL A 233 11.08 -50.99 3.70
C VAL A 233 12.58 -51.18 3.75
N ILE A 234 13.07 -51.79 4.84
CA ILE A 234 14.49 -52.08 5.03
C ILE A 234 14.66 -53.59 4.94
N VAL A 235 15.41 -54.05 3.93
CA VAL A 235 15.53 -55.47 3.63
C VAL A 235 17.01 -55.85 3.58
N ARG A 236 17.35 -56.96 4.23
CA ARG A 236 18.70 -57.52 4.10
C ARG A 236 18.89 -58.06 2.69
N ASP A 237 20.05 -57.74 2.09
CA ASP A 237 20.23 -57.95 0.65
C ASP A 237 20.30 -59.42 0.25
N ASP A 238 20.40 -60.35 1.19
CA ASP A 238 20.38 -61.77 0.86
C ASP A 238 18.96 -62.35 0.89
N LEU A 239 17.97 -61.56 1.27
CA LEU A 239 16.58 -62.01 1.32
C LEU A 239 15.81 -61.66 0.05
N LEU A 240 16.47 -61.08 -0.95
CA LEU A 240 15.85 -60.89 -2.25
C LEU A 240 15.92 -62.19 -3.05
N GLY A 241 15.09 -62.27 -4.09
CA GLY A 241 15.12 -63.42 -4.96
C GLY A 241 14.41 -64.66 -4.42
N PHE A 242 13.55 -64.50 -3.42
CA PHE A 242 12.68 -65.59 -2.97
C PHE A 242 11.21 -65.26 -3.20
N ALA A 243 10.92 -64.19 -3.95
CA ALA A 243 9.55 -63.75 -4.13
C ALA A 243 8.75 -64.75 -4.95
N LEU A 244 7.48 -64.91 -4.59
CA LEU A 244 6.59 -65.77 -5.34
C LEU A 244 6.35 -65.21 -6.74
N ARG A 245 5.88 -66.08 -7.63
CA ARG A 245 5.54 -65.64 -8.98
C ARG A 245 4.42 -64.61 -8.97
N GLU A 246 3.50 -64.70 -8.02
CA GLU A 246 2.33 -63.85 -7.99
C GLU A 246 2.60 -62.48 -7.37
N CYS A 247 3.82 -62.20 -6.93
CA CYS A 247 4.13 -60.90 -6.35
C CYS A 247 4.11 -59.84 -7.43
N PRO A 248 3.29 -58.79 -7.28
CA PRO A 248 3.34 -57.68 -8.24
C PRO A 248 4.72 -57.06 -8.30
N SER A 249 5.13 -56.66 -9.51
CA SER A 249 6.48 -56.14 -9.70
C SER A 249 6.73 -54.90 -8.85
N VAL A 250 5.74 -54.02 -8.74
CA VAL A 250 5.90 -52.81 -7.95
C VAL A 250 6.00 -53.08 -6.46
N LEU A 251 5.76 -54.32 -6.03
CA LEU A 251 5.87 -54.70 -4.63
C LEU A 251 6.95 -55.73 -4.37
N GLU A 252 7.70 -56.13 -5.40
CA GLU A 252 8.79 -57.09 -5.23
C GLU A 252 10.05 -56.35 -4.77
N TYR A 253 10.59 -56.76 -3.62
CA TYR A 253 11.76 -56.10 -3.06
C TYR A 253 12.92 -56.13 -4.03
N LYS A 254 13.17 -57.29 -4.65
CA LYS A 254 14.29 -57.42 -5.58
C LYS A 254 14.16 -56.46 -6.76
N VAL A 255 12.98 -56.45 -7.38
CA VAL A 255 12.75 -55.56 -8.53
C VAL A 255 12.92 -54.10 -8.11
N GLN A 256 12.32 -53.72 -6.98
CA GLN A 256 12.37 -52.33 -6.57
C GLN A 256 13.73 -51.93 -6.00
N ALA A 257 14.41 -52.84 -5.32
CA ALA A 257 15.76 -52.52 -4.85
C ALA A 257 16.74 -52.39 -6.01
N GLY A 258 16.51 -53.15 -7.09
CA GLY A 258 17.38 -53.07 -8.24
C GLY A 258 17.23 -51.79 -9.02
N ASN A 259 16.05 -51.14 -8.95
CA ASN A 259 15.80 -49.88 -9.63
C ASN A 259 15.82 -48.69 -8.70
N SER A 260 16.30 -48.85 -7.47
CA SER A 260 16.37 -47.79 -6.47
C SER A 260 15.00 -47.12 -6.30
N SER A 261 13.98 -47.96 -6.09
CA SER A 261 12.60 -47.53 -5.86
C SER A 261 12.01 -46.80 -7.05
N LEU A 262 12.62 -46.91 -8.23
CA LEU A 262 12.18 -46.20 -9.42
C LEU A 262 11.75 -47.15 -10.53
N TYR A 263 11.29 -48.36 -10.17
CA TYR A 263 10.75 -49.27 -11.18
C TYR A 263 9.61 -48.63 -11.95
N ASN A 264 8.70 -47.96 -11.22
CA ASN A 264 7.70 -47.10 -11.86
C ASN A 264 7.70 -45.75 -11.14
N THR A 265 6.71 -44.92 -11.42
CA THR A 265 6.65 -43.60 -10.79
C THR A 265 6.45 -43.76 -9.29
N PRO A 266 7.39 -43.31 -8.46
CA PRO A 266 7.21 -43.40 -7.01
C PRO A 266 6.34 -42.25 -6.52
N PRO A 267 5.88 -42.32 -5.26
CA PRO A 267 5.15 -41.16 -4.71
C PRO A 267 6.09 -40.00 -4.45
N CYS A 268 6.38 -39.23 -5.50
CA CYS A 268 7.46 -38.25 -5.44
C CYS A 268 7.25 -37.24 -4.31
N PHE A 269 6.05 -36.65 -4.24
CA PHE A 269 5.80 -35.65 -3.21
C PHE A 269 5.83 -36.25 -1.82
N SER A 270 5.36 -37.50 -1.67
CA SER A 270 5.39 -38.13 -0.36
C SER A 270 6.82 -38.43 0.09
N ILE A 271 7.67 -38.83 -0.85
CA ILE A 271 9.09 -39.02 -0.54
C ILE A 271 9.76 -37.69 -0.24
N TYR A 272 9.34 -36.63 -0.93
CA TYR A 272 9.86 -35.30 -0.67
C TYR A 272 9.49 -34.84 0.74
N VAL A 273 8.22 -35.04 1.13
CA VAL A 273 7.77 -34.64 2.46
C VAL A 273 8.54 -35.42 3.53
N MET A 274 8.74 -36.72 3.30
CA MET A 274 9.42 -37.55 4.28
C MET A 274 10.86 -37.09 4.48
N GLY A 275 11.54 -36.69 3.41
CA GLY A 275 12.90 -36.21 3.55
C GLY A 275 13.00 -34.99 4.44
N LEU A 276 12.00 -34.10 4.38
CA LEU A 276 12.01 -32.92 5.25
C LEU A 276 11.77 -33.31 6.71
N VAL A 277 10.87 -34.28 6.95
CA VAL A 277 10.61 -34.72 8.31
C VAL A 277 11.85 -35.41 8.89
N LEU A 278 12.50 -36.26 8.09
CA LEU A 278 13.73 -36.91 8.54
C LEU A 278 14.81 -35.88 8.86
N GLU A 279 14.97 -34.88 7.97
CA GLU A 279 15.89 -33.79 8.27
C GLU A 279 15.49 -33.06 9.55
N TRP A 280 14.19 -32.95 9.81
CA TRP A 280 13.73 -32.33 11.05
C TRP A 280 14.08 -33.18 12.26
N ILE A 281 13.91 -34.51 12.15
CA ILE A 281 14.31 -35.41 13.23
C ILE A 281 15.81 -35.30 13.49
N LYS A 282 16.60 -35.24 12.42
CA LYS A 282 18.05 -35.13 12.57
C LYS A 282 18.43 -33.83 13.28
N ASN A 283 17.78 -32.72 12.92
CA ASN A 283 18.07 -31.45 13.56
C ASN A 283 17.62 -31.41 15.02
N ASN A 284 16.76 -32.34 15.43
CA ASN A 284 16.25 -32.35 16.80
C ASN A 284 16.82 -33.50 17.64
N GLY A 285 17.93 -34.09 17.20
CA GLY A 285 18.67 -35.03 18.01
C GLY A 285 18.63 -36.48 17.57
N GLY A 286 18.06 -36.77 16.41
CA GLY A 286 18.02 -38.14 15.93
C GLY A 286 17.15 -39.05 16.80
N ALA A 287 17.25 -40.35 16.52
CA ALA A 287 16.43 -41.33 17.22
C ALA A 287 16.70 -41.34 18.72
N ALA A 288 17.94 -41.07 19.13
CA ALA A 288 18.27 -41.08 20.55
C ALA A 288 17.48 -40.01 21.31
N ALA A 289 17.40 -38.81 20.74
CA ALA A 289 16.64 -37.75 21.39
C ALA A 289 15.14 -38.00 21.29
N MET A 290 14.68 -38.55 20.15
CA MET A 290 13.27 -38.90 20.01
C MET A 290 12.85 -39.87 21.11
N GLU A 291 13.72 -40.80 21.48
CA GLU A 291 13.39 -41.76 22.51
C GLU A 291 13.15 -41.08 23.85
N LYS A 292 14.01 -40.13 24.21
CA LYS A 292 13.86 -39.48 25.51
C LYS A 292 12.71 -38.48 25.52
N LEU A 293 12.48 -37.80 24.40
CA LEU A 293 11.31 -36.95 24.28
C LEU A 293 10.03 -37.78 24.36
N SER A 294 10.04 -38.96 23.75
CA SER A 294 8.89 -39.86 23.83
C SER A 294 8.67 -40.36 25.25
N SER A 295 9.74 -40.44 26.05
CA SER A 295 9.58 -40.86 27.45
C SER A 295 8.94 -39.74 28.27
N ILE A 296 9.41 -38.50 28.11
CA ILE A 296 8.83 -37.38 28.84
C ILE A 296 7.34 -37.28 28.56
N LYS A 297 6.96 -37.38 27.28
CA LYS A 297 5.56 -37.21 26.90
C LYS A 297 4.69 -38.32 27.48
N SER A 298 5.06 -39.57 27.23
CA SER A 298 4.23 -40.70 27.67
C SER A 298 4.20 -40.80 29.20
N GLN A 299 5.32 -40.49 29.87
CA GLN A 299 5.32 -40.51 31.33
C GLN A 299 4.39 -39.45 31.91
N THR A 300 4.27 -38.31 31.23
CA THR A 300 3.39 -37.25 31.71
C THR A 300 1.95 -37.72 31.73
N ILE A 301 1.53 -38.48 30.71
CA ILE A 301 0.14 -38.93 30.63
C ILE A 301 -0.07 -40.17 31.50
N TYR A 302 0.86 -41.13 31.45
CA TYR A 302 0.70 -42.37 32.21
C TYR A 302 0.66 -42.11 33.71
N GLU A 303 1.39 -41.10 34.20
CA GLU A 303 1.35 -40.78 35.62
C GLU A 303 0.00 -40.19 36.00
N ILE A 304 -0.59 -39.38 35.13
CA ILE A 304 -1.93 -38.85 35.39
C ILE A 304 -2.92 -40.01 35.53
N ILE A 305 -2.79 -41.02 34.68
CA ILE A 305 -3.67 -42.18 34.77
C ILE A 305 -3.39 -42.96 36.04
N ASP A 306 -2.11 -43.17 36.37
CA ASP A 306 -1.75 -44.02 37.50
C ASP A 306 -2.14 -43.38 38.83
N ASN A 307 -2.15 -42.05 38.91
CA ASN A 307 -2.57 -41.34 40.11
C ASN A 307 -4.03 -40.91 40.05
N SER A 308 -4.76 -41.34 39.02
CA SER A 308 -6.17 -40.98 38.87
C SER A 308 -7.09 -41.72 39.83
N GLN A 309 -6.56 -42.68 40.59
CA GLN A 309 -7.36 -43.49 41.51
C GLN A 309 -8.54 -44.13 40.80
N GLY A 310 -8.27 -44.70 39.63
CA GLY A 310 -9.28 -45.40 38.88
C GLY A 310 -10.16 -44.54 38.00
N PHE A 311 -10.01 -43.21 38.06
CA PHE A 311 -10.79 -42.35 37.18
C PHE A 311 -10.37 -42.51 35.73
N TYR A 312 -9.08 -42.72 35.49
CA TYR A 312 -8.56 -43.10 34.18
C TYR A 312 -8.01 -44.51 34.28
N VAL A 313 -8.35 -45.35 33.30
CA VAL A 313 -7.98 -46.76 33.31
C VAL A 313 -7.22 -47.07 32.03
N CYS A 314 -5.98 -47.51 32.16
CA CYS A 314 -5.21 -48.02 31.03
C CYS A 314 -4.95 -49.51 31.27
N PRO A 315 -5.56 -50.40 30.47
CA PRO A 315 -5.49 -51.84 30.80
C PRO A 315 -4.17 -52.52 30.42
N VAL A 316 -3.28 -51.84 29.71
CA VAL A 316 -2.02 -52.46 29.30
C VAL A 316 -1.09 -52.58 30.50
N GLU A 317 -0.45 -53.73 30.64
CA GLU A 317 0.52 -53.92 31.70
C GLU A 317 1.65 -52.89 31.54
N PRO A 318 2.12 -52.31 32.64
CA PRO A 318 3.07 -51.18 32.53
C PRO A 318 4.33 -51.50 31.75
N GLN A 319 4.83 -52.73 31.84
CA GLN A 319 6.05 -53.08 31.13
C GLN A 319 5.86 -53.13 29.62
N ASN A 320 4.62 -53.18 29.13
CA ASN A 320 4.34 -53.21 27.70
C ASN A 320 3.61 -51.97 27.21
N ARG A 321 3.52 -50.93 28.02
CA ARG A 321 2.79 -49.73 27.63
C ARG A 321 3.49 -49.04 26.47
N SER A 322 2.70 -48.66 25.46
CA SER A 322 3.25 -47.94 24.33
C SER A 322 3.59 -46.51 24.71
N LYS A 323 4.67 -46.00 24.16
CA LYS A 323 5.03 -44.60 24.31
C LYS A 323 4.46 -43.72 23.21
N MET A 324 3.84 -44.32 22.19
CA MET A 324 3.30 -43.60 21.05
C MET A 324 1.79 -43.40 21.13
N ASN A 325 1.05 -44.43 21.52
CA ASN A 325 -0.39 -44.38 21.60
C ASN A 325 -0.83 -44.80 23.00
N ILE A 326 -1.54 -43.92 23.68
CA ILE A 326 -2.02 -44.19 25.05
C ILE A 326 -3.54 -44.28 25.03
N PRO A 327 -4.11 -45.47 24.90
CA PRO A 327 -5.56 -45.62 25.02
C PRO A 327 -5.99 -45.83 26.46
N PHE A 328 -7.09 -45.17 26.84
CA PHE A 328 -7.61 -45.30 28.19
C PHE A 328 -9.11 -45.04 28.19
N ARG A 329 -9.75 -45.39 29.30
CA ARG A 329 -11.17 -45.16 29.52
C ARG A 329 -11.34 -44.21 30.71
N ILE A 330 -12.54 -43.62 30.81
CA ILE A 330 -12.85 -42.65 31.83
C ILE A 330 -13.99 -43.19 32.68
N GLY A 331 -13.85 -43.08 34.00
CA GLY A 331 -14.88 -43.52 34.91
C GLY A 331 -14.62 -44.89 35.50
N ASN A 332 -14.57 -45.90 34.64
CA ASN A 332 -14.28 -47.26 35.05
C ASN A 332 -13.63 -48.00 33.88
N ALA A 333 -13.20 -49.24 34.15
CA ALA A 333 -12.44 -49.99 33.14
C ALA A 333 -13.25 -50.20 31.87
N LYS A 334 -14.55 -50.44 31.99
CA LYS A 334 -15.39 -50.68 30.82
C LYS A 334 -15.85 -49.39 30.15
N GLY A 335 -15.67 -48.23 30.79
CA GLY A 335 -15.93 -46.96 30.14
C GLY A 335 -17.25 -46.32 30.51
N ASP A 336 -17.18 -45.06 30.95
CA ASP A 336 -18.37 -44.26 31.24
C ASP A 336 -18.71 -43.46 29.98
N ASP A 337 -19.79 -43.87 29.30
CA ASP A 337 -20.15 -43.23 28.03
C ASP A 337 -20.45 -41.75 28.20
N ALA A 338 -21.08 -41.37 29.33
CA ALA A 338 -21.43 -39.98 29.54
C ALA A 338 -20.17 -39.12 29.72
N LEU A 339 -19.25 -39.55 30.59
CA LEU A 339 -18.04 -38.78 30.83
C LEU A 339 -17.15 -38.73 29.60
N GLU A 340 -17.03 -39.86 28.88
CA GLU A 340 -16.15 -39.89 27.71
C GLU A 340 -16.65 -38.97 26.60
N LYS A 341 -17.97 -38.74 26.52
CA LYS A 341 -18.46 -37.80 25.52
C LYS A 341 -18.12 -36.36 25.89
N ARG A 342 -18.27 -36.00 27.17
CA ARG A 342 -17.93 -34.65 27.59
C ARG A 342 -16.44 -34.39 27.47
N PHE A 343 -15.61 -35.35 27.85
CA PHE A 343 -14.17 -35.22 27.67
C PHE A 343 -13.84 -34.92 26.21
N LEU A 344 -14.38 -35.73 25.29
CA LEU A 344 -14.13 -35.50 23.87
C LEU A 344 -14.80 -34.21 23.40
N ASP A 345 -15.94 -33.86 23.98
CA ASP A 345 -16.61 -32.61 23.60
C ASP A 345 -15.79 -31.40 24.04
N LYS A 346 -15.41 -31.35 25.32
CA LYS A 346 -14.61 -30.23 25.81
C LYS A 346 -13.24 -30.19 25.16
N ALA A 347 -12.67 -31.36 24.85
CA ALA A 347 -11.39 -31.39 24.14
C ALA A 347 -11.52 -30.75 22.77
N LEU A 348 -12.67 -30.89 22.12
CA LEU A 348 -12.87 -30.29 20.81
C LEU A 348 -13.03 -28.78 20.90
N GLU A 349 -13.71 -28.30 21.94
CA GLU A 349 -13.79 -26.86 22.17
C GLU A 349 -12.41 -26.25 22.33
N LEU A 350 -11.48 -26.98 22.93
CA LEU A 350 -10.11 -26.51 23.14
C LEU A 350 -9.20 -26.85 21.97
N ASN A 351 -9.75 -27.26 20.83
CA ASN A 351 -8.99 -27.54 19.61
C ASN A 351 -7.98 -28.66 19.80
N MET A 352 -8.39 -29.74 20.45
CA MET A 352 -7.57 -30.93 20.61
C MET A 352 -8.23 -32.04 19.80
N LEU A 353 -7.65 -32.34 18.63
CA LEU A 353 -8.31 -33.15 17.62
C LEU A 353 -7.89 -34.61 17.72
N SER A 354 -8.78 -35.48 17.23
CA SER A 354 -8.50 -36.89 16.99
C SER A 354 -8.16 -37.66 18.27
N LEU A 355 -8.70 -37.20 19.40
CA LEU A 355 -8.47 -37.89 20.66
C LEU A 355 -9.41 -39.07 20.86
N LYS A 356 -10.46 -39.19 20.04
CA LYS A 356 -11.38 -40.31 20.18
C LYS A 356 -10.67 -41.62 19.85
N GLY A 357 -10.85 -42.62 20.70
CA GLY A 357 -10.24 -43.90 20.46
C GLY A 357 -10.74 -44.57 19.20
N HIS A 358 -10.06 -45.63 18.81
CA HIS A 358 -10.39 -46.34 17.59
C HIS A 358 -11.79 -46.93 17.67
N ARG A 359 -12.43 -47.08 16.50
CA ARG A 359 -13.81 -47.57 16.44
C ARG A 359 -13.97 -48.91 17.14
N SER A 360 -12.95 -49.76 17.09
CA SER A 360 -13.07 -51.12 17.61
C SER A 360 -12.92 -51.20 19.13
N VAL A 361 -12.40 -50.16 19.78
CA VAL A 361 -12.11 -50.23 21.20
C VAL A 361 -12.92 -49.17 21.94
N GLY A 362 -13.20 -48.06 21.26
CA GLY A 362 -13.88 -46.97 21.90
C GLY A 362 -12.94 -46.21 22.84
N GLY A 363 -13.55 -45.50 23.79
CA GLY A 363 -12.79 -44.77 24.77
C GLY A 363 -11.95 -43.67 24.15
N ILE A 364 -10.84 -43.35 24.83
CA ILE A 364 -9.95 -42.27 24.43
C ILE A 364 -8.62 -42.87 24.00
N ARG A 365 -7.97 -42.24 23.02
CA ARG A 365 -6.62 -42.60 22.61
C ARG A 365 -5.86 -41.33 22.27
N ALA A 366 -4.73 -41.11 22.94
CA ALA A 366 -3.86 -39.99 22.69
C ALA A 366 -2.60 -40.50 21.99
N SER A 367 -2.35 -39.99 20.80
CA SER A 367 -1.17 -40.38 20.02
C SER A 367 -0.09 -39.32 20.20
N LEU A 368 1.11 -39.76 20.58
CA LEU A 368 2.19 -38.85 20.92
C LEU A 368 3.40 -39.05 20.03
N TYR A 369 3.22 -38.91 18.72
CA TYR A 369 4.29 -39.16 17.77
C TYR A 369 5.36 -38.07 17.87
N ASN A 370 6.34 -38.13 16.96
CA ASN A 370 7.54 -37.29 17.08
C ASN A 370 7.19 -35.81 17.03
N ALA A 371 6.37 -35.41 16.06
CA ALA A 371 6.06 -33.99 15.90
C ALA A 371 5.18 -33.44 17.02
N VAL A 372 4.54 -34.30 17.81
CA VAL A 372 3.75 -33.82 18.94
C VAL A 372 4.69 -33.34 20.03
N THR A 373 4.63 -32.05 20.34
CA THR A 373 5.60 -31.43 21.24
C THR A 373 5.22 -31.65 22.70
N ILE A 374 6.18 -31.39 23.59
CA ILE A 374 5.91 -31.41 25.02
C ILE A 374 4.86 -30.36 25.38
N GLU A 375 4.91 -29.21 24.69
CA GLU A 375 3.90 -28.19 24.90
C GLU A 375 2.51 -28.71 24.54
N ASP A 376 2.41 -29.51 23.48
CA ASP A 376 1.14 -30.14 23.12
C ASP A 376 0.66 -31.08 24.23
N VAL A 377 1.57 -31.91 24.74
CA VAL A 377 1.19 -32.88 25.77
C VAL A 377 0.77 -32.18 27.05
N GLN A 378 1.38 -31.04 27.37
CA GLN A 378 1.02 -30.34 28.59
C GLN A 378 -0.41 -29.81 28.53
N LYS A 379 -0.87 -29.40 27.35
CA LYS A 379 -2.27 -29.03 27.20
C LYS A 379 -3.18 -30.22 27.47
N LEU A 380 -2.77 -31.41 27.03
CA LEU A 380 -3.53 -32.61 27.35
C LEU A 380 -3.43 -32.95 28.83
N ALA A 381 -2.24 -32.76 29.41
CA ALA A 381 -2.05 -33.03 30.83
C ALA A 381 -2.91 -32.12 31.68
N ALA A 382 -2.88 -30.81 31.41
CA ALA A 382 -3.67 -29.87 32.18
C ALA A 382 -5.16 -30.15 32.04
N PHE A 383 -5.62 -30.48 30.83
CA PHE A 383 -7.04 -30.76 30.62
C PHE A 383 -7.46 -32.04 31.33
N MET A 384 -6.65 -33.10 31.22
CA MET A 384 -6.97 -34.35 31.92
C MET A 384 -7.01 -34.13 33.43
N LYS A 385 -6.08 -33.32 33.96
CA LYS A 385 -6.09 -33.05 35.39
C LYS A 385 -7.33 -32.27 35.79
N LYS A 386 -7.73 -31.29 34.98
CA LYS A 386 -8.89 -30.47 35.34
C LYS A 386 -10.18 -31.26 35.21
N PHE A 387 -10.27 -32.15 34.20
CA PHE A 387 -11.46 -32.97 34.06
C PHE A 387 -11.60 -33.92 35.25
N LEU A 388 -10.48 -34.50 35.70
CA LEU A 388 -10.52 -35.34 36.89
C LEU A 388 -10.95 -34.55 38.12
N GLU A 389 -10.47 -33.31 38.24
CA GLU A 389 -10.82 -32.50 39.39
C GLU A 389 -12.28 -32.04 39.37
N MET A 390 -12.98 -32.23 38.25
CA MET A 390 -14.33 -31.72 38.10
C MET A 390 -15.39 -32.81 37.97
N HIS A 391 -14.98 -34.08 37.84
CA HIS A 391 -15.95 -35.17 37.73
C HIS A 391 -15.59 -36.39 38.57
N GLN A 392 -14.50 -36.35 39.33
CA GLN A 392 -14.14 -37.48 40.18
C GLN A 392 -15.07 -37.54 41.39
N LEU A 393 -15.56 -38.73 41.69
CA LEU A 393 -16.50 -38.92 42.79
C LEU A 393 -15.78 -39.36 44.05
N ARG B 28 20.59 -16.94 8.84
CA ARG B 28 20.93 -17.69 10.05
C ARG B 28 20.27 -17.06 11.28
N GLN B 29 19.86 -17.90 12.22
CA GLN B 29 19.34 -17.46 13.51
C GLN B 29 20.40 -17.63 14.58
N VAL B 30 20.35 -16.76 15.58
CA VAL B 30 21.32 -16.75 16.67
C VAL B 30 20.99 -17.86 17.66
N VAL B 31 22.01 -18.61 18.04
CA VAL B 31 21.91 -19.56 19.14
C VAL B 31 22.63 -18.95 20.34
N ASN B 32 21.88 -18.65 21.39
CA ASN B 32 22.38 -17.88 22.53
C ASN B 32 22.71 -18.83 23.69
N PHE B 33 23.99 -19.18 23.82
CA PHE B 33 24.48 -19.96 24.96
C PHE B 33 25.00 -19.06 26.08
N GLY B 34 24.30 -17.95 26.36
CA GLY B 34 24.74 -17.01 27.37
C GLY B 34 24.68 -17.58 28.77
N PRO B 35 25.63 -17.16 29.63
CA PRO B 35 25.71 -17.71 30.98
C PRO B 35 24.85 -16.99 32.02
N GLY B 36 24.38 -15.79 31.72
CA GLY B 36 23.64 -15.00 32.68
C GLY B 36 24.06 -13.54 32.66
N PRO B 37 23.24 -12.66 32.06
CA PRO B 37 21.93 -12.87 31.43
C PRO B 37 21.93 -13.88 30.29
N ALA B 38 20.79 -14.54 30.08
CA ALA B 38 20.73 -15.65 29.15
C ALA B 38 19.56 -15.52 28.18
N LYS B 39 19.30 -16.59 27.43
CA LYS B 39 18.25 -16.60 26.42
C LYS B 39 16.89 -16.74 27.06
N LEU B 40 15.91 -16.02 26.51
CA LEU B 40 14.52 -16.11 26.90
C LEU B 40 13.70 -16.79 25.80
N PRO B 41 12.59 -17.44 26.15
CA PRO B 41 11.77 -18.08 25.11
C PRO B 41 11.30 -17.06 24.09
N HIS B 42 11.33 -17.47 22.81
CA HIS B 42 10.95 -16.55 21.74
C HIS B 42 9.51 -16.08 21.91
N SER B 43 8.61 -16.99 22.27
CA SER B 43 7.21 -16.61 22.47
C SER B 43 7.06 -15.59 23.59
N VAL B 44 7.94 -15.64 24.59
CA VAL B 44 7.92 -14.65 25.66
C VAL B 44 8.30 -13.27 25.11
N LEU B 45 9.39 -13.22 24.35
CA LEU B 45 9.82 -11.95 23.76
C LEU B 45 8.79 -11.43 22.77
N LEU B 46 8.02 -12.32 22.13
CA LEU B 46 6.96 -11.89 21.24
C LEU B 46 5.84 -11.21 22.02
N GLU B 47 5.48 -11.76 23.19
CA GLU B 47 4.42 -11.14 23.98
C GLU B 47 4.87 -9.82 24.58
N ILE B 48 6.11 -9.75 25.08
CA ILE B 48 6.63 -8.48 25.61
C ILE B 48 6.60 -7.40 24.54
N GLN B 49 7.00 -7.76 23.31
CA GLN B 49 7.00 -6.80 22.22
C GLN B 49 5.58 -6.42 21.82
N LYS B 50 4.67 -7.39 21.85
CA LYS B 50 3.29 -7.15 21.43
C LYS B 50 2.63 -6.07 22.26
N GLU B 51 2.72 -6.18 23.58
CA GLU B 51 1.99 -5.31 24.49
C GLU B 51 2.89 -4.25 25.14
N LEU B 52 4.04 -3.95 24.53
CA LEU B 52 4.98 -3.04 25.17
C LEU B 52 4.47 -1.61 25.27
N LEU B 53 3.51 -1.22 24.43
CA LEU B 53 2.98 0.13 24.48
C LEU B 53 1.59 0.21 25.09
N ASP B 54 0.86 -0.91 25.15
CA ASP B 54 -0.51 -0.93 25.66
C ASP B 54 -0.70 -2.30 26.33
N TYR B 55 -0.23 -2.39 27.57
CA TYR B 55 -0.33 -3.65 28.30
C TYR B 55 -1.80 -4.03 28.42
N LYS B 56 -2.18 -5.14 27.78
CA LYS B 56 -3.48 -5.78 27.94
C LYS B 56 -4.63 -4.77 27.94
N GLY B 57 -4.54 -3.75 27.09
CA GLY B 57 -5.59 -2.77 26.97
C GLY B 57 -5.61 -1.68 28.02
N VAL B 58 -4.73 -1.74 29.02
CA VAL B 58 -4.72 -0.72 30.07
C VAL B 58 -4.41 0.66 29.49
N GLY B 59 -3.65 0.72 28.39
CA GLY B 59 -3.33 1.98 27.76
C GLY B 59 -1.92 2.47 28.00
N ILE B 60 -1.15 1.79 28.87
CA ILE B 60 0.20 2.18 29.20
C ILE B 60 1.11 0.96 29.15
N SER B 61 2.41 1.22 29.19
CA SER B 61 3.42 0.18 29.25
C SER B 61 3.62 -0.28 30.70
N VAL B 62 4.12 -1.51 30.84
CA VAL B 62 4.61 -1.95 32.15
C VAL B 62 5.73 -1.03 32.62
N LEU B 63 6.51 -0.49 31.67
CA LEU B 63 7.55 0.47 32.02
C LEU B 63 6.99 1.72 32.67
N GLU B 64 5.74 2.08 32.36
CA GLU B 64 5.09 3.24 32.93
C GLU B 64 4.16 2.89 34.08
N MET B 65 3.98 1.61 34.38
CA MET B 65 2.95 1.17 35.31
C MET B 65 3.38 1.43 36.75
N SER B 66 2.47 2.02 37.54
CA SER B 66 2.74 2.25 38.95
C SER B 66 2.71 0.92 39.71
N HIS B 67 3.66 0.76 40.64
CA HIS B 67 3.76 -0.48 41.40
C HIS B 67 2.66 -0.64 42.43
N ARG B 68 1.90 0.41 42.73
CA ARG B 68 0.80 0.34 43.67
C ARG B 68 -0.56 0.25 42.98
N SER B 69 -0.57 0.14 41.65
CA SER B 69 -1.81 0.00 40.91
C SER B 69 -2.33 -1.43 41.01
N SER B 70 -3.66 -1.58 40.85
CA SER B 70 -4.25 -2.90 40.82
C SER B 70 -3.70 -3.73 39.66
N ASP B 71 -3.38 -3.08 38.54
CA ASP B 71 -2.84 -3.78 37.39
C ASP B 71 -1.53 -4.48 37.73
N PHE B 72 -0.58 -3.76 38.33
CA PHE B 72 0.69 -4.37 38.67
C PHE B 72 0.54 -5.34 39.84
N ALA B 73 -0.45 -5.10 40.71
CA ALA B 73 -0.70 -6.04 41.81
C ALA B 73 -0.94 -7.43 41.28
N LYS B 74 -1.76 -7.55 40.22
CA LYS B 74 -2.02 -8.87 39.64
C LYS B 74 -0.75 -9.47 39.06
N ILE B 75 0.11 -8.65 38.46
CA ILE B 75 1.35 -9.15 37.86
C ILE B 75 2.25 -9.76 38.94
N ILE B 76 2.50 -9.01 40.02
CA ILE B 76 3.42 -9.49 41.04
C ILE B 76 2.80 -10.59 41.87
N ASN B 77 1.46 -10.58 42.03
CA ASN B 77 0.81 -11.67 42.75
C ASN B 77 0.76 -12.93 41.91
N ASN B 78 0.55 -12.79 40.59
CA ASN B 78 0.57 -13.95 39.71
C ASN B 78 1.97 -14.54 39.64
N THR B 79 3.00 -13.69 39.63
CA THR B 79 4.38 -14.20 39.62
C THR B 79 4.69 -14.95 40.91
N GLU B 80 4.27 -14.43 42.06
CA GLU B 80 4.46 -15.14 43.31
C GLU B 80 3.70 -16.47 43.30
N ASN B 81 2.48 -16.46 42.77
CA ASN B 81 1.69 -17.69 42.70
C ASN B 81 2.37 -18.73 41.83
N LEU B 82 2.98 -18.30 40.72
CA LEU B 82 3.69 -19.24 39.86
C LEU B 82 4.91 -19.84 40.55
N VAL B 83 5.66 -19.01 41.29
CA VAL B 83 6.79 -19.54 42.05
C VAL B 83 6.32 -20.59 43.05
N ARG B 84 5.20 -20.32 43.73
CA ARG B 84 4.70 -21.26 44.72
C ARG B 84 4.19 -22.54 44.08
N GLU B 85 3.57 -22.42 42.90
CA GLU B 85 3.05 -23.62 42.23
C GLU B 85 4.18 -24.45 41.61
N LEU B 86 5.09 -23.79 40.89
CA LEU B 86 6.11 -24.52 40.16
C LEU B 86 7.08 -25.24 41.10
N LEU B 87 7.43 -24.61 42.23
CA LEU B 87 8.34 -25.22 43.19
C LEU B 87 7.65 -25.93 44.33
N ALA B 88 6.32 -25.86 44.41
CA ALA B 88 5.55 -26.40 45.53
C ALA B 88 6.05 -25.83 46.85
N VAL B 89 6.10 -24.51 46.92
CA VAL B 89 6.54 -23.80 48.11
C VAL B 89 5.50 -23.95 49.20
N PRO B 90 5.84 -24.49 50.37
CA PRO B 90 4.87 -24.61 51.46
C PRO B 90 4.37 -23.24 51.90
N ASP B 91 3.23 -23.25 52.60
CA ASP B 91 2.60 -22.00 53.00
C ASP B 91 3.40 -21.25 54.07
N ASN B 92 4.28 -21.94 54.80
CA ASN B 92 5.09 -21.30 55.82
C ASN B 92 6.37 -20.70 55.26
N TYR B 93 6.41 -20.41 53.96
CA TYR B 93 7.55 -19.76 53.32
C TYR B 93 7.09 -18.48 52.63
N LYS B 94 7.79 -17.39 52.91
CA LYS B 94 7.54 -16.14 52.22
C LYS B 94 8.29 -16.12 50.89
N VAL B 95 7.66 -15.54 49.87
CA VAL B 95 8.26 -15.41 48.55
C VAL B 95 8.33 -13.92 48.22
N ILE B 96 9.54 -13.39 48.13
CA ILE B 96 9.76 -11.97 47.94
C ILE B 96 10.69 -11.74 46.76
N PHE B 97 10.57 -10.57 46.13
CA PHE B 97 11.38 -10.19 44.99
C PHE B 97 12.19 -8.96 45.37
N LEU B 98 13.51 -9.11 45.43
CA LEU B 98 14.41 -8.06 45.83
C LEU B 98 15.28 -7.62 44.66
N GLN B 99 15.90 -6.44 44.82
CA GLN B 99 16.93 -5.99 43.92
C GLN B 99 18.30 -6.39 44.47
N GLY B 100 19.35 -6.05 43.73
CA GLY B 100 20.71 -6.31 44.16
C GLY B 100 21.35 -7.54 43.57
N GLY B 101 20.59 -8.36 42.84
CA GLY B 101 21.17 -9.54 42.23
C GLY B 101 21.56 -10.59 43.26
N GLY B 102 22.27 -11.60 42.76
CA GLY B 102 22.75 -12.66 43.62
C GLY B 102 23.82 -12.16 44.59
N CYS B 103 24.76 -11.35 44.09
CA CYS B 103 25.79 -10.80 44.97
C CYS B 103 25.19 -9.92 46.06
N GLY B 104 24.04 -9.31 45.79
CA GLY B 104 23.34 -8.61 46.85
C GLY B 104 22.90 -9.55 47.96
N GLN B 105 22.45 -10.75 47.59
CA GLN B 105 22.09 -11.74 48.59
C GLN B 105 23.31 -12.28 49.33
N PHE B 106 24.51 -12.20 48.73
CA PHE B 106 25.71 -12.58 49.46
C PHE B 106 25.87 -11.75 50.73
N SER B 107 25.31 -10.55 50.74
CA SER B 107 25.25 -9.72 51.95
C SER B 107 23.92 -9.83 52.68
N ALA B 108 22.83 -10.06 51.94
CA ALA B 108 21.52 -10.10 52.57
C ALA B 108 21.36 -11.31 53.48
N VAL B 109 21.95 -12.45 53.10
CA VAL B 109 21.83 -13.64 53.94
C VAL B 109 22.51 -13.47 55.29
N PRO B 110 23.76 -12.99 55.38
CA PRO B 110 24.31 -12.71 56.72
C PRO B 110 23.56 -11.60 57.43
N LEU B 111 23.21 -10.52 56.74
CA LEU B 111 22.53 -9.40 57.37
C LEU B 111 21.22 -9.83 58.00
N ASN B 112 20.51 -10.76 57.35
CA ASN B 112 19.21 -11.21 57.85
C ASN B 112 19.30 -12.39 58.80
N LEU B 113 20.36 -13.18 58.75
CA LEU B 113 20.38 -14.48 59.43
C LEU B 113 21.59 -14.72 60.32
N ILE B 114 22.71 -14.02 60.16
CA ILE B 114 23.89 -14.37 60.94
C ILE B 114 23.72 -14.06 62.41
N GLY B 115 22.79 -13.17 62.75
CA GLY B 115 22.42 -12.91 64.13
C GLY B 115 21.43 -13.88 64.72
N LEU B 116 21.12 -14.97 64.01
CA LEU B 116 20.14 -15.93 64.50
C LEU B 116 20.63 -16.60 65.78
N LYS B 117 21.93 -16.86 65.88
CA LYS B 117 22.54 -17.34 67.10
C LYS B 117 23.64 -16.36 67.52
N ALA B 118 23.84 -16.25 68.83
CA ALA B 118 24.62 -15.14 69.39
C ALA B 118 26.07 -15.14 68.89
N GLY B 119 26.60 -16.31 68.51
CA GLY B 119 27.98 -16.38 68.07
C GLY B 119 28.27 -15.62 66.79
N ARG B 120 27.23 -15.29 66.02
CA ARG B 120 27.39 -14.67 64.70
C ARG B 120 28.35 -15.49 63.83
N CYS B 121 28.20 -16.80 63.89
CA CYS B 121 29.00 -17.72 63.09
C CYS B 121 28.14 -18.28 61.96
N ALA B 122 28.79 -18.65 60.87
CA ALA B 122 28.09 -19.24 59.73
C ALA B 122 29.00 -20.27 59.08
N ASP B 123 28.42 -21.42 58.73
CA ASP B 123 29.13 -22.47 58.03
C ASP B 123 28.91 -22.32 56.53
N TYR B 124 29.98 -22.47 55.76
CA TYR B 124 29.93 -22.29 54.31
C TYR B 124 30.56 -23.48 53.61
N VAL B 125 29.92 -23.92 52.52
CA VAL B 125 30.44 -24.96 51.66
C VAL B 125 30.92 -24.30 50.38
N VAL B 126 32.23 -24.39 50.12
CA VAL B 126 32.84 -23.72 48.98
C VAL B 126 33.16 -24.78 47.94
N THR B 127 32.35 -24.84 46.88
CA THR B 127 32.55 -25.78 45.79
C THR B 127 32.90 -25.09 44.47
N GLY B 128 32.98 -23.78 44.46
CA GLY B 128 33.37 -23.07 43.25
C GLY B 128 33.52 -21.59 43.49
N ALA B 129 33.53 -20.85 42.39
CA ALA B 129 33.82 -19.41 42.46
C ALA B 129 32.73 -18.63 43.19
N TRP B 130 31.47 -19.00 42.97
CA TRP B 130 30.37 -18.20 43.53
C TRP B 130 30.14 -18.49 45.01
N SER B 131 30.29 -19.74 45.44
CA SER B 131 30.22 -20.03 46.86
C SER B 131 31.43 -19.48 47.60
N ALA B 132 32.59 -19.42 46.93
CA ALA B 132 33.75 -18.79 47.54
C ALA B 132 33.56 -17.27 47.65
N LYS B 133 32.99 -16.67 46.61
CA LYS B 133 32.72 -15.24 46.64
C LYS B 133 31.73 -14.87 47.74
N ALA B 134 30.75 -15.76 47.99
CA ALA B 134 29.78 -15.49 49.04
C ALA B 134 30.39 -15.68 50.43
N ALA B 135 31.20 -16.71 50.62
CA ALA B 135 31.85 -16.92 51.91
C ALA B 135 32.75 -15.75 52.27
N GLU B 136 33.39 -15.14 51.26
CA GLU B 136 34.23 -13.98 51.53
C GLU B 136 33.39 -12.77 51.91
N GLU B 137 32.27 -12.56 51.22
CA GLU B 137 31.41 -11.42 51.52
C GLU B 137 30.84 -11.50 52.93
N ALA B 138 30.51 -12.70 53.39
CA ALA B 138 29.91 -12.87 54.70
C ALA B 138 30.87 -12.54 55.83
N LYS B 139 32.17 -12.48 55.56
CA LYS B 139 33.14 -12.13 56.58
C LYS B 139 33.04 -10.67 57.02
N LYS B 140 32.27 -9.85 56.29
CA LYS B 140 32.00 -8.49 56.73
C LYS B 140 31.01 -8.45 57.90
N PHE B 141 30.27 -9.53 58.12
CA PHE B 141 29.19 -9.53 59.10
C PHE B 141 29.35 -10.54 60.22
N GLY B 142 30.33 -11.44 60.13
CA GLY B 142 30.52 -12.42 61.19
C GLY B 142 31.73 -13.28 60.90
N THR B 143 31.93 -14.27 61.79
CA THR B 143 33.03 -15.21 61.66
C THR B 143 32.58 -16.38 60.78
N ILE B 144 33.23 -16.53 59.63
CA ILE B 144 32.83 -17.50 58.61
C ILE B 144 33.81 -18.66 58.64
N ASN B 145 33.29 -19.89 58.69
CA ASN B 145 34.11 -21.09 58.72
C ASN B 145 33.73 -21.98 57.54
N ILE B 146 34.72 -22.31 56.72
CA ILE B 146 34.52 -23.24 55.61
C ILE B 146 34.62 -24.67 56.16
N VAL B 147 33.54 -25.43 56.03
CA VAL B 147 33.37 -26.66 56.79
C VAL B 147 34.22 -27.82 56.30
N HIS B 148 34.85 -27.71 55.16
CA HIS B 148 35.61 -28.81 54.58
C HIS B 148 37.02 -28.34 54.24
N PRO B 149 37.98 -29.26 54.14
CA PRO B 149 39.32 -28.86 53.71
C PRO B 149 39.28 -28.30 52.29
N LYS B 150 40.18 -27.36 52.02
CA LYS B 150 40.15 -26.64 50.76
C LYS B 150 40.38 -27.58 49.59
N LEU B 151 39.66 -27.34 48.50
CA LEU B 151 39.75 -28.17 47.30
C LEU B 151 40.89 -27.68 46.43
N GLY B 152 41.73 -28.61 45.98
CA GLY B 152 42.80 -28.25 45.06
C GLY B 152 42.27 -27.76 43.73
N SER B 153 41.12 -28.28 43.31
CA SER B 153 40.47 -27.83 42.08
C SER B 153 38.96 -27.98 42.26
N TYR B 154 38.21 -27.07 41.65
CA TYR B 154 36.76 -27.07 41.73
C TYR B 154 36.20 -28.11 40.76
N THR B 155 36.44 -29.38 41.09
CA THR B 155 36.01 -30.48 40.25
C THR B 155 35.15 -31.51 40.98
N LYS B 156 34.81 -31.27 42.24
CA LYS B 156 33.98 -32.22 43.00
C LYS B 156 33.40 -31.52 44.21
N ILE B 157 32.38 -32.15 44.78
CA ILE B 157 31.76 -31.69 46.03
C ILE B 157 32.38 -32.50 47.16
N PRO B 158 32.98 -31.86 48.16
CA PRO B 158 33.53 -32.62 49.30
C PRO B 158 32.43 -33.46 49.95
N ASP B 159 32.76 -34.72 50.21
CA ASP B 159 31.85 -35.66 50.85
C ASP B 159 31.28 -35.03 52.13
N PRO B 160 29.96 -34.92 52.27
CA PRO B 160 29.38 -34.30 53.47
C PRO B 160 29.83 -34.95 54.76
N SER B 161 30.25 -36.21 54.70
CA SER B 161 30.76 -36.90 55.87
C SER B 161 32.07 -36.30 56.36
N THR B 162 32.77 -35.54 55.52
CA THR B 162 34.01 -34.88 55.91
C THR B 162 33.79 -33.44 56.37
N TRP B 163 32.55 -32.98 56.42
CA TRP B 163 32.25 -31.61 56.81
C TRP B 163 32.35 -31.46 58.33
N ASN B 164 32.98 -30.37 58.77
CA ASN B 164 33.07 -30.02 60.18
C ASN B 164 32.03 -28.93 60.44
N LEU B 165 30.83 -29.34 60.84
CA LEU B 165 29.72 -28.42 61.07
C LEU B 165 29.74 -27.89 62.49
N ASN B 166 29.49 -26.58 62.63
CA ASN B 166 29.40 -25.95 63.93
C ASN B 166 27.97 -26.04 64.44
N PRO B 167 27.72 -26.69 65.59
CA PRO B 167 26.35 -26.76 66.11
C PRO B 167 25.78 -25.40 66.50
N ASP B 168 26.62 -24.42 66.77
CA ASP B 168 26.17 -23.09 67.17
C ASP B 168 26.20 -22.10 66.00
N ALA B 169 26.42 -22.57 64.78
CA ALA B 169 26.38 -21.70 63.63
C ALA B 169 24.94 -21.27 63.35
N SER B 170 24.78 -20.01 62.94
CA SER B 170 23.45 -19.49 62.66
C SER B 170 22.82 -20.17 61.45
N TYR B 171 23.63 -20.53 60.46
CA TYR B 171 23.13 -21.21 59.27
C TYR B 171 24.30 -21.87 58.56
N VAL B 172 23.96 -22.70 57.56
CA VAL B 172 24.93 -23.33 56.68
C VAL B 172 24.59 -22.92 55.26
N TYR B 173 25.60 -22.45 54.52
CA TYR B 173 25.42 -21.92 53.18
C TYR B 173 26.13 -22.82 52.17
N TYR B 174 25.48 -23.04 51.03
CA TYR B 174 26.13 -23.73 49.93
C TYR B 174 25.50 -23.27 48.61
N CYS B 175 26.24 -23.47 47.53
CA CYS B 175 25.81 -23.10 46.19
C CYS B 175 25.37 -24.36 45.45
N ALA B 176 24.13 -24.36 44.96
CA ALA B 176 23.59 -25.56 44.32
C ALA B 176 24.27 -25.83 42.99
N ASN B 177 24.59 -24.77 42.23
CA ASN B 177 25.15 -24.93 40.89
C ASN B 177 26.20 -23.85 40.67
N GLU B 178 27.45 -24.26 40.44
CA GLU B 178 28.54 -23.33 40.23
C GLU B 178 28.67 -23.05 38.74
N THR B 179 28.28 -21.84 38.35
CA THR B 179 28.15 -21.50 36.93
C THR B 179 29.49 -21.52 36.21
N VAL B 180 30.58 -21.20 36.90
CA VAL B 180 31.86 -21.06 36.23
C VAL B 180 32.55 -22.41 36.08
N HIS B 181 32.38 -23.31 37.05
CA HIS B 181 33.12 -24.57 37.07
C HIS B 181 32.27 -25.80 36.75
N GLY B 182 30.96 -25.66 36.64
CA GLY B 182 30.12 -26.78 36.25
C GLY B 182 29.96 -27.86 37.30
N VAL B 183 29.99 -27.49 38.57
CA VAL B 183 29.79 -28.43 39.68
C VAL B 183 28.42 -28.17 40.28
N GLU B 184 27.59 -29.21 40.34
CA GLU B 184 26.21 -29.09 40.78
C GLU B 184 25.89 -30.14 41.83
N PHE B 185 25.24 -29.73 42.90
CA PHE B 185 24.67 -30.68 43.86
C PHE B 185 23.49 -31.41 43.23
N ASP B 186 23.53 -32.74 43.24
CA ASP B 186 22.35 -33.54 42.91
C ASP B 186 21.74 -34.14 44.16
N PHE B 187 21.95 -33.48 45.30
CA PHE B 187 21.38 -33.90 46.59
C PHE B 187 21.25 -32.65 47.46
N ILE B 188 20.51 -32.80 48.55
CA ILE B 188 20.40 -31.75 49.56
C ILE B 188 21.25 -32.18 50.76
N PRO B 189 22.25 -31.42 51.15
CA PRO B 189 23.15 -31.87 52.22
C PRO B 189 22.45 -31.93 53.57
N ASP B 190 22.82 -32.93 54.36
CA ASP B 190 22.36 -33.05 55.74
C ASP B 190 23.25 -32.15 56.60
N VAL B 191 22.66 -31.09 57.16
CA VAL B 191 23.42 -30.14 57.97
C VAL B 191 23.11 -30.36 59.44
N LYS B 192 22.78 -31.60 59.81
CA LYS B 192 22.53 -32.00 61.19
C LYS B 192 21.49 -31.08 61.86
N GLY B 193 20.51 -30.63 61.09
CA GLY B 193 19.43 -29.83 61.63
C GLY B 193 19.61 -28.33 61.55
N ALA B 194 20.69 -27.85 60.92
CA ALA B 194 20.96 -26.43 60.88
C ALA B 194 20.07 -25.73 59.83
N VAL B 195 19.99 -24.41 59.94
CA VAL B 195 19.27 -23.61 58.97
C VAL B 195 20.05 -23.62 57.65
N LEU B 196 19.42 -24.12 56.59
CA LEU B 196 20.10 -24.34 55.32
C LEU B 196 19.82 -23.19 54.37
N VAL B 197 20.88 -22.60 53.82
CA VAL B 197 20.80 -21.53 52.84
C VAL B 197 21.43 -22.02 51.55
N CYS B 198 20.75 -21.77 50.42
CA CYS B 198 21.23 -22.30 49.15
C CYS B 198 21.14 -21.24 48.06
N ASP B 199 22.21 -21.13 47.28
CA ASP B 199 22.27 -20.26 46.11
C ASP B 199 21.92 -21.09 44.88
N MET B 200 20.73 -20.86 44.33
CA MET B 200 20.25 -21.63 43.19
C MET B 200 20.14 -20.79 41.91
N SER B 201 20.91 -19.70 41.83
CA SER B 201 20.73 -18.75 40.74
C SER B 201 20.85 -19.41 39.37
N SER B 202 21.77 -20.35 39.21
CA SER B 202 22.07 -20.92 37.90
C SER B 202 21.34 -22.24 37.62
N ASN B 203 20.56 -22.75 38.57
CA ASN B 203 19.74 -23.94 38.30
C ASN B 203 18.34 -23.78 38.88
N PHE B 204 17.93 -22.56 39.20
CA PHE B 204 16.60 -22.30 39.73
C PHE B 204 15.53 -22.77 38.75
N LEU B 205 14.64 -23.64 39.23
CA LEU B 205 13.54 -24.17 38.43
C LEU B 205 14.02 -24.93 37.20
N SER B 206 15.17 -25.59 37.31
CA SER B 206 15.57 -26.62 36.37
C SER B 206 15.26 -28.02 36.88
N LYS B 207 14.63 -28.12 38.05
CA LYS B 207 14.33 -29.38 38.71
C LYS B 207 13.41 -29.09 39.89
N PRO B 208 12.62 -30.06 40.33
CA PRO B 208 11.85 -29.88 41.57
C PRO B 208 12.79 -29.71 42.76
N VAL B 209 12.26 -29.06 43.80
CA VAL B 209 13.03 -28.79 45.02
C VAL B 209 12.11 -29.01 46.22
N ASP B 210 12.59 -29.78 47.20
CA ASP B 210 11.90 -29.91 48.49
C ASP B 210 12.25 -28.67 49.30
N VAL B 211 11.39 -27.64 49.19
CA VAL B 211 11.66 -26.35 49.83
C VAL B 211 11.70 -26.50 51.35
N SER B 212 10.97 -27.47 51.89
CA SER B 212 10.91 -27.65 53.35
C SER B 212 12.28 -27.88 53.95
N LYS B 213 13.21 -28.48 53.19
CA LYS B 213 14.55 -28.77 53.68
C LYS B 213 15.43 -27.52 53.77
N PHE B 214 14.94 -26.36 53.32
CA PHE B 214 15.75 -25.16 53.25
C PHE B 214 15.19 -24.07 54.17
N GLY B 215 16.10 -23.24 54.67
CA GLY B 215 15.71 -22.06 55.41
C GLY B 215 15.54 -20.87 54.49
N VAL B 216 16.47 -20.70 53.56
CA VAL B 216 16.42 -19.62 52.58
C VAL B 216 16.93 -20.15 51.24
N ILE B 217 16.15 -19.92 50.19
CA ILE B 217 16.57 -20.15 48.81
C ILE B 217 16.52 -18.81 48.09
N PHE B 218 17.57 -18.49 47.35
CA PHE B 218 17.57 -17.27 46.53
C PHE B 218 18.19 -17.56 45.17
N ALA B 219 17.78 -16.77 44.19
CA ALA B 219 18.23 -16.94 42.81
C ALA B 219 18.02 -15.67 42.01
N GLY B 220 19.09 -15.14 41.41
CA GLY B 220 18.92 -14.10 40.41
C GLY B 220 18.12 -14.62 39.22
N ALA B 221 17.29 -13.73 38.66
CA ALA B 221 16.37 -14.16 37.61
C ALA B 221 17.09 -14.38 36.28
N GLN B 222 18.09 -13.58 35.97
CA GLN B 222 18.70 -13.55 34.62
C GLN B 222 19.29 -14.88 34.15
N ASN B 224 17.74 -18.36 34.59
CA ASN B 224 16.79 -19.41 34.17
C ASN B 224 15.33 -18.97 34.17
N VAL B 225 14.99 -17.86 34.82
CA VAL B 225 13.57 -17.56 34.95
C VAL B 225 13.25 -16.13 34.58
N GLY B 226 14.09 -15.49 33.78
CA GLY B 226 13.73 -14.15 33.33
C GLY B 226 14.96 -13.33 32.96
N SER B 227 14.83 -12.02 33.15
CA SER B 227 15.85 -11.05 32.80
C SER B 227 16.43 -10.41 34.06
N ALA B 228 17.58 -9.77 33.89
CA ALA B 228 18.31 -9.20 35.01
C ALA B 228 17.55 -8.04 35.64
N GLY B 229 17.67 -7.92 36.96
CA GLY B 229 17.06 -6.82 37.66
C GLY B 229 16.33 -7.22 38.93
N VAL B 230 15.89 -8.47 39.01
CA VAL B 230 15.12 -8.95 40.16
C VAL B 230 15.72 -10.26 40.65
N THR B 231 15.66 -10.45 41.97
CA THR B 231 16.12 -11.67 42.61
C THR B 231 14.98 -12.25 43.44
N VAL B 232 14.68 -13.52 43.25
CA VAL B 232 13.66 -14.19 44.03
C VAL B 232 14.30 -14.76 45.28
N VAL B 233 13.64 -14.58 46.42
CA VAL B 233 14.12 -15.08 47.71
C VAL B 233 12.96 -15.81 48.38
N ILE B 234 13.17 -17.07 48.72
CA ILE B 234 12.18 -17.89 49.43
C ILE B 234 12.67 -18.07 50.85
N VAL B 235 11.90 -17.57 51.81
CA VAL B 235 12.32 -17.49 53.21
C VAL B 235 11.30 -18.21 54.08
N ARG B 236 11.78 -19.10 54.93
CA ARG B 236 10.93 -19.69 55.96
C ARG B 236 10.46 -18.60 56.91
N ASP B 237 9.14 -18.57 57.17
CA ASP B 237 8.55 -17.42 57.84
C ASP B 237 8.97 -17.28 59.30
N ASP B 238 9.63 -18.28 59.88
CA ASP B 238 10.15 -18.17 61.23
C ASP B 238 11.57 -17.60 61.27
N LEU B 239 12.17 -17.31 60.12
CA LEU B 239 13.52 -16.79 60.04
C LEU B 239 13.55 -15.28 59.85
N LEU B 240 12.41 -14.62 59.90
CA LEU B 240 12.38 -13.16 59.90
C LEU B 240 12.66 -12.64 61.30
N GLY B 241 13.09 -11.38 61.36
CA GLY B 241 13.29 -10.74 62.65
C GLY B 241 14.58 -11.05 63.36
N PHE B 242 15.58 -11.58 62.65
CA PHE B 242 16.93 -11.70 63.18
C PHE B 242 17.92 -10.82 62.42
N ALA B 243 17.41 -9.87 61.64
CA ALA B 243 18.27 -9.01 60.84
C ALA B 243 19.10 -8.09 61.71
N LEU B 244 20.31 -7.80 61.24
CA LEU B 244 21.17 -6.87 61.95
C LEU B 244 20.66 -5.44 61.79
N ARG B 245 21.14 -4.55 62.65
CA ARG B 245 20.78 -3.15 62.58
C ARG B 245 21.25 -2.52 61.26
N GLU B 246 22.33 -3.02 60.69
CA GLU B 246 22.91 -2.43 59.49
C GLU B 246 22.32 -2.99 58.20
N CYS B 247 21.37 -3.90 58.28
CA CYS B 247 20.74 -4.44 57.08
C CYS B 247 19.87 -3.37 56.44
N PRO B 248 20.13 -2.98 55.18
CA PRO B 248 19.26 -2.00 54.52
C PRO B 248 17.83 -2.51 54.46
N SER B 249 16.89 -1.58 54.63
CA SER B 249 15.47 -1.94 54.69
C SER B 249 15.02 -2.64 53.41
N VAL B 250 15.51 -2.19 52.25
CA VAL B 250 15.12 -2.82 51.00
C VAL B 250 15.63 -4.24 50.88
N LEU B 251 16.59 -4.65 51.72
CA LEU B 251 17.13 -6.00 51.73
C LEU B 251 16.77 -6.79 52.97
N GLU B 252 16.01 -6.22 53.90
CA GLU B 252 15.60 -6.95 55.09
C GLU B 252 14.38 -7.80 54.78
N TYR B 253 14.50 -9.12 55.01
CA TYR B 253 13.42 -10.04 54.64
C TYR B 253 12.14 -9.70 55.39
N LYS B 254 12.24 -9.35 56.68
CA LYS B 254 11.06 -9.03 57.47
C LYS B 254 10.32 -7.83 56.90
N VAL B 255 11.07 -6.78 56.54
CA VAL B 255 10.44 -5.56 56.02
C VAL B 255 9.79 -5.84 54.67
N GLN B 256 10.50 -6.51 53.78
CA GLN B 256 9.99 -6.67 52.42
C GLN B 256 8.88 -7.69 52.36
N ALA B 257 8.98 -8.79 53.13
CA ALA B 257 7.89 -9.74 53.19
C ALA B 257 6.65 -9.12 53.80
N GLY B 258 6.83 -8.22 54.78
CA GLY B 258 5.71 -7.51 55.36
C GLY B 258 5.01 -6.58 54.39
N ASN B 259 5.71 -6.10 53.37
CA ASN B 259 5.13 -5.22 52.36
C ASN B 259 4.87 -5.92 51.04
N SER B 260 4.93 -7.26 51.01
CA SER B 260 4.70 -8.05 49.81
C SER B 260 5.60 -7.56 48.67
N SER B 261 6.88 -7.39 48.98
CA SER B 261 7.92 -6.95 48.06
C SER B 261 7.71 -5.53 47.55
N LEU B 262 6.88 -4.75 48.23
CA LEU B 262 6.57 -3.39 47.81
C LEU B 262 6.94 -2.36 48.88
N TYR B 263 8.03 -2.59 49.60
CA TYR B 263 8.51 -1.57 50.54
C TYR B 263 8.86 -0.29 49.79
N ASN B 264 9.59 -0.42 48.69
CA ASN B 264 9.82 0.66 47.74
C ASN B 264 9.46 0.18 46.35
N THR B 265 9.72 0.98 45.33
CA THR B 265 9.38 0.59 43.97
C THR B 265 10.20 -0.63 43.56
N PRO B 266 9.57 -1.77 43.27
CA PRO B 266 10.31 -2.95 42.87
C PRO B 266 10.70 -2.88 41.40
N PRO B 267 11.58 -3.77 40.94
CA PRO B 267 11.86 -3.82 39.50
C PRO B 267 10.65 -4.32 38.73
N CYS B 268 9.75 -3.38 38.40
CA CYS B 268 8.44 -3.75 37.86
C CYS B 268 8.58 -4.57 36.59
N PHE B 269 9.32 -4.06 35.61
CA PHE B 269 9.40 -4.75 34.31
C PHE B 269 10.06 -6.11 34.44
N SER B 270 11.06 -6.23 35.32
CA SER B 270 11.73 -7.51 35.49
C SER B 270 10.82 -8.54 36.15
N ILE B 271 9.96 -8.10 37.07
CA ILE B 271 8.98 -9.00 37.67
C ILE B 271 7.94 -9.41 36.62
N TYR B 272 7.57 -8.47 35.75
CA TYR B 272 6.65 -8.80 34.65
C TYR B 272 7.27 -9.80 33.70
N VAL B 273 8.53 -9.60 33.32
CA VAL B 273 9.22 -10.53 32.43
C VAL B 273 9.36 -11.89 33.09
N MET B 274 9.65 -11.91 34.40
CA MET B 274 9.83 -13.17 35.11
C MET B 274 8.54 -13.99 35.12
N GLY B 275 7.40 -13.33 35.36
CA GLY B 275 6.13 -14.05 35.36
C GLY B 275 5.82 -14.67 34.02
N LEU B 276 6.16 -13.98 32.93
CA LEU B 276 5.95 -14.55 31.59
C LEU B 276 6.83 -15.78 31.39
N VAL B 277 8.08 -15.73 31.83
CA VAL B 277 8.96 -16.88 31.71
C VAL B 277 8.47 -18.03 32.56
N LEU B 278 8.00 -17.73 33.78
CA LEU B 278 7.45 -18.78 34.64
C LEU B 278 6.23 -19.43 33.99
N GLU B 279 5.34 -18.62 33.41
CA GLU B 279 4.19 -19.17 32.70
C GLU B 279 4.62 -20.07 31.56
N TRP B 280 5.73 -19.74 30.90
CA TRP B 280 6.26 -20.59 29.83
C TRP B 280 6.76 -21.91 30.38
N ILE B 281 7.46 -21.88 31.52
CA ILE B 281 7.91 -23.12 32.16
C ILE B 281 6.70 -23.98 32.54
N LYS B 282 5.66 -23.36 33.10
CA LYS B 282 4.45 -24.09 33.45
C LYS B 282 3.82 -24.72 32.21
N ASN B 283 3.73 -23.95 31.11
CA ASN B 283 3.14 -24.47 29.89
C ASN B 283 3.97 -25.54 29.23
N ASN B 284 5.25 -25.67 29.60
CA ASN B 284 6.13 -26.69 29.03
C ASN B 284 6.42 -27.82 30.01
N GLY B 285 5.56 -28.02 31.01
CA GLY B 285 5.64 -29.17 31.89
C GLY B 285 6.16 -28.90 33.28
N GLY B 286 6.48 -27.66 33.63
CA GLY B 286 6.92 -27.35 34.97
C GLY B 286 8.32 -27.86 35.26
N ALA B 287 8.66 -27.85 36.56
CA ALA B 287 9.99 -28.24 36.99
C ALA B 287 10.30 -29.69 36.65
N ALA B 288 9.29 -30.56 36.69
CA ALA B 288 9.51 -31.96 36.35
C ALA B 288 9.99 -32.12 34.92
N ALA B 289 9.37 -31.40 33.97
CA ALA B 289 9.78 -31.51 32.58
C ALA B 289 11.13 -30.86 32.35
N MET B 290 11.39 -29.73 33.01
CA MET B 290 12.67 -29.04 32.84
C MET B 290 13.84 -29.96 33.23
N GLU B 291 13.66 -30.74 34.29
CA GLU B 291 14.72 -31.65 34.72
C GLU B 291 14.99 -32.72 33.66
N LYS B 292 13.94 -33.31 33.09
CA LYS B 292 14.14 -34.31 32.06
C LYS B 292 14.72 -33.70 30.79
N LEU B 293 14.31 -32.46 30.46
CA LEU B 293 14.88 -31.77 29.32
C LEU B 293 16.33 -31.38 29.58
N SER B 294 16.65 -30.97 30.80
CA SER B 294 18.04 -30.66 31.15
C SER B 294 18.91 -31.91 31.07
N SER B 295 18.35 -33.07 31.38
CA SER B 295 19.08 -34.32 31.22
C SER B 295 19.41 -34.58 29.75
N ILE B 296 18.42 -34.41 28.88
CA ILE B 296 18.64 -34.67 27.45
C ILE B 296 19.70 -33.74 26.89
N LYS B 297 19.61 -32.45 27.21
CA LYS B 297 20.53 -31.47 26.66
C LYS B 297 21.95 -31.74 27.12
N SER B 298 22.17 -31.80 28.44
CA SER B 298 23.52 -31.95 28.95
C SER B 298 24.10 -33.32 28.63
N GLN B 299 23.28 -34.37 28.63
CA GLN B 299 23.76 -35.69 28.23
C GLN B 299 24.34 -35.67 26.83
N THR B 300 23.66 -34.99 25.90
CA THR B 300 24.13 -34.94 24.52
C THR B 300 25.56 -34.39 24.44
N ILE B 301 25.86 -33.36 25.23
CA ILE B 301 27.19 -32.76 25.17
C ILE B 301 28.20 -33.60 25.96
N TYR B 302 27.82 -34.07 27.14
CA TYR B 302 28.75 -34.85 27.96
C TYR B 302 29.17 -36.15 27.27
N GLU B 303 28.28 -36.72 26.45
CA GLU B 303 28.66 -37.94 25.72
C GLU B 303 29.68 -37.63 24.64
N ILE B 304 29.56 -36.48 23.98
CA ILE B 304 30.54 -36.09 22.96
C ILE B 304 31.91 -35.91 23.59
N ILE B 305 31.96 -35.35 24.80
CA ILE B 305 33.24 -35.16 25.49
C ILE B 305 33.82 -36.51 25.90
N ASP B 306 32.99 -37.37 26.51
CA ASP B 306 33.49 -38.63 27.04
C ASP B 306 33.95 -39.58 25.95
N ASN B 307 33.44 -39.44 24.73
CA ASN B 307 33.87 -40.25 23.60
C ASN B 307 34.88 -39.53 22.72
N SER B 308 35.38 -38.37 23.15
CA SER B 308 36.27 -37.55 22.34
C SER B 308 37.71 -38.02 22.37
N GLN B 309 38.04 -39.08 23.12
CA GLN B 309 39.39 -39.59 23.24
C GLN B 309 40.37 -38.50 23.67
N GLY B 310 39.93 -37.66 24.60
CA GLY B 310 40.76 -36.59 25.11
C GLY B 310 40.73 -35.31 24.30
N PHE B 311 40.01 -35.28 23.18
CA PHE B 311 39.96 -34.06 22.37
C PHE B 311 39.17 -32.96 23.07
N TYR B 312 38.12 -33.33 23.79
CA TYR B 312 37.43 -32.43 24.70
C TYR B 312 37.63 -32.94 26.12
N VAL B 313 38.00 -32.04 27.03
CA VAL B 313 38.36 -32.41 28.39
C VAL B 313 37.48 -31.64 29.35
N CYS B 314 36.65 -32.36 30.12
CA CYS B 314 35.85 -31.77 31.18
C CYS B 314 36.35 -32.33 32.51
N PRO B 315 36.98 -31.51 33.37
CA PRO B 315 37.62 -32.05 34.57
C PRO B 315 36.65 -32.39 35.70
N VAL B 316 35.39 -32.00 35.60
CA VAL B 316 34.45 -32.24 36.70
C VAL B 316 34.11 -33.72 36.76
N GLU B 317 34.15 -34.28 37.96
CA GLU B 317 33.86 -35.69 38.13
C GLU B 317 32.38 -35.94 37.85
N PRO B 318 32.04 -37.08 37.25
CA PRO B 318 30.68 -37.25 36.69
C PRO B 318 29.54 -37.01 37.66
N GLN B 319 29.65 -37.50 38.90
CA GLN B 319 28.53 -37.40 39.84
C GLN B 319 28.23 -35.96 40.25
N ASN B 320 29.10 -35.01 39.94
CA ASN B 320 28.88 -33.60 40.27
C ASN B 320 28.77 -32.73 39.04
N ARG B 321 28.72 -33.32 37.85
CA ARG B 321 28.61 -32.54 36.62
C ARG B 321 27.28 -31.81 36.56
N SER B 322 27.33 -30.51 36.31
CA SER B 322 26.12 -29.71 36.25
C SER B 322 25.40 -29.95 34.94
N LYS B 323 24.07 -29.96 34.99
CA LYS B 323 23.25 -30.02 33.79
C LYS B 323 23.07 -28.65 33.16
N MET B 324 23.51 -27.59 33.82
CA MET B 324 23.29 -26.22 33.36
C MET B 324 24.50 -25.62 32.64
N ASN B 325 25.70 -25.80 33.17
CA ASN B 325 26.90 -25.19 32.62
C ASN B 325 27.96 -26.26 32.41
N ILE B 326 28.39 -26.43 31.17
CA ILE B 326 29.36 -27.46 30.82
C ILE B 326 30.65 -26.81 30.36
N PRO B 327 31.63 -26.60 31.25
CA PRO B 327 32.93 -26.07 30.83
C PRO B 327 33.87 -27.18 30.41
N PHE B 328 34.68 -26.91 29.38
CA PHE B 328 35.62 -27.90 28.89
C PHE B 328 36.75 -27.21 28.14
N ARG B 329 37.81 -27.97 27.87
CA ARG B 329 38.97 -27.53 27.11
C ARG B 329 39.12 -28.40 25.87
N ILE B 330 39.91 -27.93 24.92
CA ILE B 330 40.14 -28.63 23.66
C ILE B 330 41.61 -29.02 23.55
N GLY B 331 41.85 -30.22 23.06
CA GLY B 331 43.21 -30.71 22.84
C GLY B 331 43.83 -31.47 23.99
N ASN B 332 43.83 -30.86 25.17
CA ASN B 332 44.42 -31.47 26.36
C ASN B 332 43.79 -30.83 27.59
N ALA B 333 44.14 -31.39 28.75
CA ALA B 333 43.55 -30.91 30.00
C ALA B 333 43.87 -29.44 30.26
N LYS B 334 45.06 -28.98 29.86
CA LYS B 334 45.44 -27.60 30.01
C LYS B 334 44.86 -26.70 28.93
N GLY B 335 44.36 -27.27 27.83
CA GLY B 335 43.77 -26.48 26.77
C GLY B 335 44.74 -26.08 25.66
N ASP B 336 44.32 -26.29 24.42
CA ASP B 336 45.06 -25.85 23.24
C ASP B 336 44.51 -24.48 22.84
N ASP B 337 45.27 -23.42 23.12
CA ASP B 337 44.78 -22.06 22.90
C ASP B 337 44.43 -21.82 21.44
N ALA B 338 45.27 -22.28 20.52
CA ALA B 338 44.98 -22.08 19.09
C ALA B 338 43.72 -22.84 18.70
N LEU B 339 43.59 -24.10 19.14
CA LEU B 339 42.41 -24.88 18.82
C LEU B 339 41.17 -24.28 19.46
N GLU B 340 41.29 -23.77 20.69
CA GLU B 340 40.16 -23.14 21.35
C GLU B 340 39.79 -21.81 20.71
N LYS B 341 40.77 -21.09 20.17
CA LYS B 341 40.46 -19.84 19.48
C LYS B 341 39.75 -20.12 18.15
N ARG B 342 40.17 -21.16 17.43
CA ARG B 342 39.53 -21.50 16.17
C ARG B 342 38.12 -22.03 16.40
N PHE B 343 37.93 -22.81 17.45
CA PHE B 343 36.59 -23.29 17.81
C PHE B 343 35.66 -22.11 18.06
N LEU B 344 36.07 -21.18 18.92
CA LEU B 344 35.22 -20.05 19.26
C LEU B 344 34.97 -19.16 18.05
N ASP B 345 35.99 -18.93 17.22
CA ASP B 345 35.81 -18.09 16.05
C ASP B 345 34.85 -18.73 15.05
N LYS B 346 35.04 -20.02 14.77
CA LYS B 346 34.13 -20.72 13.86
C LYS B 346 32.73 -20.82 14.45
N ALA B 347 32.62 -20.97 15.77
CA ALA B 347 31.31 -21.01 16.40
C ALA B 347 30.57 -19.69 16.23
N LEU B 348 31.30 -18.58 16.24
CA LEU B 348 30.67 -17.27 16.12
C LEU B 348 30.14 -17.04 14.71
N GLU B 349 30.91 -17.41 13.70
CA GLU B 349 30.45 -17.25 12.33
C GLU B 349 29.25 -18.14 12.02
N LEU B 350 29.04 -19.19 12.80
CA LEU B 350 27.83 -19.99 12.76
C LEU B 350 26.73 -19.42 13.66
N ASN B 351 26.96 -18.27 14.28
CA ASN B 351 25.97 -17.55 15.09
C ASN B 351 25.60 -18.32 16.36
N MET B 352 26.59 -18.95 16.99
CA MET B 352 26.44 -19.54 18.32
C MET B 352 27.21 -18.67 19.30
N LEU B 353 26.50 -17.96 20.17
CA LEU B 353 27.07 -16.89 20.97
C LEU B 353 27.47 -17.38 22.36
N SER B 354 28.44 -16.68 22.96
CA SER B 354 28.77 -16.79 24.38
C SER B 354 29.26 -18.17 24.77
N LEU B 355 29.93 -18.86 23.85
CA LEU B 355 30.54 -20.14 24.20
C LEU B 355 31.91 -19.97 24.85
N LYS B 356 32.45 -18.75 24.90
CA LYS B 356 33.73 -18.53 25.56
C LYS B 356 33.60 -18.76 27.06
N GLY B 357 34.50 -19.56 27.61
CA GLY B 357 34.50 -19.79 29.05
C GLY B 357 34.70 -18.52 29.84
N HIS B 358 34.38 -18.61 31.12
CA HIS B 358 34.56 -17.46 32.02
C HIS B 358 36.02 -17.03 32.02
N ARG B 359 36.22 -15.72 32.14
CA ARG B 359 37.57 -15.14 32.02
C ARG B 359 38.52 -15.69 33.08
N SER B 360 37.99 -16.15 34.22
CA SER B 360 38.82 -16.67 35.28
C SER B 360 39.26 -18.11 35.02
N VAL B 361 38.59 -18.83 34.13
CA VAL B 361 38.93 -20.23 33.88
C VAL B 361 39.40 -20.44 32.43
N GLY B 362 38.94 -19.61 31.50
CA GLY B 362 39.32 -19.81 30.11
C GLY B 362 38.54 -20.96 29.50
N GLY B 363 39.06 -21.46 28.38
CA GLY B 363 38.43 -22.57 27.71
C GLY B 363 37.04 -22.22 27.18
N ILE B 364 36.17 -23.22 27.19
CA ILE B 364 34.84 -23.11 26.63
C ILE B 364 33.82 -23.40 27.72
N ARG B 365 32.67 -22.73 27.65
CA ARG B 365 31.55 -23.00 28.55
C ARG B 365 30.27 -23.03 27.74
N ALA B 366 29.51 -24.11 27.87
CA ALA B 366 28.21 -24.26 27.22
C ALA B 366 27.14 -24.20 28.30
N SER B 367 26.32 -23.15 28.26
CA SER B 367 25.23 -22.97 29.21
C SER B 367 23.93 -23.44 28.58
N LEU B 368 23.23 -24.34 29.26
CA LEU B 368 22.04 -24.97 28.71
C LEU B 368 20.81 -24.72 29.57
N TYR B 369 20.46 -23.46 29.77
CA TYR B 369 19.36 -23.10 30.67
C TYR B 369 18.02 -23.52 30.06
N ASN B 370 16.94 -23.16 30.77
CA ASN B 370 15.60 -23.66 30.42
C ASN B 370 15.20 -23.27 29.00
N ALA B 371 15.46 -22.02 28.61
CA ALA B 371 15.01 -21.56 27.30
C ALA B 371 15.83 -22.13 26.15
N VAL B 372 17.03 -22.67 26.43
CA VAL B 372 17.83 -23.26 25.38
C VAL B 372 17.16 -24.54 24.90
N THR B 373 16.79 -24.57 23.63
CA THR B 373 16.01 -25.69 23.08
C THR B 373 16.92 -26.88 22.79
N ILE B 374 16.29 -28.03 22.54
CA ILE B 374 17.05 -29.21 22.14
C ILE B 374 17.67 -29.00 20.77
N GLU B 375 16.95 -28.32 19.87
CA GLU B 375 17.53 -28.02 18.56
C GLU B 375 18.76 -27.13 18.68
N ASP B 376 18.80 -26.27 19.70
CA ASP B 376 19.99 -25.46 19.95
C ASP B 376 21.17 -26.34 20.33
N VAL B 377 20.96 -27.28 21.25
CA VAL B 377 22.03 -28.18 21.67
C VAL B 377 22.49 -29.05 20.51
N GLN B 378 21.56 -29.44 19.63
CA GLN B 378 21.93 -30.24 18.46
C GLN B 378 22.88 -29.48 17.55
N LYS B 379 22.70 -28.16 17.43
CA LYS B 379 23.61 -27.36 16.63
C LYS B 379 25.01 -27.36 17.26
N LEU B 380 25.08 -27.18 18.58
CA LEU B 380 26.36 -27.30 19.27
C LEU B 380 26.91 -28.72 19.16
N ALA B 381 26.03 -29.72 19.28
CA ALA B 381 26.48 -31.11 19.20
C ALA B 381 27.04 -31.43 17.82
N ALA B 382 26.34 -31.02 16.76
CA ALA B 382 26.83 -31.28 15.41
C ALA B 382 28.13 -30.53 15.13
N PHE B 383 28.24 -29.30 15.63
CA PHE B 383 29.46 -28.52 15.42
C PHE B 383 30.63 -29.14 16.17
N MET B 384 30.38 -29.69 17.36
CA MET B 384 31.46 -30.27 18.14
C MET B 384 31.97 -31.57 17.51
N LYS B 385 31.08 -32.35 16.91
CA LYS B 385 31.52 -33.55 16.21
C LYS B 385 32.29 -33.20 14.94
N LYS B 386 31.82 -32.20 14.19
CA LYS B 386 32.50 -31.81 12.97
C LYS B 386 33.86 -31.19 13.27
N PHE B 387 33.94 -30.39 14.34
CA PHE B 387 35.22 -29.81 14.73
C PHE B 387 36.19 -30.89 15.20
N LEU B 388 35.68 -31.89 15.93
CA LEU B 388 36.54 -32.98 16.39
C LEU B 388 37.02 -33.83 15.23
N GLU B 389 36.12 -34.19 14.33
CA GLU B 389 36.49 -34.98 13.15
C GLU B 389 37.40 -34.22 12.20
N MET B 390 37.67 -32.95 12.45
CA MET B 390 38.50 -32.13 11.58
C MET B 390 39.83 -31.74 12.20
N HIS B 391 40.01 -31.90 13.51
CA HIS B 391 41.24 -31.50 14.18
C HIS B 391 41.82 -32.56 15.12
N GLN B 392 41.17 -33.70 15.27
CA GLN B 392 41.72 -34.77 16.09
C GLN B 392 42.84 -35.48 15.34
N LEU B 393 43.88 -35.85 16.07
CA LEU B 393 45.07 -36.43 15.47
C LEU B 393 45.05 -37.96 15.54
N GLN C 29 8.21 -18.42 -16.33
CA GLN C 29 8.65 -18.60 -17.71
C GLN C 29 8.76 -20.08 -18.08
N VAL C 30 9.07 -20.90 -17.08
CA VAL C 30 9.33 -22.32 -17.30
C VAL C 30 8.14 -22.96 -17.99
N VAL C 31 8.40 -23.64 -19.11
CA VAL C 31 7.40 -24.38 -19.84
C VAL C 31 7.67 -25.87 -19.63
N ASN C 32 6.75 -26.56 -18.97
CA ASN C 32 6.97 -27.92 -18.50
C ASN C 32 6.26 -28.89 -19.45
N PHE C 33 7.04 -29.52 -20.33
CA PHE C 33 6.53 -30.54 -21.25
C PHE C 33 6.74 -31.96 -20.73
N GLY C 34 6.68 -32.14 -19.40
CA GLY C 34 6.98 -33.41 -18.78
C GLY C 34 6.05 -34.52 -19.22
N PRO C 35 6.57 -35.75 -19.31
CA PRO C 35 5.75 -36.85 -19.82
C PRO C 35 4.89 -37.53 -18.76
N GLY C 36 5.19 -37.33 -17.48
CA GLY C 36 4.52 -38.03 -16.42
C GLY C 36 5.49 -38.50 -15.34
N PRO C 37 5.52 -37.81 -14.19
CA PRO C 37 4.72 -36.66 -13.75
C PRO C 37 4.81 -35.46 -14.67
N ALA C 38 3.71 -34.72 -14.79
CA ALA C 38 3.60 -33.65 -15.77
C ALA C 38 3.33 -32.33 -15.05
N LYS C 39 2.98 -31.32 -15.85
CA LYS C 39 2.68 -29.99 -15.34
C LYS C 39 1.26 -29.94 -14.80
N LEU C 40 1.07 -29.16 -13.72
CA LEU C 40 -0.24 -28.93 -13.13
C LEU C 40 -0.67 -27.48 -13.35
N PRO C 41 -1.96 -27.21 -13.45
CA PRO C 41 -2.41 -25.83 -13.67
C PRO C 41 -1.91 -24.91 -12.57
N HIS C 42 -1.51 -23.70 -12.96
CA HIS C 42 -0.93 -22.77 -12.01
C HIS C 42 -1.93 -22.41 -10.91
N SER C 43 -3.21 -22.28 -11.27
CA SER C 43 -4.22 -21.94 -10.29
C SER C 43 -4.36 -23.03 -9.23
N VAL C 44 -4.15 -24.30 -9.61
CA VAL C 44 -4.25 -25.39 -8.65
C VAL C 44 -3.08 -25.34 -7.68
N LEU C 45 -1.87 -25.14 -8.19
CA LEU C 45 -0.70 -25.05 -7.31
C LEU C 45 -0.78 -23.84 -6.39
N LEU C 46 -1.41 -22.75 -6.84
CA LEU C 46 -1.60 -21.60 -5.96
C LEU C 46 -2.52 -21.93 -4.80
N GLU C 47 -3.62 -22.65 -5.08
CA GLU C 47 -4.57 -22.98 -4.03
C GLU C 47 -3.97 -23.97 -3.04
N ILE C 48 -3.24 -24.98 -3.53
CA ILE C 48 -2.58 -25.93 -2.64
C ILE C 48 -1.62 -25.20 -1.71
N GLN C 49 -0.91 -24.20 -2.24
CA GLN C 49 0.05 -23.47 -1.43
C GLN C 49 -0.64 -22.68 -0.32
N LYS C 50 -1.69 -21.94 -0.66
CA LYS C 50 -2.30 -21.05 0.33
C LYS C 50 -3.08 -21.82 1.38
N GLU C 51 -3.53 -23.03 1.07
CA GLU C 51 -4.25 -23.87 2.02
C GLU C 51 -3.36 -24.85 2.77
N LEU C 52 -2.05 -24.80 2.55
CA LEU C 52 -1.21 -25.92 2.97
C LEU C 52 -1.12 -26.03 4.49
N LEU C 53 -1.20 -24.93 5.22
CA LEU C 53 -1.13 -24.99 6.68
C LEU C 53 -2.49 -25.03 7.36
N ASP C 54 -3.56 -24.65 6.64
CA ASP C 54 -4.88 -24.50 7.24
C ASP C 54 -5.91 -24.72 6.13
N TYR C 55 -6.23 -25.99 5.88
CA TYR C 55 -7.13 -26.35 4.79
C TYR C 55 -8.54 -25.85 5.10
N LYS C 56 -8.99 -24.86 4.33
CA LYS C 56 -10.37 -24.36 4.42
C LYS C 56 -10.79 -24.06 5.85
N GLY C 57 -9.83 -23.68 6.69
CA GLY C 57 -10.12 -23.20 8.03
C GLY C 57 -10.15 -24.25 9.13
N VAL C 58 -9.96 -25.54 8.81
CA VAL C 58 -10.05 -26.55 9.86
C VAL C 58 -8.85 -26.52 10.80
N GLY C 59 -7.77 -25.85 10.41
CA GLY C 59 -6.63 -25.68 11.29
C GLY C 59 -5.50 -26.66 11.11
N ILE C 60 -5.56 -27.54 10.11
CA ILE C 60 -4.51 -28.51 9.85
C ILE C 60 -4.26 -28.58 8.35
N SER C 61 -3.16 -29.23 7.99
CA SER C 61 -2.85 -29.54 6.60
C SER C 61 -3.61 -30.78 6.15
N VAL C 62 -3.81 -30.88 4.84
CA VAL C 62 -4.29 -32.14 4.27
C VAL C 62 -3.27 -33.24 4.52
N LEU C 63 -1.98 -32.87 4.56
CA LEU C 63 -0.93 -33.82 4.90
C LEU C 63 -1.08 -34.36 6.32
N GLU C 64 -1.78 -33.64 7.19
CA GLU C 64 -2.04 -34.07 8.55
C GLU C 64 -3.43 -34.64 8.75
N MET C 65 -4.27 -34.62 7.71
CA MET C 65 -5.68 -34.91 7.87
C MET C 65 -5.95 -36.41 7.92
N SER C 66 -6.79 -36.82 8.87
CA SER C 66 -7.15 -38.23 9.00
C SER C 66 -8.07 -38.65 7.86
N HIS C 67 -7.80 -39.82 7.30
CA HIS C 67 -8.63 -40.36 6.24
C HIS C 67 -10.01 -40.80 6.72
N ARG C 68 -10.23 -40.81 8.03
CA ARG C 68 -11.52 -41.16 8.60
C ARG C 68 -12.31 -39.93 9.03
N SER C 69 -11.77 -38.73 8.83
CA SER C 69 -12.42 -37.52 9.30
C SER C 69 -13.52 -37.09 8.33
N SER C 70 -14.49 -36.34 8.87
CA SER C 70 -15.55 -35.78 8.05
C SER C 70 -14.99 -34.92 6.93
N ASP C 71 -13.87 -34.22 7.21
CA ASP C 71 -13.29 -33.31 6.22
C ASP C 71 -12.74 -34.06 5.01
N PHE C 72 -12.03 -35.17 5.25
CA PHE C 72 -11.48 -35.92 4.12
C PHE C 72 -12.56 -36.72 3.39
N ALA C 73 -13.58 -37.19 4.11
CA ALA C 73 -14.70 -37.84 3.44
C ALA C 73 -15.30 -36.91 2.40
N LYS C 74 -15.39 -35.62 2.71
CA LYS C 74 -15.88 -34.64 1.74
C LYS C 74 -14.89 -34.50 0.58
N ILE C 75 -13.59 -34.63 0.83
CA ILE C 75 -12.60 -34.49 -0.23
C ILE C 75 -12.68 -35.67 -1.18
N ILE C 76 -12.69 -36.90 -0.65
CA ILE C 76 -12.65 -38.07 -1.51
C ILE C 76 -13.99 -38.30 -2.19
N ASN C 77 -15.09 -37.89 -1.55
CA ASN C 77 -16.40 -37.99 -2.20
C ASN C 77 -16.50 -37.04 -3.38
N ASN C 78 -16.02 -35.81 -3.21
CA ASN C 78 -16.07 -34.84 -4.31
C ASN C 78 -15.16 -35.24 -5.46
N THR C 79 -14.02 -35.88 -5.16
CA THR C 79 -13.14 -36.33 -6.22
C THR C 79 -13.78 -37.46 -7.01
N GLU C 80 -14.48 -38.37 -6.33
CA GLU C 80 -15.16 -39.46 -7.05
C GLU C 80 -16.31 -38.92 -7.88
N ASN C 81 -17.08 -37.97 -7.34
CA ASN C 81 -18.20 -37.42 -8.08
C ASN C 81 -17.75 -36.75 -9.37
N LEU C 82 -16.62 -36.03 -9.32
CA LEU C 82 -16.11 -35.38 -10.51
C LEU C 82 -15.70 -36.39 -11.59
N VAL C 83 -15.12 -37.51 -11.18
CA VAL C 83 -14.78 -38.57 -12.14
C VAL C 83 -16.06 -39.09 -12.79
N ARG C 84 -17.09 -39.34 -11.98
CA ARG C 84 -18.36 -39.79 -12.53
C ARG C 84 -19.00 -38.71 -13.39
N GLU C 85 -18.92 -37.45 -12.96
CA GLU C 85 -19.55 -36.37 -13.70
C GLU C 85 -18.82 -36.10 -15.02
N LEU C 86 -17.51 -35.89 -14.96
CA LEU C 86 -16.76 -35.47 -16.15
C LEU C 86 -16.73 -36.58 -17.20
N LEU C 87 -16.64 -37.83 -16.77
CA LEU C 87 -16.59 -38.95 -17.72
C LEU C 87 -17.95 -39.58 -17.99
N ALA C 88 -19.00 -39.14 -17.28
CA ALA C 88 -20.33 -39.73 -17.39
C ALA C 88 -20.29 -41.23 -17.10
N VAL C 89 -19.76 -41.56 -15.93
CA VAL C 89 -19.66 -42.95 -15.47
C VAL C 89 -21.05 -43.44 -15.08
N PRO C 90 -21.54 -44.52 -15.68
CA PRO C 90 -22.84 -45.06 -15.27
C PRO C 90 -22.83 -45.52 -13.82
N ASP C 91 -24.04 -45.67 -13.27
CA ASP C 91 -24.17 -45.97 -11.85
C ASP C 91 -23.77 -47.41 -11.50
N ASN C 92 -23.71 -48.30 -12.49
CA ASN C 92 -23.29 -49.68 -12.24
C ASN C 92 -21.78 -49.85 -12.32
N TYR C 93 -21.02 -48.77 -12.15
CA TYR C 93 -19.56 -48.81 -12.14
C TYR C 93 -19.06 -48.24 -10.83
N LYS C 94 -18.09 -48.92 -10.23
CA LYS C 94 -17.39 -48.42 -9.07
C LYS C 94 -16.23 -47.54 -9.51
N VAL C 95 -15.93 -46.53 -8.71
CA VAL C 95 -14.79 -45.64 -8.94
C VAL C 95 -13.95 -45.66 -7.67
N ILE C 96 -12.78 -46.27 -7.74
CA ILE C 96 -11.91 -46.45 -6.57
C ILE C 96 -10.54 -45.86 -6.88
N PHE C 97 -9.84 -45.45 -5.82
CA PHE C 97 -8.54 -44.80 -5.93
C PHE C 97 -7.51 -45.66 -5.21
N LEU C 98 -6.60 -46.24 -5.98
CA LEU C 98 -5.62 -47.20 -5.47
C LEU C 98 -4.22 -46.60 -5.49
N GLN C 99 -3.30 -47.31 -4.84
CA GLN C 99 -1.88 -47.01 -4.91
C GLN C 99 -1.19 -48.00 -5.86
N GLY C 100 0.10 -47.75 -6.10
CA GLY C 100 0.89 -48.62 -6.92
C GLY C 100 1.06 -48.17 -8.36
N GLY C 101 0.36 -47.12 -8.78
CA GLY C 101 0.53 -46.63 -10.13
C GLY C 101 -0.12 -47.53 -11.18
N GLY C 102 0.15 -47.19 -12.44
CA GLY C 102 -0.33 -48.02 -13.53
C GLY C 102 0.33 -49.39 -13.55
N CYS C 103 1.65 -49.44 -13.29
CA CYS C 103 2.34 -50.72 -13.25
C CYS C 103 1.79 -51.62 -12.15
N GLY C 104 1.20 -51.02 -11.11
CA GLY C 104 0.46 -51.82 -10.14
C GLY C 104 -0.76 -52.48 -10.76
N GLN C 105 -1.50 -51.73 -11.58
CA GLN C 105 -2.64 -52.30 -12.29
C GLN C 105 -2.23 -53.33 -13.32
N PHE C 106 -0.98 -53.27 -13.81
CA PHE C 106 -0.49 -54.36 -14.66
C PHE C 106 -0.54 -55.70 -13.94
N SER C 107 -0.49 -55.66 -12.61
CA SER C 107 -0.70 -56.85 -11.78
C SER C 107 -2.10 -56.90 -11.18
N ALA C 108 -2.70 -55.75 -10.89
CA ALA C 108 -4.03 -55.75 -10.28
C ALA C 108 -5.09 -56.22 -11.27
N VAL C 109 -4.96 -55.86 -12.55
CA VAL C 109 -5.93 -56.32 -13.54
C VAL C 109 -5.95 -57.83 -13.66
N PRO C 110 -4.82 -58.53 -13.85
CA PRO C 110 -4.89 -60.01 -13.89
C PRO C 110 -5.30 -60.61 -12.55
N LEU C 111 -4.77 -60.09 -11.45
CA LEU C 111 -5.12 -60.64 -10.14
C LEU C 111 -6.62 -60.53 -9.85
N ASN C 112 -7.26 -59.48 -10.35
CA ASN C 112 -8.69 -59.27 -10.11
C ASN C 112 -9.59 -59.94 -11.13
N LEU C 113 -9.09 -60.23 -12.34
CA LEU C 113 -9.96 -60.60 -13.44
C LEU C 113 -9.55 -61.83 -14.23
N ILE C 114 -8.31 -62.31 -14.13
CA ILE C 114 -7.91 -63.42 -14.99
C ILE C 114 -8.63 -64.71 -14.63
N GLY C 115 -9.14 -64.82 -13.41
CA GLY C 115 -9.96 -65.95 -13.03
C GLY C 115 -11.41 -65.82 -13.40
N LEU C 116 -11.77 -64.86 -14.25
CA LEU C 116 -13.16 -64.66 -14.63
C LEU C 116 -13.70 -65.87 -15.39
N LYS C 117 -12.86 -66.48 -16.22
CA LYS C 117 -13.17 -67.75 -16.85
C LYS C 117 -12.14 -68.78 -16.43
N ALA C 118 -12.57 -70.04 -16.34
CA ALA C 118 -11.76 -71.08 -15.72
C ALA C 118 -10.41 -71.25 -16.40
N GLY C 119 -10.32 -70.93 -17.69
CA GLY C 119 -9.07 -71.08 -18.43
C GLY C 119 -7.94 -70.21 -17.92
N ARG C 120 -8.26 -69.08 -17.27
CA ARG C 120 -7.26 -68.12 -16.81
C ARG C 120 -6.38 -67.63 -17.95
N CYS C 121 -7.00 -67.40 -19.10
CA CYS C 121 -6.34 -66.82 -20.26
C CYS C 121 -6.79 -65.38 -20.44
N ALA C 122 -5.89 -64.56 -20.98
CA ALA C 122 -6.21 -63.17 -21.27
C ALA C 122 -5.56 -62.78 -22.59
N ASP C 123 -6.30 -62.03 -23.39
CA ASP C 123 -5.84 -61.58 -24.70
C ASP C 123 -5.41 -60.12 -24.61
N TYR C 124 -4.23 -59.82 -25.16
CA TYR C 124 -3.61 -58.51 -25.02
C TYR C 124 -3.28 -57.93 -26.38
N VAL C 125 -3.52 -56.63 -26.53
CA VAL C 125 -3.19 -55.87 -27.73
C VAL C 125 -1.98 -54.99 -27.42
N VAL C 126 -0.87 -55.26 -28.10
CA VAL C 126 0.40 -54.61 -27.79
C VAL C 126 0.67 -53.57 -28.88
N THR C 127 0.50 -52.29 -28.53
CA THR C 127 0.75 -51.20 -29.47
C THR C 127 1.95 -50.34 -29.08
N GLY C 128 2.66 -50.69 -28.01
CA GLY C 128 3.83 -49.94 -27.64
C GLY C 128 4.41 -50.44 -26.34
N ALA C 129 5.26 -49.61 -25.72
CA ALA C 129 6.06 -50.05 -24.59
C ALA C 129 5.21 -50.42 -23.39
N TRP C 130 4.10 -49.71 -23.17
CA TRP C 130 3.30 -49.94 -21.97
C TRP C 130 2.34 -51.11 -22.14
N SER C 131 1.88 -51.37 -23.36
CA SER C 131 1.12 -52.59 -23.61
C SER C 131 2.01 -53.82 -23.47
N ALA C 132 3.28 -53.70 -23.88
CA ALA C 132 4.21 -54.81 -23.77
C ALA C 132 4.53 -55.12 -22.31
N LYS C 133 4.77 -54.09 -21.51
CA LYS C 133 5.05 -54.30 -20.09
C LYS C 133 3.85 -54.92 -19.39
N ALA C 134 2.64 -54.47 -19.73
CA ALA C 134 1.44 -55.04 -19.11
C ALA C 134 1.23 -56.48 -19.55
N ALA C 135 1.48 -56.78 -20.82
CA ALA C 135 1.33 -58.15 -21.30
C ALA C 135 2.33 -59.08 -20.63
N GLU C 136 3.56 -58.61 -20.43
CA GLU C 136 4.57 -59.44 -19.80
C GLU C 136 4.26 -59.65 -18.32
N GLU C 137 3.82 -58.61 -17.63
CA GLU C 137 3.49 -58.73 -16.21
C GLU C 137 2.35 -59.71 -15.99
N ALA C 138 1.37 -59.73 -16.90
CA ALA C 138 0.22 -60.62 -16.74
C ALA C 138 0.60 -62.09 -16.89
N LYS C 139 1.77 -62.39 -17.49
CA LYS C 139 2.22 -63.78 -17.59
C LYS C 139 2.50 -64.40 -16.24
N LYS C 140 2.59 -63.60 -15.17
CA LYS C 140 2.81 -64.10 -13.83
C LYS C 140 1.54 -64.63 -13.17
N PHE C 141 0.39 -64.49 -13.82
CA PHE C 141 -0.87 -64.89 -13.22
C PHE C 141 -1.73 -65.77 -14.12
N GLY C 142 -1.29 -66.03 -15.35
CA GLY C 142 -2.05 -66.88 -16.24
C GLY C 142 -1.38 -66.95 -17.59
N THR C 143 -2.08 -67.56 -18.55
CA THR C 143 -1.58 -67.68 -19.90
C THR C 143 -2.04 -66.48 -20.71
N ILE C 144 -1.08 -65.67 -21.17
CA ILE C 144 -1.37 -64.44 -21.90
C ILE C 144 -1.06 -64.66 -23.37
N ASN C 145 -2.01 -64.31 -24.24
CA ASN C 145 -1.88 -64.48 -25.67
C ASN C 145 -2.04 -63.13 -26.35
N ILE C 146 -1.04 -62.72 -27.12
CA ILE C 146 -1.09 -61.48 -27.87
C ILE C 146 -1.85 -61.74 -29.17
N VAL C 147 -2.92 -60.97 -29.40
CA VAL C 147 -3.90 -61.31 -30.44
C VAL C 147 -3.48 -60.95 -31.85
N HIS C 148 -2.36 -60.26 -32.02
CA HIS C 148 -1.93 -59.79 -33.32
C HIS C 148 -0.47 -60.15 -33.54
N PRO C 149 -0.02 -60.20 -34.79
CA PRO C 149 1.38 -60.53 -35.05
C PRO C 149 2.30 -59.46 -34.48
N LYS C 150 3.49 -59.89 -34.04
CA LYS C 150 4.49 -58.98 -33.52
C LYS C 150 4.84 -57.94 -34.57
N LEU C 151 4.79 -56.66 -34.18
CA LEU C 151 4.99 -55.56 -35.11
C LEU C 151 6.46 -55.14 -35.09
N GLY C 152 7.05 -55.00 -36.29
CA GLY C 152 8.44 -54.62 -36.39
C GLY C 152 8.73 -53.24 -35.82
N SER C 153 7.72 -52.37 -35.79
CA SER C 153 7.86 -51.04 -35.21
C SER C 153 6.52 -50.60 -34.66
N TYR C 154 6.56 -49.90 -33.52
CA TYR C 154 5.35 -49.41 -32.85
C TYR C 154 4.91 -48.11 -33.52
N THR C 155 4.38 -48.25 -34.74
CA THR C 155 3.98 -47.10 -35.53
C THR C 155 2.51 -47.12 -35.96
N LYS C 156 1.78 -48.20 -35.72
CA LYS C 156 0.39 -48.28 -36.15
C LYS C 156 -0.37 -49.21 -35.22
N ILE C 157 -1.69 -49.03 -35.20
CA ILE C 157 -2.59 -49.93 -34.48
C ILE C 157 -2.97 -51.06 -35.44
N PRO C 158 -2.66 -52.32 -35.12
CA PRO C 158 -3.12 -53.43 -35.95
C PRO C 158 -4.63 -53.39 -36.11
N ASP C 159 -5.09 -53.56 -37.35
CA ASP C 159 -6.51 -53.50 -37.64
C ASP C 159 -7.26 -54.52 -36.80
N PRO C 160 -8.29 -54.10 -36.04
CA PRO C 160 -9.05 -55.04 -35.21
C PRO C 160 -9.55 -56.28 -35.96
N SER C 161 -9.66 -56.19 -37.28
CA SER C 161 -10.05 -57.35 -38.07
C SER C 161 -8.98 -58.44 -38.07
N THR C 162 -7.72 -58.07 -37.79
CA THR C 162 -6.61 -59.03 -37.73
C THR C 162 -6.50 -59.69 -36.36
N TRP C 163 -7.24 -59.22 -35.36
CA TRP C 163 -7.08 -59.73 -34.01
C TRP C 163 -7.56 -61.17 -33.91
N ASN C 164 -6.67 -62.04 -33.39
CA ASN C 164 -6.98 -63.45 -33.14
C ASN C 164 -7.46 -63.57 -31.70
N LEU C 165 -8.78 -63.51 -31.52
CA LEU C 165 -9.37 -63.45 -30.19
C LEU C 165 -9.73 -64.84 -29.68
N ASN C 166 -9.44 -65.08 -28.40
CA ASN C 166 -9.79 -66.33 -27.74
C ASN C 166 -11.19 -66.21 -27.17
N PRO C 167 -12.15 -67.05 -27.57
CA PRO C 167 -13.50 -66.94 -27.01
C PRO C 167 -13.58 -67.30 -25.54
N ASP C 168 -12.61 -68.05 -25.02
CA ASP C 168 -12.58 -68.43 -23.61
C ASP C 168 -11.67 -67.54 -22.79
N ALA C 169 -11.12 -66.49 -23.39
CA ALA C 169 -10.25 -65.58 -22.66
C ALA C 169 -11.02 -64.87 -21.56
N SER C 170 -10.35 -64.62 -20.43
CA SER C 170 -11.00 -63.99 -19.30
C SER C 170 -11.21 -62.50 -19.51
N TYR C 171 -10.38 -61.85 -20.33
CA TYR C 171 -10.56 -60.45 -20.68
C TYR C 171 -9.65 -60.10 -21.85
N VAL C 172 -9.88 -58.91 -22.42
CA VAL C 172 -9.06 -58.36 -23.49
C VAL C 172 -8.55 -56.99 -23.03
N TYR C 173 -7.24 -56.78 -23.16
CA TYR C 173 -6.56 -55.61 -22.63
C TYR C 173 -5.92 -54.82 -23.76
N TYR C 174 -6.00 -53.50 -23.69
CA TYR C 174 -5.28 -52.64 -24.62
C TYR C 174 -4.99 -51.31 -23.94
N CYS C 175 -3.96 -50.63 -24.44
CA CYS C 175 -3.53 -49.34 -23.90
C CYS C 175 -4.02 -48.25 -24.84
N ALA C 176 -4.79 -47.30 -24.28
CA ALA C 176 -5.41 -46.26 -25.10
C ALA C 176 -4.37 -45.35 -25.74
N ASN C 177 -3.28 -45.05 -25.03
CA ASN C 177 -2.29 -44.10 -25.52
C ASN C 177 -0.91 -44.55 -25.08
N GLU C 178 -0.03 -44.83 -26.04
CA GLU C 178 1.32 -45.29 -25.75
C GLU C 178 2.23 -44.08 -25.58
N THR C 179 2.61 -43.81 -24.34
CA THR C 179 3.25 -42.55 -24.01
C THR C 179 4.65 -42.43 -24.61
N VAL C 180 5.29 -43.56 -24.89
CA VAL C 180 6.64 -43.53 -25.42
C VAL C 180 6.65 -43.42 -26.94
N HIS C 181 5.67 -44.01 -27.62
CA HIS C 181 5.69 -44.08 -29.09
C HIS C 181 4.60 -43.25 -29.74
N GLY C 182 3.68 -42.67 -28.98
CA GLY C 182 2.68 -41.78 -29.56
C GLY C 182 1.65 -42.44 -30.45
N VAL C 183 1.19 -43.63 -30.08
CA VAL C 183 0.15 -44.36 -30.81
C VAL C 183 -1.10 -44.36 -29.93
N GLU C 184 -2.21 -43.84 -30.48
CA GLU C 184 -3.43 -43.66 -29.69
C GLU C 184 -4.64 -44.18 -30.44
N PHE C 185 -5.54 -44.81 -29.70
CA PHE C 185 -6.85 -45.22 -30.21
C PHE C 185 -7.78 -44.02 -30.20
N ASP C 186 -8.36 -43.69 -31.36
CA ASP C 186 -9.48 -42.76 -31.44
C ASP C 186 -10.78 -43.52 -31.70
N PHE C 187 -10.88 -44.73 -31.15
CA PHE C 187 -12.05 -45.58 -31.24
C PHE C 187 -11.97 -46.62 -30.13
N ILE C 188 -13.11 -47.15 -29.75
CA ILE C 188 -13.20 -48.25 -28.80
C ILE C 188 -13.32 -49.54 -29.61
N PRO C 189 -12.37 -50.46 -29.52
CA PRO C 189 -12.35 -51.60 -30.44
C PRO C 189 -13.48 -52.59 -30.17
N ASP C 190 -13.86 -53.30 -31.23
CA ASP C 190 -14.82 -54.39 -31.11
C ASP C 190 -14.07 -55.65 -30.67
N VAL C 191 -14.42 -56.15 -29.48
CA VAL C 191 -13.73 -57.33 -28.93
C VAL C 191 -14.72 -58.48 -28.82
N LYS C 192 -15.72 -58.49 -29.70
CA LYS C 192 -16.70 -59.59 -29.79
C LYS C 192 -17.42 -59.84 -28.46
N GLY C 193 -17.66 -58.77 -27.70
CA GLY C 193 -18.43 -58.87 -26.48
C GLY C 193 -17.64 -59.24 -25.24
N ALA C 194 -16.33 -59.43 -25.33
CA ALA C 194 -15.54 -59.76 -24.16
C ALA C 194 -15.39 -58.55 -23.25
N VAL C 195 -14.96 -58.81 -22.01
CA VAL C 195 -14.76 -57.72 -21.06
C VAL C 195 -13.52 -56.94 -21.43
N LEU C 196 -13.65 -55.63 -21.52
CA LEU C 196 -12.63 -54.75 -22.08
C LEU C 196 -11.92 -54.00 -20.96
N VAL C 197 -10.60 -54.12 -20.90
CA VAL C 197 -9.76 -53.40 -19.95
C VAL C 197 -8.89 -52.44 -20.74
N CYS C 198 -8.82 -51.19 -20.29
CA CYS C 198 -8.11 -50.16 -21.04
C CYS C 198 -7.19 -49.36 -20.12
N ASP C 199 -5.94 -49.22 -20.54
CA ASP C 199 -4.95 -48.39 -19.86
C ASP C 199 -5.03 -46.99 -20.46
N MET C 200 -5.67 -46.06 -19.76
CA MET C 200 -5.84 -44.70 -20.23
C MET C 200 -5.01 -43.70 -19.43
N SER C 201 -3.85 -44.12 -18.93
CA SER C 201 -3.07 -43.27 -18.03
C SER C 201 -2.68 -41.96 -18.69
N SER C 202 -2.24 -42.00 -19.94
CA SER C 202 -1.66 -40.83 -20.61
C SER C 202 -2.67 -40.03 -21.41
N ASN C 203 -3.94 -40.44 -21.46
CA ASN C 203 -4.96 -39.61 -22.10
C ASN C 203 -6.26 -39.57 -21.31
N PHE C 204 -6.21 -39.92 -20.02
CA PHE C 204 -7.42 -39.90 -19.19
C PHE C 204 -8.01 -38.50 -19.15
N LEU C 205 -9.29 -38.41 -19.49
CA LEU C 205 -10.04 -37.14 -19.47
C LEU C 205 -9.45 -36.12 -20.44
N SER C 206 -8.80 -36.58 -21.50
CA SER C 206 -8.47 -35.72 -22.62
C SER C 206 -9.56 -35.71 -23.68
N LYS C 207 -10.62 -36.50 -23.48
CA LYS C 207 -11.72 -36.64 -24.42
C LYS C 207 -12.83 -37.42 -23.74
N PRO C 208 -14.09 -37.25 -24.17
CA PRO C 208 -15.17 -38.05 -23.61
C PRO C 208 -14.95 -39.53 -23.90
N VAL C 209 -15.53 -40.37 -23.03
CA VAL C 209 -15.34 -41.82 -23.10
C VAL C 209 -16.68 -42.49 -22.85
N ASP C 210 -17.05 -43.43 -23.72
CA ASP C 210 -18.23 -44.27 -23.50
C ASP C 210 -17.83 -45.37 -22.51
N VAL C 211 -18.01 -45.07 -21.22
CA VAL C 211 -17.58 -45.98 -20.17
C VAL C 211 -18.37 -47.30 -20.24
N SER C 212 -19.58 -47.27 -20.78
CA SER C 212 -20.42 -48.46 -20.84
C SER C 212 -19.78 -49.60 -21.63
N LYS C 213 -18.83 -49.29 -22.53
CA LYS C 213 -18.19 -50.30 -23.35
C LYS C 213 -17.07 -51.05 -22.62
N PHE C 214 -16.70 -50.61 -21.41
CA PHE C 214 -15.52 -51.12 -20.73
C PHE C 214 -15.92 -51.93 -19.50
N GLY C 215 -15.03 -52.86 -19.14
CA GLY C 215 -15.17 -53.58 -17.89
C GLY C 215 -14.33 -52.94 -16.80
N VAL C 216 -13.09 -52.57 -17.14
CA VAL C 216 -12.19 -51.88 -16.23
C VAL C 216 -11.42 -50.83 -17.00
N ILE C 217 -11.45 -49.60 -16.50
CA ILE C 217 -10.57 -48.52 -16.97
C ILE C 217 -9.69 -48.12 -15.80
N PHE C 218 -8.39 -47.95 -16.04
CA PHE C 218 -7.50 -47.43 -15.02
C PHE C 218 -6.59 -46.39 -15.64
N ALA C 219 -6.07 -45.52 -14.77
CA ALA C 219 -5.23 -44.41 -15.21
C ALA C 219 -4.45 -43.85 -14.03
N GLY C 220 -3.14 -43.77 -14.18
CA GLY C 220 -2.33 -43.06 -13.20
C GLY C 220 -2.60 -41.57 -13.27
N ALA C 221 -2.70 -40.94 -12.09
CA ALA C 221 -3.13 -39.56 -12.03
C ALA C 221 -2.06 -38.58 -12.48
N GLN C 222 -0.79 -39.01 -12.50
CA GLN C 222 0.36 -38.12 -12.76
C GLN C 222 0.55 -37.69 -14.23
N ASN C 224 -2.53 -36.56 -16.54
CA ASN C 224 -3.55 -35.60 -16.97
C ASN C 224 -4.48 -35.12 -15.90
N VAL C 225 -4.39 -35.81 -14.69
CA VAL C 225 -5.47 -35.59 -13.69
C VAL C 225 -4.92 -35.38 -12.29
N GLY C 226 -3.63 -35.10 -12.12
CA GLY C 226 -3.19 -34.84 -10.77
C GLY C 226 -1.69 -35.06 -10.63
N SER C 227 -1.31 -35.50 -9.43
CA SER C 227 0.07 -35.76 -9.07
C SER C 227 0.28 -37.24 -8.84
N ALA C 228 1.55 -37.64 -8.83
CA ALA C 228 1.89 -39.04 -8.64
C ALA C 228 1.51 -39.53 -7.25
N GLY C 229 1.07 -40.79 -7.17
CA GLY C 229 0.75 -41.40 -5.90
C GLY C 229 -0.62 -42.07 -5.83
N VAL C 230 -1.48 -41.84 -6.82
CA VAL C 230 -2.81 -42.42 -6.82
C VAL C 230 -3.17 -42.84 -8.25
N THR C 231 -3.95 -43.92 -8.34
CA THR C 231 -4.44 -44.44 -9.61
C THR C 231 -5.95 -44.55 -9.53
N VAL C 232 -6.64 -44.07 -10.56
CA VAL C 232 -8.09 -44.18 -10.63
C VAL C 232 -8.46 -45.45 -11.39
N VAL C 233 -9.41 -46.21 -10.86
CA VAL C 233 -9.84 -47.47 -11.46
C VAL C 233 -11.36 -47.48 -11.50
N ILE C 234 -11.91 -47.66 -12.70
CA ILE C 234 -13.36 -47.71 -12.91
C ILE C 234 -13.72 -49.13 -13.29
N VAL C 235 -14.45 -49.82 -12.41
CA VAL C 235 -14.76 -51.23 -12.57
C VAL C 235 -16.26 -51.42 -12.61
N ARG C 236 -16.73 -52.22 -13.57
CA ARG C 236 -18.14 -52.61 -13.59
C ARG C 236 -18.43 -53.47 -12.37
N ASP C 237 -19.54 -53.16 -11.68
CA ASP C 237 -19.76 -53.67 -10.33
C ASP C 237 -20.03 -55.17 -10.28
N ASP C 238 -20.23 -55.83 -11.41
CA ASP C 238 -20.37 -57.28 -11.43
C ASP C 238 -19.07 -58.00 -11.74
N LEU C 239 -17.98 -57.25 -11.97
CA LEU C 239 -16.67 -57.84 -12.19
C LEU C 239 -15.86 -57.97 -10.92
N LEU C 240 -16.39 -57.53 -9.79
CA LEU C 240 -15.79 -57.81 -8.50
C LEU C 240 -16.05 -59.26 -8.11
N GLY C 241 -15.25 -59.76 -7.17
CA GLY C 241 -15.46 -61.10 -6.66
C GLY C 241 -14.93 -62.22 -7.53
N PHE C 242 -14.06 -61.92 -8.49
CA PHE C 242 -13.32 -62.94 -9.23
C PHE C 242 -11.83 -62.88 -8.95
N ALA C 243 -11.43 -62.07 -7.97
CA ALA C 243 -10.01 -61.89 -7.69
C ALA C 243 -9.37 -63.18 -7.20
N LEU C 244 -8.12 -63.39 -7.60
CA LEU C 244 -7.37 -64.56 -7.18
C LEU C 244 -7.09 -64.50 -5.67
N ARG C 245 -6.72 -65.65 -5.12
CA ARG C 245 -6.38 -65.69 -3.70
C ARG C 245 -5.16 -64.84 -3.39
N GLU C 246 -4.20 -64.78 -4.31
CA GLU C 246 -2.95 -64.09 -4.06
C GLU C 246 -3.05 -62.58 -4.27
N CYS C 247 -4.23 -62.05 -4.57
CA CYS C 247 -4.36 -60.62 -4.78
C CYS C 247 -4.22 -59.89 -3.46
N PRO C 248 -3.30 -58.94 -3.33
CA PRO C 248 -3.21 -58.15 -2.10
C PRO C 248 -4.51 -57.39 -1.87
N SER C 249 -4.94 -57.35 -0.60
CA SER C 249 -6.23 -56.76 -0.26
C SER C 249 -6.29 -55.29 -0.66
N VAL C 250 -5.17 -54.57 -0.56
CA VAL C 250 -5.15 -53.17 -0.95
C VAL C 250 -5.32 -52.97 -2.45
N LEU C 251 -5.19 -54.04 -3.24
CA LEU C 251 -5.33 -53.96 -4.69
C LEU C 251 -6.53 -54.74 -5.21
N GLU C 252 -7.33 -55.34 -4.32
CA GLU C 252 -8.51 -56.09 -4.74
C GLU C 252 -9.67 -55.12 -4.94
N TYR C 253 -10.22 -55.12 -6.16
CA TYR C 253 -11.32 -54.21 -6.48
C TYR C 253 -12.50 -54.41 -5.54
N LYS C 254 -12.83 -55.67 -5.23
CA LYS C 254 -13.97 -55.95 -4.37
C LYS C 254 -13.78 -55.36 -2.98
N VAL C 255 -12.58 -55.53 -2.41
CA VAL C 255 -12.32 -55.03 -1.06
C VAL C 255 -12.38 -53.52 -1.03
N GLN C 256 -11.74 -52.87 -2.02
CA GLN C 256 -11.63 -51.41 -1.97
C GLN C 256 -12.96 -50.73 -2.31
N ALA C 257 -13.75 -51.32 -3.21
CA ALA C 257 -15.04 -50.75 -3.53
C ALA C 257 -15.98 -50.83 -2.34
N GLY C 258 -15.90 -51.90 -1.55
CA GLY C 258 -16.73 -52.04 -0.38
C GLY C 258 -16.35 -51.12 0.77
N ASN C 259 -15.13 -50.59 0.75
CA ASN C 259 -14.67 -49.65 1.77
C ASN C 259 -14.52 -48.22 1.24
N SER C 260 -15.05 -47.94 0.04
CA SER C 260 -14.96 -46.62 -0.58
C SER C 260 -13.52 -46.14 -0.64
N SER C 261 -12.64 -47.03 -1.10
CA SER C 261 -11.20 -46.77 -1.24
C SER C 261 -10.51 -46.49 0.09
N LEU C 262 -11.13 -46.83 1.21
CA LEU C 262 -10.57 -46.56 2.53
C LEU C 262 -10.32 -47.85 3.32
N TYR C 263 -10.03 -48.95 2.61
CA TYR C 263 -9.65 -50.18 3.30
C TYR C 263 -8.43 -49.97 4.18
N ASN C 264 -7.42 -49.29 3.64
CA ASN C 264 -6.28 -48.80 4.43
C ASN C 264 -6.11 -47.32 4.13
N THR C 265 -5.05 -46.73 4.67
CA THR C 265 -4.85 -45.29 4.51
C THR C 265 -4.61 -44.95 3.04
N PRO C 266 -5.48 -44.17 2.41
CA PRO C 266 -5.30 -43.82 1.00
C PRO C 266 -4.28 -42.70 0.86
N PRO C 267 -3.75 -42.48 -0.34
CA PRO C 267 -2.87 -41.33 -0.56
C PRO C 267 -3.66 -40.02 -0.49
N CYS C 268 -3.88 -39.54 0.73
CA CYS C 268 -4.81 -38.43 0.95
C CYS C 268 -4.42 -37.20 0.12
N PHE C 269 -3.15 -36.81 0.17
CA PHE C 269 -2.76 -35.58 -0.50
C PHE C 269 -2.84 -35.73 -2.02
N SER C 270 -2.53 -36.92 -2.54
CA SER C 270 -2.67 -37.15 -3.98
C SER C 270 -4.12 -37.06 -4.42
N ILE C 271 -5.04 -37.58 -3.61
CA ILE C 271 -6.46 -37.50 -3.92
C ILE C 271 -6.97 -36.07 -3.80
N TYR C 272 -6.44 -35.31 -2.84
CA TYR C 272 -6.78 -33.90 -2.73
C TYR C 272 -6.31 -33.12 -3.95
N VAL C 273 -5.07 -33.37 -4.40
CA VAL C 273 -4.56 -32.71 -5.59
C VAL C 273 -5.34 -33.12 -6.83
N MET C 274 -5.72 -34.40 -6.92
CA MET C 274 -6.45 -34.89 -8.08
C MET C 274 -7.81 -34.20 -8.19
N GLY C 275 -8.53 -34.08 -7.07
CA GLY C 275 -9.81 -33.40 -7.09
C GLY C 275 -9.70 -31.95 -7.54
N LEU C 276 -8.58 -31.29 -7.24
CA LEU C 276 -8.41 -29.90 -7.67
C LEU C 276 -8.19 -29.81 -9.18
N VAL C 277 -7.42 -30.75 -9.74
CA VAL C 277 -7.26 -30.78 -11.20
C VAL C 277 -8.60 -31.11 -11.87
N LEU C 278 -9.32 -32.09 -11.31
CA LEU C 278 -10.65 -32.42 -11.82
C LEU C 278 -11.56 -31.20 -11.81
N GLU C 279 -11.51 -30.43 -10.72
CA GLU C 279 -12.29 -29.20 -10.65
C GLU C 279 -11.83 -28.20 -11.71
N TRP C 280 -10.52 -28.14 -11.94
CA TRP C 280 -9.98 -27.25 -12.96
C TRP C 280 -10.46 -27.66 -14.36
N ILE C 281 -10.48 -28.96 -14.63
CA ILE C 281 -11.00 -29.45 -15.90
C ILE C 281 -12.47 -29.06 -16.08
N LYS C 282 -13.26 -29.24 -15.02
CA LYS C 282 -14.69 -28.95 -15.11
C LYS C 282 -14.94 -27.48 -15.37
N ASN C 283 -14.21 -26.60 -14.68
CA ASN C 283 -14.36 -25.17 -14.91
C ASN C 283 -13.93 -24.76 -16.31
N ASN C 284 -13.10 -25.56 -16.97
CA ASN C 284 -12.57 -25.24 -18.29
C ASN C 284 -13.34 -25.92 -19.42
N GLY C 285 -14.48 -26.53 -19.12
CA GLY C 285 -15.35 -27.11 -20.13
C GLY C 285 -15.43 -28.62 -20.14
N GLY C 286 -14.81 -29.31 -19.19
CA GLY C 286 -14.91 -30.76 -19.13
C GLY C 286 -14.19 -31.47 -20.26
N ALA C 287 -14.51 -32.76 -20.40
CA ALA C 287 -13.84 -33.61 -21.37
C ALA C 287 -14.04 -33.12 -22.79
N ALA C 288 -15.18 -32.49 -23.08
CA ALA C 288 -15.44 -31.98 -24.42
C ALA C 288 -14.47 -30.86 -24.78
N ALA C 289 -14.21 -29.96 -23.84
CA ALA C 289 -13.26 -28.88 -24.09
C ALA C 289 -11.84 -29.40 -24.19
N MET C 290 -11.49 -30.40 -23.36
CA MET C 290 -10.15 -30.96 -23.42
C MET C 290 -9.89 -31.62 -24.77
N GLU C 291 -10.91 -32.21 -25.38
CA GLU C 291 -10.74 -32.80 -26.71
C GLU C 291 -10.46 -31.72 -27.75
N LYS C 292 -11.18 -30.59 -27.68
CA LYS C 292 -10.93 -29.50 -28.60
C LYS C 292 -9.55 -28.88 -28.36
N LEU C 293 -9.20 -28.66 -27.10
CA LEU C 293 -7.92 -28.03 -26.79
C LEU C 293 -6.75 -28.93 -27.16
N SER C 294 -6.89 -30.24 -26.96
CA SER C 294 -5.83 -31.16 -27.34
C SER C 294 -5.75 -31.35 -28.86
N SER C 295 -6.81 -31.04 -29.59
CA SER C 295 -6.73 -31.04 -31.04
C SER C 295 -5.93 -29.84 -31.54
N ILE C 296 -6.23 -28.66 -31.00
CA ILE C 296 -5.50 -27.45 -31.41
C ILE C 296 -4.02 -27.57 -31.06
N LYS C 297 -3.72 -28.16 -29.89
CA LYS C 297 -2.34 -28.29 -29.46
C LYS C 297 -1.56 -29.25 -30.35
N SER C 298 -2.08 -30.47 -30.52
CA SER C 298 -1.37 -31.48 -31.30
C SER C 298 -1.28 -31.09 -32.76
N GLN C 299 -2.32 -30.45 -33.31
CA GLN C 299 -2.28 -30.02 -34.70
C GLN C 299 -1.21 -28.97 -34.92
N THR C 300 -0.95 -28.12 -33.92
CA THR C 300 0.09 -27.11 -34.07
C THR C 300 1.46 -27.74 -34.30
N ILE C 301 1.73 -28.86 -33.62
CA ILE C 301 3.03 -29.51 -33.74
C ILE C 301 3.07 -30.39 -34.98
N TYR C 302 2.02 -31.19 -35.20
CA TYR C 302 1.98 -32.05 -36.38
C TYR C 302 2.01 -31.22 -37.67
N GLU C 303 1.51 -30.00 -37.63
CA GLU C 303 1.56 -29.13 -38.80
C GLU C 303 2.99 -28.75 -39.15
N ILE C 304 3.83 -28.51 -38.12
CA ILE C 304 5.23 -28.20 -38.37
C ILE C 304 5.93 -29.42 -38.94
N ILE C 305 5.60 -30.60 -38.42
CA ILE C 305 6.27 -31.83 -38.86
C ILE C 305 5.87 -32.18 -40.29
N ASP C 306 4.57 -32.13 -40.58
CA ASP C 306 4.07 -32.54 -41.89
C ASP C 306 4.54 -31.61 -43.00
N ASN C 307 4.82 -30.35 -42.69
CA ASN C 307 5.32 -29.40 -43.68
C ASN C 307 6.80 -29.09 -43.50
N SER C 308 7.52 -29.90 -42.72
CA SER C 308 8.94 -29.67 -42.46
C SER C 308 9.84 -30.15 -43.59
N GLN C 309 9.27 -30.75 -44.64
CA GLN C 309 10.03 -31.30 -45.76
C GLN C 309 11.10 -32.26 -45.28
N GLY C 310 10.71 -33.17 -44.39
CA GLY C 310 11.59 -34.19 -43.89
C GLY C 310 12.53 -33.77 -42.78
N PHE C 311 12.51 -32.50 -42.38
CA PHE C 311 13.38 -32.05 -41.30
C PHE C 311 12.93 -32.64 -39.96
N TYR C 312 11.62 -32.72 -39.74
CA TYR C 312 11.05 -33.44 -38.61
C TYR C 312 10.32 -34.65 -39.14
N VAL C 313 10.60 -35.82 -38.57
CA VAL C 313 9.95 -37.05 -38.97
C VAL C 313 9.20 -37.61 -37.75
N CYS C 314 7.91 -37.88 -37.93
CA CYS C 314 7.10 -38.55 -36.92
C CYS C 314 6.68 -39.90 -37.48
N PRO C 315 7.19 -41.01 -36.93
CA PRO C 315 7.01 -42.31 -37.61
C PRO C 315 5.61 -42.90 -37.49
N VAL C 316 4.77 -42.40 -36.58
CA VAL C 316 3.44 -42.97 -36.39
C VAL C 316 2.58 -42.68 -37.62
N GLU C 317 1.83 -43.68 -38.04
CA GLU C 317 0.86 -43.49 -39.12
C GLU C 317 -0.12 -42.37 -38.72
N PRO C 318 -0.41 -41.43 -39.60
CA PRO C 318 -1.22 -40.26 -39.21
C PRO C 318 -2.55 -40.60 -38.57
N GLN C 319 -3.18 -41.70 -38.95
CA GLN C 319 -4.49 -42.04 -38.39
C GLN C 319 -4.40 -42.64 -36.99
N ASN C 320 -3.19 -42.89 -36.47
CA ASN C 320 -3.01 -43.36 -35.11
C ASN C 320 -2.14 -42.41 -34.28
N ARG C 321 -1.89 -41.21 -34.77
CA ARG C 321 -1.04 -40.26 -34.05
C ARG C 321 -1.68 -39.86 -32.74
N SER C 322 -0.92 -39.97 -31.65
CA SER C 322 -1.38 -39.51 -30.36
C SER C 322 -1.50 -37.99 -30.34
N LYS C 323 -2.53 -37.50 -29.65
CA LYS C 323 -2.72 -36.09 -29.42
C LYS C 323 -2.09 -35.62 -28.11
N MET C 324 -1.56 -36.54 -27.33
CA MET C 324 -0.94 -36.24 -26.03
C MET C 324 0.58 -36.22 -26.11
N ASN C 325 1.18 -37.24 -26.72
CA ASN C 325 2.63 -37.37 -26.80
C ASN C 325 3.04 -37.43 -28.27
N ILE C 326 3.85 -36.46 -28.69
CA ILE C 326 4.26 -36.39 -30.09
C ILE C 326 5.77 -36.65 -30.16
N PRO C 327 6.19 -37.90 -30.38
CA PRO C 327 7.62 -38.17 -30.55
C PRO C 327 8.04 -38.02 -32.00
N PHE C 328 9.21 -37.41 -32.20
CA PHE C 328 9.72 -37.23 -33.55
C PHE C 328 11.24 -37.19 -33.52
N ARG C 329 11.82 -37.24 -34.72
CA ARG C 329 13.26 -37.16 -34.92
C ARG C 329 13.59 -35.97 -35.81
N ILE C 330 14.84 -35.54 -35.76
CA ILE C 330 15.30 -34.38 -36.50
C ILE C 330 16.34 -34.84 -37.53
N GLY C 331 16.17 -34.41 -38.77
CA GLY C 331 17.09 -34.76 -39.83
C GLY C 331 16.57 -35.84 -40.76
N ASN C 332 16.38 -37.05 -40.23
CA ASN C 332 15.95 -38.18 -41.03
C ASN C 332 15.23 -39.17 -40.14
N ALA C 333 14.84 -40.31 -40.74
CA ALA C 333 13.97 -41.26 -40.05
C ALA C 333 14.65 -41.85 -38.81
N LYS C 334 15.95 -42.12 -38.89
CA LYS C 334 16.68 -42.62 -37.72
C LYS C 334 17.18 -41.50 -36.82
N GLY C 335 17.19 -40.25 -37.30
CA GLY C 335 17.55 -39.13 -36.46
C GLY C 335 19.01 -38.75 -36.53
N ASP C 336 19.27 -37.44 -36.64
CA ASP C 336 20.63 -36.91 -36.69
C ASP C 336 20.98 -36.41 -35.29
N ASP C 337 21.89 -37.11 -34.62
CA ASP C 337 22.14 -36.85 -33.20
C ASP C 337 22.73 -35.47 -32.98
N ALA C 338 23.60 -35.01 -33.89
CA ALA C 338 24.22 -33.70 -33.71
C ALA C 338 23.18 -32.59 -33.71
N LEU C 339 22.21 -32.66 -34.61
CA LEU C 339 21.18 -31.63 -34.69
C LEU C 339 20.26 -31.69 -33.48
N GLU C 340 19.93 -32.90 -33.02
CA GLU C 340 18.97 -33.04 -31.92
C GLU C 340 19.52 -32.55 -30.60
N LYS C 341 20.83 -32.72 -30.36
CA LYS C 341 21.39 -32.19 -29.12
C LYS C 341 21.37 -30.66 -29.13
N ARG C 342 21.61 -30.05 -30.29
CA ARG C 342 21.56 -28.60 -30.38
C ARG C 342 20.14 -28.11 -30.16
N PHE C 343 19.16 -28.84 -30.68
CA PHE C 343 17.76 -28.52 -30.43
C PHE C 343 17.46 -28.54 -28.93
N LEU C 344 17.81 -29.63 -28.26
CA LEU C 344 17.49 -29.77 -26.84
C LEU C 344 18.27 -28.77 -25.99
N ASP C 345 19.53 -28.53 -26.32
CA ASP C 345 20.32 -27.57 -25.56
C ASP C 345 19.75 -26.17 -25.68
N LYS C 346 19.35 -25.76 -26.88
CA LYS C 346 18.69 -24.47 -27.04
C LYS C 346 17.29 -24.48 -26.41
N ALA C 347 16.60 -25.62 -26.47
CA ALA C 347 15.28 -25.71 -25.84
C ALA C 347 15.39 -25.56 -24.33
N LEU C 348 16.41 -26.17 -23.73
CA LEU C 348 16.63 -26.01 -22.30
C LEU C 348 17.01 -24.57 -21.96
N GLU C 349 17.77 -23.92 -22.83
CA GLU C 349 18.14 -22.52 -22.61
C GLU C 349 16.91 -21.63 -22.60
N LEU C 350 15.85 -22.00 -23.30
CA LEU C 350 14.59 -21.27 -23.30
C LEU C 350 13.64 -21.74 -22.20
N ASN C 351 14.12 -22.58 -21.28
CA ASN C 351 13.34 -23.06 -20.13
C ASN C 351 12.14 -23.90 -20.57
N MET C 352 12.32 -24.68 -21.63
CA MET C 352 11.35 -25.69 -22.03
C MET C 352 11.91 -27.06 -21.62
N LEU C 353 11.30 -27.65 -20.60
CA LEU C 353 11.86 -28.81 -19.93
C LEU C 353 11.24 -30.11 -20.44
N SER C 354 12.00 -31.19 -20.28
CA SER C 354 11.54 -32.57 -20.53
C SER C 354 11.13 -32.78 -21.99
N LEU C 355 11.83 -32.12 -22.92
CA LEU C 355 11.60 -32.35 -24.33
C LEU C 355 12.39 -33.52 -24.88
N LYS C 356 13.35 -34.05 -24.12
CA LYS C 356 14.11 -35.20 -24.57
C LYS C 356 13.22 -36.43 -24.68
N GLY C 357 13.37 -37.17 -25.77
CA GLY C 357 12.60 -38.39 -25.96
C GLY C 357 12.94 -39.44 -24.92
N HIS C 358 12.09 -40.46 -24.85
CA HIS C 358 12.30 -41.53 -23.88
C HIS C 358 13.60 -42.26 -24.18
N ARG C 359 14.24 -42.75 -23.10
CA ARG C 359 15.52 -43.45 -23.20
C ARG C 359 15.50 -44.53 -24.29
N SER C 360 14.41 -45.29 -24.39
CA SER C 360 14.34 -46.42 -25.30
C SER C 360 14.18 -46.00 -26.76
N VAL C 361 13.84 -44.74 -27.04
CA VAL C 361 13.62 -44.30 -28.41
C VAL C 361 14.56 -43.14 -28.74
N GLY C 362 14.90 -42.34 -27.73
CA GLY C 362 15.72 -41.16 -28.01
C GLY C 362 14.92 -40.09 -28.72
N GLY C 363 15.64 -39.24 -29.43
CA GLY C 363 14.99 -38.19 -30.20
C GLY C 363 14.29 -37.17 -29.32
N ILE C 364 13.22 -36.59 -29.85
CA ILE C 364 12.44 -35.57 -29.16
C ILE C 364 11.05 -36.12 -28.87
N ARG C 365 10.47 -35.68 -27.76
CA ARG C 365 9.08 -35.98 -27.44
C ARG C 365 8.46 -34.79 -26.72
N ALA C 366 7.33 -34.33 -27.24
CA ALA C 366 6.57 -33.24 -26.63
C ALA C 366 5.29 -33.82 -26.05
N SER C 367 5.08 -33.62 -24.76
CA SER C 367 3.87 -34.06 -24.07
C SER C 367 2.96 -32.86 -23.89
N LEU C 368 1.72 -32.96 -24.39
CA LEU C 368 0.81 -31.83 -24.40
C LEU C 368 -0.45 -32.11 -23.60
N TYR C 369 -0.30 -32.45 -22.31
CA TYR C 369 -1.42 -32.87 -21.49
C TYR C 369 -2.33 -31.67 -21.17
N ASN C 370 -3.38 -31.94 -20.38
CA ASN C 370 -4.43 -30.95 -20.15
C ASN C 370 -3.87 -29.63 -19.61
N ALA C 371 -2.92 -29.68 -18.68
CA ALA C 371 -2.42 -28.45 -18.07
C ALA C 371 -1.49 -27.67 -18.99
N VAL C 372 -0.93 -28.31 -20.02
CA VAL C 372 -0.08 -27.59 -20.96
C VAL C 372 -0.95 -26.64 -21.77
N THR C 373 -0.70 -25.34 -21.62
CA THR C 373 -1.54 -24.34 -22.26
C THR C 373 -1.20 -24.20 -23.74
N ILE C 374 -2.08 -23.50 -24.47
CA ILE C 374 -1.82 -23.24 -25.89
C ILE C 374 -0.62 -22.32 -26.04
N GLU C 375 -0.50 -21.31 -25.18
CA GLU C 375 0.69 -20.46 -25.19
C GLU C 375 1.96 -21.26 -24.98
N ASP C 376 1.89 -22.32 -24.16
CA ASP C 376 3.03 -23.21 -24.01
C ASP C 376 3.36 -23.91 -25.33
N VAL C 377 2.33 -24.42 -26.01
CA VAL C 377 2.54 -25.02 -27.32
C VAL C 377 2.93 -23.96 -28.34
N GLN C 378 2.42 -22.74 -28.20
CA GLN C 378 2.77 -21.67 -29.12
C GLN C 378 4.24 -21.27 -28.95
N LYS C 379 4.80 -21.44 -27.76
CA LYS C 379 6.23 -21.21 -27.59
C LYS C 379 7.05 -22.32 -28.24
N LEU C 380 6.61 -23.57 -28.09
CA LEU C 380 7.29 -24.68 -28.75
C LEU C 380 7.18 -24.56 -30.27
N ALA C 381 6.01 -24.18 -30.77
CA ALA C 381 5.82 -24.04 -32.21
C ALA C 381 6.76 -22.98 -32.78
N ALA C 382 6.83 -21.83 -32.12
CA ALA C 382 7.71 -20.76 -32.60
C ALA C 382 9.17 -21.19 -32.59
N PHE C 383 9.57 -21.97 -31.59
CA PHE C 383 10.96 -22.42 -31.51
C PHE C 383 11.28 -23.43 -32.59
N MET C 384 10.38 -24.38 -32.83
CA MET C 384 10.62 -25.39 -33.86
C MET C 384 10.75 -24.77 -35.24
N LYS C 385 9.98 -23.72 -35.51
CA LYS C 385 10.06 -23.06 -36.81
C LYS C 385 11.38 -22.30 -36.96
N LYS C 386 11.80 -21.57 -35.93
CA LYS C 386 13.06 -20.86 -36.02
C LYS C 386 14.24 -21.82 -36.08
N PHE C 387 14.16 -22.96 -35.40
CA PHE C 387 15.22 -23.96 -35.49
C PHE C 387 15.27 -24.58 -36.88
N LEU C 388 14.10 -24.88 -37.45
CA LEU C 388 14.06 -25.39 -38.81
C LEU C 388 14.57 -24.35 -39.80
N GLU C 389 14.28 -23.07 -39.54
CA GLU C 389 14.72 -21.99 -40.42
C GLU C 389 16.21 -21.74 -40.32
N MET C 390 16.91 -22.39 -39.39
CA MET C 390 18.33 -22.15 -39.19
C MET C 390 19.20 -23.35 -39.52
N HIS C 391 18.62 -24.53 -39.74
CA HIS C 391 19.41 -25.74 -39.94
C HIS C 391 18.97 -26.59 -41.13
N GLN C 392 17.90 -26.22 -41.81
CA GLN C 392 17.51 -26.96 -43.01
C GLN C 392 18.50 -26.67 -44.13
N LEU C 393 19.02 -27.72 -44.76
CA LEU C 393 20.03 -27.59 -45.80
C LEU C 393 19.42 -27.45 -47.18
N GLN D 29 -1.72 -6.52 -15.52
CA GLN D 29 -2.55 -7.71 -15.37
C GLN D 29 -3.93 -7.47 -15.97
N VAL D 30 -4.02 -6.48 -16.85
CA VAL D 30 -5.31 -6.01 -17.34
C VAL D 30 -5.93 -7.05 -18.27
N VAL D 31 -7.24 -7.25 -18.13
CA VAL D 31 -8.02 -8.11 -19.01
C VAL D 31 -8.99 -7.21 -19.78
N ASN D 32 -8.83 -7.15 -21.11
CA ASN D 32 -9.55 -6.21 -21.95
C ASN D 32 -10.69 -6.93 -22.67
N PHE D 33 -11.92 -6.73 -22.18
CA PHE D 33 -13.13 -7.21 -22.84
C PHE D 33 -13.76 -6.14 -23.74
N GLY D 34 -12.93 -5.31 -24.38
CA GLY D 34 -13.41 -4.24 -25.23
C GLY D 34 -14.26 -4.75 -26.37
N PRO D 35 -15.25 -3.95 -26.79
CA PRO D 35 -16.20 -4.43 -27.81
C PRO D 35 -15.76 -4.13 -29.23
N GLY D 36 -14.81 -3.20 -29.38
CA GLY D 36 -14.38 -2.75 -30.68
C GLY D 36 -14.19 -1.24 -30.70
N PRO D 37 -12.93 -0.77 -30.65
CA PRO D 37 -11.65 -1.49 -30.64
C PRO D 37 -11.52 -2.51 -29.52
N ALA D 38 -10.85 -3.63 -29.80
CA ALA D 38 -10.76 -4.73 -28.85
C ALA D 38 -9.29 -4.98 -28.50
N LYS D 39 -9.05 -6.09 -27.82
CA LYS D 39 -7.72 -6.45 -27.37
C LYS D 39 -6.94 -7.12 -28.49
N LEU D 40 -5.63 -6.84 -28.54
CA LEU D 40 -4.75 -7.46 -29.51
C LEU D 40 -3.84 -8.47 -28.81
N PRO D 41 -3.43 -9.54 -29.50
CA PRO D 41 -2.55 -10.53 -28.87
C PRO D 41 -1.26 -9.87 -28.40
N HIS D 42 -0.83 -10.26 -27.19
CA HIS D 42 0.37 -9.66 -26.62
C HIS D 42 1.59 -9.91 -27.48
N SER D 43 1.66 -11.06 -28.14
CA SER D 43 2.78 -11.36 -29.02
C SER D 43 2.85 -10.37 -30.17
N VAL D 44 1.70 -9.98 -30.72
CA VAL D 44 1.67 -9.03 -31.83
C VAL D 44 2.17 -7.66 -31.39
N LEU D 45 1.65 -7.16 -30.27
CA LEU D 45 2.07 -5.84 -29.79
C LEU D 45 3.57 -5.80 -29.48
N LEU D 46 4.14 -6.91 -29.03
CA LEU D 46 5.57 -6.95 -28.78
C LEU D 46 6.36 -6.77 -30.07
N GLU D 47 5.95 -7.44 -31.15
CA GLU D 47 6.65 -7.29 -32.41
C GLU D 47 6.48 -5.90 -32.98
N ILE D 48 5.26 -5.34 -32.91
CA ILE D 48 5.04 -3.97 -33.37
C ILE D 48 5.94 -3.00 -32.63
N GLN D 49 6.17 -3.25 -31.35
CA GLN D 49 6.98 -2.32 -30.55
C GLN D 49 8.45 -2.38 -30.95
N LYS D 50 9.00 -3.58 -31.11
CA LYS D 50 10.43 -3.69 -31.36
C LYS D 50 10.80 -3.33 -32.80
N GLU D 51 9.85 -3.42 -33.73
CA GLU D 51 10.08 -3.03 -35.12
C GLU D 51 9.66 -1.60 -35.42
N LEU D 52 9.18 -0.85 -34.42
CA LEU D 52 8.53 0.42 -34.71
C LEU D 52 9.48 1.42 -35.36
N LEU D 53 10.77 1.39 -35.00
CA LEU D 53 11.70 2.37 -35.54
C LEU D 53 12.42 1.88 -36.79
N ASP D 54 12.55 0.57 -36.97
CA ASP D 54 13.33 0.01 -38.08
C ASP D 54 12.65 -1.31 -38.49
N TYR D 55 11.70 -1.20 -39.41
CA TYR D 55 10.93 -2.37 -39.84
C TYR D 55 11.83 -3.33 -40.61
N LYS D 56 12.16 -4.46 -39.98
CA LYS D 56 12.86 -5.57 -40.63
C LYS D 56 14.14 -5.13 -41.33
N GLY D 57 14.80 -4.11 -40.76
CA GLY D 57 16.06 -3.63 -41.29
C GLY D 57 15.95 -2.63 -42.42
N VAL D 58 14.75 -2.18 -42.76
CA VAL D 58 14.59 -1.23 -43.86
C VAL D 58 15.15 0.13 -43.48
N GLY D 59 15.14 0.46 -42.19
CA GLY D 59 15.72 1.70 -41.71
C GLY D 59 14.71 2.77 -41.33
N ILE D 60 13.43 2.56 -41.63
CA ILE D 60 12.37 3.50 -41.31
C ILE D 60 11.26 2.75 -40.59
N SER D 61 10.24 3.50 -40.17
CA SER D 61 9.04 2.96 -39.57
C SER D 61 8.01 2.64 -40.64
N VAL D 62 7.11 1.72 -40.31
CA VAL D 62 5.91 1.54 -41.14
C VAL D 62 5.11 2.83 -41.18
N LEU D 63 5.11 3.59 -40.07
CA LEU D 63 4.47 4.90 -40.04
C LEU D 63 5.09 5.86 -41.04
N GLU D 64 6.32 5.61 -41.49
CA GLU D 64 7.00 6.44 -42.48
C GLU D 64 7.08 5.77 -43.84
N MET D 65 6.57 4.55 -43.97
CA MET D 65 6.79 3.76 -45.18
C MET D 65 5.85 4.19 -46.29
N SER D 66 6.40 4.40 -47.48
CA SER D 66 5.58 4.76 -48.63
C SER D 66 4.76 3.56 -49.10
N HIS D 67 3.49 3.81 -49.41
CA HIS D 67 2.61 2.75 -49.91
C HIS D 67 2.99 2.29 -51.31
N ARG D 68 3.95 2.96 -51.92
CA ARG D 68 4.39 2.59 -53.30
C ARG D 68 5.71 1.84 -53.23
N SER D 69 6.29 1.67 -52.05
CA SER D 69 7.57 1.02 -51.91
C SER D 69 7.44 -0.48 -52.15
N SER D 70 8.58 -1.11 -52.47
CA SER D 70 8.62 -2.57 -52.48
C SER D 70 8.28 -3.13 -51.11
N ASP D 71 8.64 -2.41 -50.05
CA ASP D 71 8.45 -2.92 -48.69
C ASP D 71 6.97 -3.05 -48.34
N PHE D 72 6.19 -2.01 -48.62
CA PHE D 72 4.76 -2.07 -48.28
C PHE D 72 4.00 -3.01 -49.19
N ALA D 73 4.46 -3.20 -50.42
CA ALA D 73 3.80 -4.12 -51.34
C ALA D 73 3.79 -5.53 -50.77
N LYS D 74 4.90 -5.96 -50.17
CA LYS D 74 4.94 -7.25 -49.50
C LYS D 74 3.94 -7.31 -48.34
N ILE D 75 3.79 -6.19 -47.63
CA ILE D 75 2.94 -6.16 -46.45
C ILE D 75 1.47 -6.31 -46.84
N ILE D 76 1.03 -5.54 -47.84
CA ILE D 76 -0.38 -5.56 -48.21
C ILE D 76 -0.73 -6.85 -48.95
N ASN D 77 0.18 -7.36 -49.77
CA ASN D 77 -0.08 -8.62 -50.46
C ASN D 77 -0.08 -9.79 -49.49
N ASN D 78 0.82 -9.77 -48.51
CA ASN D 78 0.82 -10.81 -47.49
C ASN D 78 -0.48 -10.78 -46.69
N THR D 79 -0.97 -9.59 -46.35
CA THR D 79 -2.24 -9.49 -45.63
C THR D 79 -3.39 -10.03 -46.49
N GLU D 80 -3.39 -9.73 -47.79
CA GLU D 80 -4.44 -10.25 -48.66
C GLU D 80 -4.35 -11.77 -48.77
N ASN D 81 -3.12 -12.30 -48.87
CA ASN D 81 -2.96 -13.75 -48.96
C ASN D 81 -3.48 -14.44 -47.71
N LEU D 82 -3.31 -13.82 -46.55
CA LEU D 82 -3.80 -14.42 -45.31
C LEU D 82 -5.31 -14.42 -45.25
N VAL D 83 -5.95 -13.33 -45.69
CA VAL D 83 -7.41 -13.30 -45.77
C VAL D 83 -7.90 -14.40 -46.72
N ARG D 84 -7.18 -14.61 -47.82
CA ARG D 84 -7.56 -15.66 -48.76
C ARG D 84 -7.29 -17.04 -48.18
N GLU D 85 -6.17 -17.22 -47.49
CA GLU D 85 -5.80 -18.52 -46.97
C GLU D 85 -6.69 -18.93 -45.80
N LEU D 86 -6.88 -18.02 -44.84
CA LEU D 86 -7.58 -18.37 -43.61
C LEU D 86 -9.07 -18.60 -43.84
N LEU D 87 -9.68 -17.87 -44.76
CA LEU D 87 -11.10 -18.03 -45.05
C LEU D 87 -11.36 -18.88 -46.28
N ALA D 88 -10.32 -19.33 -46.98
CA ALA D 88 -10.43 -20.09 -48.22
C ALA D 88 -11.27 -19.31 -49.24
N VAL D 89 -10.82 -18.10 -49.54
CA VAL D 89 -11.50 -17.21 -50.47
C VAL D 89 -11.29 -17.71 -51.89
N PRO D 90 -12.37 -17.99 -52.64
CA PRO D 90 -12.20 -18.47 -54.02
C PRO D 90 -11.49 -17.45 -54.90
N ASP D 91 -10.88 -17.96 -55.97
CA ASP D 91 -10.08 -17.11 -56.84
C ASP D 91 -10.90 -16.10 -57.62
N ASN D 92 -12.21 -16.35 -57.79
CA ASN D 92 -13.08 -15.39 -58.48
C ASN D 92 -13.58 -14.29 -57.55
N TYR D 93 -12.89 -14.04 -56.43
CA TYR D 93 -13.27 -13.02 -55.47
C TYR D 93 -12.13 -12.02 -55.31
N LYS D 94 -12.48 -10.74 -55.26
CA LYS D 94 -11.51 -9.69 -54.98
C LYS D 94 -11.43 -9.46 -53.49
N VAL D 95 -10.23 -9.16 -52.99
CA VAL D 95 -10.01 -8.83 -51.59
C VAL D 95 -9.37 -7.46 -51.55
N ILE D 96 -10.11 -6.47 -51.05
CA ILE D 96 -9.65 -5.10 -51.00
C ILE D 96 -9.72 -4.60 -49.55
N PHE D 97 -8.87 -3.62 -49.24
CA PHE D 97 -8.82 -3.00 -47.92
C PHE D 97 -9.18 -1.53 -48.07
N LEU D 98 -10.32 -1.13 -47.52
CA LEU D 98 -10.84 0.23 -47.64
C LEU D 98 -10.77 0.95 -46.30
N GLN D 99 -10.95 2.26 -46.35
CA GLN D 99 -11.13 3.08 -45.17
C GLN D 99 -12.62 3.31 -44.93
N GLY D 100 -12.93 3.99 -43.83
CA GLY D 100 -14.31 4.35 -43.53
C GLY D 100 -15.00 3.49 -42.50
N GLY D 101 -14.36 2.40 -42.05
CA GLY D 101 -14.96 1.57 -41.04
C GLY D 101 -16.14 0.76 -41.57
N GLY D 102 -16.81 0.10 -40.62
CA GLY D 102 -17.99 -0.68 -40.99
C GLY D 102 -19.14 0.20 -41.45
N CYS D 103 -19.40 1.29 -40.72
CA CYS D 103 -20.44 2.23 -41.13
C CYS D 103 -20.15 2.85 -42.49
N GLY D 104 -18.88 2.86 -42.91
CA GLY D 104 -18.57 3.28 -44.27
C GLY D 104 -19.18 2.36 -45.30
N GLN D 105 -19.17 1.06 -45.03
CA GLN D 105 -19.77 0.10 -45.95
C GLN D 105 -21.30 0.15 -45.91
N PHE D 106 -21.89 0.68 -44.83
CA PHE D 106 -23.33 0.89 -44.81
C PHE D 106 -23.77 1.78 -45.97
N SER D 107 -22.89 2.66 -46.43
CA SER D 107 -23.09 3.45 -47.64
C SER D 107 -22.42 2.83 -48.85
N ALA D 108 -21.26 2.18 -48.68
CA ALA D 108 -20.52 1.66 -49.82
C ALA D 108 -21.22 0.45 -50.45
N VAL D 109 -21.93 -0.34 -49.65
CA VAL D 109 -22.64 -1.52 -50.17
C VAL D 109 -23.78 -1.07 -51.09
N PRO D 110 -24.65 -0.14 -50.69
CA PRO D 110 -25.68 0.32 -51.65
C PRO D 110 -25.09 1.03 -52.85
N LEU D 111 -24.14 1.94 -52.62
CA LEU D 111 -23.55 2.70 -53.73
C LEU D 111 -22.99 1.79 -54.81
N ASN D 112 -22.33 0.71 -54.39
CA ASN D 112 -21.67 -0.18 -55.35
C ASN D 112 -22.61 -1.23 -55.92
N LEU D 113 -23.70 -1.58 -55.22
CA LEU D 113 -24.49 -2.74 -55.59
C LEU D 113 -25.97 -2.49 -55.81
N ILE D 114 -26.54 -1.40 -55.29
CA ILE D 114 -28.00 -1.22 -55.38
C ILE D 114 -28.46 -1.08 -56.83
N GLY D 115 -27.56 -0.70 -57.74
CA GLY D 115 -27.90 -0.61 -59.14
C GLY D 115 -27.70 -1.89 -59.93
N LEU D 116 -27.57 -3.03 -59.23
CA LEU D 116 -27.41 -4.31 -59.93
C LEU D 116 -28.64 -4.64 -60.75
N LYS D 117 -29.83 -4.34 -60.23
CA LYS D 117 -31.07 -4.50 -60.94
C LYS D 117 -31.76 -3.14 -61.06
N ALA D 118 -32.52 -2.96 -62.15
CA ALA D 118 -33.04 -1.65 -62.51
C ALA D 118 -33.98 -1.07 -61.45
N GLY D 119 -34.49 -1.90 -60.54
CA GLY D 119 -35.41 -1.38 -59.54
C GLY D 119 -34.77 -0.51 -58.49
N ARG D 120 -33.44 -0.59 -58.33
CA ARG D 120 -32.74 0.03 -57.20
C ARG D 120 -33.42 -0.32 -55.89
N CYS D 121 -33.83 -1.58 -55.78
CA CYS D 121 -34.48 -2.12 -54.59
C CYS D 121 -33.51 -3.01 -53.83
N ALA D 122 -33.70 -3.11 -52.53
CA ALA D 122 -32.79 -3.89 -51.70
C ALA D 122 -33.54 -4.44 -50.49
N ASP D 123 -33.24 -5.68 -50.14
CA ASP D 123 -33.83 -6.35 -49.00
C ASP D 123 -32.85 -6.35 -47.84
N TYR D 124 -33.36 -6.08 -46.64
CA TYR D 124 -32.51 -6.00 -45.44
C TYR D 124 -33.12 -6.83 -44.32
N VAL D 125 -32.26 -7.58 -43.63
CA VAL D 125 -32.64 -8.37 -42.46
C VAL D 125 -32.12 -7.66 -41.23
N VAL D 126 -33.02 -7.26 -40.35
CA VAL D 126 -32.68 -6.47 -39.16
C VAL D 126 -32.80 -7.39 -37.95
N THR D 127 -31.66 -7.79 -37.39
CA THR D 127 -31.64 -8.59 -36.17
C THR D 127 -31.09 -7.83 -34.97
N GLY D 128 -30.58 -6.63 -35.16
CA GLY D 128 -30.10 -5.84 -34.05
C GLY D 128 -29.79 -4.43 -34.48
N ALA D 129 -29.05 -3.72 -33.61
CA ALA D 129 -28.83 -2.30 -33.82
C ALA D 129 -28.04 -2.02 -35.09
N TRP D 130 -27.08 -2.89 -35.43
CA TRP D 130 -26.17 -2.59 -36.53
C TRP D 130 -26.80 -2.85 -37.89
N SER D 131 -27.54 -3.96 -38.02
CA SER D 131 -28.31 -4.14 -39.25
C SER D 131 -29.41 -3.09 -39.37
N ALA D 132 -29.95 -2.63 -38.24
CA ALA D 132 -30.93 -1.54 -38.28
C ALA D 132 -30.31 -0.26 -38.81
N LYS D 133 -29.12 0.08 -38.33
CA LYS D 133 -28.45 1.31 -38.78
C LYS D 133 -28.08 1.22 -40.26
N ALA D 134 -27.69 0.03 -40.71
CA ALA D 134 -27.35 -0.16 -42.11
C ALA D 134 -28.58 0.01 -43.00
N ALA D 135 -29.73 -0.52 -42.57
CA ALA D 135 -30.94 -0.37 -43.36
C ALA D 135 -31.35 1.09 -43.47
N GLU D 136 -31.21 1.84 -42.38
CA GLU D 136 -31.55 3.26 -42.41
C GLU D 136 -30.62 4.03 -43.34
N GLU D 137 -29.32 3.70 -43.33
CA GLU D 137 -28.37 4.36 -44.20
C GLU D 137 -28.64 4.04 -45.67
N ALA D 138 -29.05 2.80 -45.95
CA ALA D 138 -29.28 2.39 -47.33
C ALA D 138 -30.45 3.12 -47.96
N LYS D 139 -31.37 3.68 -47.15
CA LYS D 139 -32.49 4.43 -47.69
C LYS D 139 -32.04 5.70 -48.42
N LYS D 140 -30.82 6.16 -48.17
CA LYS D 140 -30.27 7.30 -48.88
C LYS D 140 -30.00 7.00 -50.35
N PHE D 141 -29.97 5.73 -50.74
CA PHE D 141 -29.54 5.36 -52.08
C PHE D 141 -30.56 4.54 -52.86
N GLY D 142 -31.68 4.17 -52.26
CA GLY D 142 -32.67 3.39 -52.98
C GLY D 142 -33.82 3.02 -52.07
N THR D 143 -34.70 2.16 -52.60
CA THR D 143 -35.86 1.69 -51.86
C THR D 143 -35.50 0.44 -51.09
N ILE D 144 -35.62 0.50 -49.77
CA ILE D 144 -35.17 -0.57 -48.88
C ILE D 144 -36.39 -1.26 -48.30
N ASN D 145 -36.44 -2.58 -48.44
CA ASN D 145 -37.52 -3.41 -47.91
C ASN D 145 -36.98 -4.29 -46.79
N ILE D 146 -37.42 -4.03 -45.57
CA ILE D 146 -37.10 -4.91 -44.45
C ILE D 146 -37.99 -6.14 -44.55
N VAL D 147 -37.38 -7.32 -44.65
CA VAL D 147 -38.07 -8.52 -45.12
C VAL D 147 -38.95 -9.18 -44.06
N HIS D 148 -38.98 -8.65 -42.85
CA HIS D 148 -39.69 -9.30 -41.76
C HIS D 148 -40.36 -8.23 -40.90
N PRO D 149 -41.38 -8.61 -40.12
CA PRO D 149 -41.98 -7.64 -39.19
C PRO D 149 -40.97 -7.18 -38.15
N LYS D 150 -41.14 -5.95 -37.69
CA LYS D 150 -40.24 -5.40 -36.68
C LYS D 150 -40.33 -6.24 -35.40
N LEU D 151 -39.18 -6.75 -34.97
CA LEU D 151 -39.12 -7.48 -33.71
C LEU D 151 -39.48 -6.56 -32.55
N GLY D 152 -40.29 -7.07 -31.62
CA GLY D 152 -40.49 -6.35 -30.37
C GLY D 152 -39.19 -6.13 -29.63
N SER D 153 -38.34 -7.15 -29.58
CA SER D 153 -37.02 -7.06 -28.97
C SER D 153 -36.03 -7.84 -29.82
N TYR D 154 -34.76 -7.47 -29.71
CA TYR D 154 -33.69 -8.10 -30.48
C TYR D 154 -33.17 -9.33 -29.71
N THR D 155 -34.03 -10.35 -29.63
CA THR D 155 -33.71 -11.57 -28.91
C THR D 155 -33.70 -12.81 -29.80
N LYS D 156 -33.99 -12.68 -31.09
CA LYS D 156 -34.04 -13.85 -31.95
C LYS D 156 -33.82 -13.40 -33.39
N ILE D 157 -33.51 -14.37 -34.24
CA ILE D 157 -33.47 -14.16 -35.68
C ILE D 157 -34.83 -14.54 -36.26
N PRO D 158 -35.55 -13.61 -36.88
CA PRO D 158 -36.84 -13.97 -37.50
C PRO D 158 -36.70 -15.14 -38.45
N ASP D 159 -37.71 -15.99 -38.46
CA ASP D 159 -37.66 -17.24 -39.22
C ASP D 159 -37.48 -16.97 -40.69
N PRO D 160 -36.40 -17.47 -41.32
CA PRO D 160 -36.21 -17.22 -42.76
C PRO D 160 -37.33 -17.76 -43.64
N SER D 161 -38.14 -18.69 -43.15
CA SER D 161 -39.31 -19.14 -43.90
C SER D 161 -40.34 -18.02 -44.06
N THR D 162 -40.35 -17.05 -43.16
CA THR D 162 -41.31 -15.95 -43.17
C THR D 162 -40.77 -14.70 -43.85
N TRP D 163 -39.54 -14.74 -44.35
CA TRP D 163 -38.95 -13.57 -44.98
C TRP D 163 -39.68 -13.23 -46.29
N ASN D 164 -40.13 -11.98 -46.39
CA ASN D 164 -40.82 -11.50 -47.58
C ASN D 164 -39.79 -10.94 -48.56
N LEU D 165 -39.12 -11.87 -49.25
CA LEU D 165 -38.01 -11.51 -50.12
C LEU D 165 -38.50 -11.01 -51.48
N ASN D 166 -37.88 -9.94 -51.97
CA ASN D 166 -38.22 -9.39 -53.27
C ASN D 166 -37.35 -10.03 -54.34
N PRO D 167 -37.94 -10.70 -55.35
CA PRO D 167 -37.12 -11.27 -56.42
C PRO D 167 -36.39 -10.23 -57.25
N ASP D 168 -36.88 -8.98 -57.25
CA ASP D 168 -36.25 -7.90 -57.99
C ASP D 168 -35.26 -7.10 -57.13
N ALA D 169 -34.98 -7.56 -55.91
CA ALA D 169 -34.03 -6.86 -55.05
C ALA D 169 -32.62 -6.98 -55.63
N SER D 170 -31.84 -5.91 -55.48
CA SER D 170 -30.48 -5.92 -55.97
C SER D 170 -29.58 -6.83 -55.14
N TYR D 171 -29.88 -6.97 -53.85
CA TYR D 171 -29.12 -7.85 -52.96
C TYR D 171 -29.91 -8.00 -51.67
N VAL D 172 -29.54 -9.00 -50.88
CA VAL D 172 -30.11 -9.23 -49.56
C VAL D 172 -29.00 -9.05 -48.53
N TYR D 173 -29.27 -8.27 -47.49
CA TYR D 173 -28.28 -7.83 -46.52
C TYR D 173 -28.63 -8.36 -45.15
N TYR D 174 -27.62 -8.80 -44.40
CA TYR D 174 -27.83 -9.19 -43.01
C TYR D 174 -26.53 -9.02 -42.25
N CYS D 175 -26.65 -8.86 -40.94
CA CYS D 175 -25.53 -8.72 -40.03
C CYS D 175 -25.32 -10.03 -39.28
N ALA D 176 -24.16 -10.66 -39.50
CA ALA D 176 -23.94 -12.01 -38.97
C ALA D 176 -23.87 -12.03 -37.45
N ASN D 177 -23.31 -10.98 -36.84
CA ASN D 177 -23.18 -10.92 -35.39
C ASN D 177 -23.52 -9.52 -34.92
N GLU D 178 -24.56 -9.40 -34.11
CA GLU D 178 -25.01 -8.12 -33.59
C GLU D 178 -24.27 -7.83 -32.29
N THR D 179 -23.31 -6.89 -32.35
CA THR D 179 -22.37 -6.69 -31.26
C THR D 179 -23.05 -6.16 -30.01
N VAL D 180 -24.16 -5.46 -30.15
CA VAL D 180 -24.82 -4.83 -29.01
C VAL D 180 -25.82 -5.77 -28.35
N HIS D 181 -26.52 -6.58 -29.12
CA HIS D 181 -27.58 -7.42 -28.59
C HIS D 181 -27.22 -8.89 -28.49
N GLY D 182 -26.07 -9.31 -29.03
CA GLY D 182 -25.62 -10.68 -28.88
C GLY D 182 -26.39 -11.70 -29.70
N VAL D 183 -26.87 -11.33 -30.88
CA VAL D 183 -27.58 -12.23 -31.78
C VAL D 183 -26.65 -12.57 -32.93
N GLU D 184 -26.46 -13.87 -33.18
CA GLU D 184 -25.50 -14.34 -34.18
C GLU D 184 -26.14 -15.40 -35.07
N PHE D 185 -25.82 -15.33 -36.36
CA PHE D 185 -26.23 -16.36 -37.31
C PHE D 185 -25.28 -17.54 -37.24
N ASP D 186 -25.83 -18.72 -36.94
CA ASP D 186 -25.07 -19.98 -37.03
C ASP D 186 -25.45 -20.77 -38.28
N PHE D 187 -25.75 -20.06 -39.37
CA PHE D 187 -26.13 -20.64 -40.64
C PHE D 187 -26.08 -19.53 -41.68
N ILE D 188 -26.00 -19.94 -42.94
CA ILE D 188 -26.08 -19.01 -44.07
C ILE D 188 -27.51 -19.07 -44.60
N PRO D 189 -28.28 -17.98 -44.51
CA PRO D 189 -29.69 -18.05 -44.88
C PRO D 189 -29.87 -18.27 -46.37
N ASP D 190 -30.96 -18.95 -46.70
CA ASP D 190 -31.36 -19.13 -48.10
C ASP D 190 -32.07 -17.87 -48.56
N VAL D 191 -31.46 -17.15 -49.50
CA VAL D 191 -32.06 -15.95 -50.06
C VAL D 191 -32.58 -16.24 -51.46
N LYS D 192 -32.91 -17.52 -51.71
CA LYS D 192 -33.55 -17.96 -52.94
C LYS D 192 -32.76 -17.54 -54.19
N GLY D 193 -31.43 -17.50 -54.06
CA GLY D 193 -30.57 -17.20 -55.19
C GLY D 193 -30.16 -15.76 -55.33
N ALA D 194 -30.59 -14.87 -54.44
CA ALA D 194 -30.23 -13.47 -54.56
C ALA D 194 -28.78 -13.25 -54.15
N VAL D 195 -28.24 -12.09 -54.52
CA VAL D 195 -26.91 -11.71 -54.09
C VAL D 195 -26.94 -11.41 -52.59
N LEU D 196 -26.05 -12.06 -51.85
CA LEU D 196 -26.05 -11.97 -50.39
C LEU D 196 -24.91 -11.10 -49.92
N VAL D 197 -25.23 -10.09 -49.12
CA VAL D 197 -24.26 -9.19 -48.51
C VAL D 197 -24.30 -9.40 -47.01
N CYS D 198 -23.13 -9.47 -46.38
CA CYS D 198 -23.07 -9.80 -44.96
C CYS D 198 -22.08 -8.91 -44.22
N ASP D 199 -22.53 -8.40 -43.07
CA ASP D 199 -21.68 -7.66 -42.15
C ASP D 199 -21.12 -8.64 -41.13
N MET D 200 -19.82 -8.92 -41.22
CA MET D 200 -19.16 -9.84 -40.30
C MET D 200 -18.13 -9.13 -39.42
N SER D 201 -18.37 -7.85 -39.11
CA SER D 201 -17.37 -7.07 -38.39
C SER D 201 -16.99 -7.70 -37.06
N SER D 202 -17.96 -8.22 -36.32
CA SER D 202 -17.72 -8.66 -34.94
C SER D 202 -17.53 -10.16 -34.81
N ASN D 203 -17.59 -10.92 -35.90
CA ASN D 203 -17.27 -12.34 -35.83
C ASN D 203 -16.37 -12.77 -36.99
N PHE D 204 -15.75 -11.82 -37.69
CA PHE D 204 -14.89 -12.15 -38.82
C PHE D 204 -13.75 -13.05 -38.37
N LEU D 205 -13.62 -14.20 -39.06
CA LEU D 205 -12.56 -15.16 -38.80
C LEU D 205 -12.63 -15.74 -37.39
N SER D 206 -13.83 -15.79 -36.81
CA SER D 206 -14.06 -16.57 -35.61
C SER D 206 -14.52 -17.98 -35.94
N LYS D 207 -14.87 -18.25 -37.19
CA LYS D 207 -15.28 -19.56 -37.65
C LYS D 207 -15.08 -19.62 -39.16
N PRO D 208 -14.98 -20.82 -39.74
CA PRO D 208 -14.91 -20.91 -41.20
C PRO D 208 -16.18 -20.36 -41.85
N VAL D 209 -16.02 -19.86 -43.08
CA VAL D 209 -17.11 -19.25 -43.82
C VAL D 209 -17.06 -19.74 -45.26
N ASP D 210 -18.21 -20.15 -45.79
CA ASP D 210 -18.35 -20.53 -47.19
C ASP D 210 -18.50 -19.24 -48.00
N VAL D 211 -17.36 -18.70 -48.46
CA VAL D 211 -17.36 -17.40 -49.12
C VAL D 211 -18.14 -17.44 -50.42
N SER D 212 -18.19 -18.61 -51.08
CA SER D 212 -18.84 -18.71 -52.39
C SER D 212 -20.32 -18.38 -52.32
N LYS D 213 -20.95 -18.52 -51.16
CA LYS D 213 -22.39 -18.25 -51.03
C LYS D 213 -22.70 -16.78 -50.79
N PHE D 214 -21.68 -15.92 -50.69
CA PHE D 214 -21.88 -14.50 -50.47
C PHE D 214 -21.51 -13.71 -51.71
N GLY D 215 -22.14 -12.54 -51.85
CA GLY D 215 -21.77 -11.61 -52.89
C GLY D 215 -20.74 -10.62 -52.39
N VAL D 216 -20.95 -10.12 -51.18
CA VAL D 216 -20.04 -9.18 -50.54
C VAL D 216 -19.97 -9.49 -49.04
N ILE D 217 -18.75 -9.67 -48.54
CA ILE D 217 -18.49 -9.76 -47.10
C ILE D 217 -17.60 -8.59 -46.73
N PHE D 218 -17.97 -7.86 -45.68
CA PHE D 218 -17.11 -6.82 -45.14
C PHE D 218 -17.02 -6.96 -43.63
N ALA D 219 -15.93 -6.42 -43.08
CA ALA D 219 -15.68 -6.52 -41.65
C ALA D 219 -14.69 -5.45 -41.23
N GLY D 220 -15.03 -4.71 -40.19
CA GLY D 220 -14.07 -3.79 -39.59
C GLY D 220 -13.01 -4.56 -38.84
N ALA D 221 -11.76 -4.11 -38.98
CA ALA D 221 -10.65 -4.86 -38.42
C ALA D 221 -10.58 -4.75 -36.91
N GLN D 222 -11.04 -3.63 -36.34
CA GLN D 222 -10.81 -3.34 -34.92
C GLN D 222 -11.55 -4.27 -33.97
N LYS D 223 -12.16 -5.37 -34.39
CA LYS D 223 -12.78 -6.25 -33.41
C LYS D 223 -12.14 -7.62 -33.35
N ASN D 224 -11.76 -8.19 -34.49
CA ASN D 224 -11.28 -9.55 -34.48
C ASN D 224 -10.01 -9.80 -35.29
N VAL D 225 -9.57 -8.86 -36.12
CA VAL D 225 -8.42 -9.12 -36.99
C VAL D 225 -7.45 -7.94 -36.98
N GLY D 226 -7.56 -7.05 -36.02
CA GLY D 226 -6.59 -5.96 -35.94
C GLY D 226 -7.06 -4.70 -35.23
N SER D 227 -6.67 -3.56 -35.77
CA SER D 227 -6.94 -2.27 -35.15
C SER D 227 -7.77 -1.38 -36.08
N ALA D 228 -8.36 -0.35 -35.50
CA ALA D 228 -9.23 0.54 -36.26
C ALA D 228 -8.44 1.31 -37.30
N GLY D 229 -9.13 1.67 -38.40
CA GLY D 229 -8.54 2.40 -39.50
C GLY D 229 -8.67 1.71 -40.84
N VAL D 230 -8.93 0.40 -40.86
CA VAL D 230 -9.02 -0.35 -42.11
C VAL D 230 -10.23 -1.28 -42.04
N THR D 231 -10.84 -1.50 -43.21
CA THR D 231 -11.98 -2.41 -43.35
C THR D 231 -11.70 -3.34 -44.52
N VAL D 232 -11.81 -4.64 -44.27
CA VAL D 232 -11.60 -5.65 -45.31
C VAL D 232 -12.93 -5.90 -46.02
N VAL D 233 -12.90 -5.90 -47.35
CA VAL D 233 -14.09 -6.17 -48.16
C VAL D 233 -13.75 -7.27 -49.15
N ILE D 234 -14.55 -8.32 -49.15
CA ILE D 234 -14.39 -9.46 -50.06
C ILE D 234 -15.55 -9.41 -51.04
N VAL D 235 -15.24 -9.19 -52.32
CA VAL D 235 -16.26 -8.95 -53.34
C VAL D 235 -16.12 -10.00 -54.44
N ARG D 236 -17.26 -10.50 -54.89
CA ARG D 236 -17.28 -11.40 -56.05
C ARG D 236 -17.01 -10.59 -57.31
N ASP D 237 -16.10 -11.08 -58.16
CA ASP D 237 -15.55 -10.26 -59.25
C ASP D 237 -16.57 -9.91 -60.32
N ASP D 238 -17.75 -10.54 -60.33
CA ASP D 238 -18.78 -10.20 -61.30
C ASP D 238 -19.73 -9.11 -60.81
N LEU D 239 -19.51 -8.59 -59.61
CA LEU D 239 -20.38 -7.57 -59.03
C LEU D 239 -19.78 -6.17 -59.11
N LEU D 240 -18.64 -6.01 -59.79
CA LEU D 240 -18.13 -4.68 -60.07
C LEU D 240 -18.81 -4.12 -61.31
N GLY D 241 -18.71 -2.80 -61.47
CA GLY D 241 -19.26 -2.15 -62.64
C GLY D 241 -20.70 -1.74 -62.53
N PHE D 242 -21.33 -1.91 -61.36
CA PHE D 242 -22.69 -1.44 -61.13
C PHE D 242 -22.74 -0.29 -60.12
N ALA D 243 -21.59 0.28 -59.77
CA ALA D 243 -21.55 1.36 -58.79
C ALA D 243 -22.32 2.57 -59.29
N LEU D 244 -22.98 3.25 -58.37
CA LEU D 244 -23.67 4.49 -58.71
C LEU D 244 -22.67 5.59 -59.04
N ARG D 245 -23.15 6.60 -59.76
CA ARG D 245 -22.29 7.71 -60.14
C ARG D 245 -21.81 8.51 -58.94
N GLU D 246 -22.64 8.60 -57.90
CA GLU D 246 -22.28 9.37 -56.71
C GLU D 246 -21.34 8.63 -55.78
N CYS D 247 -20.96 7.39 -56.10
CA CYS D 247 -20.09 6.62 -55.22
C CYS D 247 -18.70 7.22 -55.19
N PRO D 248 -18.16 7.55 -54.02
CA PRO D 248 -16.80 8.10 -53.97
C PRO D 248 -15.78 7.11 -54.52
N SER D 249 -14.76 7.64 -55.19
CA SER D 249 -13.78 6.80 -55.86
C SER D 249 -13.05 5.90 -54.86
N VAL D 250 -12.66 6.45 -53.71
CA VAL D 250 -11.96 5.66 -52.70
C VAL D 250 -12.81 4.56 -52.09
N LEU D 251 -14.13 4.59 -52.31
CA LEU D 251 -15.02 3.56 -51.80
C LEU D 251 -15.63 2.70 -52.90
N GLU D 252 -15.31 2.97 -54.17
CA GLU D 252 -15.85 2.17 -55.25
C GLU D 252 -15.06 0.87 -55.38
N TYR D 253 -15.76 -0.26 -55.27
CA TYR D 253 -15.09 -1.56 -55.23
C TYR D 253 -14.27 -1.80 -56.50
N LYS D 254 -14.81 -1.43 -57.66
CA LYS D 254 -14.11 -1.70 -58.90
C LYS D 254 -12.82 -0.89 -59.01
N VAL D 255 -12.85 0.37 -58.57
CA VAL D 255 -11.66 1.20 -58.64
C VAL D 255 -10.58 0.67 -57.71
N GLN D 256 -10.97 0.23 -56.51
CA GLN D 256 -9.99 -0.28 -55.56
C GLN D 256 -9.52 -1.68 -55.93
N ALA D 257 -10.38 -2.51 -56.51
CA ALA D 257 -9.93 -3.81 -57.00
C ALA D 257 -8.96 -3.63 -58.17
N GLY D 258 -9.23 -2.67 -59.05
CA GLY D 258 -8.35 -2.40 -60.16
C GLY D 258 -7.02 -1.77 -59.79
N ASN D 259 -6.88 -1.29 -58.56
CA ASN D 259 -5.64 -0.70 -58.06
C ASN D 259 -5.01 -1.52 -56.95
N SER D 260 -5.53 -2.71 -56.67
CA SER D 260 -5.07 -3.54 -55.56
C SER D 260 -5.05 -2.76 -54.25
N SER D 261 -6.13 -2.00 -54.02
CA SER D 261 -6.36 -1.20 -52.82
C SER D 261 -5.40 -0.03 -52.67
N LEU D 262 -4.65 0.31 -53.73
CA LEU D 262 -3.70 1.42 -53.69
C LEU D 262 -4.15 2.59 -54.56
N TYR D 263 -5.47 2.79 -54.66
CA TYR D 263 -5.99 3.94 -55.43
C TYR D 263 -5.48 5.24 -54.84
N ASN D 264 -5.64 5.42 -53.54
CA ASN D 264 -5.02 6.51 -52.80
C ASN D 264 -4.20 5.89 -51.67
N THR D 265 -3.67 6.73 -50.79
CA THR D 265 -2.85 6.21 -49.71
C THR D 265 -3.69 5.34 -48.78
N PRO D 266 -3.42 4.04 -48.68
CA PRO D 266 -4.22 3.18 -47.81
C PRO D 266 -3.80 3.36 -46.36
N PRO D 267 -4.59 2.83 -45.41
CA PRO D 267 -4.14 2.87 -44.01
C PRO D 267 -2.99 1.90 -43.79
N CYS D 268 -1.77 2.36 -44.05
CA CYS D 268 -0.62 1.46 -44.10
C CYS D 268 -0.39 0.77 -42.76
N PHE D 269 -0.40 1.54 -41.66
CA PHE D 269 -0.12 0.94 -40.36
C PHE D 269 -1.23 0.00 -39.92
N SER D 270 -2.49 0.31 -40.26
CA SER D 270 -3.59 -0.58 -39.91
C SER D 270 -3.51 -1.87 -40.71
N ILE D 271 -3.09 -1.79 -41.98
CA ILE D 271 -2.90 -3.00 -42.79
C ILE D 271 -1.72 -3.81 -42.26
N TYR D 272 -0.67 -3.13 -41.78
CA TYR D 272 0.46 -3.82 -41.19
C TYR D 272 0.07 -4.51 -39.89
N VAL D 273 -0.70 -3.84 -39.03
CA VAL D 273 -1.14 -4.46 -37.79
C VAL D 273 -2.08 -5.63 -38.08
N MET D 274 -2.98 -5.47 -39.04
CA MET D 274 -3.93 -6.53 -39.35
C MET D 274 -3.22 -7.78 -39.87
N GLY D 275 -2.17 -7.59 -40.69
CA GLY D 275 -1.43 -8.73 -41.18
C GLY D 275 -0.79 -9.54 -40.07
N LEU D 276 -0.28 -8.86 -39.04
CA LEU D 276 0.33 -9.58 -37.92
C LEU D 276 -0.72 -10.37 -37.14
N VAL D 277 -1.90 -9.78 -36.93
CA VAL D 277 -2.97 -10.50 -36.25
C VAL D 277 -3.40 -11.70 -37.08
N LEU D 278 -3.50 -11.52 -38.41
CA LEU D 278 -3.82 -12.66 -39.28
C LEU D 278 -2.75 -13.73 -39.20
N GLU D 279 -1.47 -13.31 -39.17
CA GLU D 279 -0.39 -14.27 -38.96
C GLU D 279 -0.52 -14.96 -37.61
N TRP D 280 -0.98 -14.21 -36.59
CA TRP D 280 -1.19 -14.80 -35.27
C TRP D 280 -2.32 -15.83 -35.31
N ILE D 281 -3.40 -15.52 -36.04
CA ILE D 281 -4.53 -16.45 -36.13
C ILE D 281 -4.11 -17.74 -36.82
N LYS D 282 -3.31 -17.63 -37.88
CA LYS D 282 -2.87 -18.84 -38.59
C LYS D 282 -1.95 -19.68 -37.71
N ASN D 283 -1.10 -19.03 -36.91
CA ASN D 283 -0.21 -19.79 -36.02
C ASN D 283 -0.99 -20.58 -34.98
N ASN D 284 -2.18 -20.11 -34.63
CA ASN D 284 -2.98 -20.72 -33.58
C ASN D 284 -4.03 -21.70 -34.13
N GLY D 285 -3.91 -22.10 -35.39
CA GLY D 285 -4.78 -23.10 -35.96
C GLY D 285 -5.79 -22.61 -36.97
N GLY D 286 -5.73 -21.35 -37.38
CA GLY D 286 -6.63 -20.85 -38.39
C GLY D 286 -8.06 -20.66 -37.89
N ALA D 287 -8.95 -20.46 -38.86
CA ALA D 287 -10.35 -20.19 -38.55
C ALA D 287 -11.00 -21.35 -37.83
N ALA D 288 -10.60 -22.59 -38.14
CA ALA D 288 -11.19 -23.75 -37.48
C ALA D 288 -10.88 -23.75 -35.99
N ALA D 289 -9.66 -23.37 -35.61
CA ALA D 289 -9.31 -23.33 -34.20
C ALA D 289 -10.02 -22.19 -33.49
N MET D 290 -10.20 -21.05 -34.17
CA MET D 290 -10.92 -19.95 -33.58
C MET D 290 -12.35 -20.34 -33.23
N GLU D 291 -12.97 -21.20 -34.04
CA GLU D 291 -14.31 -21.67 -33.74
C GLU D 291 -14.33 -22.56 -32.49
N LYS D 292 -13.34 -23.45 -32.36
CA LYS D 292 -13.25 -24.29 -31.18
C LYS D 292 -13.07 -23.45 -29.92
N LEU D 293 -12.14 -22.49 -29.96
CA LEU D 293 -11.89 -21.65 -28.80
C LEU D 293 -13.09 -20.78 -28.47
N SER D 294 -13.81 -20.31 -29.50
CA SER D 294 -14.96 -19.45 -29.27
C SER D 294 -16.10 -20.20 -28.61
N SER D 295 -16.20 -21.50 -28.83
CA SER D 295 -17.22 -22.30 -28.16
C SER D 295 -16.87 -22.51 -26.69
N ILE D 296 -15.62 -22.86 -26.41
CA ILE D 296 -15.17 -23.05 -25.04
C ILE D 296 -15.34 -21.76 -24.24
N LYS D 297 -14.97 -20.62 -24.84
CA LYS D 297 -15.09 -19.34 -24.15
C LYS D 297 -16.56 -19.00 -23.89
N SER D 298 -17.39 -19.07 -24.92
CA SER D 298 -18.78 -18.62 -24.79
C SER D 298 -19.57 -19.52 -23.85
N GLN D 299 -19.38 -20.84 -23.96
CA GLN D 299 -20.17 -21.76 -23.15
C GLN D 299 -19.86 -21.62 -21.67
N THR D 300 -18.60 -21.36 -21.32
CA THR D 300 -18.26 -21.19 -19.91
C THR D 300 -19.02 -20.04 -19.28
N ILE D 301 -19.30 -18.98 -20.06
CA ILE D 301 -20.08 -17.87 -19.53
C ILE D 301 -21.57 -18.19 -19.57
N TYR D 302 -22.05 -18.82 -20.66
CA TYR D 302 -23.46 -19.18 -20.75
C TYR D 302 -23.82 -20.26 -19.73
N GLU D 303 -22.86 -21.13 -19.38
CA GLU D 303 -23.11 -22.09 -18.30
C GLU D 303 -23.42 -21.38 -17.00
N ILE D 304 -22.62 -20.35 -16.66
CA ILE D 304 -22.83 -19.62 -15.42
C ILE D 304 -24.20 -18.95 -15.42
N ILE D 305 -24.58 -18.36 -16.56
CA ILE D 305 -25.89 -17.70 -16.66
C ILE D 305 -27.00 -18.74 -16.56
N ASP D 306 -26.93 -19.80 -17.39
CA ASP D 306 -28.01 -20.79 -17.43
C ASP D 306 -28.15 -21.55 -16.13
N ASN D 307 -27.12 -21.59 -15.29
CA ASN D 307 -27.20 -22.22 -13.98
C ASN D 307 -27.16 -21.21 -12.85
N SER D 308 -27.48 -19.94 -13.13
CA SER D 308 -27.41 -18.87 -12.14
C SER D 308 -28.69 -18.69 -11.35
N GLN D 309 -29.68 -19.56 -11.56
CA GLN D 309 -30.98 -19.47 -10.86
C GLN D 309 -31.63 -18.10 -11.04
N GLY D 310 -31.47 -17.53 -12.24
CA GLY D 310 -32.04 -16.24 -12.54
C GLY D 310 -31.25 -15.05 -12.06
N PHE D 311 -30.09 -15.27 -11.43
CA PHE D 311 -29.26 -14.15 -10.99
C PHE D 311 -28.66 -13.42 -12.18
N TYR D 312 -28.25 -14.17 -13.21
CA TYR D 312 -27.84 -13.61 -14.49
C TYR D 312 -28.88 -13.97 -15.54
N VAL D 313 -29.27 -13.00 -16.36
CA VAL D 313 -30.33 -13.19 -17.35
C VAL D 313 -29.82 -12.70 -18.71
N CYS D 314 -29.79 -13.61 -19.69
CA CYS D 314 -29.47 -13.26 -21.06
C CYS D 314 -30.72 -13.38 -21.91
N PRO D 315 -31.22 -12.28 -22.49
CA PRO D 315 -32.53 -12.33 -23.16
C PRO D 315 -32.51 -13.00 -24.52
N VAL D 316 -31.35 -13.33 -25.08
CA VAL D 316 -31.28 -13.90 -26.42
C VAL D 316 -31.64 -15.38 -26.37
N GLU D 317 -32.42 -15.82 -27.35
CA GLU D 317 -32.77 -17.23 -27.44
C GLU D 317 -31.52 -18.06 -27.74
N PRO D 318 -31.44 -19.27 -27.19
CA PRO D 318 -30.17 -20.04 -27.30
C PRO D 318 -29.70 -20.30 -28.72
N GLN D 319 -30.62 -20.58 -29.66
CA GLN D 319 -30.22 -20.85 -31.04
C GLN D 319 -29.61 -19.64 -31.73
N ASN D 320 -29.76 -18.44 -31.17
CA ASN D 320 -29.22 -17.23 -31.76
C ASN D 320 -28.18 -16.55 -30.88
N ARG D 321 -27.78 -17.18 -29.77
CA ARG D 321 -26.84 -16.56 -28.84
C ARG D 321 -25.48 -16.38 -29.50
N SER D 322 -24.96 -15.16 -29.42
CA SER D 322 -23.65 -14.86 -30.00
C SER D 322 -22.54 -15.55 -29.21
N LYS D 323 -21.53 -16.04 -29.94
CA LYS D 323 -20.34 -16.58 -29.33
C LYS D 323 -19.26 -15.52 -29.14
N MET D 324 -19.47 -14.30 -29.65
CA MET D 324 -18.53 -13.21 -29.53
C MET D 324 -18.91 -12.20 -28.45
N ASN D 325 -20.17 -11.81 -28.39
CA ASN D 325 -20.65 -10.80 -27.45
C ASN D 325 -21.78 -11.38 -26.61
N ILE D 326 -21.59 -11.41 -25.29
CA ILE D 326 -22.61 -11.94 -24.39
C ILE D 326 -23.15 -10.81 -23.52
N PRO D 327 -24.29 -10.22 -23.87
CA PRO D 327 -24.92 -9.25 -22.98
C PRO D 327 -25.89 -9.91 -22.01
N PHE D 328 -25.89 -9.44 -20.78
CA PHE D 328 -26.77 -9.99 -19.76
C PHE D 328 -27.05 -8.96 -18.68
N ARG D 329 -28.00 -9.29 -17.80
CA ARG D 329 -28.39 -8.46 -16.68
C ARG D 329 -28.17 -9.22 -15.38
N ILE D 330 -28.20 -8.49 -14.27
CA ILE D 330 -27.94 -9.04 -12.94
C ILE D 330 -29.12 -8.75 -12.04
N GLY D 331 -29.52 -9.75 -11.26
CA GLY D 331 -30.61 -9.60 -10.33
C GLY D 331 -31.95 -10.09 -10.87
N ASN D 332 -32.35 -9.56 -12.01
CA ASN D 332 -33.63 -9.90 -12.60
C ASN D 332 -33.54 -9.72 -14.12
N ALA D 333 -34.66 -10.01 -14.80
CA ALA D 333 -34.68 -9.88 -16.26
C ALA D 333 -34.51 -8.44 -16.70
N LYS D 334 -34.98 -7.48 -15.90
CA LYS D 334 -34.83 -6.06 -16.22
C LYS D 334 -33.55 -5.46 -15.65
N GLY D 335 -32.81 -6.21 -14.83
CA GLY D 335 -31.55 -5.72 -14.30
C GLY D 335 -31.68 -4.87 -13.06
N ASP D 336 -30.85 -5.15 -12.06
CA ASP D 336 -30.82 -4.38 -10.82
C ASP D 336 -29.68 -3.36 -10.94
N ASP D 337 -30.04 -2.08 -11.02
CA ASP D 337 -29.04 -1.03 -11.19
C ASP D 337 -28.01 -1.05 -10.07
N ALA D 338 -28.45 -1.29 -8.83
CA ALA D 338 -27.52 -1.32 -7.71
C ALA D 338 -26.50 -2.44 -7.88
N LEU D 339 -26.96 -3.66 -8.20
CA LEU D 339 -26.04 -4.78 -8.36
C LEU D 339 -25.13 -4.60 -9.57
N GLU D 340 -25.67 -4.06 -10.66
CA GLU D 340 -24.86 -3.92 -11.87
C GLU D 340 -23.76 -2.89 -11.69
N LYS D 341 -24.02 -1.82 -10.93
CA LYS D 341 -22.95 -0.89 -10.61
C LYS D 341 -21.93 -1.53 -9.68
N ARG D 342 -22.39 -2.33 -8.71
CA ARG D 342 -21.46 -3.04 -7.85
C ARG D 342 -20.61 -4.03 -8.64
N PHE D 343 -21.24 -4.76 -9.57
CA PHE D 343 -20.52 -5.70 -10.42
C PHE D 343 -19.44 -4.98 -11.23
N LEU D 344 -19.82 -3.89 -11.90
CA LEU D 344 -18.89 -3.19 -12.77
C LEU D 344 -17.78 -2.51 -11.97
N ASP D 345 -18.12 -1.94 -10.82
CA ASP D 345 -17.11 -1.27 -9.99
C ASP D 345 -16.05 -2.25 -9.50
N LYS D 346 -16.48 -3.42 -9.04
CA LYS D 346 -15.50 -4.43 -8.61
C LYS D 346 -14.78 -5.05 -9.79
N ALA D 347 -15.46 -5.18 -10.94
CA ALA D 347 -14.78 -5.68 -12.14
C ALA D 347 -13.61 -4.79 -12.52
N LEU D 348 -13.77 -3.47 -12.36
CA LEU D 348 -12.65 -2.56 -12.61
C LEU D 348 -11.55 -2.76 -11.59
N GLU D 349 -11.91 -3.02 -10.33
CA GLU D 349 -10.91 -3.22 -9.29
C GLU D 349 -10.03 -4.42 -9.57
N LEU D 350 -10.56 -5.42 -10.29
CA LEU D 350 -9.78 -6.58 -10.71
C LEU D 350 -9.18 -6.41 -12.09
N ASN D 351 -9.21 -5.20 -12.64
CA ASN D 351 -8.58 -4.86 -13.91
C ASN D 351 -9.20 -5.62 -15.09
N MET D 352 -10.52 -5.76 -15.07
CA MET D 352 -11.29 -6.26 -16.22
C MET D 352 -12.05 -5.08 -16.81
N LEU D 353 -11.73 -4.74 -18.05
CA LEU D 353 -12.14 -3.47 -18.63
C LEU D 353 -13.24 -3.64 -19.66
N SER D 354 -14.06 -2.60 -19.80
CA SER D 354 -15.03 -2.47 -20.88
C SER D 354 -16.11 -3.55 -20.81
N LEU D 355 -16.49 -3.94 -19.59
CA LEU D 355 -17.60 -4.85 -19.40
C LEU D 355 -18.95 -4.14 -19.35
N LYS D 356 -18.97 -2.81 -19.23
CA LYS D 356 -20.22 -2.08 -19.20
C LYS D 356 -20.98 -2.25 -20.51
N GLY D 357 -22.27 -2.55 -20.40
CA GLY D 357 -23.09 -2.72 -21.59
C GLY D 357 -23.19 -1.45 -22.40
N HIS D 358 -23.62 -1.61 -23.66
CA HIS D 358 -23.78 -0.47 -24.55
C HIS D 358 -24.79 0.51 -23.98
N ARG D 359 -24.58 1.79 -24.29
CA ARG D 359 -25.39 2.86 -23.70
C ARG D 359 -26.88 2.66 -23.95
N SER D 360 -27.24 2.05 -25.08
CA SER D 360 -28.64 1.90 -25.46
C SER D 360 -29.31 0.69 -24.85
N VAL D 361 -28.57 -0.20 -24.19
CA VAL D 361 -29.11 -1.45 -23.68
C VAL D 361 -28.87 -1.56 -22.19
N GLY D 362 -27.74 -1.00 -21.72
CA GLY D 362 -27.41 -1.12 -20.31
C GLY D 362 -26.86 -2.49 -19.97
N GLY D 363 -26.90 -2.80 -18.68
CA GLY D 363 -26.48 -4.11 -18.21
C GLY D 363 -25.00 -4.36 -18.43
N ILE D 364 -24.67 -5.64 -18.63
CA ILE D 364 -23.30 -6.09 -18.80
C ILE D 364 -23.15 -6.66 -20.20
N ARG D 365 -21.96 -6.46 -20.78
CA ARG D 365 -21.62 -7.08 -22.06
C ARG D 365 -20.19 -7.59 -21.98
N ALA D 366 -20.03 -8.90 -22.20
CA ALA D 366 -18.71 -9.54 -22.24
C ALA D 366 -18.39 -9.89 -23.68
N SER D 367 -17.30 -9.33 -24.21
CA SER D 367 -16.86 -9.57 -25.57
C SER D 367 -15.70 -10.56 -25.56
N LEU D 368 -15.83 -11.63 -26.34
CA LEU D 368 -14.87 -12.72 -26.30
C LEU D 368 -14.24 -12.95 -27.68
N TYR D 369 -13.58 -11.94 -28.22
CA TYR D 369 -13.02 -12.00 -29.57
C TYR D 369 -11.80 -12.92 -29.59
N ASN D 370 -11.19 -13.03 -30.77
CA ASN D 370 -10.11 -14.01 -30.97
C ASN D 370 -8.97 -13.80 -29.99
N ALA D 371 -8.54 -12.55 -29.78
CA ALA D 371 -7.42 -12.32 -28.88
C ALA D 371 -7.76 -12.59 -27.42
N VAL D 372 -9.04 -12.53 -27.05
CA VAL D 372 -9.43 -12.81 -25.67
C VAL D 372 -9.12 -14.26 -25.35
N THR D 373 -8.20 -14.46 -24.40
CA THR D 373 -7.69 -15.80 -24.11
C THR D 373 -8.62 -16.54 -23.16
N ILE D 374 -8.37 -17.84 -23.02
CA ILE D 374 -9.15 -18.66 -22.10
C ILE D 374 -8.88 -18.24 -20.66
N GLU D 375 -7.62 -17.91 -20.34
CA GLU D 375 -7.31 -17.41 -19.01
C GLU D 375 -8.03 -16.09 -18.74
N ASP D 376 -8.27 -15.29 -19.77
CA ASP D 376 -9.08 -14.08 -19.61
C ASP D 376 -10.51 -14.45 -19.23
N VAL D 377 -11.11 -15.39 -19.96
CA VAL D 377 -12.49 -15.79 -19.67
C VAL D 377 -12.57 -16.52 -18.33
N GLN D 378 -11.52 -17.27 -17.99
CA GLN D 378 -11.52 -17.99 -16.71
C GLN D 378 -11.52 -17.01 -15.53
N LYS D 379 -10.82 -15.89 -15.67
CA LYS D 379 -10.88 -14.86 -14.63
C LYS D 379 -12.29 -14.30 -14.50
N LEU D 380 -12.91 -13.95 -15.63
CA LEU D 380 -14.27 -13.41 -15.60
C LEU D 380 -15.24 -14.44 -15.02
N ALA D 381 -15.08 -15.71 -15.40
CA ALA D 381 -15.98 -16.75 -14.91
C ALA D 381 -15.90 -16.89 -13.40
N ALA D 382 -14.68 -16.91 -12.86
CA ALA D 382 -14.52 -17.01 -11.41
C ALA D 382 -15.09 -15.79 -10.70
N PHE D 383 -14.95 -14.61 -11.31
CA PHE D 383 -15.49 -13.40 -10.68
C PHE D 383 -17.00 -13.40 -10.69
N MET D 384 -17.62 -13.85 -11.79
CA MET D 384 -19.08 -13.92 -11.85
C MET D 384 -19.61 -14.92 -10.84
N LYS D 385 -18.93 -16.07 -10.71
CA LYS D 385 -19.34 -17.06 -9.71
C LYS D 385 -19.22 -16.49 -8.29
N LYS D 386 -18.09 -15.83 -8.01
CA LYS D 386 -17.88 -15.25 -6.68
C LYS D 386 -18.89 -14.14 -6.41
N PHE D 387 -19.23 -13.36 -7.43
CA PHE D 387 -20.20 -12.28 -7.24
C PHE D 387 -21.60 -12.83 -6.99
N LEU D 388 -22.00 -13.85 -7.76
CA LEU D 388 -23.28 -14.50 -7.52
C LEU D 388 -23.33 -15.13 -6.14
N GLU D 389 -22.23 -15.79 -5.75
CA GLU D 389 -22.16 -16.46 -4.45
C GLU D 389 -22.32 -15.48 -3.29
N MET D 390 -22.06 -14.19 -3.50
CA MET D 390 -22.12 -13.22 -2.42
C MET D 390 -23.37 -12.34 -2.44
N HIS D 391 -24.20 -12.41 -3.49
CA HIS D 391 -25.32 -11.49 -3.62
C HIS D 391 -26.63 -12.16 -3.99
N GLN D 392 -26.64 -13.44 -4.36
CA GLN D 392 -27.89 -14.13 -4.62
C GLN D 392 -28.61 -14.43 -3.32
N LEU D 393 -29.91 -14.19 -3.31
CA LEU D 393 -30.73 -14.39 -2.11
C LEU D 393 -31.18 -15.84 -2.00
N GLN E 29 -6.68 7.78 23.71
CA GLN E 29 -6.39 8.88 24.64
C GLN E 29 -5.22 8.51 25.54
N VAL E 30 -5.51 8.48 26.85
CA VAL E 30 -4.62 8.14 27.98
C VAL E 30 -3.58 9.21 28.22
N VAL E 31 -3.65 9.86 29.38
CA VAL E 31 -2.65 10.82 29.84
C VAL E 31 -2.15 10.34 31.18
N ASN E 32 -0.86 9.99 31.24
CA ASN E 32 -0.28 9.34 32.42
C ASN E 32 0.37 10.39 33.31
N PHE E 33 -0.27 10.68 34.45
CA PHE E 33 0.27 11.57 35.46
C PHE E 33 0.89 10.80 36.63
N GLY E 34 1.47 9.64 36.37
CA GLY E 34 2.03 8.79 37.40
C GLY E 34 3.11 9.49 38.21
N PRO E 35 3.15 9.21 39.53
CA PRO E 35 4.15 9.87 40.38
C PRO E 35 5.52 9.20 40.35
N GLY E 36 5.61 7.96 39.88
CA GLY E 36 6.85 7.21 39.94
C GLY E 36 6.61 5.78 40.36
N PRO E 37 6.68 4.83 39.41
CA PRO E 37 6.97 4.92 37.97
C PRO E 37 6.07 5.87 37.21
N ALA E 38 6.64 6.55 36.22
CA ALA E 38 5.98 7.62 35.49
C ALA E 38 5.93 7.27 34.00
N LYS E 39 5.49 8.23 33.21
CA LYS E 39 5.34 8.05 31.78
C LYS E 39 6.68 8.21 31.06
N LEU E 40 6.89 7.38 30.04
CA LEU E 40 8.05 7.49 29.17
C LEU E 40 7.65 8.13 27.85
N PRO E 41 8.57 8.81 27.16
CA PRO E 41 8.23 9.41 25.86
C PRO E 41 7.75 8.33 24.90
N HIS E 42 6.72 8.68 24.12
CA HIS E 42 6.15 7.72 23.19
C HIS E 42 7.16 7.29 22.13
N SER E 43 8.03 8.21 21.70
CA SER E 43 9.04 7.85 20.72
C SER E 43 10.00 6.80 21.28
N VAL E 44 10.32 6.90 22.58
CA VAL E 44 11.19 5.92 23.21
C VAL E 44 10.54 4.54 23.21
N LEU E 45 9.29 4.47 23.68
CA LEU E 45 8.59 3.19 23.72
C LEU E 45 8.47 2.57 22.34
N LEU E 46 8.36 3.39 21.29
CA LEU E 46 8.31 2.84 19.94
C LEU E 46 9.62 2.16 19.57
N GLU E 47 10.76 2.77 19.92
CA GLU E 47 12.03 2.18 19.58
C GLU E 47 12.29 0.92 20.40
N ILE E 48 11.99 0.96 21.70
CA ILE E 48 12.14 -0.23 22.54
C ILE E 48 11.34 -1.39 21.96
N GLN E 49 10.15 -1.10 21.42
CA GLN E 49 9.31 -2.14 20.85
C GLN E 49 9.89 -2.66 19.54
N LYS E 50 10.47 -1.77 18.73
CA LYS E 50 10.97 -2.19 17.42
C LYS E 50 12.11 -3.20 17.56
N GLU E 51 13.09 -2.89 18.41
CA GLU E 51 14.29 -3.71 18.54
C GLU E 51 14.25 -4.64 19.73
N LEU E 52 13.06 -5.00 20.22
CA LEU E 52 12.99 -5.84 21.41
C LEU E 52 13.51 -7.25 21.15
N LEU E 53 13.31 -7.79 19.95
CA LEU E 53 13.78 -9.13 19.64
C LEU E 53 15.16 -9.16 19.01
N ASP E 54 15.59 -8.05 18.40
CA ASP E 54 16.85 -8.01 17.65
C ASP E 54 17.43 -6.60 17.80
N TYR E 55 18.20 -6.41 18.88
CA TYR E 55 18.72 -5.09 19.22
C TYR E 55 19.73 -4.64 18.18
N LYS E 56 19.34 -3.70 17.33
CA LYS E 56 20.24 -3.09 16.34
C LYS E 56 20.95 -4.15 15.49
N GLY E 57 20.26 -5.25 15.21
CA GLY E 57 20.76 -6.26 14.30
C GLY E 57 21.71 -7.28 14.89
N VAL E 58 22.03 -7.18 16.19
CA VAL E 58 22.98 -8.12 16.77
C VAL E 58 22.38 -9.51 16.92
N GLY E 59 21.05 -9.64 16.88
CA GLY E 59 20.40 -10.93 16.85
C GLY E 59 19.73 -11.36 18.14
N ILE E 60 19.90 -10.60 19.23
CA ILE E 60 19.33 -10.95 20.52
C ILE E 60 18.61 -9.74 21.10
N SER E 61 17.88 -9.98 22.18
CA SER E 61 17.25 -8.93 22.95
C SER E 61 18.24 -8.33 23.94
N VAL E 62 18.00 -7.07 24.31
CA VAL E 62 18.71 -6.51 25.45
C VAL E 62 18.41 -7.33 26.71
N LEU E 63 17.19 -7.88 26.79
CA LEU E 63 16.84 -8.77 27.89
C LEU E 63 17.73 -10.01 27.91
N GLU E 64 18.21 -10.45 26.74
CA GLU E 64 19.11 -11.59 26.63
C GLU E 64 20.58 -11.21 26.67
N MET E 65 20.89 -9.92 26.67
CA MET E 65 22.27 -9.49 26.43
C MET E 65 23.12 -9.60 27.69
N SER E 66 24.36 -10.08 27.51
CA SER E 66 25.29 -10.21 28.62
C SER E 66 25.91 -8.86 28.96
N HIS E 67 26.11 -8.61 30.26
CA HIS E 67 26.71 -7.36 30.70
C HIS E 67 28.21 -7.32 30.45
N ARG E 68 28.84 -8.43 30.09
CA ARG E 68 30.25 -8.47 29.73
C ARG E 68 30.46 -8.32 28.22
N SER E 69 29.39 -8.18 27.45
CA SER E 69 29.50 -8.09 26.00
C SER E 69 29.96 -6.70 25.58
N SER E 70 30.62 -6.63 24.42
CA SER E 70 30.96 -5.33 23.85
C SER E 70 29.70 -4.54 23.50
N ASP E 71 28.61 -5.24 23.19
CA ASP E 71 27.36 -4.56 22.85
C ASP E 71 26.81 -3.79 24.04
N PHE E 72 26.70 -4.45 25.20
CA PHE E 72 26.21 -3.74 26.38
C PHE E 72 27.24 -2.75 26.89
N ALA E 73 28.53 -2.98 26.62
CA ALA E 73 29.54 -1.99 26.97
C ALA E 73 29.23 -0.64 26.32
N LYS E 74 28.77 -0.68 25.06
CA LYS E 74 28.38 0.56 24.39
C LYS E 74 27.15 1.18 25.06
N ILE E 75 26.21 0.35 25.51
CA ILE E 75 24.97 0.85 26.07
C ILE E 75 25.22 1.58 27.39
N ILE E 76 25.94 0.94 28.32
CA ILE E 76 26.12 1.54 29.64
C ILE E 76 27.09 2.72 29.57
N ASN E 77 28.11 2.62 28.71
CA ASN E 77 29.04 3.74 28.55
C ASN E 77 28.34 4.92 27.90
N ASN E 78 27.42 4.68 26.96
CA ASN E 78 26.68 5.76 26.35
C ASN E 78 25.75 6.43 27.35
N THR E 79 25.09 5.64 28.20
CA THR E 79 24.22 6.21 29.22
C THR E 79 25.01 7.07 30.20
N GLU E 80 26.20 6.62 30.60
CA GLU E 80 27.02 7.40 31.50
C GLU E 80 27.44 8.72 30.85
N ASN E 81 27.82 8.68 29.57
CA ASN E 81 28.23 9.90 28.88
C ASN E 81 27.07 10.87 28.74
N LEU E 82 25.85 10.35 28.56
CA LEU E 82 24.68 11.23 28.51
C LEU E 82 24.43 11.88 29.86
N VAL E 83 24.55 11.11 30.95
CA VAL E 83 24.42 11.70 32.29
C VAL E 83 25.47 12.78 32.49
N ARG E 84 26.70 12.53 32.04
CA ARG E 84 27.77 13.51 32.20
C ARG E 84 27.53 14.73 31.32
N GLU E 85 27.10 14.52 30.08
CA GLU E 85 26.92 15.63 29.15
C GLU E 85 25.74 16.50 29.54
N LEU E 86 24.58 15.88 29.79
CA LEU E 86 23.37 16.66 30.05
C LEU E 86 23.46 17.44 31.36
N LEU E 87 24.17 16.93 32.36
CA LEU E 87 24.31 17.60 33.64
C LEU E 87 25.65 18.32 33.79
N ALA E 88 26.55 18.20 32.83
CA ALA E 88 27.89 18.77 32.90
C ALA E 88 28.61 18.33 34.18
N VAL E 89 28.74 17.02 34.30
CA VAL E 89 29.39 16.42 35.47
C VAL E 89 30.90 16.60 35.36
N PRO E 90 31.56 17.18 36.36
CA PRO E 90 33.02 17.31 36.31
C PRO E 90 33.69 15.94 36.25
N ASP E 91 34.95 15.94 35.80
CA ASP E 91 35.67 14.69 35.61
C ASP E 91 36.14 14.06 36.90
N ASN E 92 36.12 14.79 38.02
CA ASN E 92 36.47 14.23 39.31
C ASN E 92 35.27 13.62 40.03
N TYR E 93 34.19 13.34 39.30
CA TYR E 93 32.98 12.75 39.85
C TYR E 93 32.72 11.41 39.17
N LYS E 94 32.53 10.37 39.98
CA LYS E 94 32.15 9.08 39.45
C LYS E 94 30.66 9.03 39.20
N VAL E 95 30.26 8.32 38.14
CA VAL E 95 28.86 8.10 37.80
C VAL E 95 28.65 6.60 37.74
N ILE E 96 27.86 6.07 38.67
CA ILE E 96 27.63 4.64 38.78
C ILE E 96 26.13 4.36 38.76
N PHE E 97 25.77 3.16 38.33
CA PHE E 97 24.38 2.73 38.23
C PHE E 97 24.17 1.55 39.16
N LEU E 98 23.38 1.75 40.21
CA LEU E 98 23.14 0.75 41.23
C LEU E 98 21.70 0.24 41.17
N GLN E 99 21.49 -0.90 41.79
CA GLN E 99 20.14 -1.39 42.07
C GLN E 99 19.72 -0.94 43.47
N GLY E 100 18.46 -1.18 43.79
CA GLY E 100 17.94 -0.88 45.11
C GLY E 100 17.10 0.37 45.22
N GLY E 101 16.97 1.13 44.15
CA GLY E 101 16.11 2.30 44.18
C GLY E 101 16.63 3.42 45.07
N GLY E 102 15.74 4.39 45.29
CA GLY E 102 16.08 5.50 46.16
C GLY E 102 16.21 5.09 47.61
N CYS E 103 15.29 4.27 48.10
CA CYS E 103 15.39 3.78 49.48
C CYS E 103 16.66 2.97 49.70
N GLY E 104 17.23 2.39 48.64
CA GLY E 104 18.53 1.76 48.77
C GLY E 104 19.62 2.77 49.09
N GLN E 105 19.53 3.95 48.49
CA GLN E 105 20.51 5.01 48.80
C GLN E 105 20.27 5.62 50.18
N PHE E 106 19.05 5.53 50.72
CA PHE E 106 18.85 5.95 52.10
C PHE E 106 19.74 5.17 53.05
N SER E 107 20.06 3.92 52.70
CA SER E 107 21.03 3.11 53.42
C SER E 107 22.43 3.17 52.81
N ALA E 108 22.54 3.44 51.51
CA ALA E 108 23.84 3.41 50.86
C ALA E 108 24.68 4.61 51.22
N VAL E 109 24.08 5.80 51.31
CA VAL E 109 24.88 7.00 51.55
C VAL E 109 25.40 7.05 52.98
N PRO E 110 24.73 6.54 54.02
CA PRO E 110 25.41 6.46 55.32
C PRO E 110 26.45 5.35 55.36
N LEU E 111 26.14 4.20 54.76
CA LEU E 111 27.11 3.11 54.69
C LEU E 111 28.40 3.55 53.99
N ASN E 112 28.30 4.44 53.00
CA ASN E 112 29.47 4.87 52.26
C ASN E 112 30.14 6.11 52.85
N LEU E 113 29.42 6.91 53.64
CA LEU E 113 29.91 8.24 54.02
C LEU E 113 29.83 8.56 55.51
N ILE E 114 28.95 7.92 56.29
CA ILE E 114 28.76 8.34 57.67
C ILE E 114 30.01 8.16 58.49
N GLY E 115 30.94 7.31 58.04
CA GLY E 115 32.22 7.14 58.67
C GLY E 115 33.31 8.06 58.17
N LEU E 116 32.96 9.09 57.38
CA LEU E 116 33.96 10.02 56.88
C LEU E 116 34.67 10.74 58.03
N LYS E 117 33.94 11.03 59.10
CA LYS E 117 34.53 11.61 60.30
C LYS E 117 34.17 10.72 61.49
N ALA E 118 35.07 10.69 62.48
CA ALA E 118 35.03 9.65 63.50
C ALA E 118 33.72 9.63 64.27
N GLY E 119 33.00 10.76 64.33
CA GLY E 119 31.79 10.83 65.10
C GLY E 119 30.65 9.97 64.58
N ARG E 120 30.68 9.64 63.29
CA ARG E 120 29.56 8.95 62.63
C ARG E 120 28.27 9.73 62.83
N CYS E 121 28.37 11.05 62.66
CA CYS E 121 27.22 11.94 62.76
C CYS E 121 26.88 12.48 61.37
N ALA E 122 25.60 12.76 61.16
CA ALA E 122 25.11 13.26 59.88
C ALA E 122 24.01 14.28 60.11
N ASP E 123 24.05 15.35 59.32
CA ASP E 123 23.06 16.41 59.38
C ASP E 123 22.01 16.18 58.30
N TYR E 124 20.73 16.24 58.68
CA TYR E 124 19.64 15.95 57.76
C TYR E 124 18.61 17.07 57.78
N VAL E 125 18.14 17.44 56.60
CA VAL E 125 17.12 18.46 56.41
C VAL E 125 15.84 17.76 55.99
N VAL E 126 14.82 17.82 56.85
CA VAL E 126 13.55 17.15 56.62
C VAL E 126 12.55 18.20 56.12
N THR E 127 12.23 18.14 54.83
CA THR E 127 11.23 19.01 54.24
C THR E 127 10.01 18.27 53.72
N GLY E 128 9.97 16.95 53.88
CA GLY E 128 8.80 16.19 53.45
C GLY E 128 8.97 14.73 53.80
N ALA E 129 8.09 13.91 53.22
CA ALA E 129 8.04 12.50 53.59
C ALA E 129 9.33 11.77 53.26
N TRP E 130 9.98 12.13 52.15
CA TRP E 130 11.12 11.36 51.67
C TRP E 130 12.40 11.68 52.43
N SER E 131 12.59 12.95 52.80
CA SER E 131 13.74 13.29 53.64
C SER E 131 13.58 12.70 55.03
N ALA E 132 12.34 12.61 55.54
CA ALA E 132 12.11 11.98 56.83
C ALA E 132 12.46 10.49 56.79
N LYS E 133 12.06 9.81 55.72
CA LYS E 133 12.39 8.39 55.57
C LYS E 133 13.89 8.18 55.50
N ALA E 134 14.60 9.07 54.79
CA ALA E 134 16.05 8.98 54.75
C ALA E 134 16.66 9.23 56.12
N ALA E 135 16.07 10.16 56.88
CA ALA E 135 16.58 10.44 58.22
C ALA E 135 16.41 9.23 59.14
N GLU E 136 15.26 8.56 59.06
CA GLU E 136 15.03 7.38 59.89
C GLU E 136 15.99 6.26 59.53
N GLU E 137 16.16 5.99 58.23
CA GLU E 137 17.01 4.90 57.80
C GLU E 137 18.47 5.14 58.19
N ALA E 138 18.90 6.41 58.15
CA ALA E 138 20.27 6.73 58.53
C ALA E 138 20.54 6.46 60.01
N LYS E 139 19.50 6.43 60.84
CA LYS E 139 19.69 6.13 62.26
C LYS E 139 20.28 4.74 62.50
N LYS E 140 20.19 3.85 61.51
CA LYS E 140 20.73 2.51 61.65
C LYS E 140 22.25 2.47 61.60
N PHE E 141 22.90 3.57 61.17
CA PHE E 141 24.32 3.56 60.92
C PHE E 141 25.10 4.62 61.68
N GLY E 142 24.44 5.48 62.44
CA GLY E 142 25.14 6.48 63.19
C GLY E 142 24.20 7.38 63.96
N THR E 143 24.72 8.52 64.41
CA THR E 143 23.93 9.52 65.13
C THR E 143 23.41 10.53 64.12
N ILE E 144 22.09 10.59 63.95
CA ILE E 144 21.45 11.43 62.94
C ILE E 144 20.79 12.60 63.65
N ASN E 145 21.15 13.81 63.22
CA ASN E 145 20.61 15.04 63.79
C ASN E 145 19.82 15.76 62.71
N ILE E 146 18.54 16.01 62.99
CA ILE E 146 17.70 16.82 62.10
C ILE E 146 18.02 18.29 62.36
N VAL E 147 18.39 19.01 61.31
CA VAL E 147 19.12 20.26 61.44
C VAL E 147 18.22 21.43 61.86
N HIS E 148 16.92 21.34 61.62
CA HIS E 148 16.01 22.44 61.92
C HIS E 148 15.01 22.01 62.97
N PRO E 149 14.20 22.92 63.52
CA PRO E 149 13.08 22.47 64.36
C PRO E 149 12.05 21.75 63.52
N LYS E 150 11.44 20.72 64.10
CA LYS E 150 10.46 19.92 63.39
C LYS E 150 9.28 20.77 62.95
N LEU E 151 8.90 20.62 61.68
CA LEU E 151 7.83 21.43 61.11
C LEU E 151 6.47 20.86 61.49
N GLY E 152 5.49 21.76 61.63
CA GLY E 152 4.12 21.32 61.84
C GLY E 152 3.52 20.72 60.59
N SER E 153 3.84 21.28 59.43
CA SER E 153 3.35 20.76 58.16
C SER E 153 4.41 21.00 57.09
N TYR E 154 4.54 20.03 56.18
CA TYR E 154 5.53 20.11 55.11
C TYR E 154 5.02 21.04 54.01
N THR E 155 5.07 22.34 54.30
CA THR E 155 4.63 23.37 53.36
C THR E 155 5.71 24.37 53.01
N LYS E 156 6.87 24.32 53.66
CA LYS E 156 7.92 25.31 53.45
C LYS E 156 9.27 24.66 53.71
N ILE E 157 10.31 25.33 53.23
CA ILE E 157 11.69 24.96 53.51
C ILE E 157 12.15 25.79 54.70
N PRO E 158 12.56 25.18 55.82
CA PRO E 158 13.18 25.95 56.90
C PRO E 158 14.34 26.78 56.37
N ASP E 159 14.37 28.05 56.75
CA ASP E 159 15.34 28.98 56.19
C ASP E 159 16.76 28.47 56.48
N PRO E 160 17.63 28.39 55.48
CA PRO E 160 18.96 27.77 55.69
C PRO E 160 19.75 28.41 56.82
N SER E 161 19.44 29.64 57.20
CA SER E 161 20.14 30.31 58.27
C SER E 161 19.72 29.84 59.66
N THR E 162 18.50 29.30 59.81
CA THR E 162 18.08 28.73 61.08
C THR E 162 18.57 27.30 61.27
N TRP E 163 19.46 26.83 60.41
CA TRP E 163 19.94 25.46 60.45
C TRP E 163 21.04 25.32 61.50
N ASN E 164 20.92 24.31 62.35
CA ASN E 164 21.91 24.00 63.39
C ASN E 164 22.84 22.93 62.83
N LEU E 165 23.93 23.38 62.22
CA LEU E 165 24.87 22.48 61.55
C LEU E 165 25.97 22.03 62.49
N ASN E 166 26.31 20.75 62.41
CA ASN E 166 27.41 20.16 63.18
C ASN E 166 28.70 20.29 62.39
N PRO E 167 29.72 21.00 62.90
CA PRO E 167 30.97 21.13 62.15
C PRO E 167 31.67 19.81 61.91
N ASP E 168 31.43 18.81 62.75
CA ASP E 168 32.08 17.50 62.63
C ASP E 168 31.15 16.44 62.05
N ALA E 169 29.98 16.83 61.57
CA ALA E 169 29.11 15.89 60.87
C ALA E 169 29.79 15.41 59.59
N SER E 170 29.63 14.12 59.29
CA SER E 170 30.29 13.54 58.12
C SER E 170 29.69 14.07 56.83
N TYR E 171 28.39 14.37 56.82
CA TYR E 171 27.74 14.93 55.62
C TYR E 171 26.44 15.58 56.02
N VAL E 172 25.89 16.37 55.10
CA VAL E 172 24.58 17.00 55.25
C VAL E 172 23.71 16.53 54.10
N TYR E 173 22.52 16.02 54.42
CA TYR E 173 21.61 15.40 53.47
C TYR E 173 20.34 16.22 53.37
N TYR E 174 19.85 16.41 52.14
CA TYR E 174 18.56 17.04 51.93
C TYR E 174 17.95 16.48 50.66
N CYS E 175 16.63 16.66 50.53
CA CYS E 175 15.86 16.18 49.38
C CYS E 175 15.48 17.37 48.51
N ALA E 176 15.87 17.32 47.24
CA ALA E 176 15.64 18.47 46.36
C ALA E 176 14.16 18.68 46.05
N ASN E 177 13.39 17.60 45.96
CA ASN E 177 11.99 17.71 45.57
C ASN E 177 11.19 16.64 46.31
N GLU E 178 10.26 17.08 47.16
CA GLU E 178 9.46 16.17 47.98
C GLU E 178 8.21 15.78 47.20
N THR E 179 8.22 14.56 46.67
CA THR E 179 7.22 14.12 45.71
C THR E 179 5.82 14.06 46.30
N VAL E 180 5.71 13.91 47.61
CA VAL E 180 4.40 13.75 48.22
C VAL E 180 3.78 15.09 48.62
N HIS E 181 4.61 16.06 49.03
CA HIS E 181 4.11 17.31 49.57
C HIS E 181 4.31 18.52 48.65
N GLY E 182 5.13 18.38 47.60
CA GLY E 182 5.29 19.46 46.64
C GLY E 182 6.22 20.57 47.07
N VAL E 183 7.23 20.26 47.87
CA VAL E 183 8.20 21.25 48.36
C VAL E 183 9.52 21.00 47.64
N GLU E 184 10.01 22.01 46.92
CA GLU E 184 11.21 21.87 46.11
C GLU E 184 12.19 22.99 46.39
N PHE E 185 13.48 22.64 46.43
CA PHE E 185 14.56 23.61 46.51
C PHE E 185 14.82 24.18 45.12
N ASP E 186 14.68 25.51 44.97
CA ASP E 186 15.16 26.20 43.79
C ASP E 186 16.50 26.89 44.06
N PHE E 187 17.31 26.30 44.92
CA PHE E 187 18.63 26.80 45.27
C PHE E 187 19.43 25.65 45.85
N ILE E 188 20.73 25.85 45.95
CA ILE E 188 21.64 24.88 46.58
C ILE E 188 22.03 25.45 47.94
N PRO E 189 21.66 24.79 49.04
CA PRO E 189 21.90 25.38 50.37
C PRO E 189 23.39 25.42 50.71
N ASP E 190 23.75 26.44 51.48
CA ASP E 190 25.10 26.57 52.01
C ASP E 190 25.21 25.77 53.29
N VAL E 191 26.13 24.81 53.33
CA VAL E 191 26.30 23.94 54.49
C VAL E 191 27.66 24.18 55.13
N LYS E 192 28.16 25.41 55.00
CA LYS E 192 29.42 25.82 55.62
C LYS E 192 30.57 24.88 55.23
N GLY E 193 30.53 24.38 54.00
CA GLY E 193 31.63 23.61 53.47
C GLY E 193 31.56 22.11 53.68
N ALA E 194 30.51 21.60 54.33
CA ALA E 194 30.39 20.16 54.50
C ALA E 194 30.04 19.50 53.17
N VAL E 195 30.32 18.20 53.07
CA VAL E 195 29.98 17.47 51.86
C VAL E 195 28.48 17.31 51.78
N LEU E 196 27.90 17.66 50.63
CA LEU E 196 26.46 17.78 50.47
C LEU E 196 25.92 16.56 49.73
N VAL E 197 24.91 15.91 50.30
CA VAL E 197 24.23 14.78 49.69
C VAL E 197 22.79 15.19 49.39
N CYS E 198 22.35 14.94 48.16
CA CYS E 198 21.04 15.39 47.71
C CYS E 198 20.28 14.27 47.03
N ASP E 199 19.01 14.11 47.40
CA ASP E 199 18.11 13.15 46.76
C ASP E 199 17.32 13.92 45.70
N MET E 200 17.67 13.71 44.44
CA MET E 200 17.00 14.36 43.32
C MET E 200 16.19 13.38 42.50
N SER E 201 15.61 12.36 43.16
CA SER E 201 14.89 11.32 42.44
C SER E 201 13.75 11.88 41.58
N SER E 202 13.00 12.83 42.12
CA SER E 202 11.80 13.33 41.46
C SER E 202 12.02 14.64 40.71
N ASN E 203 13.26 15.11 40.60
CA ASN E 203 13.52 16.25 39.74
C ASN E 203 14.84 16.09 38.97
N PHE E 204 15.38 14.88 38.92
CA PHE E 204 16.65 14.65 38.25
C PHE E 204 16.55 15.03 36.78
N LEU E 205 17.45 15.93 36.35
CA LEU E 205 17.50 16.41 34.98
C LEU E 205 16.20 17.12 34.56
N SER E 206 15.53 17.75 35.53
CA SER E 206 14.46 18.70 35.21
C SER E 206 14.97 20.12 35.12
N LYS E 207 16.24 20.35 35.44
CA LYS E 207 16.86 21.66 35.43
C LYS E 207 18.37 21.48 35.55
N PRO E 208 19.16 22.42 35.07
CA PRO E 208 20.62 22.34 35.24
C PRO E 208 21.00 22.30 36.70
N VAL E 209 22.10 21.61 37.00
CA VAL E 209 22.56 21.40 38.36
C VAL E 209 24.07 21.67 38.41
N ASP E 210 24.50 22.48 39.37
CA ASP E 210 25.92 22.70 39.63
C ASP E 210 26.44 21.52 40.43
N VAL E 211 26.90 20.49 39.72
CA VAL E 211 27.34 19.26 40.36
C VAL E 211 28.54 19.50 41.27
N SER E 212 29.37 20.50 40.95
CA SER E 212 30.59 20.75 41.72
C SER E 212 30.29 21.03 43.19
N LYS E 213 29.11 21.57 43.49
CA LYS E 213 28.74 21.91 44.86
C LYS E 213 28.24 20.72 45.66
N PHE E 214 28.19 19.53 45.07
CA PHE E 214 27.63 18.35 45.74
C PHE E 214 28.72 17.30 45.95
N GLY E 215 28.52 16.49 46.98
CA GLY E 215 29.41 15.37 47.24
C GLY E 215 28.85 14.08 46.67
N VAL E 216 27.55 13.86 46.87
CA VAL E 216 26.85 12.68 46.34
C VAL E 216 25.48 13.12 45.87
N ILE E 217 25.13 12.73 44.65
CA ILE E 217 23.79 12.92 44.09
C ILE E 217 23.27 11.57 43.66
N PHE E 218 22.03 11.25 44.05
CA PHE E 218 21.41 10.02 43.59
C PHE E 218 19.97 10.28 43.17
N ALA E 219 19.45 9.39 42.33
CA ALA E 219 18.09 9.51 41.82
C ALA E 219 17.66 8.17 41.24
N GLY E 220 16.47 7.72 41.66
CA GLY E 220 15.86 6.57 41.00
C GLY E 220 15.35 6.95 39.62
N ALA E 221 15.58 6.04 38.67
CA ALA E 221 15.31 6.34 37.27
C ALA E 221 13.83 6.58 37.00
N GLN E 222 12.96 5.76 37.57
CA GLN E 222 11.50 5.72 37.29
C GLN E 222 10.75 7.05 37.45
N ASN E 224 11.98 10.56 36.27
CA ASN E 224 12.18 11.61 35.25
C ASN E 224 13.17 11.15 34.20
N VAL E 225 13.64 9.92 34.28
CA VAL E 225 14.69 9.58 33.34
C VAL E 225 14.66 8.10 32.93
N GLY E 226 13.57 7.39 33.23
CA GLY E 226 13.51 5.99 32.76
C GLY E 226 12.52 5.17 33.56
N SER E 227 12.80 3.88 33.67
CA SER E 227 11.89 2.98 34.35
C SER E 227 12.54 2.42 35.61
N ALA E 228 11.70 1.92 36.50
CA ALA E 228 12.16 1.42 37.80
C ALA E 228 13.15 0.27 37.62
N GLY E 229 14.16 0.23 38.48
CA GLY E 229 15.13 -0.85 38.39
C GLY E 229 16.57 -0.40 38.52
N VAL E 230 16.86 0.87 38.22
CA VAL E 230 18.23 1.36 38.31
C VAL E 230 18.22 2.75 38.93
N THR E 231 19.25 3.06 39.72
CA THR E 231 19.39 4.33 40.42
C THR E 231 20.72 4.98 40.03
N VAL E 232 20.68 6.27 39.64
CA VAL E 232 21.90 6.99 39.27
C VAL E 232 22.54 7.55 40.54
N VAL E 233 23.85 7.41 40.67
CA VAL E 233 24.62 7.95 41.77
C VAL E 233 25.80 8.70 41.20
N ILE E 234 25.96 9.99 41.52
CA ILE E 234 27.10 10.79 41.09
C ILE E 234 27.92 11.08 42.34
N VAL E 235 29.15 10.56 42.40
CA VAL E 235 29.97 10.62 43.60
C VAL E 235 31.29 11.31 43.30
N ARG E 236 31.73 12.18 44.20
CA ARG E 236 33.05 12.82 44.07
C ARG E 236 34.14 11.81 44.37
N ASP E 237 35.14 11.69 43.49
CA ASP E 237 36.08 10.57 43.62
C ASP E 237 36.90 10.61 44.92
N ASP E 238 36.87 11.69 45.69
CA ASP E 238 37.58 11.66 46.97
C ASP E 238 36.73 11.15 48.12
N LEU E 239 35.46 10.82 47.86
CA LEU E 239 34.57 10.36 48.91
C LEU E 239 34.42 8.83 48.95
N LEU E 240 35.10 8.09 48.07
CA LEU E 240 35.15 6.65 48.16
C LEU E 240 36.18 6.26 49.20
N GLY E 241 35.97 5.15 49.90
CA GLY E 241 36.98 4.74 50.87
C GLY E 241 36.67 5.07 52.31
N PHE E 242 35.43 5.41 52.62
CA PHE E 242 34.97 5.67 53.97
C PHE E 242 33.83 4.76 54.34
N ALA E 243 33.55 3.77 53.50
CA ALA E 243 32.45 2.84 53.69
C ALA E 243 32.69 1.92 54.87
N LEU E 244 31.63 1.63 55.61
CA LEU E 244 31.66 0.76 56.76
C LEU E 244 31.86 -0.69 56.35
N ARG E 245 32.30 -1.51 57.32
CA ARG E 245 32.51 -2.93 57.06
C ARG E 245 31.24 -3.60 56.54
N GLU E 246 30.10 -3.24 57.11
CA GLU E 246 28.80 -3.85 56.81
C GLU E 246 28.14 -3.34 55.53
N CYS E 247 28.76 -2.44 54.79
CA CYS E 247 28.14 -1.98 53.54
C CYS E 247 28.21 -3.11 52.52
N PRO E 248 27.08 -3.51 51.93
CA PRO E 248 27.10 -4.57 50.91
C PRO E 248 27.92 -4.16 49.71
N SER E 249 28.65 -5.13 49.13
CA SER E 249 29.57 -4.79 48.03
C SER E 249 28.84 -4.23 46.82
N VAL E 250 27.59 -4.65 46.55
CA VAL E 250 26.85 -4.12 45.39
C VAL E 250 26.39 -2.69 45.59
N LEU E 251 26.48 -2.15 46.80
CA LEU E 251 26.13 -0.77 47.11
C LEU E 251 27.33 0.08 47.50
N GLU E 252 28.55 -0.48 47.48
CA GLU E 252 29.73 0.26 47.91
C GLU E 252 30.26 1.08 46.73
N TYR E 253 30.16 2.41 46.84
CA TYR E 253 30.56 3.30 45.75
C TYR E 253 31.95 2.99 45.22
N LYS E 254 32.95 2.85 46.11
CA LYS E 254 34.30 2.55 45.67
C LYS E 254 34.36 1.25 44.87
N VAL E 255 33.68 0.20 45.35
CA VAL E 255 33.67 -1.10 44.64
C VAL E 255 33.02 -0.98 43.29
N GLN E 256 31.90 -0.25 43.22
CA GLN E 256 31.13 -0.16 41.99
C GLN E 256 31.73 0.86 41.03
N ALA E 257 32.38 1.90 41.55
CA ALA E 257 33.08 2.83 40.65
C ALA E 257 34.31 2.17 40.04
N GLY E 258 34.94 1.26 40.80
CA GLY E 258 36.10 0.54 40.32
C GLY E 258 35.78 -0.54 39.31
N ASN E 259 34.52 -0.95 39.20
CA ASN E 259 34.11 -1.94 38.21
C ASN E 259 33.19 -1.36 37.16
N SER E 260 33.07 -0.03 37.10
CA SER E 260 32.20 0.70 36.16
C SER E 260 30.79 0.15 36.17
N SER E 261 30.26 -0.04 37.39
CA SER E 261 28.94 -0.59 37.71
C SER E 261 28.76 -2.03 37.21
N LEU E 262 29.85 -2.77 37.09
CA LEU E 262 29.77 -4.15 36.59
C LEU E 262 30.42 -5.11 37.59
N TYR E 263 30.27 -4.81 38.88
CA TYR E 263 30.73 -5.71 39.92
C TYR E 263 29.92 -7.01 39.89
N ASN E 264 28.61 -6.87 39.85
CA ASN E 264 27.66 -7.94 39.63
C ASN E 264 26.85 -7.58 38.38
N THR E 265 25.86 -8.39 38.05
CA THR E 265 25.05 -8.09 36.87
C THR E 265 24.21 -6.85 37.12
N PRO E 266 24.33 -5.80 36.33
CA PRO E 266 23.53 -4.59 36.50
C PRO E 266 22.17 -4.75 35.91
N PRO E 267 21.20 -3.89 36.23
CA PRO E 267 19.90 -3.94 35.57
C PRO E 267 19.98 -3.55 34.10
N CYS E 268 20.41 -4.48 33.24
CA CYS E 268 20.71 -4.15 31.84
C CYS E 268 19.56 -3.42 31.13
N PHE E 269 18.32 -3.93 31.22
CA PHE E 269 17.21 -3.29 30.53
C PHE E 269 16.89 -1.91 31.11
N SER E 270 16.99 -1.75 32.43
CA SER E 270 16.75 -0.43 33.00
C SER E 270 17.73 0.59 32.46
N ILE E 271 19.01 0.21 32.38
CA ILE E 271 20.06 1.08 31.90
C ILE E 271 19.93 1.35 30.41
N TYR E 272 19.41 0.38 29.66
CA TYR E 272 19.20 0.61 28.24
C TYR E 272 18.04 1.56 28.00
N VAL E 273 16.95 1.39 28.76
CA VAL E 273 15.81 2.30 28.70
C VAL E 273 16.21 3.71 29.11
N MET E 274 17.02 3.83 30.18
CA MET E 274 17.45 5.14 30.65
C MET E 274 18.22 5.89 29.57
N GLY E 275 19.14 5.20 28.89
CA GLY E 275 19.89 5.83 27.82
C GLY E 275 19.05 6.29 26.64
N LEU E 276 17.92 5.62 26.40
CA LEU E 276 17.00 6.07 25.35
C LEU E 276 16.21 7.28 25.80
N VAL E 277 15.85 7.33 27.08
CA VAL E 277 15.14 8.49 27.62
C VAL E 277 16.08 9.68 27.73
N LEU E 278 17.34 9.42 28.09
CA LEU E 278 18.36 10.46 28.16
C LEU E 278 18.64 11.02 26.78
N GLU E 279 18.63 10.16 25.77
CA GLU E 279 18.82 10.61 24.39
C GLU E 279 17.65 11.46 23.94
N TRP E 280 16.43 11.13 24.39
CA TRP E 280 15.27 11.95 24.09
C TRP E 280 15.40 13.34 24.70
N ILE E 281 15.85 13.40 25.96
CA ILE E 281 16.07 14.68 26.64
C ILE E 281 17.05 15.52 25.87
N LYS E 282 18.19 14.92 25.48
CA LYS E 282 19.22 15.64 24.74
C LYS E 282 18.66 16.20 23.43
N ASN E 283 17.80 15.43 22.72
CA ASN E 283 17.24 15.93 21.46
C ASN E 283 16.21 17.02 21.68
N ASN E 284 15.58 17.05 22.85
CA ASN E 284 14.56 18.04 23.13
C ASN E 284 15.12 19.27 23.84
N GLY E 285 16.44 19.44 23.87
CA GLY E 285 17.05 20.65 24.36
C GLY E 285 17.86 20.54 25.63
N GLY E 286 17.98 19.33 26.22
CA GLY E 286 18.79 19.16 27.42
C GLY E 286 18.10 19.68 28.67
N ALA E 287 18.90 19.82 29.74
CA ALA E 287 18.40 20.28 31.03
C ALA E 287 17.88 21.71 30.98
N ALA E 288 18.45 22.53 30.10
CA ALA E 288 18.02 23.92 29.96
C ALA E 288 16.62 24.01 29.39
N ALA E 289 16.31 23.18 28.39
CA ALA E 289 14.98 23.14 27.81
C ALA E 289 13.99 22.47 28.74
N MET E 290 14.46 21.53 29.56
CA MET E 290 13.58 20.89 30.54
C MET E 290 13.09 21.87 31.58
N GLU E 291 13.98 22.77 32.03
CA GLU E 291 13.63 23.74 33.05
C GLU E 291 12.58 24.72 32.55
N LYS E 292 12.63 25.08 31.26
CA LYS E 292 11.63 25.99 30.71
C LYS E 292 10.28 25.31 30.59
N LEU E 293 10.26 24.06 30.12
CA LEU E 293 8.99 23.34 30.01
C LEU E 293 8.41 23.08 31.40
N SER E 294 9.25 22.82 32.38
CA SER E 294 8.79 22.59 33.75
C SER E 294 8.08 23.82 34.30
N SER E 295 8.60 25.01 33.99
CA SER E 295 7.97 26.23 34.46
C SER E 295 6.63 26.43 33.78
N ILE E 296 6.59 26.27 32.44
CA ILE E 296 5.35 26.44 31.71
C ILE E 296 4.29 25.49 32.22
N LYS E 297 4.65 24.21 32.43
CA LYS E 297 3.68 23.23 32.87
C LYS E 297 3.21 23.51 34.29
N SER E 298 4.14 23.64 35.26
CA SER E 298 3.70 23.84 36.63
C SER E 298 2.95 25.15 36.80
N GLN E 299 3.39 26.22 36.12
CA GLN E 299 2.69 27.49 36.29
C GLN E 299 1.29 27.45 35.68
N THR E 300 1.07 26.63 34.63
CA THR E 300 -0.29 26.50 34.09
C THR E 300 -1.25 25.96 35.14
N ILE E 301 -0.82 25.01 35.96
CA ILE E 301 -1.67 24.49 37.01
C ILE E 301 -1.72 25.47 38.19
N TYR E 302 -0.56 26.01 38.58
CA TYR E 302 -0.53 26.90 39.74
C TYR E 302 -1.36 28.16 39.50
N GLU E 303 -1.37 28.68 38.26
CA GLU E 303 -2.29 29.76 37.89
C GLU E 303 -3.74 29.37 38.17
N ILE E 304 -4.11 28.15 37.74
CA ILE E 304 -5.49 27.71 37.87
C ILE E 304 -5.86 27.56 39.34
N ILE E 305 -4.90 27.17 40.19
CA ILE E 305 -5.18 27.06 41.62
C ILE E 305 -5.26 28.45 42.25
N ASP E 306 -4.33 29.34 41.90
CA ASP E 306 -4.27 30.66 42.50
C ASP E 306 -5.49 31.50 42.14
N ASN E 307 -6.00 31.39 40.90
CA ASN E 307 -7.17 32.14 40.46
C ASN E 307 -8.49 31.41 40.73
N SER E 308 -8.48 30.37 41.55
CA SER E 308 -9.65 29.53 41.73
C SER E 308 -10.57 29.98 42.85
N GLN E 309 -10.24 31.08 43.54
CA GLN E 309 -11.06 31.62 44.64
C GLN E 309 -11.37 30.58 45.71
N GLY E 310 -10.40 29.75 46.07
CA GLY E 310 -10.60 28.76 47.10
C GLY E 310 -11.08 27.40 46.63
N PHE E 311 -11.50 27.28 45.36
CA PHE E 311 -11.93 25.97 44.88
C PHE E 311 -10.78 24.97 44.92
N TYR E 312 -9.59 25.39 44.52
CA TYR E 312 -8.40 24.55 44.62
C TYR E 312 -7.46 25.16 45.65
N VAL E 313 -6.95 24.33 46.55
CA VAL E 313 -6.15 24.79 47.69
C VAL E 313 -4.84 24.01 47.68
N CYS E 314 -3.72 24.71 47.46
CA CYS E 314 -2.39 24.11 47.55
C CYS E 314 -1.67 24.74 48.73
N PRO E 315 -1.24 23.96 49.71
CA PRO E 315 -0.69 24.55 50.95
C PRO E 315 0.77 24.93 50.90
N VAL E 316 1.50 24.68 49.83
CA VAL E 316 2.94 25.00 49.81
C VAL E 316 3.11 26.49 49.63
N GLU E 317 4.07 27.08 50.36
CA GLU E 317 4.43 28.48 50.14
C GLU E 317 4.93 28.65 48.72
N PRO E 318 4.50 29.68 48.00
CA PRO E 318 4.87 29.81 46.58
C PRO E 318 6.34 29.71 46.23
N GLN E 319 7.26 30.13 47.10
CA GLN E 319 8.68 30.09 46.75
C GLN E 319 9.28 28.70 46.85
N ASN E 320 8.60 27.77 47.51
CA ASN E 320 9.07 26.40 47.59
C ASN E 320 8.21 25.44 46.78
N ARG E 321 7.30 25.97 45.96
CA ARG E 321 6.38 25.15 45.20
C ARG E 321 7.12 24.32 44.16
N SER E 322 6.94 23.00 44.22
CA SER E 322 7.58 22.09 43.29
C SER E 322 7.04 22.30 41.88
N LYS E 323 7.92 22.16 40.88
CA LYS E 323 7.49 22.23 39.50
C LYS E 323 7.23 20.85 38.92
N MET E 324 7.48 19.80 39.71
CA MET E 324 7.32 18.41 39.29
C MET E 324 6.02 17.81 39.80
N ASN E 325 5.71 17.99 41.09
CA ASN E 325 4.53 17.40 41.70
C ASN E 325 3.67 18.49 42.31
N ILE E 326 2.41 18.58 41.92
CA ILE E 326 1.53 19.60 42.46
C ILE E 326 0.39 18.95 43.23
N PRO E 327 0.52 18.78 44.55
CA PRO E 327 -0.57 18.26 45.36
C PRO E 327 -1.52 19.39 45.71
N PHE E 328 -2.83 19.13 45.67
CA PHE E 328 -3.79 20.17 46.04
C PHE E 328 -5.06 19.54 46.60
N ARG E 329 -5.96 20.38 47.08
CA ARG E 329 -7.23 19.94 47.64
C ARG E 329 -8.36 20.61 46.87
N ILE E 330 -9.57 20.06 46.94
CA ILE E 330 -10.71 20.63 46.24
C ILE E 330 -11.77 21.01 47.25
N GLY E 331 -12.49 22.11 47.01
CA GLY E 331 -13.52 22.53 47.92
C GLY E 331 -13.00 23.44 49.02
N ASN E 332 -12.11 22.92 49.88
CA ASN E 332 -11.54 23.71 50.95
C ASN E 332 -10.12 23.20 51.21
N ALA E 333 -9.48 23.76 52.24
CA ALA E 333 -8.11 23.39 52.58
C ALA E 333 -8.04 22.02 53.25
N LYS E 334 -9.12 21.61 53.90
CA LYS E 334 -9.21 20.27 54.44
C LYS E 334 -9.61 19.27 53.35
N GLY E 335 -10.20 19.77 52.27
CA GLY E 335 -10.59 18.97 51.13
C GLY E 335 -11.98 18.40 51.26
N ASP E 336 -12.77 18.51 50.20
CA ASP E 336 -14.13 18.00 50.12
C ASP E 336 -14.08 16.60 49.53
N ASP E 337 -14.24 15.57 50.37
CA ASP E 337 -14.07 14.20 49.88
C ASP E 337 -15.01 13.87 48.73
N ALA E 338 -16.27 14.32 48.80
CA ALA E 338 -17.23 14.05 47.73
C ALA E 338 -16.80 14.70 46.42
N LEU E 339 -16.27 15.91 46.51
CA LEU E 339 -15.82 16.64 45.33
C LEU E 339 -14.56 16.04 44.75
N GLU E 340 -13.67 15.56 45.61
CA GLU E 340 -12.44 14.97 45.10
C GLU E 340 -12.71 13.62 44.44
N LYS E 341 -13.69 12.86 44.93
CA LYS E 341 -14.07 11.63 44.25
C LYS E 341 -14.63 11.94 42.87
N ARG E 342 -15.54 12.91 42.79
CA ARG E 342 -16.10 13.31 41.51
C ARG E 342 -15.01 13.73 40.54
N PHE E 343 -14.07 14.56 41.01
CA PHE E 343 -12.95 15.00 40.19
C PHE E 343 -12.17 13.80 39.67
N LEU E 344 -11.79 12.89 40.57
CA LEU E 344 -10.96 11.75 40.20
C LEU E 344 -11.69 10.77 39.28
N ASP E 345 -13.01 10.59 39.46
CA ASP E 345 -13.75 9.68 38.57
C ASP E 345 -13.92 10.27 37.18
N LYS E 346 -14.25 11.56 37.12
CA LYS E 346 -14.40 12.21 35.83
C LYS E 346 -13.05 12.34 35.13
N ALA E 347 -11.97 12.48 35.89
CA ALA E 347 -10.64 12.48 35.30
C ALA E 347 -10.32 11.13 34.69
N LEU E 348 -10.72 10.05 35.38
CA LEU E 348 -10.52 8.69 34.91
C LEU E 348 -11.35 8.41 33.66
N GLU E 349 -12.53 9.04 33.58
CA GLU E 349 -13.39 8.94 32.42
C GLU E 349 -12.79 9.63 31.20
N LEU E 350 -11.95 10.63 31.42
CA LEU E 350 -11.26 11.33 30.34
C LEU E 350 -9.88 10.73 30.08
N ASN E 351 -9.60 9.59 30.72
CA ASN E 351 -8.36 8.81 30.62
C ASN E 351 -7.14 9.56 31.14
N MET E 352 -7.32 10.30 32.22
CA MET E 352 -6.20 10.95 32.91
C MET E 352 -5.89 10.12 34.14
N LEU E 353 -4.71 9.50 34.16
CA LEU E 353 -4.43 8.49 35.18
C LEU E 353 -3.51 9.01 36.27
N SER E 354 -3.64 8.39 37.44
CA SER E 354 -2.78 8.58 38.62
C SER E 354 -2.82 10.00 39.16
N LEU E 355 -3.98 10.65 39.06
CA LEU E 355 -4.12 11.98 39.66
C LEU E 355 -4.47 11.91 41.14
N LYS E 356 -4.79 10.72 41.67
CA LYS E 356 -5.11 10.60 43.08
C LYS E 356 -3.89 10.93 43.92
N GLY E 357 -4.09 11.72 44.98
CA GLY E 357 -2.99 12.06 45.85
C GLY E 357 -2.54 10.88 46.70
N HIS E 358 -1.29 10.95 47.17
CA HIS E 358 -0.69 9.90 47.99
C HIS E 358 -1.56 9.56 49.21
N ARG E 359 -1.61 8.28 49.56
CA ARG E 359 -2.52 7.79 50.61
C ARG E 359 -2.33 8.53 51.94
N SER E 360 -1.09 8.92 52.28
CA SER E 360 -0.82 9.63 53.53
C SER E 360 -1.32 11.07 53.55
N VAL E 361 -1.58 11.68 52.38
CA VAL E 361 -1.98 13.08 52.31
C VAL E 361 -3.39 13.25 51.75
N GLY E 362 -3.82 12.34 50.88
CA GLY E 362 -5.13 12.44 50.25
C GLY E 362 -5.15 13.52 49.17
N GLY E 363 -6.36 13.94 48.78
CA GLY E 363 -6.51 15.00 47.79
C GLY E 363 -6.08 14.56 46.40
N ILE E 364 -5.57 15.51 45.62
CA ILE E 364 -5.14 15.32 44.24
C ILE E 364 -3.63 15.60 44.19
N ARG E 365 -2.96 15.02 43.21
CA ARG E 365 -1.56 15.34 42.96
C ARG E 365 -1.30 15.19 41.47
N ALA E 366 -0.69 16.19 40.86
CA ALA E 366 -0.40 16.16 39.45
C ALA E 366 1.11 16.02 39.29
N SER E 367 1.58 14.99 38.60
CA SER E 367 3.00 14.84 38.39
C SER E 367 3.33 15.25 36.96
N LEU E 368 4.17 16.27 36.82
CA LEU E 368 4.48 16.85 35.53
C LEU E 368 5.96 16.66 35.16
N TYR E 369 6.39 15.40 35.06
CA TYR E 369 7.76 15.01 34.78
C TYR E 369 8.14 15.29 33.32
N ASN E 370 9.40 14.96 32.97
CA ASN E 370 9.96 15.31 31.66
C ASN E 370 9.11 14.80 30.50
N ALA E 371 8.60 13.56 30.56
CA ALA E 371 7.81 13.05 29.44
C ALA E 371 6.40 13.61 29.37
N VAL E 372 5.86 14.15 30.45
CA VAL E 372 4.53 14.77 30.40
C VAL E 372 4.62 16.00 29.50
N THR E 373 3.85 16.01 28.42
CA THR E 373 3.93 17.10 27.46
C THR E 373 3.01 18.26 27.86
N ILE E 374 3.26 19.42 27.24
CA ILE E 374 2.42 20.61 27.39
C ILE E 374 0.99 20.28 26.99
N GLU E 375 0.84 19.53 25.88
CA GLU E 375 -0.45 19.04 25.45
C GLU E 375 -1.20 18.29 26.56
N ASP E 376 -0.49 17.49 27.37
CA ASP E 376 -1.13 16.76 28.48
C ASP E 376 -1.60 17.70 29.57
N VAL E 377 -0.73 18.64 29.98
CA VAL E 377 -1.04 19.59 31.04
C VAL E 377 -2.20 20.48 30.61
N GLN E 378 -2.26 20.83 29.31
CA GLN E 378 -3.35 21.62 28.77
C GLN E 378 -4.69 20.89 28.86
N LYS E 379 -4.68 19.56 28.71
CA LYS E 379 -5.91 18.78 28.87
C LYS E 379 -6.36 18.80 30.33
N LEU E 380 -5.42 18.58 31.25
CA LEU E 380 -5.71 18.65 32.67
C LEU E 380 -6.13 20.04 33.10
N ALA E 381 -5.53 21.06 32.48
CA ALA E 381 -5.91 22.45 32.75
C ALA E 381 -7.34 22.72 32.30
N ALA E 382 -7.70 22.26 31.10
CA ALA E 382 -9.05 22.46 30.60
C ALA E 382 -10.07 21.75 31.47
N PHE E 383 -9.70 20.57 31.98
CA PHE E 383 -10.60 19.81 32.85
C PHE E 383 -10.72 20.49 34.22
N MET E 384 -9.60 20.94 34.81
CA MET E 384 -9.68 21.62 36.09
C MET E 384 -10.56 22.85 36.01
N LYS E 385 -10.41 23.63 34.91
CA LYS E 385 -11.20 24.84 34.72
C LYS E 385 -12.68 24.54 34.62
N LYS E 386 -13.06 23.58 33.76
CA LYS E 386 -14.47 23.24 33.59
C LYS E 386 -15.07 22.63 34.85
N PHE E 387 -14.30 21.81 35.57
CA PHE E 387 -14.81 21.22 36.80
C PHE E 387 -15.12 22.28 37.85
N LEU E 388 -14.25 23.29 37.95
CA LEU E 388 -14.50 24.41 38.85
C LEU E 388 -15.74 25.18 38.41
N GLU E 389 -15.89 25.34 37.10
CA GLU E 389 -17.02 26.07 36.52
C GLU E 389 -18.36 25.39 36.81
N MET E 390 -18.36 24.08 37.03
CA MET E 390 -19.58 23.32 37.32
C MET E 390 -19.83 23.11 38.80
N HIS E 391 -18.83 23.30 39.65
CA HIS E 391 -19.01 22.89 41.02
C HIS E 391 -18.77 23.98 42.06
N GLN E 392 -18.26 25.15 41.67
CA GLN E 392 -18.06 26.21 42.66
C GLN E 392 -19.40 26.91 42.92
N LEU E 393 -19.71 27.11 44.20
CA LEU E 393 -20.98 27.75 44.59
C LEU E 393 -20.93 29.24 44.31
N GLN F 29 22.01 5.72 -40.75
CA GLN F 29 21.21 6.93 -40.63
C GLN F 29 20.41 7.17 -41.91
N VAL F 30 19.26 6.52 -42.00
CA VAL F 30 18.41 6.68 -43.17
C VAL F 30 17.85 8.09 -43.19
N VAL F 31 17.96 8.77 -44.34
CA VAL F 31 17.36 10.07 -44.56
C VAL F 31 16.17 9.87 -45.48
N ASN F 32 14.97 10.08 -44.95
CA ASN F 32 13.72 9.73 -45.64
C ASN F 32 13.14 11.00 -46.28
N PHE F 33 13.30 11.12 -47.60
CA PHE F 33 12.68 12.18 -48.38
C PHE F 33 11.36 11.73 -48.99
N GLY F 34 10.59 10.94 -48.27
CA GLY F 34 9.32 10.43 -48.76
C GLY F 34 8.31 11.52 -49.07
N PRO F 35 7.49 11.29 -50.08
CA PRO F 35 6.50 12.30 -50.50
C PRO F 35 5.15 12.22 -49.80
N GLY F 36 4.85 11.12 -49.10
CA GLY F 36 3.57 10.95 -48.47
C GLY F 36 3.04 9.54 -48.66
N PRO F 37 3.13 8.70 -47.62
CA PRO F 37 3.65 8.87 -46.24
C PRO F 37 5.07 9.39 -46.17
N ALA F 38 5.36 10.17 -45.15
CA ALA F 38 6.64 10.85 -45.00
C ALA F 38 7.29 10.45 -43.68
N LYS F 39 8.45 11.06 -43.44
CA LYS F 39 9.22 10.82 -42.23
C LYS F 39 8.56 11.52 -41.04
N LEU F 40 8.59 10.85 -39.88
CA LEU F 40 8.08 11.40 -38.63
C LEU F 40 9.24 11.75 -37.70
N PRO F 41 9.06 12.72 -36.80
CA PRO F 41 10.15 13.11 -35.91
C PRO F 41 10.60 11.92 -35.05
N HIS F 42 11.92 11.79 -34.91
CA HIS F 42 12.47 10.67 -34.15
C HIS F 42 12.01 10.70 -32.70
N SER F 43 11.86 11.91 -32.12
CA SER F 43 11.32 12.02 -30.78
C SER F 43 9.93 11.42 -30.69
N VAL F 44 9.12 11.61 -31.73
CA VAL F 44 7.74 11.12 -31.70
C VAL F 44 7.73 9.59 -31.79
N LEU F 45 8.52 9.02 -32.71
CA LEU F 45 8.58 7.57 -32.84
C LEU F 45 9.07 6.92 -31.56
N LEU F 46 9.95 7.59 -30.82
CA LEU F 46 10.45 7.01 -29.57
C LEU F 46 9.35 6.95 -28.52
N GLU F 47 8.52 7.98 -28.43
CA GLU F 47 7.43 7.95 -27.45
C GLU F 47 6.37 6.92 -27.84
N ILE F 48 6.12 6.76 -29.14
CA ILE F 48 5.16 5.75 -29.59
C ILE F 48 5.66 4.36 -29.23
N GLN F 49 6.97 4.13 -29.36
CA GLN F 49 7.54 2.82 -29.06
C GLN F 49 7.49 2.52 -27.57
N LYS F 50 7.79 3.51 -26.73
CA LYS F 50 7.81 3.28 -25.29
C LYS F 50 6.42 2.99 -24.75
N GLU F 51 5.40 3.67 -25.28
CA GLU F 51 4.04 3.58 -24.77
C GLU F 51 3.19 2.52 -25.46
N LEU F 52 3.78 1.70 -26.34
CA LEU F 52 2.94 0.88 -27.22
C LEU F 52 2.13 -0.16 -26.46
N LEU F 53 2.65 -0.67 -25.34
CA LEU F 53 1.95 -1.72 -24.61
C LEU F 53 1.17 -1.22 -23.42
N ASP F 54 1.44 0.00 -22.94
CA ASP F 54 0.84 0.53 -21.72
C ASP F 54 0.83 2.05 -21.85
N TYR F 55 -0.21 2.57 -22.52
CA TYR F 55 -0.31 3.99 -22.81
C TYR F 55 -0.47 4.79 -21.52
N LYS F 56 0.59 5.47 -21.11
CA LYS F 56 0.56 6.40 -19.97
C LYS F 56 -0.04 5.74 -18.72
N GLY F 57 0.29 4.46 -18.51
CA GLY F 57 -0.09 3.76 -17.31
C GLY F 57 -1.46 3.11 -17.32
N VAL F 58 -2.23 3.24 -18.41
CA VAL F 58 -3.58 2.70 -18.43
C VAL F 58 -3.57 1.17 -18.48
N GLY F 59 -2.50 0.58 -19.01
CA GLY F 59 -2.40 -0.88 -19.07
C GLY F 59 -2.77 -1.50 -20.40
N ILE F 60 -3.13 -0.68 -21.40
CA ILE F 60 -3.45 -1.18 -22.74
C ILE F 60 -2.79 -0.27 -23.76
N SER F 61 -2.83 -0.71 -25.02
CA SER F 61 -2.30 0.04 -26.14
C SER F 61 -3.35 1.02 -26.67
N VAL F 62 -2.86 2.07 -27.35
CA VAL F 62 -3.76 2.90 -28.13
C VAL F 62 -4.45 2.06 -29.19
N LEU F 63 -3.77 1.04 -29.71
CA LEU F 63 -4.38 0.13 -30.67
C LEU F 63 -5.55 -0.63 -30.06
N GLU F 64 -5.55 -0.81 -28.74
CA GLU F 64 -6.62 -1.50 -28.04
C GLU F 64 -7.61 -0.56 -27.38
N MET F 65 -7.37 0.75 -27.42
CA MET F 65 -8.17 1.70 -26.67
C MET F 65 -9.51 1.91 -27.35
N SER F 66 -10.57 1.83 -26.56
CA SER F 66 -11.91 2.10 -27.07
C SER F 66 -12.08 3.59 -27.34
N HIS F 67 -12.61 3.92 -28.50
CA HIS F 67 -12.88 5.32 -28.85
C HIS F 67 -13.95 5.95 -27.97
N ARG F 68 -14.69 5.15 -27.20
CA ARG F 68 -15.70 5.64 -26.28
C ARG F 68 -15.16 5.88 -24.87
N SER F 69 -13.90 5.57 -24.63
CA SER F 69 -13.32 5.69 -23.31
C SER F 69 -12.91 7.13 -23.04
N SER F 70 -12.85 7.48 -21.74
CA SER F 70 -12.34 8.79 -21.35
C SER F 70 -10.86 8.93 -21.73
N ASP F 71 -10.13 7.82 -21.78
CA ASP F 71 -8.73 7.86 -22.19
C ASP F 71 -8.59 8.42 -23.60
N PHE F 72 -9.35 7.88 -24.55
CA PHE F 72 -9.24 8.35 -25.92
C PHE F 72 -9.88 9.73 -26.10
N ALA F 73 -10.88 10.06 -25.29
CA ALA F 73 -11.49 11.38 -25.39
C ALA F 73 -10.45 12.48 -25.16
N LYS F 74 -9.51 12.26 -24.25
CA LYS F 74 -8.47 13.26 -24.04
C LYS F 74 -7.49 13.28 -25.20
N ILE F 75 -7.26 12.14 -25.85
CA ILE F 75 -6.35 12.10 -26.99
C ILE F 75 -6.91 12.90 -28.16
N ILE F 76 -8.17 12.63 -28.52
CA ILE F 76 -8.74 13.31 -29.69
C ILE F 76 -9.03 14.77 -29.39
N ASN F 77 -9.43 15.09 -28.15
CA ASN F 77 -9.64 16.48 -27.79
C ASN F 77 -8.34 17.27 -27.80
N ASN F 78 -7.26 16.67 -27.29
CA ASN F 78 -5.96 17.33 -27.33
C ASN F 78 -5.50 17.55 -28.76
N THR F 79 -5.75 16.57 -29.64
CA THR F 79 -5.36 16.73 -31.05
C THR F 79 -6.16 17.86 -31.71
N GLU F 80 -7.44 17.97 -31.37
CA GLU F 80 -8.24 19.08 -31.91
C GLU F 80 -7.76 20.41 -31.38
N ASN F 81 -7.39 20.46 -30.09
CA ASN F 81 -6.97 21.73 -29.49
C ASN F 81 -5.62 22.19 -30.04
N LEU F 82 -4.76 21.24 -30.43
CA LEU F 82 -3.49 21.62 -31.03
C LEU F 82 -3.68 22.18 -32.43
N VAL F 83 -4.58 21.59 -33.22
CA VAL F 83 -4.90 22.14 -34.54
C VAL F 83 -5.45 23.56 -34.40
N ARG F 84 -6.33 23.78 -33.42
CA ARG F 84 -6.90 25.11 -33.23
C ARG F 84 -5.85 26.10 -32.75
N GLU F 85 -4.93 25.67 -31.90
CA GLU F 85 -3.92 26.59 -31.38
C GLU F 85 -2.86 26.90 -32.41
N LEU F 86 -2.33 25.87 -33.09
CA LEU F 86 -1.21 26.08 -34.00
C LEU F 86 -1.61 26.89 -35.22
N LEU F 87 -2.80 26.62 -35.78
CA LEU F 87 -3.26 27.36 -36.95
C LEU F 87 -4.05 28.62 -36.60
N ALA F 88 -4.35 28.83 -35.32
CA ALA F 88 -5.24 29.91 -34.89
C ALA F 88 -6.58 29.82 -35.62
N VAL F 89 -7.24 28.68 -35.41
CA VAL F 89 -8.55 28.43 -36.03
C VAL F 89 -9.61 29.21 -35.25
N PRO F 90 -10.41 30.05 -35.92
CA PRO F 90 -11.45 30.79 -35.21
C PRO F 90 -12.48 29.86 -34.59
N ASP F 91 -13.23 30.40 -33.62
CA ASP F 91 -14.20 29.58 -32.90
C ASP F 91 -15.39 29.19 -33.76
N ASN F 92 -15.67 29.92 -34.84
CA ASN F 92 -16.78 29.61 -35.73
C ASN F 92 -16.44 28.51 -36.73
N TYR F 93 -15.37 27.76 -36.50
CA TYR F 93 -14.96 26.68 -37.40
C TYR F 93 -14.99 25.35 -36.66
N LYS F 94 -15.51 24.33 -37.33
CA LYS F 94 -15.48 22.97 -36.81
C LYS F 94 -14.22 22.27 -37.28
N VAL F 95 -13.63 21.47 -36.40
CA VAL F 95 -12.43 20.70 -36.71
C VAL F 95 -12.75 19.23 -36.47
N ILE F 96 -12.72 18.43 -37.53
CA ILE F 96 -13.13 17.04 -37.49
C ILE F 96 -12.08 16.16 -38.14
N PHE F 97 -12.02 14.90 -37.73
CA PHE F 97 -11.04 13.94 -38.21
C PHE F 97 -11.79 12.79 -38.88
N LEU F 98 -11.57 12.62 -40.19
CA LEU F 98 -12.27 11.63 -40.99
C LEU F 98 -11.28 10.65 -41.61
N GLN F 99 -11.82 9.55 -42.12
CA GLN F 99 -11.06 8.62 -42.92
C GLN F 99 -11.27 8.92 -44.40
N GLY F 100 -10.62 8.16 -45.26
CA GLY F 100 -10.75 8.32 -46.69
C GLY F 100 -9.60 9.05 -47.35
N GLY F 101 -8.73 9.70 -46.58
CA GLY F 101 -7.60 10.39 -47.16
C GLY F 101 -7.99 11.67 -47.88
N GLY F 102 -7.01 12.22 -48.60
CA GLY F 102 -7.27 13.40 -49.40
C GLY F 102 -8.22 13.13 -50.55
N CYS F 103 -8.02 12.00 -51.24
CA CYS F 103 -8.93 11.63 -52.32
C CYS F 103 -10.35 11.43 -51.81
N GLY F 104 -10.50 11.02 -50.55
CA GLY F 104 -11.82 10.94 -49.97
C GLY F 104 -12.51 12.30 -49.93
N GLN F 105 -11.75 13.35 -49.62
CA GLN F 105 -12.32 14.70 -49.62
C GLN F 105 -12.65 15.17 -51.02
N PHE F 106 -12.00 14.60 -52.05
CA PHE F 106 -12.37 14.94 -53.43
C PHE F 106 -13.83 14.64 -53.69
N SER F 107 -14.41 13.69 -52.97
CA SER F 107 -15.84 13.41 -53.02
C SER F 107 -16.62 14.09 -51.90
N ALA F 108 -15.98 14.29 -50.74
CA ALA F 108 -16.70 14.87 -49.61
C ALA F 108 -17.02 16.34 -49.83
N VAL F 109 -16.07 17.09 -50.41
CA VAL F 109 -16.31 18.52 -50.66
C VAL F 109 -17.50 18.75 -51.57
N PRO F 110 -17.63 18.08 -52.73
CA PRO F 110 -18.88 18.25 -53.51
C PRO F 110 -20.10 17.74 -52.77
N LEU F 111 -20.03 16.52 -52.22
CA LEU F 111 -21.18 15.95 -51.54
C LEU F 111 -21.67 16.85 -50.41
N ASN F 112 -20.75 17.46 -49.67
CA ASN F 112 -21.14 18.32 -48.56
C ASN F 112 -21.44 19.75 -48.97
N LEU F 113 -20.96 20.20 -50.12
CA LEU F 113 -21.00 21.63 -50.45
C LEU F 113 -21.49 21.98 -51.85
N ILE F 114 -21.54 21.04 -52.79
CA ILE F 114 -21.96 21.41 -54.14
C ILE F 114 -23.41 21.85 -54.17
N GLY F 115 -24.19 21.52 -53.14
CA GLY F 115 -25.58 21.91 -53.07
C GLY F 115 -25.81 23.19 -52.29
N LEU F 116 -24.76 24.00 -52.10
CA LEU F 116 -24.94 25.31 -51.46
C LEU F 116 -25.88 26.18 -52.28
N LYS F 117 -25.77 26.12 -53.61
CA LYS F 117 -26.65 26.84 -54.51
C LYS F 117 -27.29 25.84 -55.47
N ALA F 118 -28.53 26.15 -55.87
CA ALA F 118 -29.36 25.16 -56.58
C ALA F 118 -28.73 24.72 -57.88
N GLY F 119 -27.91 25.57 -58.50
CA GLY F 119 -27.26 25.21 -59.76
C GLY F 119 -26.36 23.99 -59.67
N ARG F 120 -25.88 23.66 -58.47
CA ARG F 120 -24.91 22.59 -58.27
C ARG F 120 -23.71 22.76 -59.20
N CYS F 121 -23.18 23.98 -59.22
CA CYS F 121 -21.99 24.33 -59.98
C CYS F 121 -20.82 24.52 -59.02
N ALA F 122 -19.62 24.27 -59.53
CA ALA F 122 -18.41 24.44 -58.73
C ALA F 122 -17.27 24.92 -59.63
N ASP F 123 -16.52 25.90 -59.14
CA ASP F 123 -15.37 26.43 -59.86
C ASP F 123 -14.10 25.80 -59.30
N TYR F 124 -13.20 25.37 -60.18
CA TYR F 124 -12.00 24.66 -59.79
C TYR F 124 -10.77 25.29 -60.43
N VAL F 125 -9.69 25.38 -59.67
CA VAL F 125 -8.42 25.89 -60.14
C VAL F 125 -7.44 24.72 -60.25
N VAL F 126 -7.00 24.43 -61.46
CA VAL F 126 -6.16 23.27 -61.73
C VAL F 126 -4.72 23.75 -61.91
N THR F 127 -3.86 23.43 -60.96
CA THR F 127 -2.45 23.79 -61.02
C THR F 127 -1.52 22.60 -61.02
N GLY F 128 -2.06 21.38 -61.03
CA GLY F 128 -1.21 20.21 -61.04
C GLY F 128 -2.03 18.94 -61.01
N ALA F 129 -1.35 17.84 -60.69
CA ALA F 129 -1.98 16.52 -60.77
C ALA F 129 -3.13 16.35 -59.78
N TRP F 130 -3.02 16.97 -58.60
CA TRP F 130 -4.01 16.71 -57.56
C TRP F 130 -5.25 17.58 -57.72
N SER F 131 -5.08 18.85 -58.04
CA SER F 131 -6.24 19.69 -58.32
C SER F 131 -6.96 19.24 -59.59
N ALA F 132 -6.22 18.65 -60.54
CA ALA F 132 -6.87 18.05 -61.71
C ALA F 132 -7.69 16.84 -61.32
N LYS F 133 -7.15 15.98 -60.45
CA LYS F 133 -7.88 14.81 -60.00
C LYS F 133 -9.12 15.21 -59.21
N ALA F 134 -9.04 16.30 -58.44
CA ALA F 134 -10.19 16.77 -57.68
C ALA F 134 -11.28 17.31 -58.61
N ALA F 135 -10.89 18.02 -59.67
CA ALA F 135 -11.87 18.53 -60.62
C ALA F 135 -12.59 17.40 -61.34
N GLU F 136 -11.84 16.34 -61.71
CA GLU F 136 -12.46 15.19 -62.34
C GLU F 136 -13.43 14.49 -61.39
N GLU F 137 -13.04 14.35 -60.12
CA GLU F 137 -13.90 13.68 -59.15
C GLU F 137 -15.18 14.47 -58.91
N ALA F 138 -15.08 15.80 -58.93
CA ALA F 138 -16.24 16.64 -58.66
C ALA F 138 -17.29 16.55 -59.75
N LYS F 139 -16.92 16.13 -60.96
CA LYS F 139 -17.89 15.95 -62.04
C LYS F 139 -18.95 14.92 -61.70
N LYS F 140 -18.68 14.02 -60.76
CA LYS F 140 -19.64 12.99 -60.38
C LYS F 140 -20.86 13.56 -59.66
N PHE F 141 -20.78 14.79 -59.16
CA PHE F 141 -21.81 15.35 -58.31
C PHE F 141 -22.41 16.66 -58.84
N GLY F 142 -21.92 17.16 -59.97
CA GLY F 142 -22.47 18.39 -60.52
C GLY F 142 -21.69 18.82 -61.74
N THR F 143 -21.97 20.04 -62.19
CA THR F 143 -21.28 20.62 -63.33
C THR F 143 -20.08 21.41 -62.83
N ILE F 144 -18.89 21.05 -63.32
CA ILE F 144 -17.64 21.63 -62.85
C ILE F 144 -17.06 22.50 -63.96
N ASN F 145 -16.73 23.75 -63.62
CA ASN F 145 -16.13 24.69 -64.55
C ASN F 145 -14.73 25.04 -64.05
N ILE F 146 -13.72 24.70 -64.85
CA ILE F 146 -12.35 25.08 -64.53
C ILE F 146 -12.16 26.54 -64.90
N VAL F 147 -11.61 27.31 -63.95
CA VAL F 147 -11.77 28.77 -63.97
C VAL F 147 -10.85 29.46 -64.97
N HIS F 148 -9.80 28.80 -65.43
CA HIS F 148 -8.80 29.40 -66.30
C HIS F 148 -8.50 28.45 -67.46
N PRO F 149 -7.76 28.89 -68.46
CA PRO F 149 -7.36 27.97 -69.54
C PRO F 149 -6.41 26.90 -69.04
N LYS F 150 -6.56 25.69 -69.58
CA LYS F 150 -5.69 24.59 -69.23
C LYS F 150 -4.24 24.94 -69.55
N LEU F 151 -3.36 24.75 -68.57
CA LEU F 151 -1.94 25.01 -68.78
C LEU F 151 -1.30 23.89 -69.59
N GLY F 152 -0.45 24.27 -70.54
CA GLY F 152 0.32 23.28 -71.27
C GLY F 152 1.13 22.39 -70.34
N SER F 153 1.89 23.01 -69.44
CA SER F 153 2.59 22.29 -68.37
C SER F 153 2.31 22.98 -67.04
N TYR F 154 2.28 22.17 -65.98
CA TYR F 154 2.00 22.68 -64.64
C TYR F 154 3.25 23.37 -64.10
N THR F 155 3.51 24.58 -64.61
CA THR F 155 4.68 25.35 -64.23
C THR F 155 4.37 26.67 -63.56
N LYS F 156 3.09 27.06 -63.47
CA LYS F 156 2.75 28.32 -62.84
C LYS F 156 1.29 28.30 -62.42
N ILE F 157 0.92 29.29 -61.62
CA ILE F 157 -0.46 29.52 -61.20
C ILE F 157 -1.04 30.59 -62.12
N PRO F 158 -2.13 30.32 -62.83
CA PRO F 158 -2.78 31.38 -63.62
C PRO F 158 -3.19 32.53 -62.72
N ASP F 159 -2.87 33.75 -63.16
CA ASP F 159 -3.14 34.96 -62.39
C ASP F 159 -4.61 34.99 -61.98
N PRO F 160 -4.91 35.09 -60.69
CA PRO F 160 -6.33 35.12 -60.27
C PRO F 160 -7.15 36.22 -60.90
N SER F 161 -6.52 37.28 -61.42
CA SER F 161 -7.29 38.33 -62.10
C SER F 161 -7.87 37.86 -63.42
N THR F 162 -7.33 36.78 -64.00
CA THR F 162 -7.86 36.21 -65.23
C THR F 162 -8.89 35.11 -64.97
N TRP F 163 -9.21 34.84 -63.72
CA TRP F 163 -10.06 33.72 -63.37
C TRP F 163 -11.51 34.01 -63.74
N ASN F 164 -12.11 33.11 -64.54
CA ASN F 164 -13.51 33.23 -64.95
C ASN F 164 -14.39 32.53 -63.92
N LEU F 165 -14.82 33.28 -62.92
CA LEU F 165 -15.57 32.72 -61.80
C LEU F 165 -17.07 32.82 -62.05
N ASN F 166 -17.80 31.76 -61.67
CA ASN F 166 -19.25 31.73 -61.81
C ASN F 166 -19.89 32.26 -60.53
N PRO F 167 -20.69 33.33 -60.59
CA PRO F 167 -21.27 33.87 -59.36
C PRO F 167 -22.30 32.96 -58.72
N ASP F 168 -22.82 31.98 -59.45
CA ASP F 168 -23.77 31.01 -58.91
C ASP F 168 -23.12 29.67 -58.58
N ALA F 169 -21.80 29.57 -58.69
CA ALA F 169 -21.09 28.38 -58.24
C ALA F 169 -21.20 28.26 -56.72
N SER F 170 -21.28 27.01 -56.26
CA SER F 170 -21.43 26.76 -54.83
C SER F 170 -20.15 27.05 -54.06
N TYR F 171 -18.99 26.80 -54.67
CA TYR F 171 -17.71 27.04 -54.03
C TYR F 171 -16.63 27.07 -55.09
N VAL F 172 -15.46 27.57 -54.70
CA VAL F 172 -14.27 27.59 -55.55
C VAL F 172 -13.21 26.73 -54.89
N TYR F 173 -12.58 25.87 -55.69
CA TYR F 173 -11.63 24.87 -55.21
C TYR F 173 -10.25 25.17 -55.78
N TYR F 174 -9.22 25.00 -54.95
CA TYR F 174 -7.85 25.07 -55.43
C TYR F 174 -6.97 24.27 -54.48
N CYS F 175 -5.82 23.84 -55.00
CA CYS F 175 -4.86 23.05 -54.24
C CYS F 175 -3.67 23.94 -53.87
N ALA F 176 -3.41 24.07 -52.57
CA ALA F 176 -2.38 25.00 -52.11
C ALA F 176 -1.00 24.58 -52.56
N ASN F 177 -0.73 23.27 -52.61
CA ASN F 177 0.62 22.78 -52.91
C ASN F 177 0.51 21.50 -53.72
N GLU F 178 1.02 21.53 -54.95
CA GLU F 178 0.93 20.37 -55.86
C GLU F 178 2.15 19.49 -55.63
N THR F 179 1.92 18.35 -54.94
CA THR F 179 3.00 17.49 -54.50
C THR F 179 3.85 16.99 -55.66
N VAL F 180 3.23 16.75 -56.82
CA VAL F 180 3.91 16.10 -57.93
C VAL F 180 4.70 17.10 -58.77
N HIS F 181 4.16 18.30 -58.96
CA HIS F 181 4.75 19.27 -59.88
C HIS F 181 5.48 20.41 -59.19
N GLY F 182 5.27 20.62 -57.90
CA GLY F 182 6.01 21.63 -57.17
C GLY F 182 5.49 23.04 -57.33
N VAL F 183 4.18 23.22 -57.50
CA VAL F 183 3.55 24.53 -57.60
C VAL F 183 2.82 24.79 -56.29
N GLU F 184 3.12 25.94 -55.67
CA GLU F 184 2.56 26.26 -54.37
C GLU F 184 2.05 27.70 -54.34
N PHE F 185 0.89 27.89 -53.74
CA PHE F 185 0.34 29.23 -53.51
C PHE F 185 1.06 29.86 -52.33
N ASP F 186 1.64 31.05 -52.54
CA ASP F 186 2.11 31.89 -51.45
C ASP F 186 1.15 33.03 -51.17
N PHE F 187 -0.14 32.84 -51.50
CA PHE F 187 -1.19 33.80 -51.24
C PHE F 187 -2.51 33.06 -51.12
N ILE F 188 -3.53 33.76 -50.64
CA ILE F 188 -4.90 33.26 -50.65
C ILE F 188 -5.63 33.98 -51.77
N PRO F 189 -6.17 33.27 -52.76
CA PRO F 189 -6.75 33.96 -53.92
C PRO F 189 -8.01 34.72 -53.57
N ASP F 190 -8.23 35.81 -54.29
CA ASP F 190 -9.48 36.56 -54.21
C ASP F 190 -10.53 35.87 -55.07
N VAL F 191 -11.61 35.39 -54.45
CA VAL F 191 -12.61 34.61 -55.16
C VAL F 191 -14.04 35.16 -55.20
N LYS F 192 -14.13 36.48 -55.42
CA LYS F 192 -15.41 37.21 -55.59
C LYS F 192 -16.39 36.89 -54.45
N GLY F 193 -15.89 36.95 -53.21
CA GLY F 193 -16.71 36.72 -52.03
C GLY F 193 -17.37 35.35 -51.86
N ALA F 194 -16.92 34.37 -52.66
CA ALA F 194 -17.47 33.02 -52.66
C ALA F 194 -16.82 32.16 -51.58
N VAL F 195 -17.42 30.98 -51.34
CA VAL F 195 -16.88 30.04 -50.37
C VAL F 195 -15.64 29.37 -50.94
N LEU F 196 -14.56 29.36 -50.15
CA LEU F 196 -13.26 28.90 -50.61
C LEU F 196 -12.95 27.52 -50.03
N VAL F 197 -12.55 26.59 -50.89
CA VAL F 197 -12.13 25.25 -50.48
C VAL F 197 -10.68 25.06 -50.91
N CYS F 198 -9.87 24.49 -50.01
CA CYS F 198 -8.44 24.40 -50.26
C CYS F 198 -7.89 23.05 -49.81
N ASP F 199 -7.16 22.40 -50.71
CA ASP F 199 -6.41 21.17 -50.39
C ASP F 199 -5.02 21.59 -49.93
N MET F 200 -4.74 21.38 -48.63
CA MET F 200 -3.45 21.72 -48.05
C MET F 200 -2.70 20.48 -47.57
N SER F 201 -2.97 19.32 -48.18
CA SER F 201 -2.43 18.06 -47.68
C SER F 201 -0.92 18.09 -47.59
N SER F 202 -0.25 18.68 -48.58
CA SER F 202 1.20 18.61 -48.68
C SER F 202 1.92 19.80 -48.07
N ASN F 203 1.19 20.82 -47.59
CA ASN F 203 1.82 21.94 -46.89
C ASN F 203 1.07 22.31 -45.62
N PHE F 204 0.23 21.41 -45.11
CA PHE F 204 -0.54 21.70 -43.90
C PHE F 204 0.40 21.95 -42.73
N LEU F 205 0.20 23.08 -42.05
CA LEU F 205 1.00 23.47 -40.90
C LEU F 205 2.48 23.59 -41.24
N SER F 206 2.79 23.92 -42.48
CA SER F 206 4.12 24.38 -42.85
C SER F 206 4.27 25.88 -42.72
N LYS F 207 3.17 26.61 -42.59
CA LYS F 207 3.18 28.06 -42.42
C LYS F 207 1.86 28.48 -41.80
N PRO F 208 1.81 29.65 -41.16
CA PRO F 208 0.53 30.14 -40.66
C PRO F 208 -0.47 30.34 -41.78
N VAL F 209 -1.75 30.23 -41.44
CA VAL F 209 -2.85 30.35 -42.41
C VAL F 209 -3.94 31.20 -41.80
N ASP F 210 -4.42 32.19 -42.56
CA ASP F 210 -5.59 32.96 -42.17
C ASP F 210 -6.82 32.11 -42.45
N VAL F 211 -7.19 31.31 -41.46
CA VAL F 211 -8.28 30.34 -41.63
C VAL F 211 -9.60 31.04 -41.93
N SER F 212 -9.78 32.27 -41.42
CA SER F 212 -11.04 32.98 -41.59
C SER F 212 -11.39 33.21 -43.06
N LYS F 213 -10.41 33.18 -43.96
CA LYS F 213 -10.63 33.39 -45.38
C LYS F 213 -11.18 32.16 -46.09
N PHE F 214 -11.30 31.03 -45.41
CA PHE F 214 -11.62 29.76 -46.05
C PHE F 214 -12.97 29.25 -45.59
N GLY F 215 -13.65 28.52 -46.48
CA GLY F 215 -14.86 27.81 -46.13
C GLY F 215 -14.54 26.42 -45.65
N VAL F 216 -13.66 25.72 -46.36
CA VAL F 216 -13.22 24.37 -46.00
C VAL F 216 -11.73 24.23 -46.31
N ILE F 217 -10.97 23.80 -45.31
CA ILE F 217 -9.58 23.39 -45.49
C ILE F 217 -9.49 21.93 -45.08
N PHE F 218 -8.85 21.11 -45.91
CA PHE F 218 -8.62 19.72 -45.57
C PHE F 218 -7.18 19.35 -45.90
N ALA F 219 -6.70 18.31 -45.22
CA ALA F 219 -5.32 17.89 -45.38
C ALA F 219 -5.19 16.46 -44.91
N GLY F 220 -4.61 15.60 -45.74
CA GLY F 220 -4.21 14.28 -45.29
C GLY F 220 -3.06 14.39 -44.33
N ALA F 221 -3.12 13.61 -43.25
CA ALA F 221 -2.13 13.74 -42.19
C ALA F 221 -0.78 13.15 -42.59
N GLN F 222 -0.79 12.18 -43.50
CA GLN F 222 0.45 11.41 -43.79
C GLN F 222 1.55 12.19 -44.52
N ASN F 224 2.61 15.96 -43.60
CA ASN F 224 3.34 16.98 -42.82
C ASN F 224 2.87 17.02 -41.36
N VAL F 225 2.03 16.10 -40.94
CA VAL F 225 1.42 16.27 -39.62
C VAL F 225 1.06 14.94 -38.97
N GLY F 226 1.52 13.83 -39.55
CA GLY F 226 1.26 12.55 -38.91
C GLY F 226 1.43 11.34 -39.81
N SER F 227 0.58 10.34 -39.61
CA SER F 227 0.65 9.09 -40.36
C SER F 227 -0.64 8.87 -41.14
N ALA F 228 -0.55 7.96 -42.11
CA ALA F 228 -1.69 7.70 -42.98
C ALA F 228 -2.82 7.01 -42.22
N GLY F 229 -4.05 7.38 -42.56
CA GLY F 229 -5.21 6.77 -41.95
C GLY F 229 -6.27 7.77 -41.53
N VAL F 230 -5.90 9.05 -41.46
CA VAL F 230 -6.78 10.09 -40.95
C VAL F 230 -6.59 11.36 -41.77
N THR F 231 -7.65 12.15 -41.86
CA THR F 231 -7.65 13.41 -42.60
C THR F 231 -8.32 14.48 -41.77
N VAL F 232 -7.66 15.60 -41.59
CA VAL F 232 -8.19 16.71 -40.80
C VAL F 232 -8.96 17.64 -41.72
N VAL F 233 -10.14 18.07 -41.28
CA VAL F 233 -11.01 18.95 -42.05
C VAL F 233 -11.46 20.09 -41.15
N ILE F 234 -11.28 21.32 -41.61
CA ILE F 234 -11.71 22.52 -40.90
C ILE F 234 -12.83 23.15 -41.70
N VAL F 235 -14.03 23.19 -41.13
CA VAL F 235 -15.24 23.61 -41.82
C VAL F 235 -15.86 24.78 -41.08
N ARG F 236 -16.27 25.80 -41.82
CA ARG F 236 -17.02 26.91 -41.24
C ARG F 236 -18.43 26.43 -40.88
N ASP F 237 -18.87 26.75 -39.66
CA ASP F 237 -20.05 26.13 -39.09
C ASP F 237 -21.35 26.53 -39.75
N ASP F 238 -21.33 27.48 -40.69
CA ASP F 238 -22.52 27.82 -41.45
C ASP F 238 -22.65 27.00 -42.73
N LEU F 239 -21.69 26.11 -43.01
CA LEU F 239 -21.68 25.33 -44.24
C LEU F 239 -22.18 23.90 -44.04
N LEU F 240 -22.60 23.55 -42.83
CA LEU F 240 -23.21 22.25 -42.60
C LEU F 240 -24.68 22.28 -43.00
N GLY F 241 -25.22 21.11 -43.30
CA GLY F 241 -26.63 20.99 -43.65
C GLY F 241 -26.97 21.25 -45.10
N PHE F 242 -25.97 21.35 -45.98
CA PHE F 242 -26.19 21.45 -47.41
C PHE F 242 -25.74 20.20 -48.14
N ALA F 243 -25.43 19.13 -47.41
CA ALA F 243 -24.93 17.91 -48.01
C ALA F 243 -25.99 17.25 -48.88
N LEU F 244 -25.55 16.68 -50.01
CA LEU F 244 -26.44 15.88 -50.83
C LEU F 244 -26.90 14.66 -50.04
N ARG F 245 -28.07 14.14 -50.43
CA ARG F 245 -28.61 12.96 -49.77
C ARG F 245 -27.71 11.74 -49.93
N GLU F 246 -27.01 11.64 -51.05
CA GLU F 246 -26.16 10.49 -51.33
C GLU F 246 -24.82 10.54 -50.60
N CYS F 247 -24.57 11.55 -49.79
CA CYS F 247 -23.30 11.65 -49.09
C CYS F 247 -23.25 10.62 -47.96
N PRO F 248 -22.24 9.76 -47.93
CA PRO F 248 -22.13 8.78 -46.83
C PRO F 248 -22.04 9.48 -45.48
N SER F 249 -22.69 8.87 -44.48
CA SER F 249 -22.78 9.50 -43.17
C SER F 249 -21.41 9.69 -42.54
N VAL F 250 -20.51 8.73 -42.74
CA VAL F 250 -19.16 8.83 -42.18
C VAL F 250 -18.36 9.95 -42.82
N LEU F 251 -18.85 10.53 -43.91
CA LEU F 251 -18.17 11.62 -44.60
C LEU F 251 -18.95 12.93 -44.57
N GLU F 252 -20.13 12.95 -43.96
CA GLU F 252 -20.93 14.17 -43.89
C GLU F 252 -20.42 15.04 -42.75
N TYR F 253 -20.03 16.27 -43.07
CA TYR F 253 -19.49 17.18 -42.07
C TYR F 253 -20.47 17.39 -40.92
N LYS F 254 -21.75 17.60 -41.24
CA LYS F 254 -22.75 17.85 -40.22
C LYS F 254 -22.85 16.68 -39.24
N VAL F 255 -22.91 15.46 -39.77
CA VAL F 255 -22.99 14.27 -38.91
C VAL F 255 -21.72 14.13 -38.08
N GLN F 256 -20.56 14.27 -38.74
CA GLN F 256 -19.29 14.03 -38.04
C GLN F 256 -19.01 15.14 -37.03
N ALA F 257 -19.32 16.39 -37.38
CA ALA F 257 -19.11 17.48 -36.42
C ALA F 257 -20.06 17.37 -35.25
N GLY F 258 -21.29 16.91 -35.49
CA GLY F 258 -22.24 16.72 -34.41
C GLY F 258 -21.88 15.60 -33.46
N ASN F 259 -21.08 14.63 -33.91
CA ASN F 259 -20.59 13.56 -33.07
C ASN F 259 -19.13 13.74 -32.69
N SER F 260 -18.54 14.91 -32.94
CA SER F 260 -17.16 15.22 -32.59
C SER F 260 -16.21 14.17 -33.17
N SER F 261 -16.43 13.84 -34.45
CA SER F 261 -15.68 12.86 -35.23
C SER F 261 -15.82 11.43 -34.69
N LEU F 262 -16.84 11.17 -33.86
CA LEU F 262 -17.05 9.87 -33.26
C LEU F 262 -18.38 9.26 -33.69
N TYR F 263 -18.84 9.57 -34.90
CA TYR F 263 -20.05 8.94 -35.41
C TYR F 263 -19.88 7.43 -35.51
N ASN F 264 -18.76 6.98 -36.07
CA ASN F 264 -18.33 5.60 -36.03
C ASN F 264 -16.91 5.56 -35.45
N THR F 265 -16.34 4.37 -35.40
CA THR F 265 -14.99 4.23 -34.86
C THR F 265 -14.00 5.04 -35.67
N PRO F 266 -13.30 6.01 -35.08
CA PRO F 266 -12.34 6.82 -35.83
C PRO F 266 -11.02 6.09 -35.95
N PRO F 267 -10.09 6.59 -36.78
CA PRO F 267 -8.74 6.01 -36.79
C PRO F 267 -7.97 6.39 -35.52
N CYS F 268 -8.17 5.61 -34.45
CA CYS F 268 -7.68 6.01 -33.14
C CYS F 268 -6.16 6.16 -33.12
N PHE F 269 -5.45 5.15 -33.60
CA PHE F 269 -3.99 5.20 -33.55
C PHE F 269 -3.45 6.32 -34.44
N SER F 270 -4.11 6.60 -35.56
CA SER F 270 -3.67 7.69 -36.42
C SER F 270 -3.89 9.04 -35.76
N ILE F 271 -5.04 9.22 -35.08
CA ILE F 271 -5.30 10.46 -34.37
C ILE F 271 -4.31 10.63 -33.22
N TYR F 272 -3.95 9.53 -32.56
CA TYR F 272 -2.95 9.58 -31.49
C TYR F 272 -1.58 9.97 -32.04
N VAL F 273 -1.22 9.44 -33.21
CA VAL F 273 0.07 9.77 -33.81
C VAL F 273 0.09 11.23 -34.25
N MET F 274 -1.01 11.73 -34.81
CA MET F 274 -1.05 13.12 -35.26
C MET F 274 -0.88 14.07 -34.09
N GLY F 275 -1.53 13.79 -32.97
CA GLY F 275 -1.40 14.66 -31.81
C GLY F 275 0.03 14.75 -31.32
N LEU F 276 0.77 13.64 -31.37
CA LEU F 276 2.17 13.66 -30.97
C LEU F 276 3.01 14.51 -31.94
N VAL F 277 2.73 14.39 -33.24
CA VAL F 277 3.43 15.24 -34.21
C VAL F 277 3.04 16.70 -34.02
N LEU F 278 1.76 16.95 -33.77
CA LEU F 278 1.30 18.30 -33.48
C LEU F 278 2.00 18.86 -32.24
N GLU F 279 2.06 18.06 -31.17
CA GLU F 279 2.80 18.47 -29.98
C GLU F 279 4.25 18.76 -30.32
N TRP F 280 4.83 17.98 -31.22
CA TRP F 280 6.22 18.22 -31.63
C TRP F 280 6.34 19.54 -32.39
N ILE F 281 5.37 19.84 -33.26
CA ILE F 281 5.38 21.11 -33.99
C ILE F 281 5.34 22.28 -33.01
N LYS F 282 4.48 22.19 -32.00
CA LYS F 282 4.35 23.27 -31.02
C LYS F 282 5.65 23.48 -30.27
N ASN F 283 6.31 22.39 -29.86
CA ASN F 283 7.55 22.49 -29.11
C ASN F 283 8.69 23.09 -29.93
N ASN F 284 8.62 23.01 -31.25
CA ASN F 284 9.66 23.52 -32.12
C ASN F 284 9.31 24.88 -32.72
N GLY F 285 8.32 25.57 -32.17
CA GLY F 285 8.01 26.93 -32.55
C GLY F 285 6.72 27.16 -33.31
N GLY F 286 5.86 26.17 -33.40
CA GLY F 286 4.58 26.34 -34.07
C GLY F 286 4.70 26.55 -35.57
N ALA F 287 3.58 26.96 -36.17
CA ALA F 287 3.54 27.16 -37.62
C ALA F 287 4.49 28.26 -38.07
N ALA F 288 4.73 29.26 -37.22
CA ALA F 288 5.65 30.33 -37.57
C ALA F 288 7.06 29.80 -37.77
N ALA F 289 7.50 28.89 -36.89
CA ALA F 289 8.85 28.34 -37.03
C ALA F 289 8.94 27.37 -38.20
N MET F 290 7.87 26.61 -38.44
CA MET F 290 7.87 25.67 -39.55
C MET F 290 8.08 26.39 -40.88
N GLU F 291 7.47 27.57 -41.04
CA GLU F 291 7.65 28.33 -42.28
C GLU F 291 9.09 28.77 -42.45
N LYS F 292 9.74 29.13 -41.34
CA LYS F 292 11.13 29.56 -41.41
C LYS F 292 12.05 28.37 -41.70
N LEU F 293 11.82 27.24 -41.05
CA LEU F 293 12.56 26.03 -41.40
C LEU F 293 12.30 25.63 -42.84
N SER F 294 11.05 25.78 -43.30
CA SER F 294 10.73 25.42 -44.68
C SER F 294 11.39 26.36 -45.68
N SER F 295 11.66 27.60 -45.27
CA SER F 295 12.39 28.51 -46.14
C SER F 295 13.85 28.10 -46.27
N ILE F 296 14.48 27.75 -45.15
CA ILE F 296 15.89 27.37 -45.18
C ILE F 296 16.08 26.10 -46.01
N LYS F 297 15.21 25.11 -45.80
CA LYS F 297 15.37 23.83 -46.49
C LYS F 297 15.20 24.01 -47.99
N SER F 298 14.11 24.66 -48.42
CA SER F 298 13.83 24.80 -49.84
C SER F 298 14.86 25.69 -50.52
N GLN F 299 15.31 26.75 -49.84
CA GLN F 299 16.22 27.69 -50.47
C GLN F 299 17.57 27.05 -50.79
N THR F 300 18.11 26.26 -49.84
CA THR F 300 19.40 25.62 -50.08
C THR F 300 19.36 24.72 -51.30
N ILE F 301 18.26 23.99 -51.50
CA ILE F 301 18.14 23.13 -52.67
C ILE F 301 17.86 23.95 -53.93
N TYR F 302 17.03 24.99 -53.81
CA TYR F 302 16.72 25.82 -54.97
C TYR F 302 17.93 26.64 -55.42
N GLU F 303 18.79 27.05 -54.49
CA GLU F 303 19.98 27.81 -54.86
C GLU F 303 21.07 26.94 -55.46
N ILE F 304 21.06 25.63 -55.17
CA ILE F 304 21.93 24.72 -55.90
C ILE F 304 21.46 24.58 -57.34
N ILE F 305 20.14 24.56 -57.55
CA ILE F 305 19.60 24.43 -58.90
C ILE F 305 19.75 25.73 -59.68
N ASP F 306 19.48 26.87 -59.03
CA ASP F 306 19.58 28.15 -59.70
C ASP F 306 21.01 28.52 -60.07
N ASN F 307 22.00 27.93 -59.41
CA ASN F 307 23.41 28.15 -59.73
C ASN F 307 24.02 26.95 -60.44
N SER F 308 23.22 25.95 -60.80
CA SER F 308 23.71 24.73 -61.43
C SER F 308 24.21 24.96 -62.85
N GLN F 309 24.04 26.17 -63.39
CA GLN F 309 24.51 26.49 -64.74
C GLN F 309 23.86 25.60 -65.80
N GLY F 310 22.57 25.28 -65.58
CA GLY F 310 21.82 24.44 -66.49
C GLY F 310 21.88 22.96 -66.20
N PHE F 311 22.71 22.52 -65.24
CA PHE F 311 22.84 21.10 -64.97
C PHE F 311 21.60 20.55 -64.25
N TYR F 312 21.05 21.32 -63.32
CA TYR F 312 19.78 21.02 -62.69
C TYR F 312 18.74 22.04 -63.15
N VAL F 313 17.59 21.56 -63.60
CA VAL F 313 16.53 22.43 -64.09
C VAL F 313 15.25 22.13 -63.31
N CYS F 314 14.60 23.18 -62.85
CA CYS F 314 13.31 23.07 -62.15
C CYS F 314 12.28 23.85 -62.95
N PRO F 315 11.31 23.18 -63.57
CA PRO F 315 10.48 23.88 -64.57
C PRO F 315 9.49 24.87 -64.00
N VAL F 316 9.36 24.97 -62.67
CA VAL F 316 8.35 25.82 -62.07
C VAL F 316 8.84 27.26 -62.03
N GLU F 317 7.95 28.19 -62.35
CA GLU F 317 8.26 29.61 -62.28
C GLU F 317 8.69 29.98 -60.87
N PRO F 318 9.66 30.89 -60.71
CA PRO F 318 10.20 31.17 -59.36
C PRO F 318 9.16 31.61 -58.36
N GLN F 319 8.19 32.42 -58.77
CA GLN F 319 7.18 32.92 -57.85
C GLN F 319 6.26 31.84 -57.31
N ASN F 320 6.22 30.66 -57.93
CA ASN F 320 5.30 29.60 -57.55
C ASN F 320 5.99 28.33 -57.07
N ARG F 321 7.30 28.38 -56.86
CA ARG F 321 8.04 27.17 -56.47
C ARG F 321 7.59 26.69 -55.09
N SER F 322 7.35 25.38 -54.99
CA SER F 322 6.93 24.78 -53.73
C SER F 322 8.10 24.68 -52.77
N LYS F 323 7.82 24.95 -51.49
CA LYS F 323 8.80 24.78 -50.44
C LYS F 323 8.76 23.39 -49.81
N MET F 324 7.77 22.58 -50.17
CA MET F 324 7.63 21.21 -49.66
C MET F 324 8.13 20.16 -50.63
N ASN F 325 7.83 20.30 -51.92
CA ASN F 325 8.23 19.34 -52.94
C ASN F 325 9.03 20.06 -54.01
N ILE F 326 10.24 19.60 -54.27
CA ILE F 326 11.09 20.21 -55.29
C ILE F 326 11.37 19.19 -56.38
N PRO F 327 10.59 19.17 -57.47
CA PRO F 327 10.94 18.32 -58.60
C PRO F 327 11.89 19.01 -59.57
N PHE F 328 12.89 18.27 -60.02
CA PHE F 328 13.84 18.83 -60.97
C PHE F 328 14.38 17.74 -61.88
N ARG F 329 15.11 18.17 -62.90
CA ARG F 329 15.75 17.28 -63.86
C ARG F 329 17.26 17.53 -63.84
N ILE F 330 18.01 16.55 -64.36
CA ILE F 330 19.46 16.58 -64.37
C ILE F 330 19.94 16.56 -65.81
N GLY F 331 20.87 17.45 -66.14
CA GLY F 331 21.40 17.54 -67.48
C GLY F 331 20.73 18.61 -68.32
N ASN F 332 19.43 18.45 -68.59
CA ASN F 332 18.70 19.36 -69.44
C ASN F 332 17.24 19.40 -69.02
N ALA F 333 16.49 20.30 -69.66
CA ALA F 333 15.07 20.45 -69.35
C ALA F 333 14.28 19.19 -69.69
N LYS F 334 14.70 18.46 -70.72
CA LYS F 334 14.03 17.22 -71.08
C LYS F 334 14.36 16.07 -70.14
N GLY F 335 15.42 16.19 -69.34
CA GLY F 335 15.83 15.11 -68.47
C GLY F 335 16.77 14.13 -69.14
N ASP F 336 17.97 13.97 -68.57
CA ASP F 336 18.96 13.02 -69.06
C ASP F 336 18.81 11.73 -68.25
N ASP F 337 18.29 10.68 -68.90
CA ASP F 337 17.93 9.46 -68.20
C ASP F 337 19.14 8.79 -67.56
N ALA F 338 20.26 8.74 -68.27
CA ALA F 338 21.44 8.06 -67.74
C ALA F 338 21.95 8.73 -66.48
N LEU F 339 22.00 10.07 -66.47
CA LEU F 339 22.51 10.79 -65.31
C LEU F 339 21.55 10.70 -64.12
N GLU F 340 20.25 10.63 -64.39
CA GLU F 340 19.27 10.59 -63.29
C GLU F 340 19.33 9.25 -62.57
N LYS F 341 19.50 8.15 -63.32
CA LYS F 341 19.62 6.85 -62.65
C LYS F 341 20.89 6.79 -61.81
N ARG F 342 21.97 7.40 -62.29
CA ARG F 342 23.20 7.47 -61.51
C ARG F 342 22.99 8.29 -60.24
N PHE F 343 22.26 9.40 -60.34
CA PHE F 343 21.96 10.21 -59.17
C PHE F 343 21.14 9.41 -58.15
N LEU F 344 20.10 8.73 -58.62
CA LEU F 344 19.22 7.98 -57.72
C LEU F 344 19.97 6.82 -57.08
N ASP F 345 20.72 6.06 -57.88
CA ASP F 345 21.44 4.90 -57.34
C ASP F 345 22.46 5.31 -56.29
N LYS F 346 23.19 6.40 -56.54
CA LYS F 346 24.18 6.85 -55.57
C LYS F 346 23.56 7.54 -54.37
N ALA F 347 22.36 8.11 -54.54
CA ALA F 347 21.63 8.61 -53.38
C ALA F 347 21.15 7.46 -52.49
N LEU F 348 20.84 6.32 -53.11
CA LEU F 348 20.37 5.17 -52.35
C LEU F 348 21.49 4.55 -51.52
N GLU F 349 22.69 4.44 -52.09
CA GLU F 349 23.81 3.93 -51.30
C GLU F 349 24.20 4.86 -50.17
N LEU F 350 23.84 6.15 -50.28
CA LEU F 350 24.02 7.10 -49.21
C LEU F 350 22.83 7.14 -48.25
N ASN F 351 21.93 6.15 -48.36
CA ASN F 351 20.77 6.01 -47.46
C ASN F 351 19.83 7.20 -47.53
N MET F 352 19.65 7.78 -48.72
CA MET F 352 18.66 8.82 -48.96
C MET F 352 17.52 8.20 -49.77
N LEU F 353 16.35 8.08 -49.16
CA LEU F 353 15.25 7.33 -49.74
C LEU F 353 14.24 8.24 -50.41
N SER F 354 13.55 7.67 -51.42
CA SER F 354 12.37 8.29 -52.03
C SER F 354 12.70 9.63 -52.69
N LEU F 355 13.86 9.70 -53.34
CA LEU F 355 14.19 10.87 -54.15
C LEU F 355 13.70 10.74 -55.59
N LYS F 356 13.21 9.55 -55.98
CA LYS F 356 12.73 9.35 -57.33
C LYS F 356 11.45 10.16 -57.55
N GLY F 357 11.40 10.87 -58.67
CA GLY F 357 10.23 11.66 -59.00
C GLY F 357 9.00 10.80 -59.20
N HIS F 358 7.85 11.48 -59.26
CA HIS F 358 6.59 10.78 -59.47
C HIS F 358 6.60 10.02 -60.78
N ARG F 359 5.87 8.90 -60.82
CA ARG F 359 5.88 8.03 -61.98
C ARG F 359 5.46 8.76 -63.24
N SER F 360 4.50 9.68 -63.13
CA SER F 360 3.98 10.40 -64.29
C SER F 360 4.86 11.56 -64.72
N VAL F 361 5.90 11.89 -63.96
CA VAL F 361 6.75 13.05 -64.26
C VAL F 361 8.19 12.58 -64.43
N GLY F 362 8.58 11.54 -63.71
CA GLY F 362 9.96 11.10 -63.77
C GLY F 362 10.87 12.11 -63.08
N GLY F 363 12.15 12.03 -63.42
CA GLY F 363 13.10 12.95 -62.86
C GLY F 363 13.32 12.71 -61.37
N ILE F 364 13.68 13.80 -60.67
CA ILE F 364 13.97 13.76 -59.25
C ILE F 364 12.97 14.64 -58.52
N ARG F 365 12.58 14.22 -57.33
CA ARG F 365 11.73 15.03 -56.45
C ARG F 365 12.26 14.91 -55.03
N ALA F 366 12.55 16.04 -54.42
CA ALA F 366 13.00 16.11 -53.03
C ALA F 366 11.91 16.70 -52.18
N SER F 367 11.39 15.93 -51.23
CA SER F 367 10.31 16.35 -50.36
C SER F 367 10.89 16.81 -49.02
N LEU F 368 10.51 18.02 -48.60
CA LEU F 368 11.11 18.65 -47.44
C LEU F 368 10.07 19.02 -46.39
N TYR F 369 9.33 18.02 -45.89
CA TYR F 369 8.24 18.27 -44.96
C TYR F 369 8.79 18.64 -43.59
N ASN F 370 7.87 18.88 -42.64
CA ASN F 370 8.25 19.43 -41.34
C ASN F 370 9.31 18.59 -40.64
N ALA F 371 9.18 17.27 -40.65
CA ALA F 371 10.11 16.42 -39.92
C ALA F 371 11.49 16.37 -40.58
N VAL F 372 11.56 16.59 -41.89
CA VAL F 372 12.86 16.62 -42.56
C VAL F 372 13.69 17.75 -41.97
N THR F 373 14.80 17.40 -41.35
CA THR F 373 15.62 18.37 -40.65
C THR F 373 16.55 19.10 -41.62
N ILE F 374 17.06 20.25 -41.17
CA ILE F 374 18.06 20.97 -41.96
C ILE F 374 19.34 20.18 -42.05
N GLU F 375 19.56 19.26 -41.10
CA GLU F 375 20.71 18.35 -41.19
C GLU F 375 20.53 17.40 -42.34
N ASP F 376 19.29 16.93 -42.54
CA ASP F 376 18.99 16.05 -43.65
C ASP F 376 19.15 16.77 -44.98
N VAL F 377 18.66 18.01 -45.07
CA VAL F 377 18.72 18.74 -46.33
C VAL F 377 20.16 19.09 -46.69
N GLN F 378 21.02 19.32 -45.68
CA GLN F 378 22.42 19.60 -45.97
C GLN F 378 23.12 18.38 -46.55
N LYS F 379 22.70 17.17 -46.15
CA LYS F 379 23.22 15.97 -46.79
C LYS F 379 22.83 15.92 -48.26
N LEU F 380 21.57 16.24 -48.56
CA LEU F 380 21.15 16.35 -49.96
C LEU F 380 21.87 17.48 -50.66
N ALA F 381 22.07 18.60 -49.96
CA ALA F 381 22.77 19.74 -50.55
C ALA F 381 24.21 19.39 -50.88
N ALA F 382 24.92 18.77 -49.94
CA ALA F 382 26.31 18.38 -50.17
C ALA F 382 26.40 17.34 -51.28
N PHE F 383 25.44 16.41 -51.33
CA PHE F 383 25.48 15.36 -52.35
C PHE F 383 25.21 15.93 -53.74
N MET F 384 24.27 16.89 -53.84
CA MET F 384 23.94 17.46 -55.14
C MET F 384 25.08 18.30 -55.69
N LYS F 385 25.80 19.02 -54.82
CA LYS F 385 26.95 19.78 -55.27
C LYS F 385 28.07 18.85 -55.74
N LYS F 386 28.25 17.71 -55.05
CA LYS F 386 29.29 16.77 -55.43
C LYS F 386 28.96 16.05 -56.73
N PHE F 387 27.68 15.72 -56.94
CA PHE F 387 27.29 15.05 -58.18
C PHE F 387 27.46 15.96 -59.38
N LEU F 388 27.01 17.22 -59.26
CA LEU F 388 27.29 18.20 -60.31
C LEU F 388 28.78 18.43 -60.47
N GLU F 389 29.55 18.32 -59.37
CA GLU F 389 30.99 18.45 -59.44
C GLU F 389 31.64 17.32 -60.24
N MET F 390 30.95 16.21 -60.43
CA MET F 390 31.51 15.04 -61.11
C MET F 390 30.90 14.77 -62.48
N HIS F 391 29.86 15.49 -62.88
CA HIS F 391 29.20 15.19 -64.15
C HIS F 391 28.89 16.40 -65.02
N GLN F 392 29.14 17.63 -64.54
CA GLN F 392 28.92 18.81 -65.36
C GLN F 392 30.17 19.12 -66.19
N LEU F 393 29.97 19.89 -67.25
CA LEU F 393 31.07 20.36 -68.08
C LEU F 393 31.61 21.71 -67.58
N GLN G 29 -1.48 14.53 10.32
CA GLN G 29 -0.12 14.15 10.00
C GLN G 29 0.63 15.33 9.37
N VAL G 30 -0.13 16.30 8.89
CA VAL G 30 0.45 17.43 8.17
C VAL G 30 1.12 18.38 9.15
N VAL G 31 2.39 18.70 8.89
CA VAL G 31 3.15 19.67 9.65
C VAL G 31 3.34 20.91 8.79
N ASN G 32 2.77 22.04 9.22
CA ASN G 32 2.64 23.24 8.40
C ASN G 32 3.69 24.26 8.84
N PHE G 33 4.79 24.33 8.08
CA PHE G 33 5.82 25.35 8.28
C PHE G 33 5.61 26.59 7.43
N GLY G 34 4.36 26.96 7.16
CA GLY G 34 4.05 28.12 6.35
C GLY G 34 4.61 29.40 6.91
N PRO G 35 5.02 30.33 6.03
CA PRO G 35 5.64 31.57 6.48
C PRO G 35 4.67 32.70 6.79
N GLY G 36 3.40 32.58 6.38
CA GLY G 36 2.44 33.65 6.54
C GLY G 36 1.61 33.84 5.29
N PRO G 37 0.35 33.36 5.28
CA PRO G 37 -0.42 32.69 6.35
C PRO G 37 0.26 31.45 6.92
N ALA G 38 0.10 31.23 8.21
CA ALA G 38 0.78 30.15 8.90
C ALA G 38 -0.25 29.20 9.52
N LYS G 39 0.26 28.25 10.31
CA LYS G 39 -0.59 27.27 10.96
C LYS G 39 -1.27 27.86 12.19
N LEU G 40 -2.56 27.51 12.37
CA LEU G 40 -3.32 27.87 13.56
C LEU G 40 -3.43 26.67 14.50
N PRO G 41 -3.56 26.90 15.80
CA PRO G 41 -3.67 25.77 16.74
C PRO G 41 -4.89 24.91 16.42
N HIS G 42 -4.69 23.58 16.48
CA HIS G 42 -5.76 22.66 16.11
C HIS G 42 -6.98 22.83 17.00
N SER G 43 -6.78 23.17 18.27
CA SER G 43 -7.90 23.40 19.16
C SER G 43 -8.71 24.62 18.73
N VAL G 44 -8.03 25.65 18.21
CA VAL G 44 -8.73 26.85 17.76
C VAL G 44 -9.58 26.53 16.54
N LEU G 45 -8.99 25.85 15.54
CA LEU G 45 -9.75 25.46 14.37
C LEU G 45 -10.94 24.58 14.73
N LEU G 46 -10.82 23.79 15.80
CA LEU G 46 -11.92 22.95 16.23
C LEU G 46 -13.10 23.79 16.72
N GLU G 47 -12.82 24.84 17.50
CA GLU G 47 -13.92 25.67 18.01
C GLU G 47 -14.56 26.46 16.88
N ILE G 48 -13.75 27.05 15.99
CA ILE G 48 -14.29 27.78 14.84
C ILE G 48 -15.24 26.89 14.05
N GLN G 49 -14.88 25.62 13.87
CA GLN G 49 -15.71 24.71 13.11
C GLN G 49 -17.00 24.36 13.85
N LYS G 50 -16.90 24.15 15.16
CA LYS G 50 -18.06 23.69 15.92
C LYS G 50 -19.15 24.75 15.98
N GLU G 51 -18.77 26.02 16.11
CA GLU G 51 -19.74 27.10 16.25
C GLU G 51 -19.86 27.93 14.98
N LEU G 52 -19.45 27.39 13.83
CA LEU G 52 -19.47 28.18 12.60
C LEU G 52 -20.89 28.57 12.20
N LEU G 53 -21.85 27.67 12.40
CA LEU G 53 -23.22 27.95 12.00
C LEU G 53 -24.04 28.63 13.09
N ASP G 54 -23.65 28.48 14.36
CA ASP G 54 -24.45 28.97 15.48
C ASP G 54 -23.46 29.41 16.57
N TYR G 55 -22.95 30.64 16.43
CA TYR G 55 -21.98 31.14 17.37
C TYR G 55 -22.64 31.23 18.75
N LYS G 56 -22.15 30.41 19.69
CA LYS G 56 -22.51 30.47 21.10
C LYS G 56 -24.00 30.68 21.32
N GLY G 57 -24.82 30.01 20.51
CA GLY G 57 -26.25 29.96 20.73
C GLY G 57 -27.06 31.08 20.14
N VAL G 58 -26.41 32.10 19.56
CA VAL G 58 -27.14 33.25 19.01
C VAL G 58 -28.00 32.85 17.81
N GLY G 59 -27.61 31.81 17.09
CA GLY G 59 -28.39 31.33 15.96
C GLY G 59 -27.87 31.75 14.60
N ILE G 60 -26.74 32.46 14.54
CA ILE G 60 -26.14 32.89 13.29
C ILE G 60 -24.64 32.67 13.37
N SER G 61 -23.98 32.79 12.21
CA SER G 61 -22.54 32.71 12.10
C SER G 61 -21.89 34.04 12.43
N VAL G 62 -20.62 34.00 12.82
CA VAL G 62 -19.83 35.21 12.88
C VAL G 62 -19.73 35.83 11.50
N LEU G 63 -19.68 34.99 10.46
CA LEU G 63 -19.68 35.48 9.08
C LEU G 63 -20.94 36.29 8.75
N GLU G 64 -22.03 36.07 9.48
CA GLU G 64 -23.26 36.82 9.30
C GLU G 64 -23.46 37.91 10.35
N MET G 65 -22.53 38.05 11.29
CA MET G 65 -22.71 38.95 12.42
C MET G 65 -22.51 40.40 11.99
N SER G 66 -23.45 41.26 12.37
CA SER G 66 -23.29 42.69 12.16
C SER G 66 -22.24 43.25 13.12
N HIS G 67 -21.29 44.01 12.59
CA HIS G 67 -20.26 44.62 13.41
C HIS G 67 -20.82 45.63 14.41
N ARG G 68 -22.09 45.97 14.26
CA ARG G 68 -22.72 46.96 15.16
C ARG G 68 -23.55 46.24 16.22
N SER G 69 -23.51 44.92 16.24
CA SER G 69 -24.30 44.13 17.17
C SER G 69 -23.64 44.09 18.55
N SER G 70 -24.48 43.86 19.56
CA SER G 70 -23.95 43.64 20.90
C SER G 70 -23.06 42.41 20.96
N ASP G 71 -23.35 41.41 20.14
CA ASP G 71 -22.55 40.19 20.14
C ASP G 71 -21.14 40.46 19.63
N PHE G 72 -21.01 41.13 18.48
CA PHE G 72 -19.68 41.36 17.94
C PHE G 72 -18.90 42.40 18.74
N ALA G 73 -19.61 43.36 19.35
CA ALA G 73 -18.94 44.29 20.24
C ALA G 73 -18.17 43.54 21.32
N LYS G 74 -18.83 42.55 21.93
CA LYS G 74 -18.18 41.71 22.93
C LYS G 74 -16.92 41.06 22.37
N ILE G 75 -16.96 40.65 21.11
CA ILE G 75 -15.83 39.93 20.51
C ILE G 75 -14.63 40.85 20.36
N ILE G 76 -14.83 42.03 19.75
CA ILE G 76 -13.71 42.89 19.44
C ILE G 76 -13.16 43.54 20.71
N ASN G 77 -14.02 43.83 21.69
CA ASN G 77 -13.52 44.30 22.98
C ASN G 77 -12.69 43.23 23.66
N ASN G 78 -13.08 41.96 23.52
CA ASN G 78 -12.33 40.87 24.12
C ASN G 78 -10.97 40.71 23.43
N THR G 79 -10.93 40.83 22.11
CA THR G 79 -9.66 40.75 21.39
C THR G 79 -8.72 41.87 21.83
N GLU G 80 -9.24 43.10 21.94
CA GLU G 80 -8.42 44.22 22.38
C GLU G 80 -7.91 43.99 23.80
N ASN G 81 -8.78 43.50 24.69
CA ASN G 81 -8.36 43.23 26.06
C ASN G 81 -7.22 42.23 26.10
N LEU G 82 -7.26 41.23 25.23
CA LEU G 82 -6.22 40.21 25.23
C LEU G 82 -4.89 40.77 24.73
N VAL G 83 -4.92 41.63 23.72
CA VAL G 83 -3.68 42.24 23.24
C VAL G 83 -3.07 43.12 24.33
N ARG G 84 -3.91 43.89 25.03
CA ARG G 84 -3.41 44.73 26.11
C ARG G 84 -2.87 43.88 27.26
N GLU G 85 -3.52 42.76 27.55
CA GLU G 85 -3.10 41.94 28.68
C GLU G 85 -1.82 41.17 28.36
N LEU G 86 -1.78 40.52 27.19
CA LEU G 86 -0.65 39.66 26.85
C LEU G 86 0.62 40.47 26.63
N LEU G 87 0.51 41.65 26.05
CA LEU G 87 1.68 42.49 25.80
C LEU G 87 1.93 43.53 26.90
N ALA G 88 1.05 43.60 27.89
CA ALA G 88 1.11 44.63 28.93
C ALA G 88 1.15 46.02 28.30
N VAL G 89 0.11 46.31 27.52
CA VAL G 89 0.00 47.58 26.80
C VAL G 89 -0.41 48.67 27.79
N PRO G 90 0.41 49.71 27.98
CA PRO G 90 0.03 50.80 28.87
C PRO G 90 -1.25 51.49 28.40
N ASP G 91 -1.93 52.14 29.35
CA ASP G 91 -3.24 52.72 29.07
C ASP G 91 -3.15 53.92 28.12
N ASN G 92 -1.99 54.58 28.02
CA ASN G 92 -1.81 55.69 27.09
C ASN G 92 -1.55 55.22 25.67
N TYR G 93 -1.90 53.98 25.33
CA TYR G 93 -1.72 53.43 24.00
C TYR G 93 -3.06 52.94 23.46
N LYS G 94 -3.37 53.29 22.22
CA LYS G 94 -4.56 52.81 21.55
C LYS G 94 -4.26 51.52 20.82
N VAL G 95 -5.19 50.58 20.86
CA VAL G 95 -5.05 49.29 20.20
C VAL G 95 -6.19 49.17 19.18
N ILE G 96 -5.83 49.23 17.90
CA ILE G 96 -6.83 49.26 16.83
C ILE G 96 -6.55 48.14 15.85
N PHE G 97 -7.61 47.74 15.13
CA PHE G 97 -7.56 46.65 14.17
C PHE G 97 -7.95 47.19 12.80
N LEU G 98 -7.01 47.14 11.85
CA LEU G 98 -7.22 47.71 10.53
C LEU G 98 -7.08 46.63 9.46
N GLN G 99 -7.55 46.96 8.26
CA GLN G 99 -7.35 46.13 7.09
C GLN G 99 -6.14 46.62 6.31
N GLY G 100 -5.75 45.85 5.29
CA GLY G 100 -4.66 46.22 4.41
C GLY G 100 -3.38 45.45 4.61
N GLY G 101 -3.27 44.64 5.66
CA GLY G 101 -2.08 43.85 5.86
C GLY G 101 -0.89 44.65 6.33
N GLY G 102 0.26 43.98 6.36
CA GLY G 102 1.48 44.64 6.75
C GLY G 102 1.93 45.68 5.75
N CYS G 103 1.87 45.35 4.45
CA CYS G 103 2.17 46.33 3.42
C CYS G 103 1.21 47.50 3.44
N GLY G 104 0.01 47.32 4.00
CA GLY G 104 -0.88 48.45 4.17
C GLY G 104 -0.33 49.47 5.13
N GLN G 105 0.35 49.02 6.18
CA GLN G 105 0.98 49.95 7.11
C GLN G 105 2.23 50.59 6.53
N PHE G 106 2.86 49.98 5.54
CA PHE G 106 3.98 50.62 4.86
C PHE G 106 3.59 51.98 4.30
N SER G 107 2.31 52.14 3.95
CA SER G 107 1.75 53.43 3.58
C SER G 107 1.07 54.13 4.74
N ALA G 108 0.44 53.39 5.65
CA ALA G 108 -0.34 54.01 6.72
C ALA G 108 0.57 54.71 7.72
N VAL G 109 1.74 54.15 8.02
CA VAL G 109 2.65 54.75 8.99
C VAL G 109 3.16 56.12 8.51
N PRO G 110 3.67 56.27 7.29
CA PRO G 110 4.07 57.62 6.86
C PRO G 110 2.89 58.57 6.71
N LEU G 111 1.75 58.07 6.24
CA LEU G 111 0.57 58.92 6.09
C LEU G 111 0.12 59.49 7.43
N ASN G 112 0.22 58.69 8.50
CA ASN G 112 -0.25 59.10 9.82
C ASN G 112 0.78 59.91 10.61
N LEU G 113 2.07 59.77 10.32
CA LEU G 113 3.10 60.26 11.23
C LEU G 113 4.21 61.08 10.59
N ILE G 114 4.41 61.02 9.27
CA ILE G 114 5.57 61.72 8.70
C ILE G 114 5.41 63.24 8.80
N GLY G 115 4.18 63.72 8.96
CA GLY G 115 3.92 65.13 9.22
C GLY G 115 4.11 65.56 10.65
N LEU G 116 4.62 64.67 11.52
CA LEU G 116 4.83 65.02 12.92
C LEU G 116 5.83 66.15 13.05
N LYS G 117 6.87 66.15 12.21
CA LYS G 117 7.79 67.26 12.07
C LYS G 117 7.69 67.80 10.65
N ALA G 118 7.79 69.12 10.50
CA ALA G 118 7.54 69.77 9.22
C ALA G 118 8.47 69.27 8.11
N GLY G 119 9.63 68.72 8.46
CA GLY G 119 10.57 68.28 7.45
C GLY G 119 10.07 67.15 6.58
N ARG G 120 9.07 66.39 7.05
CA ARG G 120 8.54 65.23 6.33
C ARG G 120 9.62 64.21 6.03
N CYS G 121 10.55 64.04 6.98
CA CYS G 121 11.66 63.11 6.85
C CYS G 121 11.49 61.97 7.84
N ALA G 122 11.97 60.79 7.45
CA ALA G 122 11.88 59.61 8.30
C ALA G 122 13.16 58.80 8.16
N ASP G 123 13.58 58.21 9.27
CA ASP G 123 14.75 57.34 9.29
C ASP G 123 14.30 55.89 9.22
N TYR G 124 14.91 55.11 8.32
CA TYR G 124 14.54 53.73 8.11
C TYR G 124 15.77 52.84 8.24
N VAL G 125 15.60 51.71 8.94
CA VAL G 125 16.65 50.72 9.14
C VAL G 125 16.31 49.51 8.28
N VAL G 126 17.16 49.22 7.31
CA VAL G 126 16.93 48.14 6.35
C VAL G 126 17.82 46.96 6.72
N THR G 127 17.21 45.90 7.25
CA THR G 127 17.93 44.67 7.56
C THR G 127 17.46 43.49 6.72
N GLY G 128 16.48 43.70 5.84
CA GLY G 128 16.00 42.62 5.01
C GLY G 128 15.01 43.14 3.99
N ALA G 129 14.27 42.20 3.38
CA ALA G 129 13.39 42.56 2.28
C ALA G 129 12.19 43.39 2.74
N TRP G 130 11.73 43.19 3.97
CA TRP G 130 10.48 43.82 4.39
C TRP G 130 10.70 45.26 4.86
N SER G 131 11.82 45.52 5.53
CA SER G 131 12.17 46.91 5.80
C SER G 131 12.54 47.64 4.52
N ALA G 132 13.20 46.92 3.59
CA ALA G 132 13.49 47.51 2.28
C ALA G 132 12.22 47.89 1.55
N LYS G 133 11.27 46.96 1.47
CA LYS G 133 9.98 47.26 0.86
C LYS G 133 9.28 48.40 1.58
N ALA G 134 9.40 48.44 2.91
CA ALA G 134 8.76 49.50 3.68
C ALA G 134 9.45 50.84 3.46
N ALA G 135 10.78 50.82 3.28
CA ALA G 135 11.50 52.07 3.05
C ALA G 135 11.18 52.65 1.68
N GLU G 136 11.06 51.80 0.66
CA GLU G 136 10.69 52.27 -0.66
C GLU G 136 9.28 52.87 -0.66
N GLU G 137 8.33 52.21 -0.01
CA GLU G 137 6.97 52.72 0.03
C GLU G 137 6.88 54.07 0.73
N ALA G 138 7.74 54.28 1.75
CA ALA G 138 7.70 55.53 2.51
C ALA G 138 8.14 56.72 1.68
N LYS G 139 8.84 56.51 0.56
CA LYS G 139 9.25 57.62 -0.29
C LYS G 139 8.08 58.37 -0.88
N LYS G 140 6.92 57.72 -1.02
CA LYS G 140 5.76 58.36 -1.61
C LYS G 140 5.20 59.48 -0.74
N PHE G 141 5.58 59.55 0.54
CA PHE G 141 4.99 60.49 1.47
C PHE G 141 6.02 61.42 2.11
N GLY G 142 7.28 61.31 1.74
CA GLY G 142 8.30 62.18 2.27
C GLY G 142 9.66 61.81 1.73
N THR G 143 10.69 62.46 2.26
CA THR G 143 12.06 62.14 1.91
C THR G 143 12.61 61.16 2.94
N ILE G 144 12.96 59.96 2.50
CA ILE G 144 13.32 58.85 3.38
C ILE G 144 14.83 58.65 3.30
N ASN G 145 15.47 58.54 4.47
CA ASN G 145 16.91 58.40 4.56
C ASN G 145 17.24 57.10 5.29
N ILE G 146 17.93 56.20 4.60
CA ILE G 146 18.37 54.95 5.21
C ILE G 146 19.60 55.24 6.06
N VAL G 147 19.55 54.80 7.32
CA VAL G 147 20.45 55.29 8.37
C VAL G 147 21.84 54.68 8.30
N HIS G 148 22.04 53.63 7.52
CA HIS G 148 23.29 52.89 7.48
C HIS G 148 23.60 52.55 6.03
N PRO G 149 24.87 52.26 5.72
CA PRO G 149 25.20 51.85 4.35
C PRO G 149 24.59 50.52 3.99
N LYS G 150 24.30 50.36 2.69
CA LYS G 150 23.72 49.11 2.20
C LYS G 150 24.66 47.94 2.45
N LEU G 151 24.08 46.81 2.85
CA LEU G 151 24.87 45.61 3.09
C LEU G 151 25.08 44.84 1.80
N GLY G 152 26.17 44.08 1.75
CA GLY G 152 26.34 43.13 0.66
C GLY G 152 25.36 41.98 0.73
N SER G 153 24.94 41.62 1.94
CA SER G 153 23.96 40.58 2.15
C SER G 153 23.22 40.87 3.45
N TYR G 154 21.93 40.51 3.47
CA TYR G 154 21.10 40.68 4.66
C TYR G 154 21.40 39.56 5.65
N THR G 155 22.58 39.66 6.27
CA THR G 155 23.05 38.63 7.18
C THR G 155 23.34 39.16 8.58
N LYS G 156 23.18 40.46 8.82
CA LYS G 156 23.47 41.04 10.13
C LYS G 156 22.69 42.32 10.28
N ILE G 157 22.60 42.78 11.53
CA ILE G 157 22.00 44.06 11.86
C ILE G 157 23.12 45.09 11.93
N PRO G 158 23.08 46.15 11.12
CA PRO G 158 24.09 47.21 11.27
C PRO G 158 24.13 47.76 12.69
N ASP G 159 25.34 47.90 13.22
CA ASP G 159 25.58 48.35 14.58
C ASP G 159 24.78 49.62 14.88
N PRO G 160 23.92 49.61 15.91
CA PRO G 160 23.13 50.83 16.21
C PRO G 160 23.98 52.05 16.50
N SER G 161 25.22 51.87 16.98
CA SER G 161 26.10 53.01 17.20
C SER G 161 26.62 53.60 15.89
N THR G 162 26.59 52.83 14.81
CA THR G 162 26.97 53.30 13.48
C THR G 162 25.81 53.99 12.76
N TRP G 163 24.67 54.14 13.43
CA TRP G 163 23.49 54.69 12.80
C TRP G 163 23.60 56.21 12.64
N ASN G 164 23.29 56.70 11.43
CA ASN G 164 23.23 58.12 11.13
C ASN G 164 21.79 58.59 11.29
N LEU G 165 21.46 59.07 12.49
CA LEU G 165 20.10 59.49 12.81
C LEU G 165 19.90 60.97 12.53
N ASN G 166 18.75 61.29 11.92
CA ASN G 166 18.35 62.67 11.69
C ASN G 166 17.61 63.19 12.91
N PRO G 167 18.13 64.18 13.63
CA PRO G 167 17.42 64.69 14.82
C PRO G 167 16.07 65.30 14.50
N ASP G 168 15.88 65.80 13.27
CA ASP G 168 14.63 66.41 12.86
C ASP G 168 13.74 65.45 12.07
N ALA G 169 14.09 64.16 12.03
CA ALA G 169 13.25 63.18 11.37
C ALA G 169 11.99 62.94 12.19
N SER G 170 10.88 62.70 11.49
CA SER G 170 9.59 62.52 12.15
C SER G 170 9.55 61.23 12.96
N TYR G 171 10.16 60.16 12.45
CA TYR G 171 10.21 58.90 13.18
C TYR G 171 11.38 58.07 12.67
N VAL G 172 11.63 56.96 13.38
CA VAL G 172 12.62 55.97 12.99
C VAL G 172 11.91 54.62 12.85
N TYR G 173 12.11 53.96 11.72
CA TYR G 173 11.42 52.72 11.38
C TYR G 173 12.42 51.58 11.31
N TYR G 174 12.00 50.41 11.79
CA TYR G 174 12.79 49.20 11.61
C TYR G 174 11.86 47.98 11.69
N CYS G 175 12.37 46.85 11.22
CA CYS G 175 11.63 45.60 11.19
C CYS G 175 12.23 44.64 12.20
N ALA G 176 11.44 44.26 13.21
CA ALA G 176 11.97 43.44 14.30
C ALA G 176 12.43 42.07 13.81
N ASN G 177 11.69 41.47 12.87
CA ASN G 177 12.04 40.15 12.37
C ASN G 177 11.81 40.10 10.87
N GLU G 178 12.89 39.86 10.12
CA GLU G 178 12.83 39.78 8.67
C GLU G 178 12.49 38.36 8.26
N THR G 179 11.27 38.16 7.73
CA THR G 179 10.77 36.83 7.46
C THR G 179 11.58 36.11 6.40
N VAL G 180 12.09 36.84 5.41
CA VAL G 180 12.77 36.20 4.28
C VAL G 180 14.20 35.82 4.64
N HIS G 181 14.88 36.67 5.42
CA HIS G 181 16.31 36.51 5.63
C HIS G 181 16.70 36.00 7.02
N GLY G 182 15.77 35.96 7.96
CA GLY G 182 16.07 35.41 9.27
C GLY G 182 16.90 36.30 10.15
N VAL G 183 16.72 37.62 10.06
CA VAL G 183 17.41 38.59 10.89
C VAL G 183 16.41 39.14 11.89
N GLU G 184 16.71 39.01 13.18
CA GLU G 184 15.79 39.42 14.23
C GLU G 184 16.49 40.31 15.24
N PHE G 185 15.79 41.35 15.68
CA PHE G 185 16.25 42.20 16.77
C PHE G 185 15.95 41.53 18.10
N ASP G 186 16.98 41.38 18.94
CA ASP G 186 16.81 40.92 20.31
C ASP G 186 16.99 42.06 21.30
N PHE G 187 16.69 43.28 20.88
CA PHE G 187 16.80 44.47 21.71
C PHE G 187 15.92 45.55 21.11
N ILE G 188 15.69 46.60 21.91
CA ILE G 188 14.99 47.79 21.44
C ILE G 188 16.04 48.86 21.17
N PRO G 189 16.25 49.26 19.92
CA PRO G 189 17.36 50.18 19.61
C PRO G 189 17.10 51.56 20.18
N ASP G 190 18.17 52.18 20.66
CA ASP G 190 18.11 53.55 21.16
C ASP G 190 18.11 54.52 19.99
N VAL G 191 17.03 55.29 19.86
CA VAL G 191 16.87 56.25 18.78
C VAL G 191 16.99 57.69 19.28
N LYS G 192 17.63 57.88 20.44
CA LYS G 192 17.87 59.21 20.99
C LYS G 192 16.57 59.99 21.20
N GLY G 193 15.48 59.28 21.51
CA GLY G 193 14.23 59.92 21.85
C GLY G 193 13.20 60.00 20.76
N ALA G 194 13.55 59.65 19.52
CA ALA G 194 12.59 59.71 18.43
C ALA G 194 11.45 58.73 18.66
N VAL G 195 10.32 58.99 18.00
CA VAL G 195 9.21 58.04 18.07
C VAL G 195 9.55 56.82 17.22
N LEU G 196 9.40 55.64 17.81
CA LEU G 196 9.91 54.41 17.22
C LEU G 196 8.75 53.60 16.63
N VAL G 197 8.88 53.27 15.34
CA VAL G 197 7.91 52.44 14.64
C VAL G 197 8.58 51.11 14.31
N CYS G 198 7.89 50.01 14.60
CA CYS G 198 8.48 48.68 14.46
C CYS G 198 7.51 47.73 13.78
N ASP G 199 7.98 47.07 12.73
CA ASP G 199 7.24 46.01 12.05
C ASP G 199 7.48 44.71 12.80
N MET G 200 6.44 44.18 13.44
CA MET G 200 6.54 42.97 14.24
C MET G 200 5.66 41.84 13.68
N SER G 201 5.35 41.88 12.38
CA SER G 201 4.45 40.89 11.81
C SER G 201 4.95 39.46 12.04
N SER G 202 6.26 39.25 12.03
CA SER G 202 6.80 37.90 12.05
C SER G 202 7.15 37.40 13.45
N ASN G 203 7.11 38.25 14.48
CA ASN G 203 7.34 37.75 15.83
C ASN G 203 6.39 38.38 16.86
N PHE G 204 5.28 38.96 16.42
CA PHE G 204 4.32 39.56 17.33
C PHE G 204 3.84 38.53 18.35
N LEU G 205 3.99 38.87 19.63
CA LEU G 205 3.56 38.02 20.74
C LEU G 205 4.30 36.68 20.76
N SER G 206 5.55 36.68 20.29
CA SER G 206 6.46 35.56 20.51
C SER G 206 7.38 35.81 21.69
N LYS G 207 7.28 36.98 22.33
CA LYS G 207 8.11 37.34 23.46
C LYS G 207 7.51 38.60 24.10
N PRO G 208 7.78 38.85 25.38
CA PRO G 208 7.32 40.08 26.01
C PRO G 208 7.92 41.30 25.30
N VAL G 209 7.16 42.38 25.28
CA VAL G 209 7.54 43.61 24.58
C VAL G 209 7.33 44.80 25.51
N ASP G 210 8.36 45.63 25.64
CA ASP G 210 8.23 46.91 26.35
C ASP G 210 7.54 47.88 25.40
N VAL G 211 6.20 47.91 25.47
CA VAL G 211 5.40 48.71 24.55
C VAL G 211 5.68 50.20 24.72
N SER G 212 6.00 50.63 25.95
CA SER G 212 6.14 52.05 26.24
C SER G 212 7.22 52.71 25.40
N LYS G 213 8.23 51.95 24.96
CA LYS G 213 9.34 52.52 24.22
C LYS G 213 9.04 52.69 22.73
N PHE G 214 7.83 52.37 22.29
CA PHE G 214 7.46 52.49 20.88
C PHE G 214 6.41 53.57 20.69
N GLY G 215 6.38 54.14 19.49
CA GLY G 215 5.32 55.04 19.11
C GLY G 215 4.22 54.31 18.40
N VAL G 216 4.59 53.45 17.46
CA VAL G 216 3.64 52.63 16.71
C VAL G 216 4.21 51.22 16.56
N ILE G 217 3.43 50.22 16.95
CA ILE G 217 3.73 48.82 16.68
C ILE G 217 2.60 48.27 15.83
N PHE G 218 2.95 47.57 14.74
CA PHE G 218 1.96 46.93 13.91
C PHE G 218 2.43 45.53 13.54
N ALA G 219 1.47 44.68 13.21
CA ALA G 219 1.77 43.29 12.86
C ALA G 219 0.58 42.69 12.13
N GLY G 220 0.85 42.09 10.98
CA GLY G 220 -0.16 41.29 10.32
C GLY G 220 -0.50 40.05 11.15
N ALA G 221 -1.79 39.77 11.26
CA ALA G 221 -2.24 38.70 12.14
C ALA G 221 -1.91 37.31 11.61
N GLN G 222 -1.71 37.17 10.30
CA GLN G 222 -1.69 35.84 9.69
C GLN G 222 -0.45 35.01 10.05
N LYS G 223 0.59 35.63 10.59
CA LYS G 223 1.82 34.89 10.86
C LYS G 223 1.78 34.19 12.21
N ASN G 224 1.58 34.96 13.28
CA ASN G 224 1.81 34.46 14.62
C ASN G 224 0.61 34.61 15.54
N VAL G 225 -0.52 35.14 15.07
CA VAL G 225 -1.59 35.49 15.98
C VAL G 225 -2.97 35.37 15.32
N GLY G 226 -3.01 34.84 14.10
CA GLY G 226 -4.30 34.57 13.50
C GLY G 226 -4.18 34.29 12.02
N SER G 227 -5.22 34.69 11.30
CA SER G 227 -5.33 34.48 9.87
C SER G 227 -5.39 35.82 9.15
N ALA G 228 -5.15 35.77 7.83
CA ALA G 228 -5.07 37.00 7.04
C ALA G 228 -6.42 37.72 7.02
N GLY G 229 -6.35 39.04 6.94
CA GLY G 229 -7.55 39.86 6.90
C GLY G 229 -7.50 41.07 7.79
N VAL G 230 -6.78 40.97 8.91
CA VAL G 230 -6.73 42.05 9.90
C VAL G 230 -5.28 42.32 10.27
N THR G 231 -5.00 43.57 10.63
CA THR G 231 -3.69 44.00 11.08
C THR G 231 -3.86 44.78 12.37
N VAL G 232 -3.04 44.45 13.38
CA VAL G 232 -3.12 45.09 14.68
C VAL G 232 -2.12 46.24 14.73
N VAL G 233 -2.57 47.39 15.21
CA VAL G 233 -1.73 48.58 15.31
C VAL G 233 -1.85 49.13 16.74
N ILE G 234 -0.72 49.25 17.42
CA ILE G 234 -0.65 49.82 18.76
C ILE G 234 -0.04 51.22 18.63
N VAL G 235 -0.81 52.23 18.98
CA VAL G 235 -0.42 53.62 18.77
C VAL G 235 -0.45 54.35 20.11
N ARG G 236 0.61 55.12 20.39
CA ARG G 236 0.61 56.00 21.55
C ARG G 236 -0.37 57.15 21.34
N ASP G 237 -1.16 57.45 22.37
CA ASP G 237 -2.32 58.32 22.21
C ASP G 237 -1.96 59.78 21.93
N ASP G 238 -0.70 60.18 22.09
CA ASP G 238 -0.28 61.54 21.76
C ASP G 238 0.19 61.68 20.33
N LEU G 239 0.19 60.60 19.55
CA LEU G 239 0.66 60.62 18.17
C LEU G 239 -0.47 60.66 17.15
N LEU G 240 -1.72 60.76 17.61
CA LEU G 240 -2.84 60.89 16.71
C LEU G 240 -2.97 62.32 16.23
N GLY G 241 -3.67 62.50 15.11
CA GLY G 241 -3.97 63.82 14.60
C GLY G 241 -2.89 64.49 13.79
N PHE G 242 -1.84 63.76 13.40
CA PHE G 242 -0.82 64.29 12.51
C PHE G 242 -0.90 63.67 11.12
N ALA G 243 -1.99 62.99 10.81
CA ALA G 243 -2.13 62.35 9.51
C ALA G 243 -2.25 63.40 8.41
N LEU G 244 -1.68 63.08 7.25
CA LEU G 244 -1.73 63.98 6.12
C LEU G 244 -3.15 64.02 5.53
N ARG G 245 -3.37 64.99 4.64
CA ARG G 245 -4.68 65.10 4.00
C ARG G 245 -5.00 63.89 3.14
N GLU G 246 -3.99 63.29 2.51
CA GLU G 246 -4.18 62.19 1.58
C GLU G 246 -4.37 60.85 2.26
N CYS G 247 -4.41 60.81 3.59
CA CYS G 247 -4.56 59.55 4.28
C CYS G 247 -6.01 59.08 4.20
N PRO G 248 -6.26 57.85 3.73
CA PRO G 248 -7.63 57.35 3.69
C PRO G 248 -8.20 57.20 5.10
N SER G 249 -9.51 57.44 5.21
CA SER G 249 -10.16 57.43 6.52
C SER G 249 -10.06 56.07 7.18
N VAL G 250 -10.18 54.99 6.40
CA VAL G 250 -10.13 53.65 6.98
C VAL G 250 -8.75 53.31 7.53
N LEU G 251 -7.72 54.08 7.17
CA LEU G 251 -6.36 53.81 7.60
C LEU G 251 -5.81 54.86 8.54
N GLU G 252 -6.57 55.92 8.84
CA GLU G 252 -6.09 56.95 9.75
C GLU G 252 -6.26 56.49 11.20
N TYR G 253 -5.18 56.54 11.96
CA TYR G 253 -5.21 56.08 13.34
C TYR G 253 -6.21 56.89 14.16
N LYS G 254 -6.24 58.20 13.96
CA LYS G 254 -7.19 59.04 14.70
C LYS G 254 -8.62 58.65 14.40
N VAL G 255 -8.93 58.33 13.14
CA VAL G 255 -10.28 57.96 12.77
C VAL G 255 -10.67 56.63 13.40
N GLN G 256 -9.80 55.62 13.26
CA GLN G 256 -10.15 54.28 13.72
C GLN G 256 -10.09 54.14 15.23
N ALA G 257 -9.15 54.83 15.88
CA ALA G 257 -9.13 54.83 17.35
C ALA G 257 -10.34 55.54 17.91
N GLY G 258 -10.78 56.62 17.25
CA GLY G 258 -11.97 57.32 17.68
C GLY G 258 -13.26 56.55 17.50
N ASN G 259 -13.24 55.51 16.64
CA ASN G 259 -14.40 54.67 16.42
C ASN G 259 -14.18 53.25 16.91
N SER G 260 -13.21 53.04 17.79
CA SER G 260 -12.91 51.72 18.37
C SER G 260 -12.79 50.65 17.29
N SER G 261 -12.05 50.99 16.23
CA SER G 261 -11.81 50.10 15.09
C SER G 261 -13.10 49.77 14.34
N LEU G 262 -14.14 50.60 14.48
CA LEU G 262 -15.44 50.36 13.85
C LEU G 262 -15.87 51.52 12.97
N TYR G 263 -14.91 52.28 12.43
CA TYR G 263 -15.25 53.36 11.50
C TYR G 263 -16.09 52.85 10.33
N ASN G 264 -15.64 51.77 9.71
CA ASN G 264 -16.37 51.03 8.70
C ASN G 264 -16.47 49.58 9.15
N THR G 265 -17.07 48.74 8.31
CA THR G 265 -17.16 47.32 8.62
C THR G 265 -15.76 46.71 8.78
N PRO G 266 -15.39 46.22 9.95
CA PRO G 266 -14.07 45.60 10.13
C PRO G 266 -14.10 44.16 9.64
N PRO G 267 -12.93 43.53 9.49
CA PRO G 267 -12.93 42.11 9.15
C PRO G 267 -13.38 41.27 10.33
N CYS G 268 -14.70 41.15 10.50
CA CYS G 268 -15.26 40.58 11.73
C CYS G 268 -14.72 39.18 11.99
N PHE G 269 -14.75 38.31 10.98
CA PHE G 269 -14.31 36.94 11.18
C PHE G 269 -12.82 36.87 11.51
N SER G 270 -12.02 37.74 10.89
CA SER G 270 -10.59 37.76 11.19
C SER G 270 -10.32 38.19 12.62
N ILE G 271 -11.07 39.18 13.11
CA ILE G 271 -10.95 39.60 14.50
C ILE G 271 -11.39 38.45 15.41
N TYR G 272 -12.46 37.75 15.03
CA TYR G 272 -12.93 36.61 15.83
C TYR G 272 -11.89 35.50 15.86
N VAL G 273 -11.35 35.14 14.69
CA VAL G 273 -10.30 34.12 14.63
C VAL G 273 -9.11 34.52 15.48
N MET G 274 -8.71 35.78 15.40
CA MET G 274 -7.54 36.24 16.15
C MET G 274 -7.79 36.19 17.65
N GLY G 275 -9.01 36.50 18.08
CA GLY G 275 -9.32 36.47 19.50
C GLY G 275 -9.17 35.09 20.10
N LEU G 276 -9.51 34.05 19.33
CA LEU G 276 -9.33 32.69 19.82
C LEU G 276 -7.86 32.32 19.90
N VAL G 277 -7.06 32.76 18.93
CA VAL G 277 -5.62 32.50 18.98
C VAL G 277 -5.01 33.18 20.20
N LEU G 278 -5.42 34.41 20.47
CA LEU G 278 -4.95 35.11 21.67
C LEU G 278 -5.32 34.35 22.94
N GLU G 279 -6.56 33.85 23.00
CA GLU G 279 -6.97 33.01 24.12
C GLU G 279 -6.11 31.76 24.23
N TRP G 280 -5.71 31.21 23.08
CA TRP G 280 -4.85 30.03 23.10
C TRP G 280 -3.46 30.38 23.61
N ILE G 281 -2.93 31.54 23.23
CA ILE G 281 -1.62 31.97 23.72
C ILE G 281 -1.67 32.19 25.22
N LYS G 282 -2.76 32.79 25.71
CA LYS G 282 -2.89 33.03 27.15
C LYS G 282 -2.97 31.73 27.93
N ASN G 283 -3.76 30.77 27.43
CA ASN G 283 -3.89 29.48 28.11
C ASN G 283 -2.57 28.72 28.16
N ASN G 284 -1.62 29.05 27.27
CA ASN G 284 -0.34 28.35 27.21
C ASN G 284 0.78 29.13 27.86
N GLY G 285 0.47 30.22 28.56
CA GLY G 285 1.44 30.89 29.41
C GLY G 285 1.81 32.31 29.00
N GLY G 286 1.07 32.88 28.05
CA GLY G 286 1.33 34.25 27.64
C GLY G 286 2.64 34.42 26.87
N ALA G 287 3.08 35.68 26.81
CA ALA G 287 4.26 36.02 26.01
C ALA G 287 5.52 35.37 26.56
N ALA G 288 5.62 35.26 27.89
CA ALA G 288 6.81 34.67 28.49
C ALA G 288 6.97 33.20 28.11
N ALA G 289 5.85 32.48 28.03
CA ALA G 289 5.92 31.08 27.61
C ALA G 289 6.22 30.97 26.12
N MET G 290 5.67 31.90 25.32
CA MET G 290 5.97 31.89 23.89
C MET G 290 7.44 32.16 23.63
N GLU G 291 8.07 32.99 24.46
CA GLU G 291 9.50 33.26 24.30
C GLU G 291 10.33 32.01 24.58
N LYS G 292 9.97 31.26 25.63
CA LYS G 292 10.73 30.04 25.96
C LYS G 292 10.57 28.99 24.88
N LEU G 293 9.34 28.78 24.40
CA LEU G 293 9.11 27.76 23.36
C LEU G 293 9.84 28.13 22.08
N SER G 294 9.91 29.42 21.76
CA SER G 294 10.65 29.86 20.57
C SER G 294 12.14 29.58 20.72
N SER G 295 12.67 29.66 21.95
CA SER G 295 14.07 29.32 22.17
C SER G 295 14.32 27.84 21.95
N ILE G 296 13.45 26.99 22.51
CA ILE G 296 13.61 25.54 22.37
C ILE G 296 13.50 25.15 20.90
N LYS G 297 12.50 25.68 20.21
CA LYS G 297 12.26 25.31 18.82
C LYS G 297 13.42 25.75 17.92
N SER G 298 13.75 27.04 17.95
CA SER G 298 14.79 27.56 17.07
C SER G 298 16.15 26.95 17.39
N GLN G 299 16.47 26.79 18.68
CA GLN G 299 17.76 26.22 19.04
C GLN G 299 17.88 24.77 18.62
N THR G 300 16.75 24.05 18.53
CA THR G 300 16.79 22.67 18.05
C THR G 300 17.31 22.59 16.63
N ILE G 301 16.84 23.50 15.77
CA ILE G 301 17.28 23.49 14.37
C ILE G 301 18.68 24.09 14.24
N TYR G 302 18.96 25.15 15.00
CA TYR G 302 20.27 25.80 14.91
C TYR G 302 21.39 24.88 15.41
N GLU G 303 21.11 24.02 16.39
CA GLU G 303 22.11 23.07 16.84
C GLU G 303 22.49 22.11 15.72
N ILE G 304 21.51 21.66 14.94
CA ILE G 304 21.80 20.76 13.82
C ILE G 304 22.61 21.49 12.74
N ILE G 305 22.25 22.75 12.46
CA ILE G 305 22.96 23.51 11.45
C ILE G 305 24.40 23.77 11.88
N ASP G 306 24.59 24.16 13.15
CA ASP G 306 25.92 24.48 13.64
C ASP G 306 26.83 23.26 13.74
N ASN G 307 26.26 22.05 13.84
CA ASN G 307 27.05 20.82 13.93
C ASN G 307 27.05 20.04 12.62
N SER G 308 26.65 20.65 11.51
CA SER G 308 26.42 19.94 10.27
C SER G 308 27.67 19.79 9.40
N GLN G 309 28.83 20.22 9.88
CA GLN G 309 30.07 20.18 9.11
C GLN G 309 29.92 20.93 7.78
N GLY G 310 29.18 22.04 7.81
CA GLY G 310 28.91 22.80 6.61
C GLY G 310 27.87 22.22 5.69
N PHE G 311 27.27 21.07 6.06
CA PHE G 311 26.20 20.50 5.24
C PHE G 311 24.98 21.40 5.23
N TYR G 312 24.68 22.04 6.37
CA TYR G 312 23.67 23.07 6.46
C TYR G 312 24.36 24.40 6.77
N VAL G 313 23.97 25.46 6.07
CA VAL G 313 24.64 26.75 6.15
C VAL G 313 23.60 27.84 6.38
N CYS G 314 23.68 28.49 7.54
CA CYS G 314 22.83 29.65 7.82
C CYS G 314 23.66 30.91 7.69
N PRO G 315 23.36 31.80 6.74
CA PRO G 315 24.24 32.96 6.52
C PRO G 315 24.12 34.05 7.56
N VAL G 316 23.11 34.01 8.43
CA VAL G 316 22.91 35.07 9.42
C VAL G 316 23.92 34.90 10.55
N GLU G 317 24.48 36.02 11.01
CA GLU G 317 25.38 35.99 12.15
C GLU G 317 24.65 35.44 13.39
N PRO G 318 25.35 34.71 14.26
CA PRO G 318 24.66 34.09 15.41
C PRO G 318 23.93 35.09 16.30
N GLN G 319 24.51 36.27 16.52
CA GLN G 319 23.88 37.24 17.41
C GLN G 319 22.61 37.86 16.82
N ASN G 320 22.35 37.69 15.53
CA ASN G 320 21.17 38.24 14.88
C ASN G 320 20.28 37.15 14.30
N ARG G 321 20.48 35.90 14.70
CA ARG G 321 19.70 34.80 14.14
C ARG G 321 18.25 34.88 14.61
N SER G 322 17.32 34.80 13.65
CA SER G 322 15.90 34.84 13.99
C SER G 322 15.47 33.55 14.67
N LYS G 323 14.54 33.68 15.61
CA LYS G 323 13.92 32.54 16.27
C LYS G 323 12.60 32.14 15.62
N MET G 324 12.13 32.91 14.63
CA MET G 324 10.88 32.65 13.93
C MET G 324 11.08 32.06 12.54
N ASN G 325 12.07 32.55 11.79
CA ASN G 325 12.33 32.06 10.45
C ASN G 325 13.81 31.71 10.34
N ILE G 326 14.11 30.48 9.96
CA ILE G 326 15.48 30.00 9.85
C ILE G 326 15.75 29.62 8.40
N PRO G 327 16.35 30.52 7.63
CA PRO G 327 16.79 30.15 6.28
C PRO G 327 18.17 29.53 6.29
N PHE G 328 18.35 28.50 5.46
CA PHE G 328 19.64 27.84 5.38
C PHE G 328 19.78 27.16 4.02
N ARG G 329 21.02 26.79 3.70
CA ARG G 329 21.38 26.13 2.45
C ARG G 329 21.92 24.74 2.75
N ILE G 330 21.93 23.89 1.73
CA ILE G 330 22.37 22.51 1.85
C ILE G 330 23.54 22.28 0.91
N GLY G 331 24.60 21.65 1.42
CA GLY G 331 25.77 21.37 0.62
C GLY G 331 26.86 22.42 0.77
N ASN G 332 26.53 23.67 0.46
CA ASN G 332 27.49 24.76 0.54
C ASN G 332 26.72 26.05 0.75
N ALA G 333 27.47 27.15 0.95
CA ALA G 333 26.84 28.43 1.23
C ALA G 333 25.99 28.93 0.06
N LYS G 334 26.33 28.52 -1.17
CA LYS G 334 25.56 28.89 -2.33
C LYS G 334 24.46 27.88 -2.65
N GLY G 335 24.46 26.73 -1.98
CA GLY G 335 23.39 25.77 -2.14
C GLY G 335 23.59 24.77 -3.27
N ASP G 336 23.49 23.48 -2.95
CA ASP G 336 23.48 22.42 -3.94
C ASP G 336 22.05 22.24 -4.41
N ASP G 337 21.76 22.68 -5.64
CA ASP G 337 20.39 22.65 -6.15
C ASP G 337 19.83 21.22 -6.15
N ALA G 338 20.64 20.25 -6.56
CA ALA G 338 20.18 18.86 -6.57
C ALA G 338 19.91 18.37 -5.16
N LEU G 339 20.78 18.72 -4.21
CA LEU G 339 20.60 18.26 -2.84
C LEU G 339 19.39 18.93 -2.19
N GLU G 340 19.17 20.20 -2.47
CA GLU G 340 18.06 20.91 -1.85
C GLU G 340 16.72 20.49 -2.44
N LYS G 341 16.68 20.16 -3.73
CA LYS G 341 15.42 19.69 -4.32
C LYS G 341 15.01 18.35 -3.74
N ARG G 342 15.98 17.46 -3.51
CA ARG G 342 15.65 16.16 -2.93
C ARG G 342 15.25 16.31 -1.46
N PHE G 343 15.82 17.28 -0.76
CA PHE G 343 15.39 17.57 0.61
C PHE G 343 13.93 17.96 0.65
N LEU G 344 13.53 18.87 -0.24
CA LEU G 344 12.14 19.34 -0.26
C LEU G 344 11.18 18.26 -0.75
N ASP G 345 11.62 17.41 -1.67
CA ASP G 345 10.75 16.36 -2.18
C ASP G 345 10.39 15.35 -1.10
N LYS G 346 11.40 14.88 -0.35
CA LYS G 346 11.11 13.97 0.75
C LYS G 346 10.42 14.69 1.91
N ALA G 347 10.73 15.97 2.11
CA ALA G 347 9.99 16.75 3.10
C ALA G 347 8.51 16.82 2.73
N LEU G 348 8.21 16.99 1.44
CA LEU G 348 6.83 16.89 0.99
C LEU G 348 6.32 15.46 1.14
N GLU G 349 7.15 14.47 0.81
CA GLU G 349 6.76 13.07 0.97
C GLU G 349 6.42 12.73 2.42
N LEU G 350 7.09 13.39 3.37
CA LEU G 350 6.80 13.20 4.78
C LEU G 350 5.74 14.17 5.30
N ASN G 351 5.05 14.87 4.39
CA ASN G 351 3.94 15.76 4.72
C ASN G 351 4.36 16.96 5.56
N MET G 352 5.58 17.46 5.36
CA MET G 352 6.03 18.71 5.95
C MET G 352 5.99 19.78 4.84
N LEU G 353 5.08 20.73 4.99
CA LEU G 353 4.73 21.64 3.91
C LEU G 353 5.40 23.00 4.07
N SER G 354 5.56 23.68 2.92
CA SER G 354 5.97 25.08 2.86
C SER G 354 7.38 25.30 3.42
N LEU G 355 8.29 24.38 3.10
CA LEU G 355 9.66 24.49 3.57
C LEU G 355 10.59 25.16 2.55
N LYS G 356 10.15 25.32 1.30
CA LYS G 356 10.99 25.97 0.30
C LYS G 356 11.18 27.44 0.64
N GLY G 357 12.42 27.90 0.56
CA GLY G 357 12.72 29.29 0.90
C GLY G 357 12.08 30.27 -0.08
N HIS G 358 12.04 31.52 0.35
CA HIS G 358 11.49 32.58 -0.47
C HIS G 358 12.24 32.68 -1.80
N ARG G 359 11.53 33.13 -2.83
CA ARG G 359 12.10 33.18 -4.18
C ARG G 359 13.37 34.00 -4.23
N SER G 360 13.48 35.04 -3.40
CA SER G 360 14.63 35.94 -3.43
C SER G 360 15.88 35.34 -2.81
N VAL G 361 15.76 34.22 -2.07
CA VAL G 361 16.91 33.61 -1.40
C VAL G 361 17.06 32.17 -1.88
N GLY G 362 15.96 31.52 -2.19
CA GLY G 362 16.02 30.10 -2.51
C GLY G 362 16.32 29.29 -1.26
N GLY G 363 16.87 28.10 -1.48
CA GLY G 363 17.25 27.24 -0.38
C GLY G 363 16.05 26.77 0.43
N ILE G 364 16.29 26.55 1.72
CA ILE G 364 15.28 26.05 2.64
C ILE G 364 14.97 27.13 3.67
N ARG G 365 13.70 27.22 4.07
CA ARG G 365 13.30 28.10 5.16
C ARG G 365 12.31 27.37 6.05
N ALA G 366 12.62 27.32 7.35
CA ALA G 366 11.75 26.72 8.35
C ALA G 366 11.16 27.84 9.19
N SER G 367 9.83 27.96 9.16
CA SER G 367 9.12 28.96 9.95
C SER G 367 8.58 28.30 11.21
N LEU G 368 8.92 28.86 12.37
CA LEU G 368 8.57 28.25 13.64
C LEU G 368 7.73 29.18 14.51
N TYR G 369 6.52 29.50 14.04
CA TYR G 369 5.68 30.44 14.75
C TYR G 369 5.08 29.80 16.00
N ASN G 370 4.20 30.55 16.67
CA ASN G 370 3.68 30.14 17.97
C ASN G 370 2.99 28.79 17.90
N ALA G 371 2.10 28.60 16.92
CA ALA G 371 1.30 27.38 16.84
C ALA G 371 2.14 26.16 16.44
N VAL G 372 3.30 26.37 15.83
CA VAL G 372 4.16 25.25 15.48
C VAL G 372 4.69 24.61 16.75
N THR G 373 4.32 23.36 17.00
CA THR G 373 4.61 22.72 18.27
C THR G 373 6.03 22.18 18.31
N ILE G 374 6.45 21.75 19.50
CA ILE G 374 7.77 21.15 19.66
C ILE G 374 7.83 19.83 18.91
N GLU G 375 6.73 19.06 18.91
CA GLU G 375 6.70 17.81 18.15
C GLU G 375 6.87 18.07 16.66
N ASP G 376 6.32 19.19 16.17
CA ASP G 376 6.53 19.58 14.78
C ASP G 376 8.01 19.82 14.51
N VAL G 377 8.67 20.62 15.35
CA VAL G 377 10.08 20.90 15.17
C VAL G 377 10.91 19.63 15.35
N GLN G 378 10.50 18.74 16.26
CA GLN G 378 11.24 17.51 16.47
C GLN G 378 11.21 16.61 15.24
N LYS G 379 10.09 16.61 14.52
CA LYS G 379 10.02 15.83 13.28
C LYS G 379 11.00 16.37 12.24
N LEU G 380 11.02 17.69 12.06
CA LEU G 380 11.99 18.31 11.14
C LEU G 380 13.41 18.03 11.61
N ALA G 381 13.64 18.04 12.93
CA ALA G 381 14.96 17.79 13.46
C ALA G 381 15.43 16.38 13.15
N ALA G 382 14.55 15.39 13.33
CA ALA G 382 14.89 14.03 12.98
C ALA G 382 15.13 13.89 11.48
N PHE G 383 14.30 14.56 10.69
CA PHE G 383 14.46 14.48 9.22
C PHE G 383 15.77 15.11 8.78
N MET G 384 16.14 16.26 9.35
CA MET G 384 17.38 16.90 8.97
C MET G 384 18.60 16.09 9.39
N LYS G 385 18.52 15.39 10.52
CA LYS G 385 19.60 14.52 10.94
C LYS G 385 19.76 13.33 10.01
N LYS G 386 18.63 12.71 9.62
CA LYS G 386 18.70 11.54 8.75
C LYS G 386 19.06 11.92 7.33
N PHE G 387 18.64 13.10 6.87
CA PHE G 387 19.02 13.54 5.53
C PHE G 387 20.52 13.80 5.45
N LEU G 388 21.10 14.38 6.51
CA LEU G 388 22.54 14.59 6.55
C LEU G 388 23.29 13.27 6.56
N GLU G 389 22.78 12.28 7.28
CA GLU G 389 23.49 11.01 7.42
C GLU G 389 23.56 10.21 6.12
N MET G 390 22.71 10.53 5.14
CA MET G 390 22.66 9.76 3.89
C MET G 390 23.11 10.55 2.68
N HIS G 391 23.57 11.80 2.84
CA HIS G 391 24.07 12.58 1.73
C HIS G 391 25.36 13.33 2.03
N GLN G 392 25.82 13.34 3.28
CA GLN G 392 27.09 13.95 3.64
C GLN G 392 28.21 12.92 3.45
N LEU G 393 29.28 13.35 2.79
CA LEU G 393 30.43 12.48 2.56
C LEU G 393 31.50 12.72 3.62
N GLN H 29 -36.73 28.58 13.25
CA GLN H 29 -35.31 28.84 13.05
C GLN H 29 -34.95 30.29 13.32
N VAL H 30 -34.11 30.85 12.46
CA VAL H 30 -33.65 32.23 12.56
C VAL H 30 -33.72 32.86 11.18
N VAL H 31 -34.28 34.06 11.10
CA VAL H 31 -34.34 34.81 9.85
C VAL H 31 -33.49 36.06 10.04
N ASN H 32 -32.39 36.14 9.31
CA ASN H 32 -31.40 37.21 9.47
C ASN H 32 -31.65 38.25 8.38
N PHE H 33 -32.29 39.36 8.74
CA PHE H 33 -32.47 40.49 7.86
C PHE H 33 -31.34 41.52 8.00
N GLY H 34 -30.12 41.07 8.28
CA GLY H 34 -29.00 41.96 8.49
C GLY H 34 -28.69 42.84 7.31
N PRO H 35 -28.27 44.09 7.57
CA PRO H 35 -28.05 45.05 6.48
C PRO H 35 -26.66 44.95 5.85
N GLY H 36 -25.72 44.29 6.52
CA GLY H 36 -24.36 44.22 6.06
C GLY H 36 -23.37 44.41 7.19
N PRO H 37 -22.72 43.33 7.64
CA PRO H 37 -22.76 41.93 7.17
C PRO H 37 -24.15 41.31 7.21
N ALA H 38 -24.41 40.40 6.28
CA ALA H 38 -25.74 39.83 6.13
C ALA H 38 -25.73 38.31 6.20
N LYS H 39 -26.87 37.70 5.94
CA LYS H 39 -27.02 36.26 5.98
C LYS H 39 -26.42 35.63 4.73
N LEU H 40 -25.71 34.53 4.92
CA LEU H 40 -25.14 33.71 3.87
C LEU H 40 -25.97 32.44 3.69
N PRO H 41 -25.96 31.83 2.50
CA PRO H 41 -26.78 30.63 2.30
C PRO H 41 -26.37 29.52 3.25
N HIS H 42 -27.37 28.78 3.74
CA HIS H 42 -27.07 27.68 4.66
C HIS H 42 -26.23 26.60 3.98
N SER H 43 -26.47 26.37 2.69
CA SER H 43 -25.65 25.43 1.94
C SER H 43 -24.18 25.81 1.99
N VAL H 44 -23.88 27.11 1.88
CA VAL H 44 -22.49 27.56 1.87
C VAL H 44 -21.85 27.37 3.25
N LEU H 45 -22.53 27.84 4.29
CA LEU H 45 -21.99 27.71 5.65
C LEU H 45 -21.78 26.26 6.03
N LEU H 46 -22.57 25.34 5.44
CA LEU H 46 -22.36 23.92 5.70
C LEU H 46 -21.04 23.44 5.08
N GLU H 47 -20.73 23.89 3.86
CA GLU H 47 -19.50 23.45 3.21
C GLU H 47 -18.28 24.05 3.90
N ILE H 48 -18.36 25.33 4.29
CA ILE H 48 -17.24 25.95 5.00
C ILE H 48 -16.94 25.18 6.28
N GLN H 49 -17.99 24.74 6.98
CA GLN H 49 -17.79 24.01 8.23
C GLN H 49 -17.18 22.63 7.97
N LYS H 50 -17.61 21.96 6.89
CA LYS H 50 -17.15 20.61 6.62
C LYS H 50 -15.66 20.59 6.29
N GLU H 51 -15.18 21.58 5.55
CA GLU H 51 -13.80 21.62 5.07
C GLU H 51 -12.89 22.49 5.93
N LEU H 52 -13.37 22.99 7.07
CA LEU H 52 -12.59 24.00 7.80
C LEU H 52 -11.27 23.45 8.30
N LEU H 53 -11.20 22.15 8.63
CA LEU H 53 -9.96 21.58 9.13
C LEU H 53 -9.09 20.99 8.04
N ASP H 54 -9.65 20.67 6.88
CA ASP H 54 -8.94 19.94 5.83
C ASP H 54 -9.59 20.32 4.49
N TYR H 55 -9.13 21.43 3.92
CA TYR H 55 -9.74 21.94 2.70
C TYR H 55 -9.47 20.98 1.54
N LYS H 56 -10.53 20.37 1.02
CA LYS H 56 -10.47 19.58 -0.21
C LYS H 56 -9.37 18.52 -0.17
N GLY H 57 -9.02 18.07 1.04
CA GLY H 57 -8.09 16.97 1.20
C GLY H 57 -6.63 17.35 1.33
N VAL H 58 -6.28 18.63 1.16
CA VAL H 58 -4.88 19.03 1.21
C VAL H 58 -4.29 18.97 2.61
N GLY H 59 -5.12 18.78 3.64
CA GLY H 59 -4.62 18.57 4.99
C GLY H 59 -4.53 19.82 5.85
N ILE H 60 -4.86 21.00 5.33
CA ILE H 60 -4.78 22.24 6.09
C ILE H 60 -6.08 23.00 5.90
N SER H 61 -6.21 24.07 6.67
CA SER H 61 -7.33 24.98 6.58
C SER H 61 -7.04 26.10 5.59
N VAL H 62 -8.10 26.64 5.00
CA VAL H 62 -7.95 27.87 4.22
C VAL H 62 -7.35 28.97 5.09
N LEU H 63 -7.72 28.98 6.37
CA LEU H 63 -7.12 29.93 7.31
C LEU H 63 -5.62 29.72 7.47
N GLU H 64 -5.11 28.53 7.16
CA GLU H 64 -3.68 28.26 7.17
C GLU H 64 -3.06 28.30 5.78
N MET H 65 -3.86 28.44 4.74
CA MET H 65 -3.37 28.26 3.38
C MET H 65 -2.59 29.48 2.91
N SER H 66 -1.44 29.24 2.30
CA SER H 66 -0.62 30.32 1.77
C SER H 66 -1.20 30.82 0.44
N HIS H 67 -1.17 32.15 0.27
CA HIS H 67 -1.67 32.75 -0.97
C HIS H 67 -0.76 32.51 -2.16
N ARG H 68 0.47 32.05 -1.92
CA ARG H 68 1.38 31.70 -2.99
C ARG H 68 1.29 30.24 -3.39
N SER H 69 0.38 29.48 -2.78
CA SER H 69 0.26 28.06 -3.07
C SER H 69 -0.57 27.84 -4.34
N SER H 70 -0.34 26.68 -4.97
CA SER H 70 -1.18 26.27 -6.09
C SER H 70 -2.62 26.09 -5.66
N ASP H 71 -2.84 25.66 -4.41
CA ASP H 71 -4.20 25.45 -3.92
C ASP H 71 -4.99 26.74 -3.88
N PHE H 72 -4.42 27.80 -3.28
CA PHE H 72 -5.13 29.07 -3.24
C PHE H 72 -5.14 29.77 -4.59
N ALA H 73 -4.17 29.47 -5.47
CA ALA H 73 -4.22 30.02 -6.81
C ALA H 73 -5.50 29.61 -7.52
N LYS H 74 -5.95 28.37 -7.31
CA LYS H 74 -7.19 27.91 -7.90
C LYS H 74 -8.39 28.66 -7.32
N ILE H 75 -8.36 28.93 -6.02
CA ILE H 75 -9.52 29.54 -5.36
C ILE H 75 -9.75 30.96 -5.86
N ILE H 76 -8.71 31.80 -5.82
CA ILE H 76 -8.90 33.21 -6.16
C ILE H 76 -9.11 33.39 -7.65
N ASN H 77 -8.48 32.57 -8.49
CA ASN H 77 -8.71 32.64 -9.91
C ASN H 77 -10.11 32.19 -10.28
N ASN H 78 -10.62 31.15 -9.60
CA ASN H 78 -11.99 30.71 -9.85
C ASN H 78 -13.00 31.76 -9.39
N THR H 79 -12.69 32.50 -8.32
CA THR H 79 -13.56 33.60 -7.91
C THR H 79 -13.60 34.67 -8.98
N GLU H 80 -12.46 34.98 -9.61
CA GLU H 80 -12.45 35.97 -10.68
C GLU H 80 -13.27 35.52 -11.86
N ASN H 81 -13.16 34.24 -12.23
CA ASN H 81 -13.95 33.71 -13.35
C ASN H 81 -15.45 33.85 -13.06
N LEU H 82 -15.86 33.59 -11.82
CA LEU H 82 -17.29 33.68 -11.49
C LEU H 82 -17.79 35.11 -11.57
N VAL H 83 -17.01 36.08 -11.09
CA VAL H 83 -17.40 37.48 -11.22
C VAL H 83 -17.55 37.84 -12.70
N ARG H 84 -16.58 37.42 -13.51
CA ARG H 84 -16.65 37.71 -14.94
C ARG H 84 -17.80 36.96 -15.60
N GLU H 85 -18.07 35.73 -15.17
CA GLU H 85 -19.12 34.94 -15.81
C GLU H 85 -20.51 35.44 -15.42
N LEU H 86 -20.76 35.57 -14.11
CA LEU H 86 -22.09 35.92 -13.64
C LEU H 86 -22.51 37.32 -14.07
N LEU H 87 -21.57 38.25 -14.17
CA LEU H 87 -21.86 39.62 -14.60
C LEU H 87 -21.56 39.88 -16.07
N ALA H 88 -20.98 38.91 -16.77
CA ALA H 88 -20.55 39.08 -18.16
C ALA H 88 -19.61 40.28 -18.30
N VAL H 89 -18.51 40.22 -17.57
CA VAL H 89 -17.51 41.30 -17.58
C VAL H 89 -16.70 41.20 -18.86
N PRO H 90 -16.61 42.27 -19.65
CA PRO H 90 -15.78 42.22 -20.86
C PRO H 90 -14.32 42.00 -20.53
N ASP H 91 -13.57 41.57 -21.55
CA ASP H 91 -12.18 41.17 -21.35
C ASP H 91 -11.26 42.36 -21.08
N ASN H 92 -11.67 43.58 -21.44
CA ASN H 92 -10.86 44.76 -21.22
C ASN H 92 -11.06 45.37 -19.82
N TYR H 93 -11.62 44.60 -18.89
CA TYR H 93 -11.80 45.03 -17.51
C TYR H 93 -10.98 44.13 -16.60
N LYS H 94 -10.26 44.73 -15.67
CA LYS H 94 -9.56 43.98 -14.63
C LYS H 94 -10.49 43.76 -13.45
N VAL H 95 -10.42 42.56 -12.87
CA VAL H 95 -11.23 42.20 -11.71
C VAL H 95 -10.27 41.90 -10.56
N ILE H 96 -10.19 42.80 -9.59
CA ILE H 96 -9.26 42.67 -8.49
C ILE H 96 -10.04 42.67 -7.17
N PHE H 97 -9.45 42.02 -6.16
CA PHE H 97 -10.06 41.90 -4.85
C PHE H 97 -9.17 42.61 -3.83
N LEU H 98 -9.69 43.67 -3.23
CA LEU H 98 -8.94 44.53 -2.33
C LEU H 98 -9.53 44.46 -0.92
N GLN H 99 -8.72 44.92 0.04
CA GLN H 99 -9.19 45.13 1.40
C GLN H 99 -9.71 46.55 1.55
N GLY H 100 -10.17 46.88 2.75
CA GLY H 100 -10.59 48.23 3.07
C GLY H 100 -12.08 48.47 3.06
N GLY H 101 -12.87 47.56 2.50
CA GLY H 101 -14.30 47.75 2.46
C GLY H 101 -14.73 48.82 1.47
N GLY H 102 -16.01 49.17 1.56
CA GLY H 102 -16.53 50.22 0.70
C GLY H 102 -15.91 51.58 0.99
N CYS H 103 -15.80 51.92 2.28
CA CYS H 103 -15.17 53.18 2.66
C CYS H 103 -13.72 53.25 2.20
N GLY H 104 -13.07 52.08 2.08
CA GLY H 104 -11.74 52.06 1.49
C GLY H 104 -11.74 52.56 0.05
N GLN H 105 -12.74 52.15 -0.72
CA GLN H 105 -12.85 52.63 -2.10
C GLN H 105 -13.29 54.09 -2.16
N PHE H 106 -13.93 54.61 -1.11
CA PHE H 106 -14.25 56.02 -1.07
C PHE H 106 -12.99 56.88 -1.20
N SER H 107 -11.84 56.32 -0.81
CA SER H 107 -10.55 56.98 -0.98
C SER H 107 -9.75 56.42 -2.15
N ALA H 108 -9.95 55.15 -2.49
CA ALA H 108 -9.15 54.54 -3.55
C ALA H 108 -9.58 55.03 -4.94
N VAL H 109 -10.88 55.28 -5.13
CA VAL H 109 -11.35 55.81 -6.41
C VAL H 109 -10.77 57.20 -6.70
N PRO H 110 -10.79 58.15 -5.74
CA PRO H 110 -10.08 59.42 -6.01
C PRO H 110 -8.59 59.23 -6.24
N LEU H 111 -7.95 58.38 -5.44
CA LEU H 111 -6.51 58.18 -5.57
C LEU H 111 -6.14 57.65 -6.95
N ASN H 112 -6.93 56.73 -7.49
CA ASN H 112 -6.60 56.10 -8.76
C ASN H 112 -7.10 56.88 -9.97
N LEU H 113 -8.05 57.79 -9.79
CA LEU H 113 -8.76 58.35 -10.94
C LEU H 113 -8.90 59.88 -10.94
N ILE H 114 -8.76 60.57 -9.80
CA ILE H 114 -8.99 62.01 -9.83
C ILE H 114 -7.89 62.74 -10.60
N GLY H 115 -6.73 62.12 -10.75
CA GLY H 115 -5.68 62.64 -11.61
C GLY H 115 -5.84 62.30 -13.08
N LEU H 116 -7.00 61.77 -13.47
CA LEU H 116 -7.24 61.44 -14.87
C LEU H 116 -7.15 62.68 -15.75
N LYS H 117 -7.63 63.82 -15.25
CA LYS H 117 -7.52 65.10 -15.93
C LYS H 117 -6.89 66.11 -14.99
N ALA H 118 -6.10 67.03 -15.56
CA ALA H 118 -5.22 67.88 -14.76
C ALA H 118 -5.97 68.73 -13.74
N GLY H 119 -7.26 68.96 -13.94
CA GLY H 119 -8.01 69.82 -13.03
C GLY H 119 -8.24 69.23 -11.65
N ARG H 120 -8.09 67.91 -11.52
CA ARG H 120 -8.41 67.21 -10.27
C ARG H 120 -9.85 67.47 -9.84
N CYS H 121 -10.76 67.35 -10.79
CA CYS H 121 -12.18 67.54 -10.55
C CYS H 121 -12.92 66.21 -10.67
N ALA H 122 -14.04 66.11 -9.95
CA ALA H 122 -14.85 64.90 -9.98
C ALA H 122 -16.28 65.26 -9.61
N ASP H 123 -17.23 64.73 -10.37
CA ASP H 123 -18.64 64.97 -10.16
C ASP H 123 -19.25 63.82 -9.37
N TYR H 124 -20.05 64.15 -8.35
CA TYR H 124 -20.66 63.16 -7.49
C TYR H 124 -22.16 63.40 -7.42
N VAL H 125 -22.93 62.32 -7.44
CA VAL H 125 -24.38 62.36 -7.31
C VAL H 125 -24.73 61.82 -5.93
N VAL H 126 -25.10 62.71 -5.01
CA VAL H 126 -25.41 62.32 -3.65
C VAL H 126 -26.90 61.95 -3.59
N THR H 127 -27.17 60.67 -3.37
CA THR H 127 -28.53 60.18 -3.30
C THR H 127 -28.84 59.52 -1.96
N GLY H 128 -27.91 59.52 -1.03
CA GLY H 128 -28.15 58.97 0.29
C GLY H 128 -26.93 59.15 1.16
N ALA H 129 -26.93 58.45 2.29
CA ALA H 129 -25.88 58.63 3.29
C ALA H 129 -24.51 58.20 2.74
N TRP H 130 -24.48 57.14 1.93
CA TRP H 130 -23.20 56.61 1.46
C TRP H 130 -22.63 57.41 0.30
N SER H 131 -23.49 57.94 -0.57
CA SER H 131 -23.02 58.86 -1.59
C SER H 131 -22.47 60.13 -0.95
N ALA H 132 -23.16 60.63 0.08
CA ALA H 132 -22.68 61.82 0.78
C ALA H 132 -21.35 61.56 1.48
N LYS H 133 -21.21 60.39 2.11
CA LYS H 133 -19.96 60.05 2.77
C LYS H 133 -18.82 59.91 1.77
N ALA H 134 -19.12 59.43 0.57
CA ALA H 134 -18.08 59.24 -0.44
C ALA H 134 -17.61 60.58 -1.01
N ALA H 135 -18.55 61.50 -1.23
CA ALA H 135 -18.18 62.82 -1.76
C ALA H 135 -17.34 63.60 -0.76
N GLU H 136 -17.71 63.56 0.51
CA GLU H 136 -16.94 64.26 1.53
C GLU H 136 -15.53 63.67 1.67
N GLU H 137 -15.43 62.34 1.66
CA GLU H 137 -14.12 61.70 1.70
C GLU H 137 -13.29 62.08 0.47
N ALA H 138 -13.95 62.17 -0.69
CA ALA H 138 -13.24 62.49 -1.93
C ALA H 138 -12.69 63.91 -1.93
N LYS H 139 -13.25 64.81 -1.11
CA LYS H 139 -12.78 66.19 -1.09
C LYS H 139 -11.37 66.33 -0.54
N LYS H 140 -10.82 65.28 0.06
CA LYS H 140 -9.44 65.31 0.54
C LYS H 140 -8.44 65.00 -0.56
N PHE H 141 -8.90 64.61 -1.75
CA PHE H 141 -8.01 64.25 -2.84
C PHE H 141 -8.20 65.10 -4.09
N GLY H 142 -9.11 66.07 -4.05
CA GLY H 142 -9.34 66.94 -5.19
C GLY H 142 -10.52 67.85 -4.94
N THR H 143 -10.92 68.55 -6.00
CA THR H 143 -12.07 69.45 -5.93
C THR H 143 -13.32 68.68 -6.32
N ILE H 144 -14.24 68.54 -5.37
CA ILE H 144 -15.45 67.74 -5.55
C ILE H 144 -16.64 68.66 -5.67
N ASN H 145 -17.39 68.52 -6.76
CA ASN H 145 -18.63 69.25 -6.96
C ASN H 145 -19.78 68.25 -6.99
N ILE H 146 -20.72 68.41 -6.07
CA ILE H 146 -21.93 67.62 -6.08
C ILE H 146 -22.85 68.15 -7.17
N VAL H 147 -23.38 67.24 -7.98
CA VAL H 147 -23.94 67.62 -9.28
C VAL H 147 -25.24 68.40 -9.11
N HIS H 148 -26.21 67.82 -8.44
CA HIS H 148 -27.53 68.40 -8.31
C HIS H 148 -27.64 69.17 -7.00
N PRO H 149 -28.69 69.98 -6.83
CA PRO H 149 -28.87 70.67 -5.53
C PRO H 149 -29.24 69.68 -4.44
N LYS H 150 -28.95 70.11 -3.20
CA LYS H 150 -29.18 69.27 -2.04
C LYS H 150 -30.68 69.11 -1.80
N LEU H 151 -31.16 67.86 -1.88
CA LEU H 151 -32.55 67.58 -1.56
C LEU H 151 -32.78 67.67 -0.07
N GLY H 152 -34.00 68.07 0.31
CA GLY H 152 -34.35 68.11 1.71
C GLY H 152 -34.39 66.74 2.36
N SER H 153 -34.74 65.72 1.58
CA SER H 153 -34.82 64.35 2.08
C SER H 153 -34.26 63.40 1.03
N TYR H 154 -33.73 62.27 1.49
CA TYR H 154 -33.19 61.24 0.61
C TYR H 154 -34.29 60.29 0.17
N THR H 155 -35.25 60.83 -0.58
CA THR H 155 -36.42 60.05 -0.99
C THR H 155 -36.54 59.84 -2.49
N LYS H 156 -35.66 60.41 -3.31
CA LYS H 156 -35.78 60.23 -4.74
C LYS H 156 -34.43 60.47 -5.41
N ILE H 157 -34.34 60.01 -6.66
CA ILE H 157 -33.18 60.23 -7.50
C ILE H 157 -33.40 61.52 -8.28
N PRO H 158 -32.56 62.53 -8.14
CA PRO H 158 -32.68 63.72 -8.98
C PRO H 158 -32.63 63.37 -10.46
N ASP H 159 -33.52 64.00 -11.22
CA ASP H 159 -33.61 63.72 -12.66
C ASP H 159 -32.26 64.00 -13.32
N PRO H 160 -31.69 63.05 -14.07
CA PRO H 160 -30.40 63.30 -14.73
C PRO H 160 -30.36 64.54 -15.62
N SER H 161 -31.53 65.05 -16.03
CA SER H 161 -31.54 66.26 -16.84
C SER H 161 -31.13 67.49 -16.04
N THR H 162 -31.43 67.51 -14.74
CA THR H 162 -31.02 68.59 -13.85
C THR H 162 -29.55 68.49 -13.46
N TRP H 163 -28.81 67.55 -14.02
CA TRP H 163 -27.44 67.29 -13.61
C TRP H 163 -26.47 68.25 -14.29
N ASN H 164 -25.71 68.98 -13.49
CA ASN H 164 -24.69 69.91 -13.98
C ASN H 164 -23.35 69.20 -13.97
N LEU H 165 -22.90 68.75 -15.13
CA LEU H 165 -21.68 67.95 -15.26
C LEU H 165 -20.52 68.79 -15.77
N ASN H 166 -19.37 68.62 -15.15
CA ASN H 166 -18.13 69.25 -15.60
C ASN H 166 -17.55 68.45 -16.74
N PRO H 167 -17.40 69.02 -17.95
CA PRO H 167 -16.85 68.24 -19.07
C PRO H 167 -15.41 67.83 -18.86
N ASP H 168 -14.63 68.61 -18.10
CA ASP H 168 -13.25 68.27 -17.79
C ASP H 168 -13.11 67.52 -16.47
N ALA H 169 -14.22 67.11 -15.86
CA ALA H 169 -14.14 66.33 -14.64
C ALA H 169 -13.55 64.95 -14.93
N SER H 170 -12.77 64.43 -14.00
CA SER H 170 -12.12 63.14 -14.21
C SER H 170 -13.14 62.00 -14.24
N TYR H 171 -14.11 62.00 -13.33
CA TYR H 171 -15.10 60.94 -13.33
C TYR H 171 -16.39 61.44 -12.70
N VAL H 172 -17.45 60.65 -12.86
CA VAL H 172 -18.73 60.87 -12.21
C VAL H 172 -19.03 59.66 -11.34
N TYR H 173 -19.33 59.91 -10.07
CA TYR H 173 -19.55 58.86 -9.08
C TYR H 173 -21.00 58.88 -8.62
N TYR H 174 -21.59 57.70 -8.47
CA TYR H 174 -22.93 57.57 -7.92
C TYR H 174 -23.05 56.21 -7.24
N CYS H 175 -24.01 56.11 -6.32
CA CYS H 175 -24.25 54.88 -5.58
C CYS H 175 -25.55 54.26 -6.07
N ALA H 176 -25.45 53.04 -6.59
CA ALA H 176 -26.61 52.39 -7.21
C ALA H 176 -27.71 52.09 -6.20
N ASN H 177 -27.36 51.84 -4.94
CA ASN H 177 -28.35 51.45 -3.94
C ASN H 177 -27.91 51.97 -2.59
N GLU H 178 -28.76 52.79 -1.95
CA GLU H 178 -28.47 53.41 -0.67
C GLU H 178 -29.10 52.58 0.46
N THR H 179 -28.26 51.92 1.25
CA THR H 179 -28.74 50.97 2.25
C THR H 179 -29.65 51.63 3.27
N VAL H 180 -29.30 52.85 3.69
CA VAL H 180 -30.02 53.48 4.79
C VAL H 180 -31.37 54.00 4.35
N HIS H 181 -31.48 54.50 3.12
CA HIS H 181 -32.67 55.21 2.69
C HIS H 181 -33.50 54.46 1.64
N GLY H 182 -32.96 53.39 1.06
CA GLY H 182 -33.76 52.55 0.18
C GLY H 182 -34.08 53.16 -1.17
N VAL H 183 -33.19 54.00 -1.70
CA VAL H 183 -33.34 54.53 -3.05
C VAL H 183 -32.34 53.81 -3.95
N GLU H 184 -32.81 53.33 -5.09
CA GLU H 184 -31.99 52.51 -5.98
C GLU H 184 -32.16 52.98 -7.42
N PHE H 185 -31.03 53.04 -8.13
CA PHE H 185 -31.07 53.27 -9.58
C PHE H 185 -31.56 52.01 -10.27
N ASP H 186 -32.68 52.10 -10.96
CA ASP H 186 -33.14 51.03 -11.85
C ASP H 186 -32.72 51.29 -13.29
N PHE H 187 -31.64 52.05 -13.47
CA PHE H 187 -31.13 52.41 -14.79
C PHE H 187 -29.68 52.81 -14.63
N ILE H 188 -28.96 52.81 -15.74
CA ILE H 188 -27.58 53.29 -15.79
C ILE H 188 -27.61 54.73 -16.28
N PRO H 189 -27.16 55.70 -15.50
CA PRO H 189 -27.32 57.10 -15.88
C PRO H 189 -26.45 57.49 -17.06
N ASP H 190 -26.98 58.37 -17.90
CA ASP H 190 -26.24 58.92 -19.02
C ASP H 190 -25.39 60.09 -18.52
N VAL H 191 -24.09 59.89 -18.50
CA VAL H 191 -23.14 60.94 -18.13
C VAL H 191 -22.47 61.53 -19.36
N LYS H 192 -23.13 61.42 -20.52
CA LYS H 192 -22.68 62.01 -21.77
C LYS H 192 -21.30 61.50 -22.19
N GLY H 193 -20.95 60.30 -21.76
CA GLY H 193 -19.71 59.66 -22.18
C GLY H 193 -18.55 59.76 -21.22
N ALA H 194 -18.76 60.32 -20.03
CA ALA H 194 -17.69 60.37 -19.05
C ALA H 194 -17.45 58.99 -18.45
N VAL H 195 -16.28 58.81 -17.84
CA VAL H 195 -15.99 57.55 -17.18
C VAL H 195 -16.84 57.46 -15.92
N LEU H 196 -17.50 56.32 -15.73
CA LEU H 196 -18.53 56.18 -14.71
C LEU H 196 -18.03 55.28 -13.59
N VAL H 197 -18.12 55.77 -12.36
CA VAL H 197 -17.76 55.01 -11.16
C VAL H 197 -19.05 54.79 -10.37
N CYS H 198 -19.25 53.56 -9.91
CA CYS H 198 -20.50 53.22 -9.25
C CYS H 198 -20.24 52.39 -8.00
N ASP H 199 -20.89 52.77 -6.89
CA ASP H 199 -20.87 52.00 -5.65
C ASP H 199 -22.07 51.06 -5.67
N MET H 200 -21.81 49.77 -5.86
CA MET H 200 -22.84 48.75 -5.91
C MET H 200 -22.81 47.81 -4.71
N SER H 201 -22.31 48.30 -3.57
CA SER H 201 -22.05 47.42 -2.43
C SER H 201 -23.30 46.64 -2.01
N SER H 202 -24.46 47.26 -2.10
CA SER H 202 -25.68 46.69 -1.54
C SER H 202 -26.57 46.01 -2.57
N ASN H 203 -26.33 46.18 -3.87
CA ASN H 203 -27.08 45.44 -4.88
C ASN H 203 -26.15 44.75 -5.87
N PHE H 204 -24.88 44.58 -5.51
CA PHE H 204 -23.96 43.86 -6.38
C PHE H 204 -24.45 42.44 -6.61
N LEU H 205 -24.58 42.08 -7.89
CA LEU H 205 -25.08 40.77 -8.29
C LEU H 205 -26.48 40.49 -7.76
N SER H 206 -27.29 41.54 -7.64
CA SER H 206 -28.72 41.37 -7.45
C SER H 206 -29.48 41.43 -8.76
N LYS H 207 -28.80 41.79 -9.85
CA LYS H 207 -29.39 41.91 -11.17
C LYS H 207 -28.27 41.98 -12.19
N PRO H 208 -28.54 41.64 -13.45
CA PRO H 208 -27.51 41.79 -14.49
C PRO H 208 -27.10 43.24 -14.65
N VAL H 209 -25.84 43.43 -15.06
CA VAL H 209 -25.27 44.76 -15.25
C VAL H 209 -24.52 44.78 -16.57
N ASP H 210 -24.75 45.82 -17.37
CA ASP H 210 -23.98 46.06 -18.59
C ASP H 210 -22.66 46.69 -18.17
N VAL H 211 -21.67 45.84 -17.92
CA VAL H 211 -20.41 46.30 -17.36
C VAL H 211 -19.70 47.27 -18.31
N SER H 212 -19.87 47.09 -19.62
CA SER H 212 -19.12 47.86 -20.60
C SER H 212 -19.33 49.36 -20.47
N LYS H 213 -20.42 49.79 -19.83
CA LYS H 213 -20.76 51.20 -19.73
C LYS H 213 -20.18 51.86 -18.47
N PHE H 214 -19.34 51.15 -17.73
CA PHE H 214 -18.77 51.65 -16.48
C PHE H 214 -17.26 51.79 -16.60
N GLY H 215 -16.73 52.74 -15.85
CA GLY H 215 -15.29 52.89 -15.71
C GLY H 215 -14.75 52.07 -14.56
N VAL H 216 -15.37 52.18 -13.39
CA VAL H 216 -14.98 51.44 -12.20
C VAL H 216 -16.22 51.05 -11.42
N ILE H 217 -16.33 49.76 -11.07
CA ILE H 217 -17.38 49.25 -10.19
C ILE H 217 -16.70 48.64 -8.98
N PHE H 218 -17.17 49.00 -7.79
CA PHE H 218 -16.69 48.37 -6.56
C PHE H 218 -17.88 47.99 -5.69
N ALA H 219 -17.64 47.04 -4.80
CA ALA H 219 -18.68 46.55 -3.92
C ALA H 219 -18.03 45.82 -2.77
N GLY H 220 -18.49 46.08 -1.55
CA GLY H 220 -18.11 45.26 -0.42
C GLY H 220 -18.81 43.91 -0.48
N ALA H 221 -18.09 42.87 -0.08
CA ALA H 221 -18.63 41.53 -0.19
C ALA H 221 -19.76 41.28 0.80
N GLN H 222 -19.68 41.88 1.99
CA GLN H 222 -20.60 41.58 3.11
C GLN H 222 -22.09 41.74 2.80
N ASN H 224 -23.96 41.21 -0.14
CA ASN H 224 -24.73 40.35 -1.06
C ASN H 224 -23.89 39.24 -1.69
N VAL H 225 -22.58 39.23 -1.46
CA VAL H 225 -21.72 38.27 -2.16
C VAL H 225 -20.88 37.44 -1.19
N GLY H 226 -20.93 37.74 0.10
CA GLY H 226 -20.13 36.96 1.03
C GLY H 226 -19.96 37.63 2.37
N SER H 227 -18.79 37.48 3.00
CA SER H 227 -18.55 38.08 4.30
C SER H 227 -17.49 39.16 4.22
N ALA H 228 -17.47 40.03 5.25
CA ALA H 228 -16.63 41.23 5.29
C ALA H 228 -15.15 40.88 5.29
N GLY H 229 -14.33 41.79 4.72
CA GLY H 229 -12.90 41.58 4.69
C GLY H 229 -12.30 41.78 3.31
N VAL H 230 -13.11 41.60 2.26
CA VAL H 230 -12.65 41.73 0.88
C VAL H 230 -13.63 42.61 0.12
N THR H 231 -13.13 43.45 -0.79
CA THR H 231 -13.95 44.28 -1.64
C THR H 231 -13.61 43.96 -3.09
N VAL H 232 -14.63 43.79 -3.94
CA VAL H 232 -14.43 43.53 -5.37
C VAL H 232 -14.28 44.88 -6.06
N VAL H 233 -13.38 44.97 -7.04
CA VAL H 233 -13.26 46.19 -7.85
C VAL H 233 -13.11 45.79 -9.31
N ILE H 234 -13.96 46.32 -10.17
CA ILE H 234 -13.92 46.07 -11.61
C ILE H 234 -13.47 47.37 -12.27
N VAL H 235 -12.38 47.35 -13.05
CA VAL H 235 -11.85 48.57 -13.65
C VAL H 235 -11.44 48.29 -15.10
N ARG H 236 -11.81 49.21 -16.01
CA ARG H 236 -11.39 49.13 -17.42
C ARG H 236 -9.88 49.34 -17.51
N ASP H 237 -9.20 48.48 -18.27
CA ASP H 237 -7.73 48.41 -18.22
C ASP H 237 -7.03 49.70 -18.66
N ASP H 238 -7.72 50.61 -19.37
CA ASP H 238 -7.17 51.91 -19.76
C ASP H 238 -7.26 52.97 -18.67
N LEU H 239 -7.53 52.62 -17.42
CA LEU H 239 -7.66 53.61 -16.36
C LEU H 239 -6.63 53.42 -15.27
N LEU H 240 -5.71 52.49 -15.43
CA LEU H 240 -4.62 52.28 -14.49
C LEU H 240 -3.45 53.11 -14.99
N GLY H 241 -2.68 53.67 -14.07
CA GLY H 241 -1.59 54.54 -14.45
C GLY H 241 -1.85 56.01 -14.19
N PHE H 242 -3.10 56.37 -13.88
CA PHE H 242 -3.48 57.73 -13.52
C PHE H 242 -3.54 57.91 -12.01
N ALA H 243 -2.93 56.99 -11.27
CA ALA H 243 -2.95 56.98 -9.82
C ALA H 243 -1.98 58.02 -9.27
N LEU H 244 -2.33 58.63 -8.13
CA LEU H 244 -1.46 59.64 -7.54
C LEU H 244 -0.35 58.97 -6.73
N ARG H 245 0.62 59.78 -6.29
CA ARG H 245 1.77 59.31 -5.50
C ARG H 245 1.43 59.02 -4.06
N GLU H 246 0.28 59.48 -3.58
CA GLU H 246 -0.12 59.23 -2.21
C GLU H 246 -0.95 57.97 -2.07
N CYS H 247 -1.39 57.38 -3.17
CA CYS H 247 -2.14 56.15 -3.16
C CYS H 247 -1.30 55.04 -2.58
N PRO H 248 -1.73 54.38 -1.50
CA PRO H 248 -0.97 53.25 -0.97
C PRO H 248 -0.93 52.13 -1.98
N SER H 249 0.22 51.43 -2.05
CA SER H 249 0.37 50.42 -3.09
C SER H 249 -0.65 49.28 -2.98
N VAL H 250 -1.13 48.98 -1.76
CA VAL H 250 -2.15 47.94 -1.56
C VAL H 250 -3.52 48.34 -2.10
N LEU H 251 -3.75 49.64 -2.32
CA LEU H 251 -4.98 50.16 -2.88
C LEU H 251 -4.85 50.67 -4.32
N GLU H 252 -3.70 50.52 -4.97
CA GLU H 252 -3.53 51.01 -6.34
C GLU H 252 -3.94 49.94 -7.34
N TYR H 253 -4.88 50.25 -8.22
CA TYR H 253 -5.38 49.22 -9.14
C TYR H 253 -4.29 48.74 -10.09
N LYS H 254 -3.38 49.62 -10.52
CA LYS H 254 -2.36 49.17 -11.46
C LYS H 254 -1.39 48.18 -10.81
N VAL H 255 -1.10 48.35 -9.52
CA VAL H 255 -0.26 47.39 -8.78
C VAL H 255 -0.98 46.07 -8.65
N GLN H 256 -2.18 46.10 -8.06
CA GLN H 256 -2.95 44.89 -7.79
C GLN H 256 -3.30 44.13 -9.05
N ALA H 257 -3.65 44.84 -10.14
CA ALA H 257 -3.99 44.13 -11.36
C ALA H 257 -2.79 43.42 -11.97
N GLY H 258 -1.60 44.00 -11.82
CA GLY H 258 -0.40 43.38 -12.32
C GLY H 258 0.11 42.22 -11.49
N ASN H 259 -0.34 42.14 -10.24
CA ASN H 259 0.01 41.06 -9.33
C ASN H 259 -1.14 40.09 -9.12
N SER H 260 -2.22 40.24 -9.91
CA SER H 260 -3.41 39.39 -9.82
C SER H 260 -4.01 39.38 -8.42
N SER H 261 -4.05 40.58 -7.80
CA SER H 261 -4.51 40.85 -6.44
C SER H 261 -3.68 40.14 -5.38
N LEU H 262 -2.42 39.86 -5.68
CA LEU H 262 -1.55 39.16 -4.75
C LEU H 262 -0.32 39.98 -4.42
N TYR H 263 -0.43 41.30 -4.57
CA TYR H 263 0.67 42.20 -4.23
C TYR H 263 1.14 41.94 -2.81
N ASN H 264 0.22 41.95 -1.85
CA ASN H 264 0.49 41.55 -0.47
C ASN H 264 -0.38 40.35 -0.14
N THR H 265 -0.34 39.90 1.11
CA THR H 265 -1.21 38.78 1.51
C THR H 265 -2.65 39.26 1.44
N PRO H 266 -3.51 38.64 0.64
CA PRO H 266 -4.92 39.04 0.55
C PRO H 266 -5.73 38.37 1.63
N PRO H 267 -7.01 38.74 1.80
CA PRO H 267 -7.89 38.08 2.78
C PRO H 267 -8.37 36.74 2.24
N CYS H 268 -7.51 35.73 2.38
CA CYS H 268 -7.75 34.43 1.75
C CYS H 268 -9.09 33.81 2.12
N PHE H 269 -9.49 33.88 3.40
CA PHE H 269 -10.78 33.28 3.79
C PHE H 269 -11.96 34.03 3.18
N SER H 270 -11.93 35.37 3.17
CA SER H 270 -13.03 36.11 2.56
C SER H 270 -13.19 35.77 1.08
N ILE H 271 -12.07 35.62 0.35
CA ILE H 271 -12.17 35.27 -1.05
C ILE H 271 -12.63 33.83 -1.22
N TYR H 272 -12.24 32.95 -0.28
CA TYR H 272 -12.77 31.59 -0.28
C TYR H 272 -14.27 31.58 -0.09
N VAL H 273 -14.76 32.35 0.90
CA VAL H 273 -16.19 32.47 1.15
C VAL H 273 -16.92 33.07 -0.04
N MET H 274 -16.37 34.15 -0.61
CA MET H 274 -17.03 34.81 -1.72
C MET H 274 -17.26 33.85 -2.88
N GLY H 275 -16.23 33.04 -3.19
CA GLY H 275 -16.34 32.07 -4.26
C GLY H 275 -17.41 31.03 -4.04
N LEU H 276 -17.65 30.65 -2.78
CA LEU H 276 -18.73 29.71 -2.48
C LEU H 276 -20.09 30.35 -2.71
N VAL H 277 -20.27 31.59 -2.24
CA VAL H 277 -21.51 32.33 -2.47
C VAL H 277 -21.73 32.54 -3.95
N LEU H 278 -20.65 32.87 -4.69
CA LEU H 278 -20.76 33.06 -6.13
C LEU H 278 -21.19 31.77 -6.82
N GLU H 279 -20.63 30.64 -6.41
CA GLU H 279 -21.06 29.38 -6.97
C GLU H 279 -22.51 29.12 -6.62
N TRP H 280 -22.91 29.43 -5.38
CA TRP H 280 -24.31 29.30 -4.98
C TRP H 280 -25.20 30.15 -5.89
N ILE H 281 -24.80 31.42 -6.13
CA ILE H 281 -25.55 32.30 -7.02
C ILE H 281 -25.65 31.71 -8.42
N LYS H 282 -24.56 31.11 -8.90
CA LYS H 282 -24.55 30.53 -10.24
C LYS H 282 -25.41 29.27 -10.32
N ASN H 283 -25.44 28.44 -9.26
CA ASN H 283 -26.31 27.26 -9.28
C ASN H 283 -27.77 27.62 -9.13
N ASN H 284 -28.07 28.79 -8.58
CA ASN H 284 -29.44 29.23 -8.39
C ASN H 284 -29.96 30.09 -9.52
N GLY H 285 -29.27 30.11 -10.67
CA GLY H 285 -29.76 30.80 -11.85
C GLY H 285 -29.11 32.11 -12.21
N GLY H 286 -27.95 32.43 -11.61
CA GLY H 286 -27.18 33.63 -11.97
C GLY H 286 -27.87 34.94 -11.64
N ALA H 287 -27.38 36.02 -12.28
CA ALA H 287 -27.91 37.36 -12.04
C ALA H 287 -29.32 37.55 -12.58
N ALA H 288 -29.77 36.72 -13.53
CA ALA H 288 -31.14 36.83 -14.01
C ALA H 288 -32.12 36.38 -12.94
N ALA H 289 -31.82 35.23 -12.32
CA ALA H 289 -32.66 34.71 -11.25
C ALA H 289 -32.64 35.64 -10.05
N MET H 290 -31.47 36.20 -9.73
CA MET H 290 -31.38 37.11 -8.59
C MET H 290 -32.23 38.35 -8.77
N GLU H 291 -32.38 38.82 -10.00
CA GLU H 291 -33.19 40.01 -10.23
C GLU H 291 -34.67 39.69 -10.16
N LYS H 292 -35.04 38.45 -10.51
CA LYS H 292 -36.42 38.02 -10.45
C LYS H 292 -36.83 37.68 -9.03
N LEU H 293 -35.89 37.15 -8.24
CA LEU H 293 -36.16 36.79 -6.86
C LEU H 293 -36.32 38.03 -5.98
N SER H 294 -35.54 39.08 -6.26
CA SER H 294 -35.67 40.31 -5.48
C SER H 294 -36.87 41.14 -5.91
N SER H 295 -37.39 40.87 -7.10
CA SER H 295 -38.67 41.45 -7.48
C SER H 295 -39.77 40.91 -6.58
N ILE H 296 -39.86 39.57 -6.50
CA ILE H 296 -40.82 38.89 -5.64
C ILE H 296 -40.74 39.40 -4.22
N LYS H 297 -39.53 39.40 -3.66
CA LYS H 297 -39.37 39.77 -2.26
C LYS H 297 -39.81 41.21 -2.01
N SER H 298 -39.36 42.15 -2.84
CA SER H 298 -39.74 43.55 -2.58
C SER H 298 -41.18 43.83 -2.97
N GLN H 299 -41.69 43.23 -4.06
CA GLN H 299 -43.10 43.40 -4.37
C GLN H 299 -43.96 42.99 -3.19
N THR H 300 -43.70 41.80 -2.66
CA THR H 300 -44.44 41.26 -1.53
C THR H 300 -44.49 42.23 -0.35
N ILE H 301 -43.37 42.86 -0.01
CA ILE H 301 -43.34 43.74 1.15
C ILE H 301 -43.90 45.13 0.82
N TYR H 302 -43.56 45.67 -0.36
CA TYR H 302 -44.01 47.02 -0.73
C TYR H 302 -45.52 47.07 -0.94
N GLU H 303 -46.12 45.97 -1.41
CA GLU H 303 -47.58 45.89 -1.56
C GLU H 303 -48.28 45.94 -0.21
N ILE H 304 -47.66 45.35 0.81
CA ILE H 304 -48.23 45.40 2.15
C ILE H 304 -48.26 46.84 2.64
N ILE H 305 -47.19 47.58 2.38
CA ILE H 305 -47.10 48.98 2.78
C ILE H 305 -48.06 49.83 1.98
N ASP H 306 -48.30 49.48 0.71
CA ASP H 306 -49.17 50.25 -0.16
C ASP H 306 -50.65 50.01 0.12
N ASN H 307 -51.00 48.91 0.78
CA ASN H 307 -52.38 48.66 1.18
C ASN H 307 -52.56 48.86 2.69
N SER H 308 -51.65 49.54 3.36
CA SER H 308 -51.73 49.63 4.80
C SER H 308 -52.49 50.86 5.28
N GLN H 309 -52.98 51.70 4.36
CA GLN H 309 -53.75 52.89 4.69
C GLN H 309 -53.09 53.75 5.76
N GLY H 310 -51.79 53.98 5.59
CA GLY H 310 -51.03 54.80 6.52
C GLY H 310 -50.41 54.03 7.67
N PHE H 311 -50.80 52.78 7.89
CA PHE H 311 -50.19 52.02 8.98
C PHE H 311 -48.69 51.88 8.76
N TYR H 312 -48.27 51.55 7.55
CA TYR H 312 -46.85 51.52 7.22
C TYR H 312 -46.55 52.67 6.25
N VAL H 313 -45.35 53.26 6.34
CA VAL H 313 -45.06 54.46 5.55
C VAL H 313 -43.64 54.39 4.99
N CYS H 314 -43.52 54.36 3.67
CA CYS H 314 -42.23 54.41 2.97
C CYS H 314 -42.11 55.74 2.25
N PRO H 315 -41.18 56.60 2.66
CA PRO H 315 -41.08 57.94 2.06
C PRO H 315 -40.32 58.02 0.75
N VAL H 316 -40.08 56.92 0.05
CA VAL H 316 -39.28 56.91 -1.17
C VAL H 316 -40.24 56.70 -2.33
N GLU H 317 -40.21 57.61 -3.31
CA GLU H 317 -41.11 57.54 -4.44
C GLU H 317 -40.94 56.20 -5.17
N PRO H 318 -42.03 55.52 -5.52
CA PRO H 318 -41.97 54.18 -6.14
C PRO H 318 -40.90 53.94 -7.21
N GLN H 319 -40.68 54.91 -8.10
CA GLN H 319 -39.76 54.73 -9.22
C GLN H 319 -38.29 54.69 -8.79
N ASN H 320 -37.99 55.06 -7.53
CA ASN H 320 -36.64 54.98 -6.98
C ASN H 320 -36.56 54.00 -5.82
N ARG H 321 -37.55 53.12 -5.68
CA ARG H 321 -37.67 52.19 -4.56
C ARG H 321 -36.66 51.06 -4.65
N SER H 322 -35.85 50.88 -3.60
CA SER H 322 -34.85 49.82 -3.58
C SER H 322 -35.50 48.45 -3.46
N LYS H 323 -34.89 47.45 -4.10
CA LYS H 323 -35.35 46.07 -3.97
C LYS H 323 -34.50 45.28 -3.00
N MET H 324 -33.61 45.97 -2.29
CA MET H 324 -32.72 45.34 -1.33
C MET H 324 -32.99 45.82 0.08
N ASN H 325 -32.99 47.13 0.31
CA ASN H 325 -33.25 47.74 1.61
C ASN H 325 -34.60 48.45 1.57
N ILE H 326 -35.57 47.98 2.36
CA ILE H 326 -36.88 48.63 2.39
C ILE H 326 -37.09 49.28 3.76
N PRO H 327 -36.72 50.54 3.95
CA PRO H 327 -36.99 51.21 5.22
C PRO H 327 -38.43 51.70 5.23
N PHE H 328 -39.08 51.68 6.39
CA PHE H 328 -40.47 52.18 6.47
C PHE H 328 -40.77 52.60 7.90
N ARG H 329 -41.97 53.18 8.10
CA ARG H 329 -42.37 53.66 9.42
C ARG H 329 -43.69 53.03 9.81
N ILE H 330 -44.00 53.01 11.11
CA ILE H 330 -45.23 52.38 11.62
C ILE H 330 -46.07 53.43 12.31
N GLY H 331 -47.39 53.37 12.10
CA GLY H 331 -48.30 54.29 12.75
C GLY H 331 -48.53 55.55 11.96
N ASN H 332 -47.48 56.34 11.76
CA ASN H 332 -47.60 57.55 10.97
C ASN H 332 -46.28 57.81 10.27
N ALA H 333 -46.30 58.75 9.32
CA ALA H 333 -45.14 59.07 8.50
C ALA H 333 -43.92 59.47 9.34
N LYS H 334 -44.14 60.18 10.47
CA LYS H 334 -43.01 60.49 11.33
C LYS H 334 -42.63 59.32 12.22
N GLY H 335 -43.51 58.33 12.34
CA GLY H 335 -43.21 57.09 13.06
C GLY H 335 -43.71 57.09 14.50
N ASP H 336 -44.47 56.05 14.87
CA ASP H 336 -44.97 55.91 16.24
C ASP H 336 -43.98 55.05 17.03
N ASP H 337 -43.28 55.68 18.00
CA ASP H 337 -42.27 54.99 18.78
C ASP H 337 -42.84 53.81 19.56
N ALA H 338 -44.05 53.96 20.10
CA ALA H 338 -44.64 52.86 20.86
C ALA H 338 -44.95 51.69 19.94
N LEU H 339 -45.52 51.97 18.77
CA LEU H 339 -45.87 50.90 17.84
C LEU H 339 -44.64 50.26 17.22
N GLU H 340 -43.57 51.03 17.05
CA GLU H 340 -42.37 50.50 16.43
C GLU H 340 -41.55 49.68 17.41
N LYS H 341 -41.54 50.07 18.68
CA LYS H 341 -40.85 49.28 19.70
C LYS H 341 -41.57 47.96 19.92
N ARG H 342 -42.90 47.98 19.81
CA ARG H 342 -43.70 46.78 19.93
C ARG H 342 -43.44 45.84 18.76
N PHE H 343 -43.49 46.37 17.53
CA PHE H 343 -43.19 45.59 16.33
C PHE H 343 -41.86 44.86 16.47
N LEU H 344 -40.80 45.62 16.75
CA LEU H 344 -39.45 45.07 16.84
C LEU H 344 -39.31 44.09 18.00
N ASP H 345 -39.96 44.35 19.14
CA ASP H 345 -39.91 43.42 20.27
C ASP H 345 -40.47 42.07 19.87
N LYS H 346 -41.61 42.10 19.17
CA LYS H 346 -42.29 40.89 18.74
C LYS H 346 -41.54 40.22 17.60
N ALA H 347 -40.79 41.01 16.83
CA ALA H 347 -39.98 40.44 15.76
C ALA H 347 -38.88 39.57 16.34
N LEU H 348 -38.22 40.09 17.38
CA LEU H 348 -37.18 39.36 18.08
C LEU H 348 -37.71 38.06 18.65
N GLU H 349 -38.91 38.14 19.26
CA GLU H 349 -39.67 37.00 19.74
C GLU H 349 -39.73 35.89 18.70
N LEU H 350 -39.98 36.26 17.46
CA LEU H 350 -40.14 35.33 16.36
C LEU H 350 -38.81 35.01 15.68
N ASN H 351 -37.69 35.45 16.28
CA ASN H 351 -36.31 35.23 15.80
C ASN H 351 -36.03 35.88 14.45
N MET H 352 -36.71 37.01 14.19
CA MET H 352 -36.48 37.87 13.03
C MET H 352 -35.60 39.03 13.49
N LEU H 353 -34.30 38.96 13.22
CA LEU H 353 -33.42 39.98 13.79
C LEU H 353 -32.93 40.98 12.75
N SER H 354 -32.29 42.03 13.27
CA SER H 354 -31.67 43.13 12.52
C SER H 354 -32.67 43.91 11.67
N LEU H 355 -33.93 43.94 12.12
CA LEU H 355 -34.99 44.68 11.42
C LEU H 355 -35.08 46.12 11.86
N LYS H 356 -34.37 46.49 12.92
CA LYS H 356 -34.37 47.87 13.38
C LYS H 356 -33.64 48.75 12.36
N GLY H 357 -34.26 49.90 12.01
CA GLY H 357 -33.67 50.78 11.03
C GLY H 357 -32.40 51.44 11.52
N HIS H 358 -31.60 51.95 10.57
CA HIS H 358 -30.29 52.54 10.86
C HIS H 358 -30.38 53.63 11.92
N ARG H 359 -29.34 53.71 12.77
CA ARG H 359 -29.34 54.60 13.95
C ARG H 359 -29.62 56.07 13.60
N SER H 360 -29.23 56.50 12.38
CA SER H 360 -29.50 57.85 11.90
C SER H 360 -30.98 58.09 11.65
N VAL H 361 -31.58 57.29 10.75
CA VAL H 361 -32.97 57.46 10.33
C VAL H 361 -33.95 56.87 11.35
N GLY H 362 -33.59 55.75 11.98
CA GLY H 362 -34.49 55.06 12.90
C GLY H 362 -35.53 54.26 12.14
N GLY H 363 -36.62 53.89 12.82
CA GLY H 363 -37.71 53.17 12.16
C GLY H 363 -37.39 51.69 11.94
N ILE H 364 -38.07 51.09 10.96
CA ILE H 364 -37.89 49.69 10.59
C ILE H 364 -37.17 49.65 9.25
N ARG H 365 -36.27 48.68 9.04
CA ARG H 365 -35.60 48.51 7.76
C ARG H 365 -35.48 47.03 7.44
N ALA H 366 -35.97 46.61 6.29
CA ALA H 366 -35.96 45.21 5.89
C ALA H 366 -34.93 45.02 4.78
N SER H 367 -33.86 44.26 5.06
CA SER H 367 -32.87 44.00 4.04
C SER H 367 -33.13 42.63 3.43
N LEU H 368 -33.38 42.61 2.11
CA LEU H 368 -33.75 41.38 1.41
C LEU H 368 -32.73 40.97 0.36
N TYR H 369 -31.50 40.71 0.81
CA TYR H 369 -30.36 40.36 -0.05
C TYR H 369 -30.50 38.94 -0.62
N ASN H 370 -29.55 38.59 -1.49
CA ASN H 370 -29.60 37.34 -2.27
C ASN H 370 -29.86 36.10 -1.42
N ALA H 371 -29.24 35.99 -0.24
CA ALA H 371 -29.42 34.79 0.58
C ALA H 371 -30.80 34.74 1.25
N VAL H 372 -31.41 35.90 1.51
CA VAL H 372 -32.76 35.96 2.08
C VAL H 372 -33.74 35.26 1.14
N THR H 373 -34.35 34.16 1.59
CA THR H 373 -35.20 33.36 0.71
C THR H 373 -36.61 33.94 0.62
N ILE H 374 -37.44 33.34 -0.26
CA ILE H 374 -38.85 33.75 -0.34
C ILE H 374 -39.56 33.38 0.95
N GLU H 375 -39.24 32.19 1.48
CA GLU H 375 -39.77 31.76 2.77
C GLU H 375 -39.42 32.78 3.86
N ASP H 376 -38.19 33.32 3.84
CA ASP H 376 -37.79 34.34 4.81
C ASP H 376 -38.68 35.57 4.73
N VAL H 377 -38.97 36.08 3.53
CA VAL H 377 -39.78 37.29 3.44
C VAL H 377 -41.26 36.96 3.52
N GLN H 378 -41.64 35.70 3.35
CA GLN H 378 -43.04 35.35 3.54
C GLN H 378 -43.40 35.38 5.01
N LYS H 379 -42.43 35.02 5.86
CA LYS H 379 -42.60 35.10 7.30
C LYS H 379 -42.78 36.55 7.74
N LEU H 380 -42.00 37.45 7.15
CA LEU H 380 -42.10 38.86 7.51
C LEU H 380 -43.39 39.46 7.00
N ALA H 381 -43.90 38.99 5.87
CA ALA H 381 -45.17 39.48 5.37
C ALA H 381 -46.31 39.05 6.27
N ALA H 382 -46.31 37.78 6.66
CA ALA H 382 -47.30 37.27 7.59
C ALA H 382 -47.28 38.05 8.89
N PHE H 383 -46.08 38.30 9.43
CA PHE H 383 -45.99 39.04 10.68
C PHE H 383 -46.45 40.48 10.49
N MET H 384 -46.12 41.09 9.35
CA MET H 384 -46.57 42.47 9.11
C MET H 384 -48.07 42.53 8.92
N LYS H 385 -48.62 41.50 8.27
CA LYS H 385 -50.06 41.42 8.05
C LYS H 385 -50.81 41.29 9.38
N LYS H 386 -50.39 40.33 10.22
CA LYS H 386 -51.02 40.12 11.53
C LYS H 386 -50.85 41.31 12.44
N PHE H 387 -49.68 41.97 12.37
CA PHE H 387 -49.46 43.15 13.20
C PHE H 387 -50.41 44.26 12.82
N LEU H 388 -50.59 44.47 11.52
CA LEU H 388 -51.55 45.47 11.09
C LEU H 388 -52.95 45.07 11.55
N GLU H 389 -53.30 43.79 11.43
CA GLU H 389 -54.62 43.29 11.80
C GLU H 389 -54.92 43.44 13.29
N MET H 390 -53.90 43.59 14.15
CA MET H 390 -54.09 43.77 15.58
C MET H 390 -53.80 45.17 16.08
N HIS H 391 -53.40 46.10 15.24
CA HIS H 391 -53.14 47.42 15.78
C HIS H 391 -53.78 48.54 14.99
N GLN H 392 -54.32 48.26 13.81
CA GLN H 392 -54.88 49.28 12.93
C GLN H 392 -56.29 49.62 13.39
N LEU H 393 -56.46 50.74 14.08
CA LEU H 393 -57.80 51.12 14.54
C LEU H 393 -58.74 51.28 13.35
#